data_6ZTX
#
_entry.id   6ZTX
#
_cell.length_a   93.213
_cell.length_b   132.926
_cell.length_c   121.650
_cell.angle_alpha   90.000
_cell.angle_beta   109.651
_cell.angle_gamma   90.000
#
_symmetry.space_group_name_H-M   'P 1 21 1'
#
loop_
_entity.id
_entity.type
_entity.pdbx_description
1 polymer 'Catalase HPII'
2 non-polymer GLYCEROL
3 non-polymer 1,2-ETHANEDIOL
4 non-polymer 'CIS-HEME D HYDROXYCHLORIN GAMMA-SPIROLACTONE'
5 water water
#
_entity_poly.entity_id   1
_entity_poly.type   'polypeptide(L)'
_entity_poly.pdbx_seq_one_letter_code
;MSQHNEKNPHQHQSPLHDSSEAKPGMDSLAPEDGSHSPAAEPTPPGAQPTAPGSLKAPDTRNEKLNSLEDVRKGSENYAL
TTNQGVRIADDQNSLRAGDRGPTLLEDFILREKITHFDHERIPERIVHARGSAAHGYFQPYKSLSDITKADFLSDPNKIT
PVFVRFSTVQGGAGSADTVRDIRGFATKFYTEEGIFDLVGNNTPIFFIQDAHKFPDFVHAVKPEPHWAIPQGQSAHDTFW
DYVSLQPETLHNVMWAMSDRGIPRSYRTMEGFGIHTFRLINAEGKATFVRFHWKPLAGKASLVWDEAQKLTGRDPDFHRR
ELWEAIEAGDFPEYELGFQLIPEEDEFKFDFDLLDPTKLIPEELVPVQRVGNMVLNRNPDNFFAENEQAAFHPGHIVPGL
DFTNDPLLQGRLFSYTDTQISRLGGPNFHEIPINRPTCPYHNFQRDGMHRMGIDTNPANYEPNSINDNWPRETPPGPKRG
GFESYQERVEGNKVRERSPSFGEYYSHPRLFWLSQTPFEQSHIVDGFSFELSKVVRPYIRERVVDQLAHIDLTLAQAVAK
NLGIELTDDQLNITPPPDVNGLKKDPSLSLYAIPDGDVKGRVVAILLNDEVRSADLLAILKALKAKGVHAKLLYSRMGEV
TADDGTVLPIAATFAGAPSLTVDAVIVPCGNIADIADNGDANYYLMEAYKHLKPIALAGDARKFKATIKIADQGEEGIVE
ADSADGSFMDELLTLMAAHRVWSRIPKIDKIPA
;
_entity_poly.pdbx_strand_id   A,B,C,D
#
loop_
_chem_comp.id
_chem_comp.type
_chem_comp.name
_chem_comp.formula
EDO non-polymer 1,2-ETHANEDIOL 'C2 H6 O2'
GOL non-polymer GLYCEROL 'C3 H8 O3'
HDD non-polymer 'CIS-HEME D HYDROXYCHLORIN GAMMA-SPIROLACTONE' 'C34 H32 Fe N4 O5'
#
# COMPACT_ATOMS: atom_id res chain seq x y z
N ASP A 27 40.96 9.44 8.06
CA ASP A 27 39.59 8.96 7.90
C ASP A 27 39.39 8.35 6.51
N SER A 28 40.42 8.37 5.68
CA SER A 28 40.34 7.72 4.38
C SER A 28 40.67 6.23 4.52
N LEU A 29 39.76 5.39 4.03
CA LEU A 29 39.92 3.93 4.08
C LEU A 29 40.31 3.35 2.74
N ALA A 30 40.29 4.13 1.67
CA ALA A 30 40.69 3.63 0.36
C ALA A 30 42.19 3.37 0.35
N PRO A 31 42.65 2.42 -0.47
CA PRO A 31 44.09 2.19 -0.60
C PRO A 31 44.76 3.42 -1.19
N GLU A 32 45.99 3.69 -0.73
CA GLU A 32 46.71 4.85 -1.21
C GLU A 32 46.95 4.81 -2.71
N ASP A 33 47.07 3.61 -3.29
CA ASP A 33 47.34 3.50 -4.73
C ASP A 33 46.11 3.71 -5.61
N GLY A 34 44.93 3.91 -5.02
CA GLY A 34 43.76 4.19 -5.82
C GLY A 34 43.17 2.98 -6.52
N SER A 35 43.60 1.78 -6.15
CA SER A 35 43.13 0.59 -6.85
C SER A 35 41.69 0.21 -6.52
N HIS A 36 41.01 0.97 -5.65
CA HIS A 36 39.60 0.73 -5.39
C HIS A 36 38.70 1.25 -6.49
N SER A 37 39.19 2.18 -7.32
CA SER A 37 38.35 2.93 -8.23
C SER A 37 38.53 2.39 -9.64
N PRO A 38 37.49 1.93 -10.31
CA PRO A 38 37.66 1.47 -11.69
C PRO A 38 37.89 2.63 -12.64
N ALA A 39 38.66 2.35 -13.67
CA ALA A 39 38.94 3.35 -14.70
C ALA A 39 37.68 3.67 -15.49
N ALA A 40 37.45 4.95 -15.76
CA ALA A 40 36.30 5.40 -16.54
C ALA A 40 36.61 5.33 -18.03
N GLU A 41 36.87 4.12 -18.49
CA GLU A 41 37.17 3.84 -19.89
C GLU A 41 36.76 2.41 -20.16
N PRO A 42 36.52 2.04 -21.41
CA PRO A 42 36.12 0.65 -21.70
C PRO A 42 37.24 -0.31 -21.32
N THR A 43 36.86 -1.35 -20.58
CA THR A 43 37.81 -2.37 -20.12
C THR A 43 37.14 -3.73 -20.24
N PRO A 44 37.92 -4.78 -20.49
CA PRO A 44 37.33 -6.11 -20.73
C PRO A 44 36.83 -6.73 -19.43
N PRO A 45 35.98 -7.75 -19.51
CA PRO A 45 35.42 -8.36 -18.30
C PRO A 45 36.53 -8.79 -17.33
N GLY A 46 36.35 -8.43 -16.06
CA GLY A 46 37.27 -8.82 -15.01
C GLY A 46 38.48 -7.92 -14.84
N ALA A 47 38.73 -6.98 -15.74
CA ALA A 47 39.94 -6.16 -15.63
C ALA A 47 39.84 -5.08 -14.55
N GLN A 48 38.63 -4.65 -14.24
CA GLN A 48 38.37 -3.61 -13.24
C GLN A 48 37.10 -4.00 -12.50
N PRO A 49 36.89 -3.47 -11.30
CA PRO A 49 35.59 -3.64 -10.64
C PRO A 49 34.51 -2.98 -11.50
N THR A 50 33.32 -3.58 -11.49
CA THR A 50 32.21 -2.96 -12.21
C THR A 50 31.67 -1.79 -11.40
N ALA A 51 30.92 -0.91 -12.05
CA ALA A 51 30.56 0.36 -11.43
C ALA A 51 29.25 0.87 -12.01
N PRO A 52 28.56 1.77 -11.30
CA PRO A 52 27.42 2.48 -11.89
C PRO A 52 27.77 3.09 -13.25
N GLY A 53 26.80 3.06 -14.15
CA GLY A 53 27.04 3.48 -15.52
C GLY A 53 27.55 4.91 -15.67
N SER A 54 27.01 5.83 -14.86
N SER A 54 27.00 5.84 -14.86
CA SER A 54 27.42 7.22 -15.00
CA SER A 54 27.43 7.23 -14.97
C SER A 54 28.83 7.47 -14.48
C SER A 54 28.89 7.39 -14.58
N LEU A 55 29.37 6.58 -13.64
CA LEU A 55 30.76 6.65 -13.23
C LEU A 55 31.69 5.89 -14.16
N LYS A 56 31.21 4.79 -14.76
CA LYS A 56 32.04 4.03 -15.68
C LYS A 56 32.18 4.74 -17.02
N ALA A 57 31.10 5.34 -17.52
CA ALA A 57 31.07 5.90 -18.86
C ALA A 57 30.34 7.24 -18.84
N PRO A 58 30.89 8.23 -18.14
CA PRO A 58 30.21 9.55 -18.08
C PRO A 58 30.04 10.20 -19.44
N ASP A 59 30.88 9.88 -20.42
CA ASP A 59 30.78 10.49 -21.73
C ASP A 59 29.74 9.84 -22.63
N THR A 60 29.16 8.72 -22.23
CA THR A 60 28.10 8.09 -23.00
C THR A 60 26.77 8.72 -22.58
N ARG A 61 26.12 9.40 -23.51
CA ARG A 61 24.96 10.22 -23.18
C ARG A 61 23.85 10.04 -24.19
N ASN A 62 22.62 10.28 -23.75
CA ASN A 62 21.48 10.41 -24.64
C ASN A 62 20.48 11.31 -23.91
N GLU A 63 19.40 11.66 -24.60
CA GLU A 63 18.46 12.63 -24.02
CA GLU A 63 18.43 12.60 -24.05
C GLU A 63 17.81 12.08 -22.75
N LYS A 64 17.50 10.78 -22.70
CA LYS A 64 16.91 10.23 -21.48
C LYS A 64 17.93 10.21 -20.34
N LEU A 65 19.14 9.73 -20.61
CA LEU A 65 20.17 9.73 -19.58
C LEU A 65 20.41 11.13 -19.03
N ASN A 66 20.47 12.12 -19.92
CA ASN A 66 20.69 13.49 -19.47
C ASN A 66 19.52 13.97 -18.61
N SER A 67 18.29 13.58 -18.97
CA SER A 67 17.11 14.02 -18.24
C SER A 67 17.05 13.43 -16.84
N LEU A 68 17.81 12.37 -16.55
CA LEU A 68 17.86 11.80 -15.20
C LEU A 68 18.84 12.52 -14.28
N GLU A 69 19.58 13.51 -14.78
CA GLU A 69 20.59 14.13 -13.94
C GLU A 69 19.97 14.82 -12.73
N ASP A 70 18.73 15.31 -12.85
CA ASP A 70 18.09 16.01 -11.74
C ASP A 70 17.79 15.11 -10.54
N VAL A 71 17.83 13.79 -10.71
CA VAL A 71 17.61 12.87 -9.59
C VAL A 71 18.82 12.05 -9.22
N ARG A 72 19.92 12.12 -9.98
CA ARG A 72 21.12 11.41 -9.57
C ARG A 72 21.70 12.05 -8.32
N LYS A 73 22.13 11.21 -7.38
CA LYS A 73 22.74 11.65 -6.14
C LYS A 73 24.18 11.16 -6.08
N GLY A 74 25.10 12.07 -5.82
CA GLY A 74 26.49 11.70 -5.62
C GLY A 74 26.75 11.28 -4.20
N SER A 75 28.01 11.41 -3.79
CA SER A 75 28.40 10.92 -2.47
C SER A 75 29.74 11.47 -2.03
N GLU A 76 30.69 11.56 -2.95
CA GLU A 76 32.05 11.92 -2.56
C GLU A 76 32.06 13.34 -2.01
N ASN A 77 32.80 13.51 -0.91
CA ASN A 77 33.02 14.77 -0.23
C ASN A 77 31.80 15.28 0.53
N TYR A 78 30.71 14.50 0.61
CA TYR A 78 29.51 14.93 1.30
C TYR A 78 29.43 14.33 2.70
N ALA A 79 28.79 15.07 3.60
CA ALA A 79 28.53 14.57 4.94
C ALA A 79 27.41 13.54 4.93
N LEU A 80 27.54 12.54 5.82
CA LEU A 80 26.48 11.57 6.04
C LEU A 80 25.37 12.21 6.85
N THR A 81 24.13 12.09 6.38
CA THR A 81 23.01 12.77 7.03
C THR A 81 21.81 11.84 7.18
N THR A 82 20.86 12.27 8.00
CA THR A 82 19.53 11.70 7.93
C THR A 82 18.86 12.13 6.61
N ASN A 83 17.70 11.54 6.33
CA ASN A 83 16.94 11.95 5.15
C ASN A 83 16.42 13.37 5.27
N GLN A 84 16.41 13.93 6.49
CA GLN A 84 16.00 15.31 6.71
C GLN A 84 17.17 16.28 6.64
N GLY A 85 18.36 15.79 6.32
CA GLY A 85 19.52 16.65 6.14
C GLY A 85 20.35 16.90 7.37
N VAL A 86 20.11 16.17 8.47
CA VAL A 86 20.86 16.39 9.70
C VAL A 86 22.14 15.56 9.67
N ARG A 87 23.29 16.21 9.87
CA ARG A 87 24.54 15.48 9.88
C ARG A 87 24.59 14.48 11.03
N ILE A 88 25.07 13.29 10.75
CA ILE A 88 25.23 12.22 11.73
C ILE A 88 26.67 12.24 12.24
N ALA A 89 26.84 12.16 13.56
CA ALA A 89 28.15 12.13 14.19
C ALA A 89 28.66 10.72 14.41
N ASP A 90 27.82 9.82 14.88
CA ASP A 90 28.20 8.44 15.17
C ASP A 90 27.21 7.51 14.50
N ASP A 91 27.61 6.99 13.34
CA ASP A 91 26.82 6.00 12.61
C ASP A 91 27.17 4.56 13.00
N GLN A 92 27.81 4.37 14.16
CA GLN A 92 28.17 3.04 14.61
C GLN A 92 27.35 2.57 15.79
N ASN A 93 26.60 3.45 16.45
CA ASN A 93 25.98 3.10 17.72
C ASN A 93 24.59 3.68 17.86
N SER A 94 23.72 2.90 18.50
CA SER A 94 22.45 3.39 19.00
C SER A 94 22.66 4.25 20.25
N LEU A 95 21.70 5.14 20.49
CA LEU A 95 21.67 5.93 21.71
C LEU A 95 21.12 5.08 22.86
N ARG A 96 21.87 5.01 23.95
CA ARG A 96 21.49 4.17 25.09
C ARG A 96 21.75 4.92 26.40
N ALA A 97 21.06 4.47 27.46
CA ALA A 97 21.30 5.02 28.80
C ALA A 97 22.48 4.29 29.41
N GLY A 98 23.68 4.85 29.22
CA GLY A 98 24.92 4.16 29.52
C GLY A 98 25.36 3.29 28.35
N ASP A 99 26.69 3.11 28.25
CA ASP A 99 27.22 2.39 27.08
C ASP A 99 26.90 0.90 27.12
N ARG A 100 26.33 0.41 28.22
CA ARG A 100 25.83 -0.95 28.34
C ARG A 100 24.34 -0.97 28.65
N GLY A 101 23.63 0.11 28.34
CA GLY A 101 22.26 0.27 28.73
C GLY A 101 21.25 0.02 27.63
N PRO A 102 19.97 0.25 27.94
CA PRO A 102 18.92 0.01 26.95
C PRO A 102 18.91 1.13 25.91
N THR A 103 18.49 0.76 24.70
CA THR A 103 18.34 1.73 23.62
C THR A 103 17.12 2.61 23.87
N LEU A 104 17.28 3.90 23.59
CA LEU A 104 16.25 4.89 23.89
C LEU A 104 15.37 5.15 22.68
N LEU A 105 14.06 5.29 22.95
CA LEU A 105 13.10 5.60 21.88
C LEU A 105 13.41 6.92 21.19
N GLU A 106 14.07 7.85 21.87
CA GLU A 106 14.36 9.15 21.26
C GLU A 106 15.48 9.07 20.22
N ASP A 107 16.06 7.90 19.95
CA ASP A 107 17.07 7.79 18.89
C ASP A 107 16.37 7.81 17.53
N PHE A 108 16.15 9.02 17.01
CA PHE A 108 15.50 9.19 15.72
C PHE A 108 16.41 8.83 14.56
N ILE A 109 17.73 8.88 14.76
CA ILE A 109 18.66 8.53 13.71
C ILE A 109 18.61 7.03 13.44
N LEU A 110 18.70 6.24 14.50
CA LEU A 110 18.51 4.79 14.42
C LEU A 110 17.16 4.47 13.78
N ARG A 111 16.08 5.04 14.31
CA ARG A 111 14.76 4.65 13.81
C ARG A 111 14.56 5.03 12.35
N GLU A 112 15.06 6.17 11.91
CA GLU A 112 14.89 6.51 10.51
C GLU A 112 15.64 5.52 9.62
N LYS A 113 16.88 5.19 10.00
CA LYS A 113 17.71 4.30 9.21
C LYS A 113 17.11 2.91 9.15
N ILE A 114 16.62 2.40 10.29
CA ILE A 114 16.02 1.08 10.31
C ILE A 114 14.67 1.07 9.63
N THR A 115 13.88 2.14 9.80
CA THR A 115 12.59 2.22 9.11
C THR A 115 12.80 2.12 7.61
N HIS A 116 13.77 2.85 7.08
CA HIS A 116 13.95 2.80 5.63
C HIS A 116 14.36 1.40 5.18
N PHE A 117 15.30 0.78 5.91
CA PHE A 117 15.70 -0.59 5.65
C PHE A 117 14.50 -1.53 5.68
N ASP A 118 13.64 -1.36 6.70
CA ASP A 118 12.51 -2.26 6.93
C ASP A 118 11.50 -2.21 5.81
N HIS A 119 11.53 -1.19 4.95
CA HIS A 119 10.56 -1.02 3.89
C HIS A 119 11.22 -0.94 2.52
N GLU A 120 12.40 -1.54 2.36
CA GLU A 120 13.12 -1.43 1.10
C GLU A 120 12.42 -2.17 -0.04
N ARG A 121 11.75 -3.29 0.26
CA ARG A 121 11.30 -4.20 -0.79
C ARG A 121 9.92 -3.80 -1.28
N ILE A 122 9.73 -3.91 -2.59
CA ILE A 122 8.44 -3.72 -3.24
C ILE A 122 8.05 -5.04 -3.88
N PRO A 123 6.76 -5.24 -4.19
CA PRO A 123 6.38 -6.50 -4.83
C PRO A 123 7.15 -6.71 -6.13
N GLU A 124 7.59 -7.94 -6.38
CA GLU A 124 8.21 -8.22 -7.67
C GLU A 124 7.14 -8.37 -8.74
N ARG A 125 7.57 -8.33 -10.01
CA ARG A 125 6.65 -8.50 -11.12
C ARG A 125 5.97 -9.87 -11.04
N ILE A 126 4.68 -9.94 -11.41
CA ILE A 126 3.96 -11.22 -11.33
C ILE A 126 4.67 -12.27 -12.17
N VAL A 127 5.09 -11.90 -13.38
CA VAL A 127 5.89 -12.72 -14.28
C VAL A 127 7.04 -11.85 -14.74
N HIS A 128 8.10 -12.49 -15.21
CA HIS A 128 9.31 -11.80 -15.65
C HIS A 128 10.00 -11.05 -14.50
N ALA A 129 9.87 -11.59 -13.28
CA ALA A 129 10.45 -10.92 -12.12
C ALA A 129 11.97 -10.88 -12.18
N ARG A 130 12.61 -11.83 -12.88
CA ARG A 130 14.07 -11.88 -13.01
C ARG A 130 14.46 -11.19 -14.32
N GLY A 131 15.16 -10.07 -14.23
CA GLY A 131 15.51 -9.37 -15.46
C GLY A 131 16.71 -8.45 -15.31
N SER A 132 17.32 -8.12 -16.45
CA SER A 132 18.53 -7.32 -16.52
C SER A 132 18.37 -6.28 -17.61
N ALA A 133 18.80 -5.05 -17.34
CA ALA A 133 18.40 -3.92 -18.17
C ALA A 133 19.57 -2.98 -18.47
N ALA A 134 19.44 -2.25 -19.57
CA ALA A 134 20.45 -1.29 -19.99
C ALA A 134 19.81 -0.17 -20.80
N HIS A 135 20.50 0.96 -20.80
CA HIS A 135 20.16 2.11 -21.63
C HIS A 135 20.80 2.01 -23.01
N GLY A 136 20.18 2.68 -23.98
CA GLY A 136 20.73 2.71 -25.31
C GLY A 136 19.99 3.68 -26.20
N TYR A 137 20.13 3.48 -27.51
CA TYR A 137 19.45 4.34 -28.46
C TYR A 137 19.06 3.56 -29.71
N PHE A 138 18.07 4.10 -30.41
CA PHE A 138 17.55 3.52 -31.64
C PHE A 138 17.56 4.59 -32.72
N GLN A 139 17.77 4.17 -33.97
CA GLN A 139 17.74 5.06 -35.09
C GLN A 139 17.24 4.28 -36.32
N PRO A 140 16.25 4.80 -37.06
CA PRO A 140 15.80 4.09 -38.25
C PRO A 140 16.76 4.29 -39.41
N TYR A 141 16.76 3.33 -40.33
CA TYR A 141 17.62 3.41 -41.51
C TYR A 141 17.10 4.41 -42.54
N LYS A 142 15.79 4.54 -42.66
CA LYS A 142 15.15 5.47 -43.58
C LYS A 142 13.80 5.82 -43.02
N SER A 143 13.22 6.91 -43.54
CA SER A 143 11.88 7.29 -43.13
C SER A 143 10.87 6.22 -43.54
N LEU A 144 9.98 5.87 -42.62
CA LEU A 144 8.89 4.96 -42.91
C LEU A 144 7.55 5.69 -43.04
N SER A 145 7.57 6.98 -43.37
N SER A 145 7.58 6.98 -43.37
CA SER A 145 6.34 7.77 -43.41
CA SER A 145 6.35 7.78 -43.43
C SER A 145 5.34 7.26 -44.43
C SER A 145 5.35 7.25 -44.44
N ASP A 146 5.79 6.48 -45.43
CA ASP A 146 4.85 5.91 -46.39
C ASP A 146 3.92 4.89 -45.74
N ILE A 147 4.36 4.23 -44.66
CA ILE A 147 3.56 3.18 -44.05
C ILE A 147 3.17 3.48 -42.60
N THR A 148 3.81 4.42 -41.91
CA THR A 148 3.41 4.75 -40.55
C THR A 148 3.72 6.21 -40.27
N LYS A 149 2.84 6.87 -39.54
CA LYS A 149 3.12 8.21 -39.06
C LYS A 149 3.81 8.23 -37.70
N ALA A 150 4.29 7.07 -37.22
CA ALA A 150 5.02 7.03 -35.95
C ALA A 150 6.26 7.92 -36.03
N ASP A 151 6.33 8.91 -35.15
CA ASP A 151 7.36 9.94 -35.29
C ASP A 151 8.76 9.36 -35.17
N PHE A 152 8.94 8.36 -34.31
CA PHE A 152 10.30 7.84 -34.11
C PHE A 152 10.82 7.11 -35.34
N LEU A 153 9.97 6.81 -36.30
CA LEU A 153 10.35 6.12 -37.52
C LEU A 153 10.37 7.07 -38.73
N SER A 154 10.32 8.38 -38.51
CA SER A 154 10.07 9.33 -39.59
C SER A 154 11.33 9.89 -40.23
N ASP A 155 12.50 9.71 -39.63
CA ASP A 155 13.71 10.42 -40.07
C ASP A 155 14.92 9.58 -39.67
N PRO A 156 15.79 9.21 -40.61
CA PRO A 156 16.97 8.41 -40.25
C PRO A 156 17.92 9.12 -39.31
N ASN A 157 17.83 10.45 -39.19
CA ASN A 157 18.68 11.19 -38.26
C ASN A 157 18.06 11.37 -36.89
N LYS A 158 16.84 10.87 -36.67
CA LYS A 158 16.18 11.03 -35.39
C LYS A 158 16.62 9.90 -34.45
N ILE A 159 17.24 10.28 -33.33
CA ILE A 159 17.71 9.34 -32.33
C ILE A 159 16.65 9.23 -31.25
N THR A 160 16.25 8.00 -30.94
CA THR A 160 15.30 7.75 -29.86
C THR A 160 16.01 7.03 -28.74
N PRO A 161 16.12 7.61 -27.54
CA PRO A 161 16.67 6.86 -26.41
C PRO A 161 15.78 5.65 -26.12
N VAL A 162 16.42 4.58 -25.63
CA VAL A 162 15.69 3.40 -25.22
C VAL A 162 16.18 2.93 -23.85
N PHE A 163 15.32 2.18 -23.18
CA PHE A 163 15.71 1.41 -22.01
C PHE A 163 15.14 0.01 -22.23
N VAL A 164 16.00 -1.00 -22.14
CA VAL A 164 15.65 -2.37 -22.51
C VAL A 164 15.84 -3.25 -21.28
N ARG A 165 14.85 -4.10 -21.00
CA ARG A 165 14.96 -5.11 -19.95
C ARG A 165 14.75 -6.49 -20.57
N PHE A 166 15.72 -7.38 -20.36
CA PHE A 166 15.63 -8.79 -20.73
C PHE A 166 15.29 -9.57 -19.48
N SER A 167 14.60 -10.71 -19.63
CA SER A 167 14.11 -11.38 -18.45
C SER A 167 13.88 -12.86 -18.74
N THR A 168 13.74 -13.63 -17.67
CA THR A 168 13.09 -14.93 -17.76
C THR A 168 11.60 -14.70 -17.50
N VAL A 169 10.82 -15.76 -17.33
CA VAL A 169 9.37 -15.64 -17.13
C VAL A 169 8.94 -16.17 -15.76
N GLN A 170 9.32 -17.40 -15.44
CA GLN A 170 8.70 -18.10 -14.31
C GLN A 170 9.30 -17.69 -12.96
N GLY A 171 10.62 -17.57 -12.88
CA GLY A 171 11.26 -17.48 -11.58
C GLY A 171 11.17 -16.10 -10.94
N GLY A 172 11.43 -16.08 -9.63
CA GLY A 172 11.44 -14.84 -8.89
C GLY A 172 12.65 -13.97 -9.22
N ALA A 173 12.65 -12.76 -8.65
CA ALA A 173 13.74 -11.82 -8.93
C ALA A 173 15.09 -12.38 -8.50
N GLY A 174 15.11 -13.29 -7.52
CA GLY A 174 16.32 -13.92 -7.05
C GLY A 174 16.61 -15.28 -7.66
N SER A 175 15.90 -15.67 -8.72
CA SER A 175 16.13 -16.95 -9.39
C SER A 175 17.31 -16.83 -10.36
N ALA A 176 17.66 -17.94 -11.00
CA ALA A 176 18.86 -18.02 -11.83
C ALA A 176 18.60 -17.62 -13.28
N ASP A 177 19.68 -17.18 -13.93
CA ASP A 177 19.59 -16.69 -15.30
C ASP A 177 19.44 -17.83 -16.33
N THR A 178 20.31 -18.84 -16.27
CA THR A 178 20.41 -19.81 -17.38
C THR A 178 19.47 -21.00 -17.23
N VAL A 179 18.25 -20.73 -16.75
CA VAL A 179 17.18 -21.73 -16.72
C VAL A 179 16.69 -22.03 -18.12
N ARG A 180 15.93 -23.12 -18.24
CA ARG A 180 15.14 -23.34 -19.45
C ARG A 180 13.82 -22.60 -19.30
N ASP A 181 13.58 -21.61 -20.16
CA ASP A 181 12.41 -20.76 -20.03
C ASP A 181 12.31 -19.95 -21.32
N ILE A 182 11.17 -19.32 -21.53
CA ILE A 182 11.07 -18.23 -22.50
C ILE A 182 11.82 -17.04 -21.90
N ARG A 183 12.35 -16.18 -22.76
CA ARG A 183 12.93 -14.92 -22.31
C ARG A 183 12.09 -13.74 -22.77
N GLY A 184 11.94 -12.76 -21.88
CA GLY A 184 11.36 -11.49 -22.25
C GLY A 184 12.38 -10.54 -22.85
N PHE A 185 11.89 -9.62 -23.69
CA PHE A 185 12.72 -8.66 -24.41
C PHE A 185 11.83 -7.42 -24.54
N ALA A 186 11.95 -6.50 -23.57
CA ALA A 186 11.07 -5.34 -23.46
C ALA A 186 11.87 -4.07 -23.73
N THR A 187 11.37 -3.24 -24.64
CA THR A 187 12.06 -2.01 -25.03
C THR A 187 11.14 -0.82 -24.83
N LYS A 188 11.61 0.16 -24.05
CA LYS A 188 10.90 1.42 -23.85
C LYS A 188 11.55 2.46 -24.77
N PHE A 189 10.79 2.95 -25.75
CA PHE A 189 11.24 3.98 -26.68
C PHE A 189 10.74 5.33 -26.17
N TYR A 190 11.66 6.25 -25.84
CA TYR A 190 11.28 7.56 -25.35
C TYR A 190 11.15 8.49 -26.57
N THR A 191 9.97 8.45 -27.21
CA THR A 191 9.79 9.19 -28.45
C THR A 191 9.31 10.61 -28.21
N GLU A 192 9.39 11.43 -29.26
CA GLU A 192 8.95 12.82 -29.18
C GLU A 192 7.44 12.95 -29.11
N GLU A 193 6.71 11.85 -29.33
CA GLU A 193 5.25 11.84 -29.33
C GLU A 193 4.70 10.83 -28.33
N GLY A 194 5.50 10.46 -27.34
CA GLY A 194 5.07 9.60 -26.26
C GLY A 194 5.98 8.39 -26.10
N ILE A 195 5.80 7.71 -24.98
CA ILE A 195 6.51 6.46 -24.76
C ILE A 195 5.84 5.35 -25.56
N PHE A 196 6.64 4.61 -26.32
CA PHE A 196 6.20 3.38 -26.99
C PHE A 196 6.96 2.23 -26.33
N ASP A 197 6.22 1.28 -25.74
CA ASP A 197 6.84 0.09 -25.18
C ASP A 197 6.56 -1.09 -26.10
N LEU A 198 7.63 -1.70 -26.60
N LEU A 198 7.63 -1.71 -26.59
CA LEU A 198 7.54 -2.91 -27.40
CA LEU A 198 7.55 -2.92 -27.40
C LEU A 198 7.90 -4.04 -26.43
C LEU A 198 7.91 -4.08 -26.47
N VAL A 199 6.89 -4.78 -25.99
CA VAL A 199 7.05 -5.74 -24.91
C VAL A 199 6.96 -7.15 -25.49
N GLY A 200 8.11 -7.72 -25.85
CA GLY A 200 8.16 -8.96 -26.59
C GLY A 200 8.87 -10.07 -25.83
N ASN A 201 8.98 -11.22 -26.50
CA ASN A 201 9.72 -12.39 -26.00
C ASN A 201 10.74 -12.83 -27.05
N ASN A 202 11.48 -13.89 -26.73
CA ASN A 202 12.50 -14.42 -27.64
C ASN A 202 12.00 -15.57 -28.52
N THR A 203 10.70 -15.81 -28.56
CA THR A 203 10.11 -16.74 -29.51
C THR A 203 8.93 -16.03 -30.17
N PRO A 204 8.55 -16.45 -31.39
CA PRO A 204 7.60 -15.65 -32.18
C PRO A 204 6.12 -15.92 -31.88
N ILE A 205 5.83 -16.78 -30.90
CA ILE A 205 4.47 -17.12 -30.51
C ILE A 205 4.40 -17.21 -29.00
N PHE A 206 3.18 -17.22 -28.48
CA PHE A 206 2.96 -17.49 -27.07
C PHE A 206 2.29 -18.83 -26.87
N PHE A 207 2.15 -19.22 -25.61
CA PHE A 207 1.61 -20.54 -25.26
C PHE A 207 0.10 -20.59 -25.40
N ILE A 208 -0.60 -19.48 -25.23
CA ILE A 208 -2.06 -19.50 -25.15
C ILE A 208 -2.66 -18.48 -26.09
N GLN A 209 -3.95 -18.64 -26.37
CA GLN A 209 -4.66 -17.84 -27.36
C GLN A 209 -5.44 -16.67 -26.79
N ASP A 210 -6.02 -16.82 -25.59
CA ASP A 210 -6.92 -15.83 -25.01
C ASP A 210 -6.41 -15.42 -23.63
N ALA A 211 -6.34 -14.11 -23.40
CA ALA A 211 -5.82 -13.60 -22.13
C ALA A 211 -6.57 -14.13 -20.92
N HIS A 212 -7.83 -14.54 -21.08
CA HIS A 212 -8.57 -15.08 -19.96
C HIS A 212 -7.87 -16.27 -19.32
N LYS A 213 -7.09 -17.03 -20.11
CA LYS A 213 -6.37 -18.19 -19.59
C LYS A 213 -5.02 -17.86 -19.01
N PHE A 214 -4.58 -16.61 -19.06
CA PHE A 214 -3.22 -16.32 -18.61
C PHE A 214 -2.98 -16.73 -17.17
N PRO A 215 -3.86 -16.45 -16.21
CA PRO A 215 -3.59 -16.91 -14.84
C PRO A 215 -3.54 -18.41 -14.72
N ASP A 216 -4.34 -19.14 -15.51
CA ASP A 216 -4.28 -20.60 -15.49
C ASP A 216 -2.92 -21.09 -15.97
N PHE A 217 -2.49 -20.62 -17.14
CA PHE A 217 -1.20 -21.05 -17.66
C PHE A 217 -0.06 -20.69 -16.70
N VAL A 218 -0.05 -19.44 -16.23
CA VAL A 218 1.04 -19.00 -15.37
C VAL A 218 1.05 -19.77 -14.06
N HIS A 219 -0.14 -19.96 -13.46
CA HIS A 219 -0.20 -20.78 -12.25
C HIS A 219 0.33 -22.19 -12.50
N ALA A 220 0.05 -22.76 -13.69
CA ALA A 220 0.51 -24.11 -13.99
C ALA A 220 2.04 -24.17 -14.11
N VAL A 221 2.67 -23.14 -14.68
CA VAL A 221 4.12 -23.18 -14.89
C VAL A 221 4.89 -22.79 -13.61
N LYS A 222 4.30 -21.90 -12.80
CA LYS A 222 4.92 -21.39 -11.58
C LYS A 222 5.06 -22.50 -10.53
N PRO A 223 5.80 -22.23 -9.45
CA PRO A 223 5.92 -23.23 -8.39
C PRO A 223 4.55 -23.62 -7.87
N GLU A 224 4.39 -24.92 -7.57
CA GLU A 224 3.08 -25.44 -7.20
C GLU A 224 2.66 -24.91 -5.83
N PRO A 225 1.35 -24.68 -5.62
CA PRO A 225 0.94 -23.81 -4.51
C PRO A 225 1.08 -24.40 -3.12
N HIS A 226 1.08 -25.73 -2.98
CA HIS A 226 1.23 -26.28 -1.63
C HIS A 226 2.62 -26.00 -1.09
N TRP A 227 3.65 -26.28 -1.87
CA TRP A 227 5.02 -26.25 -1.36
C TRP A 227 5.95 -25.25 -2.03
N ALA A 228 5.48 -24.54 -3.06
CA ALA A 228 6.28 -23.54 -3.77
C ALA A 228 7.57 -24.12 -4.35
N ILE A 229 7.42 -25.25 -5.06
CA ILE A 229 8.49 -25.92 -5.81
C ILE A 229 7.89 -26.23 -7.19
N PRO A 230 8.65 -26.12 -8.29
CA PRO A 230 10.07 -25.78 -8.41
C PRO A 230 10.30 -24.38 -8.93
N GLN A 231 11.44 -23.80 -8.57
CA GLN A 231 11.78 -22.47 -9.01
C GLN A 231 12.47 -22.51 -10.37
N GLY A 232 12.02 -21.63 -11.28
CA GLY A 232 12.67 -21.45 -12.57
C GLY A 232 12.60 -22.64 -13.49
N GLN A 233 11.58 -23.50 -13.34
CA GLN A 233 11.49 -24.73 -14.10
C GLN A 233 10.05 -25.03 -14.46
N SER A 234 9.84 -25.42 -15.72
CA SER A 234 8.57 -25.99 -16.15
C SER A 234 8.52 -27.50 -15.95
N ALA A 235 9.60 -28.10 -15.43
CA ALA A 235 9.71 -29.55 -15.30
C ALA A 235 8.99 -30.04 -14.04
N HIS A 236 7.66 -29.98 -14.09
CA HIS A 236 6.85 -30.44 -12.97
C HIS A 236 5.43 -30.71 -13.44
N ASP A 237 4.69 -31.48 -12.62
CA ASP A 237 3.42 -32.06 -13.07
C ASP A 237 2.44 -31.01 -13.57
N THR A 238 2.26 -29.90 -12.84
CA THR A 238 1.14 -29.03 -13.18
C THR A 238 1.33 -28.39 -14.55
N PHE A 239 2.57 -28.06 -14.91
CA PHE A 239 2.81 -27.47 -16.23
C PHE A 239 2.42 -28.46 -17.32
N TRP A 240 2.91 -29.68 -17.23
CA TRP A 240 2.67 -30.67 -18.27
C TRP A 240 1.23 -31.17 -18.23
N ASP A 241 0.59 -31.14 -17.06
CA ASP A 241 -0.85 -31.37 -17.00
C ASP A 241 -1.58 -30.37 -17.88
N TYR A 242 -1.32 -29.08 -17.67
CA TYR A 242 -1.96 -28.04 -18.47
C TYR A 242 -1.67 -28.22 -19.95
N VAL A 243 -0.40 -28.43 -20.30
CA VAL A 243 -0.04 -28.61 -21.72
C VAL A 243 -0.82 -29.77 -22.32
N SER A 244 -0.88 -30.90 -21.61
CA SER A 244 -1.53 -32.09 -22.14
C SER A 244 -3.01 -31.87 -22.39
N LEU A 245 -3.62 -30.92 -21.68
CA LEU A 245 -5.04 -30.62 -21.77
C LEU A 245 -5.33 -29.41 -22.63
N GLN A 246 -4.30 -28.72 -23.11
CA GLN A 246 -4.44 -27.48 -23.87
C GLN A 246 -3.46 -27.52 -25.03
N PRO A 247 -3.81 -28.24 -26.11
CA PRO A 247 -2.84 -28.41 -27.21
C PRO A 247 -2.43 -27.11 -27.88
N GLU A 248 -3.16 -26.01 -27.68
CA GLU A 248 -2.71 -24.74 -28.23
C GLU A 248 -1.31 -24.39 -27.74
N THR A 249 -0.91 -24.87 -26.56
CA THR A 249 0.41 -24.59 -25.99
C THR A 249 1.56 -25.26 -26.73
N LEU A 250 1.28 -26.24 -27.59
CA LEU A 250 2.34 -27.12 -28.05
C LEU A 250 3.38 -26.37 -28.88
N HIS A 251 2.97 -25.35 -29.64
CA HIS A 251 3.95 -24.65 -30.45
C HIS A 251 5.02 -23.98 -29.59
N ASN A 252 4.62 -23.17 -28.61
CA ASN A 252 5.65 -22.51 -27.81
C ASN A 252 6.38 -23.51 -26.93
N VAL A 253 5.71 -24.59 -26.52
CA VAL A 253 6.41 -25.65 -25.80
C VAL A 253 7.56 -26.21 -26.63
N MET A 254 7.32 -26.44 -27.93
N MET A 254 7.33 -26.39 -27.94
CA MET A 254 8.40 -26.89 -28.81
CA MET A 254 8.38 -26.92 -28.80
C MET A 254 9.59 -25.95 -28.75
C MET A 254 9.58 -25.97 -28.85
N TRP A 255 9.33 -24.64 -28.86
CA TRP A 255 10.41 -23.68 -28.80
C TRP A 255 11.14 -23.75 -27.45
N ALA A 256 10.39 -23.87 -26.35
CA ALA A 256 11.00 -23.90 -25.03
C ALA A 256 11.86 -25.14 -24.83
N MET A 257 11.43 -26.28 -25.40
CA MET A 257 12.18 -27.53 -25.27
C MET A 257 13.39 -27.57 -26.19
N SER A 258 13.42 -26.74 -27.23
CA SER A 258 14.59 -26.61 -28.07
C SER A 258 15.67 -25.81 -27.33
N ASP A 259 16.85 -25.73 -27.94
CA ASP A 259 17.90 -24.90 -27.37
C ASP A 259 17.53 -23.42 -27.33
N ARG A 260 16.46 -23.00 -28.01
CA ARG A 260 15.96 -21.65 -27.83
C ARG A 260 15.69 -21.34 -26.37
N GLY A 261 15.32 -22.34 -25.58
CA GLY A 261 15.01 -22.15 -24.18
C GLY A 261 16.20 -21.87 -23.28
N ILE A 262 17.42 -21.98 -23.82
CA ILE A 262 18.64 -21.80 -23.03
C ILE A 262 19.65 -20.95 -23.79
N PRO A 263 19.36 -19.67 -24.02
CA PRO A 263 20.28 -18.84 -24.82
C PRO A 263 21.64 -18.68 -24.16
N ARG A 264 22.66 -18.52 -25.01
CA ARG A 264 24.02 -18.26 -24.53
C ARG A 264 24.12 -16.93 -23.81
N SER A 265 23.40 -15.93 -24.30
CA SER A 265 23.37 -14.61 -23.68
C SER A 265 22.19 -13.86 -24.27
N TYR A 266 21.79 -12.77 -23.59
CA TYR A 266 20.75 -11.93 -24.16
C TYR A 266 21.16 -11.32 -25.50
N ARG A 267 22.46 -11.25 -25.77
CA ARG A 267 22.97 -10.75 -27.04
CA ARG A 267 22.92 -10.73 -27.03
C ARG A 267 22.74 -11.72 -28.19
N THR A 268 22.55 -13.01 -27.89
CA THR A 268 22.51 -14.03 -28.94
C THR A 268 21.15 -14.72 -29.03
N MET A 269 20.08 -13.95 -28.88
CA MET A 269 18.73 -14.47 -29.06
C MET A 269 17.95 -13.49 -29.93
N GLU A 270 16.89 -14.00 -30.56
CA GLU A 270 15.98 -13.13 -31.31
C GLU A 270 14.95 -12.52 -30.38
N GLY A 271 14.28 -11.49 -30.87
CA GLY A 271 13.14 -10.91 -30.18
C GLY A 271 11.96 -10.79 -31.12
N PHE A 272 10.75 -10.84 -30.55
CA PHE A 272 9.52 -10.80 -31.34
C PHE A 272 8.43 -10.11 -30.53
N GLY A 273 7.62 -9.29 -31.20
CA GLY A 273 6.44 -8.76 -30.55
C GLY A 273 5.29 -9.74 -30.41
N ILE A 274 5.36 -10.85 -31.16
CA ILE A 274 4.37 -11.92 -31.20
C ILE A 274 3.10 -11.52 -31.92
N HIS A 275 2.38 -10.53 -31.39
CA HIS A 275 1.08 -10.18 -31.95
C HIS A 275 1.22 -9.46 -33.28
N THR A 276 0.20 -9.62 -34.11
CA THR A 276 0.00 -8.70 -35.23
C THR A 276 -0.55 -7.39 -34.68
N PHE A 277 0.14 -6.29 -34.98
CA PHE A 277 -0.29 -4.93 -34.69
C PHE A 277 -0.65 -4.27 -36.01
N ARG A 278 -0.95 -2.98 -35.97
CA ARG A 278 -1.15 -2.19 -37.19
C ARG A 278 -0.19 -1.02 -37.22
N LEU A 279 0.28 -0.71 -38.44
CA LEU A 279 0.87 0.58 -38.75
C LEU A 279 -0.20 1.42 -39.45
N ILE A 280 -0.29 2.70 -39.10
CA ILE A 280 -1.25 3.62 -39.68
C ILE A 280 -0.47 4.79 -40.24
N ASN A 281 -0.65 5.08 -41.54
CA ASN A 281 0.07 6.19 -42.15
C ASN A 281 -0.79 7.47 -42.13
N ALA A 282 -0.23 8.56 -42.67
CA ALA A 282 -0.91 9.85 -42.62
C ALA A 282 -2.19 9.88 -43.43
N GLU A 283 -2.33 9.01 -44.44
CA GLU A 283 -3.56 8.92 -45.21
C GLU A 283 -4.60 8.02 -44.56
N GLY A 284 -4.29 7.46 -43.40
CA GLY A 284 -5.20 6.57 -42.69
C GLY A 284 -5.13 5.13 -43.11
N LYS A 285 -4.19 4.74 -43.96
CA LYS A 285 -4.10 3.37 -44.42
C LYS A 285 -3.45 2.52 -43.34
N ALA A 286 -4.05 1.36 -43.07
CA ALA A 286 -3.53 0.40 -42.10
C ALA A 286 -2.79 -0.73 -42.81
N THR A 287 -1.65 -1.11 -42.24
CA THR A 287 -0.90 -2.28 -42.67
C THR A 287 -0.70 -3.15 -41.44
N PHE A 288 -0.93 -4.46 -41.56
CA PHE A 288 -0.62 -5.37 -40.47
C PHE A 288 0.89 -5.52 -40.33
N VAL A 289 1.37 -5.61 -39.08
CA VAL A 289 2.81 -5.71 -38.83
C VAL A 289 3.06 -6.69 -37.68
N ARG A 290 4.12 -7.47 -37.81
CA ARG A 290 4.73 -8.15 -36.67
C ARG A 290 6.16 -7.69 -36.51
N PHE A 291 6.56 -7.44 -35.26
CA PHE A 291 7.85 -6.85 -34.92
C PHE A 291 8.89 -7.93 -34.65
N HIS A 292 10.12 -7.65 -35.09
CA HIS A 292 11.26 -8.55 -34.93
C HIS A 292 12.49 -7.79 -34.47
N TRP A 293 13.30 -8.45 -33.63
CA TRP A 293 14.65 -7.99 -33.33
C TRP A 293 15.64 -9.06 -33.78
N LYS A 294 16.62 -8.64 -34.60
CA LYS A 294 17.65 -9.52 -35.12
C LYS A 294 18.95 -9.25 -34.40
N PRO A 295 19.55 -10.22 -33.71
CA PRO A 295 20.78 -9.93 -32.94
C PRO A 295 21.98 -9.82 -33.86
N LEU A 296 22.73 -8.71 -33.74
CA LEU A 296 23.95 -8.57 -34.52
C LEU A 296 24.94 -9.68 -34.18
N ALA A 297 24.94 -10.14 -32.93
CA ALA A 297 25.87 -11.17 -32.49
C ALA A 297 25.48 -12.56 -32.96
N GLY A 298 24.35 -12.71 -33.65
CA GLY A 298 23.91 -14.01 -34.11
C GLY A 298 23.12 -14.74 -33.05
N LYS A 299 22.63 -15.91 -33.44
CA LYS A 299 21.84 -16.78 -32.57
C LYS A 299 22.76 -17.86 -31.99
N ALA A 300 22.68 -18.06 -30.68
CA ALA A 300 23.52 -19.05 -30.03
C ALA A 300 22.91 -19.43 -28.71
N SER A 301 22.98 -20.72 -28.39
CA SER A 301 22.43 -21.24 -27.16
C SER A 301 23.40 -22.18 -26.48
N LEU A 302 23.17 -22.39 -25.19
CA LEU A 302 23.87 -23.39 -24.42
C LEU A 302 23.33 -24.77 -24.77
N VAL A 303 23.90 -25.79 -24.13
CA VAL A 303 23.28 -27.12 -24.10
C VAL A 303 22.80 -27.38 -22.68
N TRP A 304 21.83 -28.30 -22.55
CA TRP A 304 21.07 -28.40 -21.29
C TRP A 304 21.97 -28.66 -20.07
N ASP A 305 22.84 -29.67 -20.13
CA ASP A 305 23.65 -30.00 -18.95
C ASP A 305 24.45 -28.80 -18.50
N GLU A 306 24.98 -28.05 -19.48
CA GLU A 306 25.75 -26.83 -19.22
C GLU A 306 24.88 -25.75 -18.59
N ALA A 307 23.71 -25.50 -19.18
CA ALA A 307 22.82 -24.46 -18.66
C ALA A 307 22.41 -24.76 -17.22
N GLN A 308 22.04 -26.02 -16.95
CA GLN A 308 21.59 -26.37 -15.61
C GLN A 308 22.71 -26.26 -14.59
N LYS A 309 23.90 -26.76 -14.93
CA LYS A 309 25.02 -26.63 -14.01
C LYS A 309 25.40 -25.18 -13.80
N LEU A 310 25.26 -24.36 -14.85
CA LEU A 310 25.60 -22.96 -14.75
C LEU A 310 24.67 -22.19 -13.82
N THR A 311 23.40 -22.63 -13.68
CA THR A 311 22.55 -21.98 -12.69
C THR A 311 23.10 -22.13 -11.28
N GLY A 312 23.94 -23.14 -11.05
CA GLY A 312 24.58 -23.30 -9.76
C GLY A 312 25.92 -22.60 -9.68
N ARG A 313 26.76 -22.75 -10.71
CA ARG A 313 28.08 -22.12 -10.67
C ARG A 313 28.00 -20.61 -10.80
N ASP A 314 27.04 -20.08 -11.54
CA ASP A 314 26.85 -18.63 -11.64
C ASP A 314 25.41 -18.33 -12.01
N PRO A 315 24.53 -18.23 -11.00
CA PRO A 315 23.12 -17.89 -11.30
C PRO A 315 22.93 -16.51 -11.90
N ASP A 316 23.95 -15.65 -11.91
CA ASP A 316 23.86 -14.31 -12.48
C ASP A 316 24.54 -14.18 -13.84
N PHE A 317 24.75 -15.31 -14.53
CA PHE A 317 25.60 -15.32 -15.72
C PHE A 317 25.12 -14.35 -16.80
N HIS A 318 23.82 -14.33 -17.10
CA HIS A 318 23.36 -13.46 -18.19
C HIS A 318 23.38 -11.99 -17.78
N ARG A 319 22.98 -11.70 -16.55
CA ARG A 319 23.04 -10.33 -16.02
C ARG A 319 24.48 -9.82 -16.06
N ARG A 320 25.41 -10.67 -15.63
CA ARG A 320 26.82 -10.32 -15.59
C ARG A 320 27.36 -10.06 -17.00
N GLU A 321 27.04 -10.96 -17.92
CA GLU A 321 27.57 -10.84 -19.28
CA GLU A 321 27.57 -10.86 -19.28
C GLU A 321 27.07 -9.60 -19.97
N LEU A 322 25.80 -9.24 -19.75
CA LEU A 322 25.25 -8.02 -20.34
C LEU A 322 25.98 -6.79 -19.81
N TRP A 323 26.10 -6.70 -18.48
CA TRP A 323 26.75 -5.55 -17.87
C TRP A 323 28.20 -5.42 -18.33
N GLU A 324 28.91 -6.54 -18.36
CA GLU A 324 30.33 -6.50 -18.71
C GLU A 324 30.56 -6.24 -20.18
N ALA A 325 29.65 -6.69 -21.06
CA ALA A 325 29.80 -6.35 -22.47
C ALA A 325 29.71 -4.84 -22.65
N ILE A 326 28.74 -4.22 -21.97
CA ILE A 326 28.58 -2.77 -22.09
C ILE A 326 29.79 -2.04 -21.50
N GLU A 327 30.31 -2.51 -20.36
CA GLU A 327 31.51 -1.88 -19.79
C GLU A 327 32.72 -2.02 -20.70
N ALA A 328 32.77 -3.08 -21.50
CA ALA A 328 33.87 -3.30 -22.43
C ALA A 328 33.76 -2.47 -23.70
N GLY A 329 32.68 -1.71 -23.87
CA GLY A 329 32.43 -1.00 -25.10
C GLY A 329 31.92 -1.88 -26.22
N ASP A 330 31.55 -3.12 -25.88
CA ASP A 330 31.10 -4.10 -26.86
C ASP A 330 29.58 -4.18 -26.79
N PHE A 331 28.94 -3.19 -27.38
CA PHE A 331 27.53 -2.92 -27.10
C PHE A 331 26.62 -3.94 -27.77
N PRO A 332 25.66 -4.52 -27.05
CA PRO A 332 24.62 -5.33 -27.71
C PRO A 332 23.91 -4.49 -28.77
N GLU A 333 23.74 -5.08 -29.96
CA GLU A 333 23.01 -4.42 -31.04
C GLU A 333 21.94 -5.35 -31.60
N TYR A 334 20.80 -4.77 -31.94
CA TYR A 334 19.68 -5.51 -32.49
C TYR A 334 19.04 -4.69 -33.59
N GLU A 335 18.76 -5.32 -34.72
CA GLU A 335 18.09 -4.67 -35.83
C GLU A 335 16.58 -4.89 -35.70
N LEU A 336 15.83 -3.81 -35.68
CA LEU A 336 14.37 -3.88 -35.72
C LEU A 336 13.95 -4.21 -37.14
N GLY A 337 13.02 -5.15 -37.28
CA GLY A 337 12.48 -5.50 -38.57
C GLY A 337 10.98 -5.70 -38.47
N PHE A 338 10.30 -5.55 -39.61
CA PHE A 338 8.86 -5.68 -39.70
C PHE A 338 8.50 -6.75 -40.72
N GLN A 339 7.60 -7.65 -40.34
CA GLN A 339 6.83 -8.42 -41.32
C GLN A 339 5.59 -7.60 -41.63
N LEU A 340 5.38 -7.26 -42.90
CA LEU A 340 4.30 -6.38 -43.31
C LEU A 340 3.31 -7.15 -44.17
N ILE A 341 2.03 -7.08 -43.81
CA ILE A 341 0.98 -7.77 -44.52
C ILE A 341 -0.12 -6.78 -44.86
N PRO A 342 -0.43 -6.58 -46.14
CA PRO A 342 -1.50 -5.63 -46.50
C PRO A 342 -2.82 -6.10 -45.94
N GLU A 343 -3.69 -5.13 -45.65
CA GLU A 343 -4.99 -5.44 -45.09
C GLU A 343 -5.75 -6.48 -45.92
N GLU A 344 -5.62 -6.40 -47.25
CA GLU A 344 -6.37 -7.30 -48.11
C GLU A 344 -5.83 -8.73 -48.10
N ASP A 345 -4.69 -8.98 -47.46
CA ASP A 345 -4.11 -10.32 -47.38
C ASP A 345 -4.42 -11.00 -46.05
N GLU A 346 -5.29 -10.41 -45.22
CA GLU A 346 -5.54 -10.90 -43.86
C GLU A 346 -5.87 -12.39 -43.83
N PHE A 347 -6.61 -12.88 -44.82
CA PHE A 347 -7.16 -14.23 -44.77
C PHE A 347 -6.47 -15.20 -45.71
N LYS A 348 -5.30 -14.84 -46.23
CA LYS A 348 -4.64 -15.62 -47.26
C LYS A 348 -3.68 -16.66 -46.70
N PHE A 349 -3.66 -16.88 -45.40
CA PHE A 349 -2.78 -17.87 -44.78
C PHE A 349 -3.61 -19.02 -44.22
N ASP A 350 -2.94 -20.17 -44.05
CA ASP A 350 -3.60 -21.34 -43.48
C ASP A 350 -4.02 -21.11 -42.03
N PHE A 351 -3.41 -20.15 -41.36
CA PHE A 351 -3.62 -19.84 -39.95
C PHE A 351 -4.16 -18.42 -39.88
N ASP A 352 -4.68 -18.07 -38.70
CA ASP A 352 -5.23 -16.76 -38.47
C ASP A 352 -4.12 -15.81 -38.03
N LEU A 353 -4.02 -14.65 -38.69
CA LEU A 353 -2.97 -13.69 -38.32
C LEU A 353 -3.11 -13.21 -36.89
N LEU A 354 -4.33 -13.25 -36.33
CA LEU A 354 -4.57 -12.74 -34.99
C LEU A 354 -4.39 -13.82 -33.92
N ASP A 355 -3.94 -15.00 -34.31
CA ASP A 355 -3.73 -16.11 -33.39
C ASP A 355 -2.28 -16.07 -32.89
N PRO A 356 -2.03 -15.75 -31.62
CA PRO A 356 -0.65 -15.61 -31.14
C PRO A 356 0.08 -16.92 -30.92
N THR A 357 -0.56 -18.07 -31.17
CA THR A 357 0.13 -19.35 -31.15
C THR A 357 0.66 -19.74 -32.53
N LYS A 358 0.50 -18.86 -33.51
CA LYS A 358 0.92 -19.11 -34.88
C LYS A 358 2.00 -18.11 -35.24
N LEU A 359 3.05 -18.56 -35.90
CA LEU A 359 4.05 -17.64 -36.44
C LEU A 359 3.79 -17.38 -37.91
N ILE A 360 4.35 -16.28 -38.42
CA ILE A 360 4.33 -16.00 -39.85
C ILE A 360 5.68 -16.44 -40.42
N PRO A 361 5.75 -17.51 -41.20
CA PRO A 361 7.06 -17.96 -41.70
C PRO A 361 7.70 -16.88 -42.57
N GLU A 362 8.99 -16.63 -42.33
CA GLU A 362 9.73 -15.68 -43.15
C GLU A 362 9.79 -16.07 -44.61
N GLU A 363 9.67 -17.37 -44.92
CA GLU A 363 9.59 -17.79 -46.32
C GLU A 363 8.34 -17.24 -47.00
N LEU A 364 7.29 -16.97 -46.24
CA LEU A 364 6.07 -16.39 -46.80
C LEU A 364 6.08 -14.86 -46.74
N VAL A 365 6.51 -14.29 -45.62
CA VAL A 365 6.54 -12.84 -45.44
C VAL A 365 7.90 -12.47 -44.89
N PRO A 366 8.80 -11.92 -45.71
CA PRO A 366 10.14 -11.58 -45.20
C PRO A 366 10.11 -10.50 -44.14
N VAL A 367 11.13 -10.51 -43.29
CA VAL A 367 11.34 -9.43 -42.34
C VAL A 367 12.07 -8.32 -43.08
N GLN A 368 11.48 -7.13 -43.10
CA GLN A 368 12.10 -5.96 -43.72
C GLN A 368 12.80 -5.13 -42.65
N ARG A 369 14.08 -4.82 -42.88
CA ARG A 369 14.86 -4.09 -41.88
C ARG A 369 14.35 -2.66 -41.73
N VAL A 370 14.34 -2.19 -40.48
CA VAL A 370 13.74 -0.90 -40.13
C VAL A 370 14.76 0.03 -39.46
N GLY A 371 15.58 -0.48 -38.56
CA GLY A 371 16.49 0.37 -37.84
C GLY A 371 17.37 -0.46 -36.92
N ASN A 372 18.23 0.22 -36.19
CA ASN A 372 19.18 -0.46 -35.34
C ASN A 372 19.12 0.14 -33.94
N MET A 373 19.23 -0.75 -32.94
CA MET A 373 19.25 -0.38 -31.54
C MET A 373 20.58 -0.82 -30.94
N VAL A 374 21.22 0.08 -30.19
CA VAL A 374 22.52 -0.16 -29.56
C VAL A 374 22.34 0.08 -28.07
N LEU A 375 22.72 -0.91 -27.24
CA LEU A 375 22.64 -0.76 -25.79
C LEU A 375 24.03 -0.40 -25.29
N ASN A 376 24.21 0.83 -24.79
CA ASN A 376 25.54 1.35 -24.57
C ASN A 376 25.80 1.93 -23.19
N ARG A 377 24.88 1.79 -22.23
N ARG A 377 24.88 1.79 -22.23
CA ARG A 377 25.21 2.23 -20.87
CA ARG A 377 25.21 2.22 -20.86
C ARG A 377 24.37 1.48 -19.83
C ARG A 377 24.38 1.45 -19.85
N ASN A 378 25.04 1.02 -18.78
CA ASN A 378 24.37 0.35 -17.69
C ASN A 378 23.70 1.39 -16.80
N PRO A 379 22.69 0.97 -16.03
CA PRO A 379 22.09 1.88 -15.05
C PRO A 379 23.10 2.24 -13.96
N ASP A 380 22.70 3.23 -13.16
CA ASP A 380 23.43 3.59 -11.94
C ASP A 380 22.98 2.76 -10.74
N ASN A 381 21.66 2.58 -10.59
CA ASN A 381 21.10 1.87 -9.45
C ASN A 381 20.08 0.88 -9.98
N PHE A 382 20.34 -0.41 -9.75
CA PHE A 382 19.48 -1.46 -10.29
C PHE A 382 18.04 -1.29 -9.81
N PHE A 383 17.84 -1.09 -8.51
CA PHE A 383 16.47 -0.98 -8.01
C PHE A 383 15.76 0.21 -8.64
N ALA A 384 16.41 1.37 -8.62
CA ALA A 384 15.72 2.59 -9.02
C ALA A 384 15.33 2.56 -10.50
N GLU A 385 16.20 2.02 -11.35
CA GLU A 385 16.03 2.07 -12.80
C GLU A 385 15.48 0.77 -13.37
N ASN A 386 16.03 -0.38 -12.98
CA ASN A 386 15.55 -1.67 -13.47
C ASN A 386 14.29 -2.10 -12.73
N GLU A 387 14.38 -2.29 -11.39
CA GLU A 387 13.26 -2.88 -10.68
C GLU A 387 11.98 -2.06 -10.85
N GLN A 388 12.10 -0.72 -10.83
CA GLN A 388 10.95 0.17 -10.90
C GLN A 388 10.48 0.48 -12.32
N ALA A 389 11.19 0.04 -13.36
CA ALA A 389 10.74 0.31 -14.72
C ALA A 389 9.42 -0.38 -14.99
N ALA A 390 8.52 0.31 -15.70
CA ALA A 390 7.20 -0.24 -16.02
C ALA A 390 7.03 -0.22 -17.52
N PHE A 391 6.98 -1.39 -18.13
CA PHE A 391 6.73 -1.54 -19.54
C PHE A 391 5.30 -2.03 -19.74
N HIS A 392 4.67 -1.60 -20.83
CA HIS A 392 3.30 -2.03 -21.05
C HIS A 392 2.97 -1.93 -22.53
N PRO A 393 2.49 -3.00 -23.18
CA PRO A 393 2.29 -2.95 -24.65
C PRO A 393 1.16 -2.04 -25.09
N GLY A 394 0.28 -1.63 -24.17
CA GLY A 394 -0.69 -0.60 -24.50
C GLY A 394 -0.08 0.78 -24.67
N HIS A 395 1.18 0.96 -24.30
CA HIS A 395 1.85 2.25 -24.50
C HIS A 395 2.27 2.33 -25.96
N ILE A 396 1.36 2.77 -26.81
CA ILE A 396 1.65 2.99 -28.23
C ILE A 396 1.58 4.47 -28.54
N VAL A 397 1.88 4.85 -29.78
CA VAL A 397 1.93 6.25 -30.20
C VAL A 397 1.16 6.35 -31.52
N PRO A 398 0.74 7.57 -31.90
CA PRO A 398 0.09 7.73 -33.21
C PRO A 398 0.97 7.17 -34.31
N GLY A 399 0.34 6.43 -35.23
CA GLY A 399 1.08 5.67 -36.22
C GLY A 399 1.09 4.19 -35.96
N LEU A 400 0.74 3.77 -34.75
CA LEU A 400 0.57 2.37 -34.40
C LEU A 400 -0.85 2.16 -33.91
N ASP A 401 -1.31 0.92 -34.01
CA ASP A 401 -2.59 0.55 -33.43
C ASP A 401 -2.62 -0.95 -33.13
N PHE A 402 -3.65 -1.35 -32.42
CA PHE A 402 -3.84 -2.73 -32.00
C PHE A 402 -4.58 -3.54 -33.08
N THR A 403 -4.76 -4.83 -32.81
CA THR A 403 -5.69 -5.70 -33.53
C THR A 403 -6.51 -6.45 -32.50
N ASN A 404 -7.43 -7.28 -32.98
CA ASN A 404 -8.31 -8.06 -32.11
C ASN A 404 -7.69 -9.35 -31.60
N ASP A 405 -6.38 -9.56 -31.77
CA ASP A 405 -5.69 -10.69 -31.14
C ASP A 405 -6.18 -10.77 -29.69
N PRO A 406 -6.83 -11.87 -29.30
CA PRO A 406 -7.50 -11.90 -27.99
C PRO A 406 -6.55 -12.06 -26.82
N LEU A 407 -5.28 -12.35 -27.08
CA LEU A 407 -4.26 -12.32 -26.05
C LEU A 407 -3.79 -10.88 -25.83
N LEU A 408 -3.48 -10.20 -26.93
CA LEU A 408 -3.11 -8.79 -26.85
C LEU A 408 -4.20 -7.98 -26.18
N GLN A 409 -5.46 -8.25 -26.56
CA GLN A 409 -6.57 -7.47 -26.05
C GLN A 409 -6.60 -7.47 -24.52
N GLY A 410 -6.38 -8.63 -23.89
CA GLY A 410 -6.37 -8.68 -22.45
C GLY A 410 -5.11 -8.14 -21.81
N ARG A 411 -3.96 -8.29 -22.49
CA ARG A 411 -2.74 -7.64 -22.01
C ARG A 411 -2.98 -6.16 -21.76
N LEU A 412 -3.75 -5.51 -22.63
CA LEU A 412 -3.95 -4.07 -22.50
C LEU A 412 -4.50 -3.68 -21.13
N PHE A 413 -5.30 -4.57 -20.51
CA PHE A 413 -5.82 -4.28 -19.18
C PHE A 413 -4.74 -4.42 -18.11
N SER A 414 -3.90 -5.45 -18.23
CA SER A 414 -3.08 -5.91 -17.11
C SER A 414 -1.94 -4.94 -16.78
N TYR A 415 -1.27 -4.40 -17.81
CA TYR A 415 -0.01 -3.70 -17.52
C TYR A 415 -0.22 -2.35 -16.85
N THR A 416 -1.41 -1.75 -16.95
CA THR A 416 -1.67 -0.57 -16.14
C THR A 416 -2.10 -0.99 -14.73
N ASP A 417 -3.00 -1.96 -14.65
CA ASP A 417 -3.54 -2.41 -13.37
C ASP A 417 -2.44 -2.85 -12.40
N THR A 418 -1.51 -3.68 -12.87
CA THR A 418 -0.54 -4.30 -11.97
C THR A 418 0.36 -3.27 -11.27
N GLN A 419 0.61 -2.11 -11.91
CA GLN A 419 1.50 -1.12 -11.29
C GLN A 419 0.92 -0.51 -10.03
N ILE A 420 -0.40 -0.58 -9.83
CA ILE A 420 -1.01 0.05 -8.65
C ILE A 420 -0.48 -0.58 -7.37
N SER A 421 -0.24 -1.90 -7.37
CA SER A 421 0.40 -2.50 -6.21
C SER A 421 1.92 -2.53 -6.36
N ARG A 422 2.42 -2.89 -7.54
CA ARG A 422 3.85 -3.09 -7.67
C ARG A 422 4.63 -1.80 -7.41
N LEU A 423 4.15 -0.68 -7.97
CA LEU A 423 4.82 0.61 -7.88
C LEU A 423 4.08 1.59 -6.97
N GLY A 424 3.06 1.13 -6.25
CA GLY A 424 2.52 1.89 -5.15
C GLY A 424 1.45 2.90 -5.49
N GLY A 425 1.00 2.96 -6.75
CA GLY A 425 -0.09 3.84 -7.09
C GLY A 425 -0.06 4.33 -8.52
N PRO A 426 -0.95 5.28 -8.85
CA PRO A 426 -1.15 5.67 -10.24
C PRO A 426 -0.13 6.66 -10.77
N ASN A 427 0.79 7.13 -9.93
CA ASN A 427 1.83 8.07 -10.36
C ASN A 427 3.12 7.37 -10.75
N PHE A 428 3.04 6.12 -11.19
CA PHE A 428 4.25 5.39 -11.54
C PHE A 428 4.99 6.01 -12.72
N HIS A 429 4.31 6.78 -13.57
CA HIS A 429 5.00 7.47 -14.67
C HIS A 429 5.89 8.59 -14.19
N GLU A 430 5.76 9.01 -12.92
CA GLU A 430 6.66 10.01 -12.34
C GLU A 430 7.92 9.40 -11.76
N ILE A 431 7.99 8.09 -11.63
CA ILE A 431 9.26 7.49 -11.23
C ILE A 431 10.27 7.78 -12.33
N PRO A 432 11.46 8.29 -12.03
CA PRO A 432 12.31 8.87 -13.08
C PRO A 432 12.51 8.02 -14.33
N ILE A 433 12.80 6.73 -14.18
CA ILE A 433 13.03 5.89 -15.36
C ILE A 433 11.81 5.83 -16.27
N ASN A 434 10.61 5.96 -15.70
CA ASN A 434 9.39 5.85 -16.49
C ASN A 434 8.96 7.16 -17.15
N ARG A 435 9.55 8.29 -16.77
CA ARG A 435 9.05 9.58 -17.24
C ARG A 435 9.25 9.72 -18.75
N PRO A 436 8.24 10.21 -19.47
CA PRO A 436 8.48 10.62 -20.86
C PRO A 436 9.52 11.73 -20.90
N THR A 437 10.23 11.80 -22.03
CA THR A 437 11.11 12.93 -22.28
C THR A 437 10.41 14.00 -23.08
N CYS A 438 9.26 13.71 -23.65
CA CYS A 438 8.43 14.68 -24.35
C CYS A 438 7.44 15.29 -23.37
N PRO A 439 6.72 16.33 -23.76
CA PRO A 439 5.80 16.98 -22.82
C PRO A 439 4.64 16.06 -22.45
N TYR A 440 4.17 16.23 -21.22
N TYR A 440 4.16 16.22 -21.22
CA TYR A 440 2.94 15.58 -20.79
CA TYR A 440 2.94 15.53 -20.78
C TYR A 440 2.19 16.56 -19.91
C TYR A 440 2.15 16.44 -19.84
N HIS A 441 0.92 16.75 -20.20
CA HIS A 441 0.06 17.66 -19.46
C HIS A 441 -1.37 17.17 -19.55
N ASN A 442 -2.07 17.13 -18.43
CA ASN A 442 -3.47 16.71 -18.45
C ASN A 442 -4.14 17.19 -17.17
N PHE A 443 -5.35 16.70 -16.94
CA PHE A 443 -6.16 17.15 -15.81
C PHE A 443 -6.19 16.13 -14.68
N GLN A 444 -5.34 15.11 -14.75
CA GLN A 444 -5.25 14.13 -13.67
C GLN A 444 -4.51 14.75 -12.49
N ARG A 445 -4.94 14.39 -11.28
CA ARG A 445 -4.40 15.01 -10.08
C ARG A 445 -4.26 13.97 -8.97
N ASP A 446 -3.42 14.30 -7.99
CA ASP A 446 -3.32 13.59 -6.73
C ASP A 446 -2.79 12.17 -6.89
N GLY A 447 -3.22 11.25 -6.02
CA GLY A 447 -2.65 9.92 -5.97
C GLY A 447 -1.40 9.87 -5.10
N MET A 448 -1.11 8.66 -4.62
CA MET A 448 0.03 8.49 -3.72
C MET A 448 1.32 8.92 -4.40
N HIS A 449 2.18 9.55 -3.59
N HIS A 449 2.25 9.52 -3.65
CA HIS A 449 3.49 10.09 -3.95
CA HIS A 449 3.57 9.85 -4.21
C HIS A 449 3.42 10.87 -5.25
C HIS A 449 3.50 10.94 -5.29
N ARG A 450 2.54 11.87 -5.24
CA ARG A 450 2.41 12.80 -6.35
C ARG A 450 3.58 13.77 -6.34
N MET A 451 4.35 13.77 -7.43
CA MET A 451 5.52 14.63 -7.56
CA MET A 451 5.53 14.63 -7.55
C MET A 451 5.19 15.95 -8.25
N GLY A 452 4.48 15.88 -9.37
CA GLY A 452 4.17 17.09 -10.13
C GLY A 452 3.22 17.99 -9.37
N ILE A 453 3.58 19.28 -9.29
CA ILE A 453 2.76 20.30 -8.63
C ILE A 453 2.08 21.09 -9.75
N ASP A 454 0.81 20.83 -9.96
CA ASP A 454 0.09 21.48 -11.06
C ASP A 454 -0.30 22.90 -10.68
N THR A 455 -0.07 23.83 -11.60
CA THR A 455 -0.46 25.22 -11.40
C THR A 455 -1.71 25.59 -12.18
N ASN A 456 -2.25 24.68 -12.98
CA ASN A 456 -3.43 24.98 -13.76
C ASN A 456 -4.58 25.36 -12.83
N PRO A 457 -5.21 26.53 -13.01
CA PRO A 457 -6.42 26.83 -12.23
C PRO A 457 -7.51 25.78 -12.40
N ALA A 458 -7.54 25.11 -13.55
CA ALA A 458 -8.52 24.10 -13.87
C ALA A 458 -7.94 22.70 -13.70
N ASN A 459 -8.75 21.78 -13.19
CA ASN A 459 -8.43 20.36 -13.20
C ASN A 459 -9.48 19.55 -13.96
N TYR A 460 -10.16 20.20 -14.91
CA TYR A 460 -11.23 19.59 -15.69
C TYR A 460 -11.25 20.27 -17.05
N GLU A 461 -11.80 19.55 -18.02
CA GLU A 461 -12.14 20.16 -19.29
C GLU A 461 -13.50 19.64 -19.74
N PRO A 462 -14.28 20.43 -20.47
CA PRO A 462 -13.92 21.78 -20.92
C PRO A 462 -13.91 22.80 -19.78
N ASN A 463 -12.97 23.74 -19.85
CA ASN A 463 -12.92 24.84 -18.90
C ASN A 463 -12.75 26.15 -19.65
N SER A 464 -13.31 27.21 -19.07
CA SER A 464 -13.01 28.56 -19.53
C SER A 464 -11.95 29.24 -18.69
N ILE A 465 -11.78 28.82 -17.43
CA ILE A 465 -10.93 29.56 -16.50
C ILE A 465 -9.44 29.44 -16.82
N ASN A 466 -9.04 28.45 -17.61
CA ASN A 466 -7.69 28.37 -18.17
C ASN A 466 -7.71 28.39 -19.68
N ASP A 467 -8.75 28.96 -20.28
CA ASP A 467 -8.93 28.99 -21.74
C ASP A 467 -8.84 27.58 -22.33
N ASN A 468 -9.27 26.58 -21.55
CA ASN A 468 -9.38 25.19 -21.99
C ASN A 468 -8.03 24.50 -22.17
N TRP A 469 -6.95 25.06 -21.61
CA TRP A 469 -5.66 24.38 -21.73
C TRP A 469 -5.45 23.43 -20.55
N PRO A 470 -4.74 22.31 -20.75
CA PRO A 470 -4.21 21.84 -22.04
C PRO A 470 -5.31 21.33 -22.98
N ARG A 471 -5.10 21.47 -24.28
CA ARG A 471 -6.15 21.26 -25.28
C ARG A 471 -5.94 19.98 -26.08
N GLU A 472 -7.07 19.37 -26.46
CA GLU A 472 -7.07 18.27 -27.43
C GLU A 472 -6.41 18.69 -28.74
N THR A 473 -5.88 17.70 -29.46
CA THR A 473 -5.20 17.94 -30.74
C THR A 473 -5.82 17.01 -31.77
N PRO A 474 -6.30 17.54 -32.90
CA PRO A 474 -6.86 16.67 -33.93
C PRO A 474 -5.79 15.72 -34.45
N PRO A 475 -6.20 14.56 -34.97
CA PRO A 475 -5.23 13.69 -35.63
C PRO A 475 -4.68 14.38 -36.87
N GLY A 476 -3.44 14.03 -37.23
CA GLY A 476 -2.82 14.61 -38.40
C GLY A 476 -1.53 13.89 -38.73
N PRO A 477 -0.82 14.38 -39.75
CA PRO A 477 0.33 13.63 -40.24
C PRO A 477 1.47 13.54 -39.25
N LYS A 478 1.68 14.58 -38.45
CA LYS A 478 2.73 14.62 -37.44
C LYS A 478 2.21 15.46 -36.28
N ARG A 479 2.63 15.10 -35.06
CA ARG A 479 2.28 15.85 -33.86
C ARG A 479 0.77 15.95 -33.65
N GLY A 480 0.02 14.97 -34.14
CA GLY A 480 -1.42 14.95 -33.98
C GLY A 480 -1.89 14.08 -32.84
N GLY A 481 -3.16 14.22 -32.49
CA GLY A 481 -3.74 13.39 -31.44
C GLY A 481 -3.95 11.95 -31.88
N PHE A 482 -4.05 11.08 -30.89
CA PHE A 482 -4.27 9.66 -31.15
C PHE A 482 -5.74 9.42 -31.50
N GLU A 483 -5.97 8.72 -32.60
CA GLU A 483 -7.29 8.26 -32.99
C GLU A 483 -7.16 6.81 -33.42
N SER A 484 -8.07 5.97 -32.94
CA SER A 484 -8.05 4.56 -33.31
C SER A 484 -8.46 4.36 -34.76
N TYR A 485 -7.83 3.39 -35.41
CA TYR A 485 -8.26 2.98 -36.74
C TYR A 485 -9.69 2.46 -36.69
N GLN A 486 -10.53 2.93 -37.61
CA GLN A 486 -11.97 2.67 -37.56
C GLN A 486 -12.32 1.30 -38.16
N GLU A 487 -11.75 0.26 -37.55
N GLU A 487 -11.77 0.26 -37.53
CA GLU A 487 -12.03 -1.11 -37.94
CA GLU A 487 -12.03 -1.11 -37.94
C GLU A 487 -13.52 -1.41 -37.80
C GLU A 487 -13.50 -1.46 -37.77
N ARG A 488 -14.05 -2.18 -38.76
CA ARG A 488 -15.43 -2.62 -38.69
C ARG A 488 -15.57 -3.77 -37.70
N VAL A 489 -16.54 -3.66 -36.79
CA VAL A 489 -16.84 -4.70 -35.82
C VAL A 489 -18.25 -5.20 -36.11
N GLU A 490 -18.41 -6.51 -36.26
CA GLU A 490 -19.72 -7.10 -36.50
C GLU A 490 -19.77 -8.48 -35.83
N GLY A 491 -20.70 -8.65 -34.91
CA GLY A 491 -20.88 -9.93 -34.27
C GLY A 491 -21.67 -9.78 -33.00
N ASN A 492 -22.07 -10.92 -32.45
CA ASN A 492 -22.79 -10.91 -31.19
C ASN A 492 -21.82 -10.99 -30.03
N LYS A 493 -22.26 -10.47 -28.89
CA LYS A 493 -21.46 -10.54 -27.66
C LYS A 493 -21.33 -12.00 -27.25
N VAL A 494 -20.13 -12.58 -27.39
CA VAL A 494 -19.91 -13.99 -27.13
C VAL A 494 -18.60 -14.20 -26.39
N ARG A 495 -18.59 -15.22 -25.53
CA ARG A 495 -17.35 -15.76 -24.97
C ARG A 495 -17.08 -17.02 -25.77
N GLU A 496 -16.31 -16.88 -26.85
CA GLU A 496 -16.17 -17.95 -27.82
C GLU A 496 -14.85 -17.79 -28.55
N ARG A 497 -14.16 -18.91 -28.73
CA ARG A 497 -12.90 -18.92 -29.48
C ARG A 497 -13.21 -18.97 -30.97
N SER A 498 -12.45 -18.24 -31.76
CA SER A 498 -12.67 -18.28 -33.21
C SER A 498 -12.33 -19.68 -33.73
N PRO A 499 -13.19 -20.28 -34.56
CA PRO A 499 -12.84 -21.59 -35.13
C PRO A 499 -11.53 -21.56 -35.91
N SER A 500 -11.14 -20.40 -36.46
CA SER A 500 -9.88 -20.29 -37.19
C SER A 500 -8.67 -20.51 -36.30
N PHE A 501 -8.83 -20.44 -34.97
CA PHE A 501 -7.75 -20.69 -34.03
C PHE A 501 -7.62 -22.18 -33.69
N GLY A 502 -8.55 -23.01 -34.12
CA GLY A 502 -8.63 -24.38 -33.65
C GLY A 502 -7.76 -25.37 -34.40
N GLU A 503 -6.48 -25.05 -34.51
CA GLU A 503 -5.50 -25.93 -35.14
C GLU A 503 -4.22 -25.80 -34.34
N TYR A 504 -3.64 -26.92 -33.94
CA TYR A 504 -2.62 -26.88 -32.89
C TYR A 504 -1.30 -27.57 -33.25
N TYR A 505 -1.24 -28.32 -34.35
CA TYR A 505 -0.11 -29.20 -34.60
C TYR A 505 0.76 -28.80 -35.79
N SER A 506 0.22 -28.06 -36.76
CA SER A 506 0.98 -27.78 -37.98
CA SER A 506 0.98 -27.77 -37.98
C SER A 506 2.17 -26.88 -37.70
N HIS A 507 2.01 -25.88 -36.83
CA HIS A 507 3.15 -25.00 -36.52
C HIS A 507 4.21 -25.72 -35.70
N PRO A 508 3.88 -26.48 -34.65
CA PRO A 508 4.91 -27.33 -34.01
C PRO A 508 5.66 -28.20 -35.01
N ARG A 509 4.94 -28.80 -35.97
CA ARG A 509 5.60 -29.66 -36.94
C ARG A 509 6.53 -28.87 -37.86
N LEU A 510 6.09 -27.71 -38.34
CA LEU A 510 6.96 -26.88 -39.16
C LEU A 510 8.24 -26.54 -38.40
N PHE A 511 8.11 -26.17 -37.12
CA PHE A 511 9.30 -25.86 -36.33
C PHE A 511 10.22 -27.08 -36.24
N TRP A 512 9.66 -28.24 -35.89
CA TRP A 512 10.45 -29.47 -35.79
C TRP A 512 11.22 -29.75 -37.08
N LEU A 513 10.52 -29.68 -38.22
CA LEU A 513 11.14 -30.03 -39.50
C LEU A 513 12.19 -29.03 -39.94
N SER A 514 12.21 -27.84 -39.36
CA SER A 514 13.15 -26.80 -39.74
C SER A 514 14.45 -26.86 -38.95
N GLN A 515 14.54 -27.72 -37.95
CA GLN A 515 15.72 -27.79 -37.09
C GLN A 515 16.74 -28.75 -37.70
N THR A 516 18.02 -28.53 -37.37
CA THR A 516 19.08 -29.45 -37.78
C THR A 516 18.90 -30.76 -37.01
N PRO A 517 19.57 -31.84 -37.43
CA PRO A 517 19.44 -33.10 -36.69
C PRO A 517 19.86 -32.98 -35.24
N PHE A 518 20.93 -32.25 -34.94
CA PHE A 518 21.34 -32.10 -33.55
C PHE A 518 20.37 -31.23 -32.75
N GLU A 519 19.77 -30.22 -33.39
CA GLU A 519 18.74 -29.45 -32.72
C GLU A 519 17.53 -30.32 -32.40
N GLN A 520 17.19 -31.24 -33.31
CA GLN A 520 16.10 -32.17 -33.06
C GLN A 520 16.40 -33.06 -31.88
N SER A 521 17.63 -33.60 -31.81
CA SER A 521 18.03 -34.40 -30.66
C SER A 521 17.87 -33.60 -29.37
N HIS A 522 18.25 -32.32 -29.38
CA HIS A 522 18.14 -31.52 -28.16
C HIS A 522 16.70 -31.26 -27.76
N ILE A 523 15.79 -31.15 -28.75
CA ILE A 523 14.37 -31.05 -28.44
C ILE A 523 13.86 -32.34 -27.79
N VAL A 524 14.17 -33.49 -28.41
CA VAL A 524 13.82 -34.77 -27.82
C VAL A 524 14.32 -34.86 -26.39
N ASP A 525 15.56 -34.45 -26.16
CA ASP A 525 16.14 -34.53 -24.83
C ASP A 525 15.49 -33.56 -23.87
N GLY A 526 15.06 -32.38 -24.36
CA GLY A 526 14.34 -31.45 -23.51
C GLY A 526 13.02 -32.01 -23.02
N PHE A 527 12.18 -32.48 -23.95
CA PHE A 527 10.95 -33.13 -23.55
C PHE A 527 11.22 -34.31 -22.61
N SER A 528 12.22 -35.12 -22.93
CA SER A 528 12.46 -36.33 -22.15
C SER A 528 12.86 -36.00 -20.73
N PHE A 529 13.77 -35.04 -20.57
CA PHE A 529 14.20 -34.63 -19.23
C PHE A 529 13.04 -34.04 -18.44
N GLU A 530 12.29 -33.13 -19.06
CA GLU A 530 11.20 -32.47 -18.34
C GLU A 530 10.13 -33.47 -17.93
N LEU A 531 9.73 -34.35 -18.85
CA LEU A 531 8.68 -35.30 -18.51
C LEU A 531 9.16 -36.33 -17.48
N SER A 532 10.46 -36.57 -17.40
N SER A 532 10.46 -36.57 -17.40
CA SER A 532 10.99 -37.45 -16.36
CA SER A 532 11.01 -37.45 -16.37
C SER A 532 10.78 -36.89 -14.98
C SER A 532 10.82 -36.88 -14.97
N LYS A 533 10.63 -35.57 -14.85
CA LYS A 533 10.39 -34.92 -13.56
C LYS A 533 8.92 -34.82 -13.21
N VAL A 534 8.03 -35.28 -14.10
CA VAL A 534 6.60 -35.36 -13.82
C VAL A 534 6.35 -36.66 -13.08
N VAL A 535 5.81 -36.56 -11.85
CA VAL A 535 5.70 -37.72 -10.97
C VAL A 535 4.58 -38.64 -11.41
N ARG A 536 3.48 -38.08 -11.92
CA ARG A 536 2.32 -38.87 -12.32
C ARG A 536 2.51 -39.39 -13.74
N PRO A 537 2.71 -40.70 -13.93
CA PRO A 537 3.06 -41.19 -15.27
C PRO A 537 2.01 -40.91 -16.34
N TYR A 538 0.72 -40.91 -15.99
CA TYR A 538 -0.29 -40.70 -17.02
C TYR A 538 -0.12 -39.34 -17.70
N ILE A 539 0.41 -38.34 -16.99
CA ILE A 539 0.65 -37.05 -17.64
C ILE A 539 1.70 -37.19 -18.73
N ARG A 540 2.79 -37.92 -18.44
CA ARG A 540 3.81 -38.16 -19.45
C ARG A 540 3.19 -38.83 -20.68
N GLU A 541 2.34 -39.83 -20.45
CA GLU A 541 1.72 -40.56 -21.54
C GLU A 541 0.82 -39.64 -22.36
N ARG A 542 0.09 -38.74 -21.71
CA ARG A 542 -0.78 -37.84 -22.44
C ARG A 542 0.03 -36.85 -23.28
N VAL A 543 1.18 -36.39 -22.77
CA VAL A 543 2.01 -35.49 -23.57
C VAL A 543 2.58 -36.23 -24.78
N VAL A 544 3.07 -37.45 -24.57
CA VAL A 544 3.58 -38.25 -25.68
C VAL A 544 2.51 -38.42 -26.76
N ASP A 545 1.26 -38.63 -26.36
CA ASP A 545 0.18 -38.73 -27.34
C ASP A 545 0.05 -37.45 -28.15
N GLN A 546 0.19 -36.29 -27.50
CA GLN A 546 0.16 -35.03 -28.24
CA GLN A 546 0.18 -35.03 -28.23
C GLN A 546 1.33 -34.96 -29.23
N LEU A 547 2.53 -35.38 -28.81
CA LEU A 547 3.67 -35.36 -29.71
C LEU A 547 3.42 -36.23 -30.93
N ALA A 548 2.69 -37.34 -30.77
CA ALA A 548 2.38 -38.22 -31.88
C ALA A 548 1.49 -37.54 -32.92
N HIS A 549 0.77 -36.48 -32.54
CA HIS A 549 0.00 -35.68 -33.48
C HIS A 549 0.85 -34.65 -34.20
N ILE A 550 2.10 -34.46 -33.78
CA ILE A 550 3.00 -33.49 -34.39
C ILE A 550 3.96 -34.17 -35.34
N ASP A 551 4.73 -35.14 -34.83
CA ASP A 551 5.67 -35.88 -35.65
C ASP A 551 6.00 -37.19 -34.94
N LEU A 552 5.88 -38.28 -35.68
CA LEU A 552 6.04 -39.60 -35.06
C LEU A 552 7.50 -39.91 -34.73
N THR A 553 8.46 -39.33 -35.45
CA THR A 553 9.86 -39.52 -35.08
C THR A 553 10.14 -38.88 -33.73
N LEU A 554 9.70 -37.64 -33.54
CA LEU A 554 9.80 -36.98 -32.24
C LEU A 554 9.10 -37.79 -31.16
N ALA A 555 7.86 -38.19 -31.41
CA ALA A 555 7.09 -38.91 -30.39
C ALA A 555 7.75 -40.21 -30.01
N GLN A 556 8.22 -40.98 -31.00
CA GLN A 556 8.85 -42.26 -30.69
CA GLN A 556 8.86 -42.26 -30.71
C GLN A 556 10.13 -42.08 -29.90
N ALA A 557 10.92 -41.04 -30.22
CA ALA A 557 12.18 -40.86 -29.53
C ALA A 557 11.96 -40.44 -28.08
N VAL A 558 11.00 -39.55 -27.83
CA VAL A 558 10.66 -39.19 -26.46
C VAL A 558 10.10 -40.39 -25.71
N ALA A 559 9.19 -41.13 -26.35
CA ALA A 559 8.59 -42.30 -25.70
C ALA A 559 9.66 -43.29 -25.29
N LYS A 560 10.65 -43.53 -26.15
CA LYS A 560 11.71 -44.48 -25.83
C LYS A 560 12.46 -44.05 -24.58
N ASN A 561 12.77 -42.76 -24.46
CA ASN A 561 13.47 -42.26 -23.29
C ASN A 561 12.62 -42.33 -22.03
N LEU A 562 11.31 -42.45 -22.17
CA LEU A 562 10.40 -42.56 -21.02
C LEU A 562 9.93 -43.98 -20.77
N GLY A 563 10.42 -44.95 -21.54
CA GLY A 563 9.96 -46.32 -21.36
C GLY A 563 8.52 -46.52 -21.75
N ILE A 564 8.01 -45.72 -22.68
CA ILE A 564 6.63 -45.80 -23.16
C ILE A 564 6.65 -46.38 -24.57
N GLU A 565 5.73 -47.30 -24.85
CA GLU A 565 5.56 -47.88 -26.19
C GLU A 565 4.34 -47.24 -26.84
N LEU A 566 4.53 -46.67 -28.03
CA LEU A 566 3.39 -46.12 -28.76
C LEU A 566 2.47 -47.25 -29.23
N THR A 567 1.17 -47.01 -29.20
CA THR A 567 0.22 -47.99 -29.70
C THR A 567 0.20 -47.96 -31.23
N ASP A 568 -0.38 -49.01 -31.81
CA ASP A 568 -0.57 -49.03 -33.25
C ASP A 568 -1.40 -47.83 -33.70
N ASP A 569 -2.44 -47.49 -32.93
CA ASP A 569 -3.24 -46.31 -33.26
C ASP A 569 -2.40 -45.05 -33.26
N GLN A 570 -1.51 -44.90 -32.28
CA GLN A 570 -0.67 -43.71 -32.25
C GLN A 570 0.27 -43.68 -33.44
N LEU A 571 0.80 -44.83 -33.84
CA LEU A 571 1.67 -44.90 -35.00
C LEU A 571 0.95 -44.58 -36.30
N ASN A 572 -0.38 -44.57 -36.30
CA ASN A 572 -1.15 -44.31 -37.51
C ASN A 572 -1.78 -42.93 -37.53
N ILE A 573 -1.43 -42.05 -36.59
CA ILE A 573 -1.98 -40.70 -36.60
C ILE A 573 -1.45 -39.95 -37.81
N THR A 574 -2.35 -39.40 -38.60
CA THR A 574 -1.95 -38.64 -39.79
C THR A 574 -1.27 -37.34 -39.36
N PRO A 575 -0.10 -37.02 -39.90
CA PRO A 575 0.56 -35.77 -39.58
C PRO A 575 -0.27 -34.57 -40.00
N PRO A 576 -0.10 -33.44 -39.35
CA PRO A 576 -0.84 -32.23 -39.75
C PRO A 576 -0.32 -31.72 -41.08
N PRO A 577 -1.11 -30.91 -41.78
CA PRO A 577 -0.67 -30.40 -43.08
C PRO A 577 0.50 -29.43 -42.96
N ASP A 578 1.23 -29.29 -44.06
CA ASP A 578 2.23 -28.25 -44.18
C ASP A 578 1.60 -26.88 -44.00
N VAL A 579 2.42 -25.90 -43.64
CA VAL A 579 1.95 -24.53 -43.45
C VAL A 579 2.13 -23.81 -44.79
N ASN A 580 1.01 -23.61 -45.50
CA ASN A 580 1.03 -22.94 -46.80
C ASN A 580 2.10 -23.55 -47.73
N GLY A 581 2.13 -24.88 -47.75
CA GLY A 581 3.03 -25.61 -48.63
C GLY A 581 4.45 -25.75 -48.17
N LEU A 582 4.82 -25.16 -47.01
CA LEU A 582 6.21 -25.23 -46.55
C LEU A 582 6.46 -26.54 -45.82
N LYS A 583 7.55 -27.21 -46.19
CA LYS A 583 8.03 -28.37 -45.44
C LYS A 583 9.15 -28.02 -44.49
N LYS A 584 9.62 -26.77 -44.50
CA LYS A 584 10.61 -26.28 -43.56
C LYS A 584 10.81 -24.80 -43.81
N ASP A 585 11.32 -24.11 -42.81
CA ASP A 585 11.75 -22.73 -42.96
C ASP A 585 13.03 -22.58 -42.15
N PRO A 586 14.19 -22.50 -42.80
CA PRO A 586 15.46 -22.49 -42.05
C PRO A 586 15.65 -21.32 -41.11
N SER A 587 14.88 -20.23 -41.27
CA SER A 587 14.96 -19.12 -40.33
C SER A 587 14.51 -19.51 -38.93
N LEU A 588 13.83 -20.65 -38.77
CA LEU A 588 13.38 -21.11 -37.47
C LEU A 588 14.48 -21.85 -36.72
N SER A 589 15.58 -22.19 -37.36
CA SER A 589 16.69 -22.88 -36.72
C SER A 589 17.69 -21.88 -36.16
N LEU A 590 18.30 -22.23 -35.02
CA LEU A 590 19.38 -21.39 -34.49
C LEU A 590 20.62 -21.45 -35.38
N TYR A 591 20.87 -22.59 -36.01
CA TYR A 591 22.18 -22.90 -36.54
C TYR A 591 22.21 -23.28 -38.01
N ALA A 592 21.07 -23.55 -38.64
CA ALA A 592 21.08 -24.04 -40.03
C ALA A 592 21.78 -23.06 -40.97
N ILE A 593 21.56 -21.77 -40.77
CA ILE A 593 22.19 -20.73 -41.57
C ILE A 593 23.20 -20.03 -40.66
N PRO A 594 24.50 -20.14 -40.92
CA PRO A 594 25.48 -19.55 -40.00
C PRO A 594 25.34 -18.04 -39.93
N ASP A 595 25.40 -17.54 -38.69
CA ASP A 595 25.32 -16.10 -38.45
C ASP A 595 26.18 -15.68 -37.27
N GLY A 596 27.05 -16.56 -36.77
CA GLY A 596 27.78 -16.24 -35.55
C GLY A 596 28.95 -15.29 -35.80
N ASP A 597 29.15 -14.39 -34.83
CA ASP A 597 30.30 -13.51 -34.78
C ASP A 597 30.94 -13.69 -33.41
N VAL A 598 32.27 -13.74 -33.37
CA VAL A 598 32.94 -14.11 -32.13
C VAL A 598 33.15 -12.95 -31.17
N LYS A 599 32.93 -11.70 -31.59
CA LYS A 599 33.20 -10.58 -30.71
C LYS A 599 32.37 -10.68 -29.43
N GLY A 600 33.05 -10.55 -28.28
CA GLY A 600 32.39 -10.63 -27.00
C GLY A 600 32.37 -12.00 -26.36
N ARG A 601 32.76 -13.04 -27.10
CA ARG A 601 32.93 -14.36 -26.50
C ARG A 601 34.20 -14.34 -25.62
N VAL A 602 34.44 -15.45 -24.92
CA VAL A 602 35.52 -15.51 -23.95
C VAL A 602 36.15 -16.90 -23.99
N VAL A 603 37.47 -16.95 -23.76
CA VAL A 603 38.24 -18.18 -23.80
C VAL A 603 38.94 -18.35 -22.46
N ALA A 604 38.87 -19.55 -21.91
CA ALA A 604 39.68 -19.89 -20.74
C ALA A 604 41.07 -20.30 -21.22
N ILE A 605 42.09 -19.75 -20.58
CA ILE A 605 43.48 -20.13 -20.86
C ILE A 605 44.01 -20.81 -19.61
N LEU A 606 44.35 -22.09 -19.72
CA LEU A 606 44.79 -22.85 -18.56
C LEU A 606 46.30 -22.70 -18.42
N LEU A 607 46.73 -22.00 -17.38
CA LEU A 607 48.14 -21.68 -17.19
C LEU A 607 48.86 -22.81 -16.45
N ASN A 608 50.18 -22.78 -16.53
CA ASN A 608 51.05 -23.61 -15.70
C ASN A 608 52.12 -22.69 -15.09
N ASP A 609 52.97 -23.24 -14.23
CA ASP A 609 53.90 -22.38 -13.52
C ASP A 609 55.11 -21.93 -14.35
N GLU A 610 55.23 -22.34 -15.62
CA GLU A 610 56.28 -21.80 -16.47
C GLU A 610 55.79 -21.78 -17.93
N VAL A 611 54.81 -20.93 -18.19
CA VAL A 611 54.16 -20.90 -19.50
C VAL A 611 55.17 -20.50 -20.57
N ARG A 612 55.03 -21.11 -21.75
CA ARG A 612 55.81 -20.66 -22.91
C ARG A 612 55.24 -19.33 -23.39
N SER A 613 55.97 -18.25 -23.12
CA SER A 613 55.44 -16.91 -23.35
C SER A 613 55.12 -16.66 -24.82
N ALA A 614 55.88 -17.27 -25.74
CA ALA A 614 55.61 -17.06 -27.16
C ALA A 614 54.23 -17.59 -27.55
N ASP A 615 53.83 -18.73 -26.97
CA ASP A 615 52.48 -19.22 -27.17
C ASP A 615 51.46 -18.20 -26.66
N LEU A 616 51.64 -17.72 -25.44
CA LEU A 616 50.64 -16.86 -24.83
C LEU A 616 50.51 -15.53 -25.57
N LEU A 617 51.63 -14.99 -26.07
CA LEU A 617 51.56 -13.76 -26.85
C LEU A 617 50.73 -13.95 -28.10
N ALA A 618 50.96 -15.05 -28.83
CA ALA A 618 50.22 -15.31 -30.05
C ALA A 618 48.75 -15.52 -29.75
N ILE A 619 48.45 -16.22 -28.66
CA ILE A 619 47.07 -16.49 -28.29
C ILE A 619 46.34 -15.20 -27.93
N LEU A 620 46.91 -14.43 -26.98
CA LEU A 620 46.20 -13.27 -26.47
C LEU A 620 46.01 -12.21 -27.55
N LYS A 621 47.01 -12.00 -28.39
CA LYS A 621 46.89 -10.95 -29.40
C LYS A 621 45.90 -11.35 -30.49
N ALA A 622 45.82 -12.64 -30.83
CA ALA A 622 44.84 -13.07 -31.82
C ALA A 622 43.42 -12.90 -31.29
N LEU A 623 43.19 -13.26 -30.02
CA LEU A 623 41.88 -13.08 -29.42
C LEU A 623 41.51 -11.59 -29.39
N LYS A 624 42.45 -10.75 -28.93
CA LYS A 624 42.19 -9.32 -28.84
C LYS A 624 41.82 -8.73 -30.19
N ALA A 625 42.48 -9.18 -31.26
CA ALA A 625 42.21 -8.64 -32.59
C ALA A 625 40.79 -8.93 -33.06
N LYS A 626 40.16 -9.99 -32.54
CA LYS A 626 38.79 -10.32 -32.91
C LYS A 626 37.79 -9.96 -31.82
N GLY A 627 38.23 -9.25 -30.78
CA GLY A 627 37.30 -8.86 -29.72
C GLY A 627 36.90 -9.98 -28.81
N VAL A 628 37.67 -11.06 -28.77
CA VAL A 628 37.40 -12.21 -27.90
C VAL A 628 38.21 -12.03 -26.62
N HIS A 629 37.54 -12.17 -25.48
CA HIS A 629 38.18 -11.99 -24.19
C HIS A 629 38.85 -13.28 -23.73
N ALA A 630 39.73 -13.16 -22.75
CA ALA A 630 40.44 -14.30 -22.20
C ALA A 630 40.42 -14.21 -20.69
N LYS A 631 40.40 -15.39 -20.07
CA LYS A 631 40.49 -15.54 -18.62
C LYS A 631 41.68 -16.45 -18.34
N LEU A 632 42.70 -15.90 -17.66
CA LEU A 632 43.87 -16.69 -17.30
C LEU A 632 43.59 -17.45 -16.00
N LEU A 633 43.60 -18.78 -16.07
CA LEU A 633 43.20 -19.61 -14.94
C LEU A 633 44.38 -20.42 -14.41
N TYR A 634 44.36 -20.69 -13.11
CA TYR A 634 45.40 -21.49 -12.48
C TYR A 634 44.81 -22.25 -11.30
N SER A 635 45.65 -22.94 -10.53
CA SER A 635 45.21 -23.73 -9.39
C SER A 635 45.11 -22.90 -8.11
N ARG A 636 45.60 -21.67 -8.13
CA ARG A 636 45.53 -20.73 -7.03
C ARG A 636 45.45 -19.34 -7.65
N MET A 637 45.20 -18.33 -6.81
CA MET A 637 45.23 -16.95 -7.26
C MET A 637 46.65 -16.40 -7.15
N GLY A 638 46.82 -15.13 -7.54
CA GLY A 638 48.11 -14.48 -7.50
C GLY A 638 48.72 -14.33 -8.87
N GLU A 639 49.97 -14.75 -9.01
CA GLU A 639 50.70 -14.63 -10.27
C GLU A 639 51.49 -15.90 -10.51
N VAL A 640 51.80 -16.15 -11.78
CA VAL A 640 52.85 -17.09 -12.17
C VAL A 640 53.79 -16.35 -13.10
N THR A 641 54.99 -16.89 -13.26
CA THR A 641 56.02 -16.28 -14.11
C THR A 641 56.28 -17.18 -15.31
N ALA A 642 56.24 -16.59 -16.50
CA ALA A 642 56.45 -17.34 -17.73
C ALA A 642 57.94 -17.67 -17.93
N ASP A 643 58.22 -18.43 -18.99
CA ASP A 643 59.58 -18.87 -19.26
C ASP A 643 60.54 -17.70 -19.44
N ASP A 644 60.05 -16.55 -19.89
CA ASP A 644 60.92 -15.40 -20.16
C ASP A 644 60.87 -14.37 -19.05
N GLY A 645 60.26 -14.69 -17.91
CA GLY A 645 60.15 -13.76 -16.80
C GLY A 645 58.90 -12.91 -16.77
N THR A 646 58.05 -12.99 -17.79
CA THR A 646 56.80 -12.23 -17.77
C THR A 646 55.94 -12.68 -16.61
N VAL A 647 55.49 -11.71 -15.81
CA VAL A 647 54.60 -11.99 -14.68
C VAL A 647 53.17 -12.01 -15.18
N LEU A 648 52.48 -13.14 -14.96
CA LEU A 648 51.13 -13.34 -15.48
C LEU A 648 50.13 -13.29 -14.35
N PRO A 649 49.20 -12.32 -14.36
CA PRO A 649 48.19 -12.27 -13.29
C PRO A 649 47.08 -13.29 -13.52
N ILE A 650 46.68 -13.95 -12.44
CA ILE A 650 45.68 -15.00 -12.53
C ILE A 650 44.30 -14.39 -12.27
N ALA A 651 43.35 -14.68 -13.17
CA ALA A 651 42.00 -14.13 -13.03
C ALA A 651 41.15 -14.97 -12.08
N ALA A 652 41.32 -16.29 -12.10
CA ALA A 652 40.46 -17.17 -11.31
C ALA A 652 41.12 -18.54 -11.26
N THR A 653 40.64 -19.37 -10.34
CA THR A 653 41.06 -20.76 -10.31
C THR A 653 40.23 -21.59 -11.30
N PHE A 654 40.73 -22.80 -11.59
CA PHE A 654 39.98 -23.71 -12.46
C PHE A 654 38.57 -23.92 -11.93
N ALA A 655 38.43 -24.13 -10.62
CA ALA A 655 37.11 -24.34 -10.02
C ALA A 655 36.33 -23.04 -9.91
N GLY A 656 37.01 -21.91 -9.77
CA GLY A 656 36.32 -20.64 -9.57
C GLY A 656 35.67 -20.09 -10.81
N ALA A 657 36.20 -20.40 -11.99
CA ALA A 657 35.64 -19.96 -13.26
C ALA A 657 35.53 -21.17 -14.18
N PRO A 658 34.55 -22.04 -13.93
CA PRO A 658 34.47 -23.32 -14.67
C PRO A 658 34.27 -23.11 -16.16
N SER A 659 34.49 -24.19 -16.91
CA SER A 659 34.36 -24.13 -18.36
C SER A 659 32.97 -23.70 -18.81
N LEU A 660 31.95 -23.92 -17.96
CA LEU A 660 30.60 -23.46 -18.28
C LEU A 660 30.56 -21.99 -18.66
N THR A 661 31.48 -21.19 -18.11
CA THR A 661 31.44 -19.75 -18.25
C THR A 661 32.23 -19.25 -19.45
N VAL A 662 32.83 -20.13 -20.24
CA VAL A 662 33.61 -19.73 -21.42
C VAL A 662 33.08 -20.45 -22.66
N ASP A 663 33.56 -19.97 -23.82
CA ASP A 663 33.16 -20.48 -25.12
C ASP A 663 34.16 -21.47 -25.71
N ALA A 664 35.39 -21.51 -25.18
CA ALA A 664 36.46 -22.36 -25.70
C ALA A 664 37.56 -22.38 -24.65
N VAL A 665 38.45 -23.35 -24.79
CA VAL A 665 39.56 -23.53 -23.85
C VAL A 665 40.85 -23.68 -24.64
N ILE A 666 41.88 -22.94 -24.23
CA ILE A 666 43.20 -23.03 -24.85
C ILE A 666 44.21 -23.38 -23.78
N VAL A 667 45.08 -24.34 -24.07
CA VAL A 667 46.15 -24.70 -23.13
C VAL A 667 47.49 -24.46 -23.82
N PRO A 668 48.24 -23.43 -23.40
CA PRO A 668 49.56 -23.20 -23.98
C PRO A 668 50.57 -24.20 -23.41
N CYS A 669 51.73 -24.28 -24.07
CA CYS A 669 52.79 -25.14 -23.60
C CYS A 669 53.51 -24.51 -22.40
N GLY A 670 54.53 -25.20 -21.91
CA GLY A 670 55.25 -24.78 -20.73
C GLY A 670 55.57 -25.98 -19.87
N ASN A 671 55.47 -25.82 -18.56
CA ASN A 671 55.68 -26.95 -17.64
C ASN A 671 54.35 -27.65 -17.43
N ILE A 672 53.95 -28.44 -18.44
CA ILE A 672 52.66 -29.11 -18.38
C ILE A 672 52.57 -30.08 -17.20
N ALA A 673 53.71 -30.64 -16.77
CA ALA A 673 53.69 -31.54 -15.61
C ALA A 673 53.09 -30.86 -14.38
N ASP A 674 53.15 -29.53 -14.31
CA ASP A 674 52.58 -28.80 -13.18
C ASP A 674 51.08 -29.04 -13.05
N ILE A 675 50.36 -29.18 -14.16
CA ILE A 675 48.91 -29.33 -14.16
C ILE A 675 48.44 -30.66 -14.71
N ALA A 676 49.35 -31.51 -15.21
CA ALA A 676 48.94 -32.74 -15.88
C ALA A 676 48.13 -33.67 -14.99
N ASP A 677 48.41 -33.70 -13.69
CA ASP A 677 47.70 -34.57 -12.75
C ASP A 677 46.74 -33.79 -11.86
N ASN A 678 46.45 -32.53 -12.21
CA ASN A 678 45.50 -31.72 -11.47
C ASN A 678 44.09 -32.14 -11.86
N GLY A 679 43.31 -32.62 -10.89
CA GLY A 679 41.96 -33.09 -11.21
C GLY A 679 41.08 -32.00 -11.80
N ASP A 680 41.15 -30.79 -11.24
CA ASP A 680 40.32 -29.69 -11.74
C ASP A 680 40.67 -29.31 -13.17
N ALA A 681 41.98 -29.29 -13.50
CA ALA A 681 42.39 -28.94 -14.85
C ALA A 681 41.94 -29.99 -15.86
N ASN A 682 42.10 -31.27 -15.52
CA ASN A 682 41.62 -32.33 -16.39
C ASN A 682 40.11 -32.26 -16.55
N TYR A 683 39.38 -32.08 -15.44
CA TYR A 683 37.92 -32.01 -15.53
C TYR A 683 37.48 -30.80 -16.33
N TYR A 684 38.23 -29.69 -16.24
CA TYR A 684 37.91 -28.50 -17.03
C TYR A 684 37.78 -28.86 -18.50
N LEU A 685 38.74 -29.66 -18.99
CA LEU A 685 38.72 -30.06 -20.39
C LEU A 685 37.61 -31.07 -20.67
N MET A 686 37.36 -31.98 -19.73
CA MET A 686 36.29 -32.95 -19.93
CA MET A 686 36.28 -32.96 -19.91
C MET A 686 34.93 -32.28 -20.02
N GLU A 687 34.68 -31.30 -19.14
CA GLU A 687 33.41 -30.58 -19.16
C GLU A 687 33.25 -29.79 -20.44
N ALA A 688 34.29 -29.05 -20.84
CA ALA A 688 34.24 -28.30 -22.09
C ALA A 688 34.05 -29.24 -23.28
N TYR A 689 34.71 -30.39 -23.26
CA TYR A 689 34.57 -31.36 -24.33
C TYR A 689 33.14 -31.86 -24.42
N LYS A 690 32.58 -32.26 -23.27
CA LYS A 690 31.21 -32.76 -23.24
C LYS A 690 30.23 -31.74 -23.79
N HIS A 691 30.44 -30.46 -23.49
CA HIS A 691 29.55 -29.39 -23.91
C HIS A 691 29.89 -28.86 -25.30
N LEU A 692 30.70 -29.59 -26.06
CA LEU A 692 30.90 -29.35 -27.48
C LEU A 692 31.72 -28.09 -27.75
N LYS A 693 32.49 -27.63 -26.79
CA LYS A 693 33.25 -26.40 -27.01
C LYS A 693 34.58 -26.68 -27.69
N PRO A 694 35.05 -25.76 -28.53
CA PRO A 694 36.37 -25.89 -29.11
C PRO A 694 37.45 -25.92 -28.04
N ILE A 695 38.46 -26.76 -28.26
CA ILE A 695 39.62 -26.87 -27.37
C ILE A 695 40.87 -26.81 -28.22
N ALA A 696 41.88 -26.06 -27.77
CA ALA A 696 43.13 -25.92 -28.51
C ALA A 696 44.30 -26.22 -27.58
N LEU A 697 45.21 -27.08 -28.04
CA LEU A 697 46.31 -27.59 -27.22
C LEU A 697 47.61 -27.39 -27.98
N ALA A 698 48.54 -26.63 -27.39
CA ALA A 698 49.82 -26.35 -28.02
C ALA A 698 50.94 -27.11 -27.32
N GLY A 699 51.86 -27.68 -28.11
CA GLY A 699 53.05 -28.29 -27.55
C GLY A 699 52.72 -29.47 -26.64
N ASP A 700 53.35 -29.47 -25.45
CA ASP A 700 53.11 -30.55 -24.51
C ASP A 700 51.69 -30.57 -23.95
N ALA A 701 50.92 -29.50 -24.14
CA ALA A 701 49.50 -29.54 -23.75
C ALA A 701 48.73 -30.61 -24.50
N ARG A 702 49.24 -31.08 -25.65
CA ARG A 702 48.60 -32.18 -26.36
C ARG A 702 48.55 -33.45 -25.53
N LYS A 703 49.33 -33.55 -24.45
CA LYS A 703 49.21 -34.70 -23.55
C LYS A 703 47.81 -34.80 -22.97
N PHE A 704 47.09 -33.68 -22.88
CA PHE A 704 45.71 -33.70 -22.39
C PHE A 704 44.75 -34.42 -23.33
N LYS A 705 45.17 -34.76 -24.55
CA LYS A 705 44.30 -35.53 -25.42
C LYS A 705 43.89 -36.86 -24.79
N ALA A 706 44.77 -37.45 -23.97
CA ALA A 706 44.42 -38.70 -23.29
C ALA A 706 43.23 -38.52 -22.38
N THR A 707 43.14 -37.36 -21.72
CA THR A 707 42.02 -37.11 -20.83
C THR A 707 40.68 -37.14 -21.58
N ILE A 708 40.63 -36.57 -22.78
CA ILE A 708 39.37 -36.48 -23.50
C ILE A 708 39.26 -37.60 -24.53
N LYS A 709 40.16 -38.58 -24.43
CA LYS A 709 40.10 -39.80 -25.23
C LYS A 709 40.18 -39.49 -26.72
N ILE A 710 41.10 -38.62 -27.12
CA ILE A 710 41.24 -38.22 -28.51
C ILE A 710 42.50 -38.85 -29.08
N ALA A 711 42.35 -39.45 -30.26
CA ALA A 711 43.41 -40.24 -30.89
C ALA A 711 44.60 -39.37 -31.28
N ASP A 712 45.72 -40.04 -31.56
CA ASP A 712 46.94 -39.33 -31.93
C ASP A 712 46.73 -38.48 -33.18
N GLN A 713 45.99 -39.01 -34.16
CA GLN A 713 45.76 -38.31 -35.39
C GLN A 713 44.89 -37.08 -35.22
N GLY A 714 44.31 -36.87 -34.03
CA GLY A 714 43.45 -35.73 -33.79
C GLY A 714 42.03 -35.96 -34.27
N GLU A 715 41.23 -34.90 -34.17
CA GLU A 715 39.84 -34.95 -34.60
C GLU A 715 39.35 -33.53 -34.81
N GLU A 716 38.32 -33.40 -35.65
CA GLU A 716 37.72 -32.10 -35.89
C GLU A 716 37.17 -31.53 -34.58
N GLY A 717 37.48 -30.27 -34.31
CA GLY A 717 37.04 -29.61 -33.10
C GLY A 717 38.11 -29.51 -32.03
N ILE A 718 39.26 -30.15 -32.22
CA ILE A 718 40.41 -30.03 -31.33
C ILE A 718 41.55 -29.47 -32.17
N VAL A 719 42.00 -28.28 -31.83
CA VAL A 719 43.12 -27.66 -32.51
C VAL A 719 44.39 -28.08 -31.79
N GLU A 720 45.40 -28.49 -32.55
CA GLU A 720 46.64 -28.92 -31.94
C GLU A 720 47.80 -28.61 -32.87
N ALA A 721 48.95 -28.31 -32.28
CA ALA A 721 50.16 -28.01 -33.04
C ALA A 721 51.33 -27.99 -32.08
N ASP A 722 52.53 -27.98 -32.64
CA ASP A 722 53.74 -27.85 -31.85
C ASP A 722 53.75 -26.53 -31.08
N SER A 723 53.20 -25.47 -31.68
CA SER A 723 53.14 -24.18 -31.00
C SER A 723 51.89 -23.44 -31.48
N ALA A 724 51.59 -22.35 -30.77
CA ALA A 724 50.39 -21.58 -31.07
C ALA A 724 50.58 -20.60 -32.23
N ASP A 725 51.65 -20.74 -33.00
CA ASP A 725 51.90 -19.85 -34.12
C ASP A 725 51.20 -20.39 -35.38
N GLY A 726 51.51 -19.80 -36.52
CA GLY A 726 50.91 -20.26 -37.77
C GLY A 726 49.40 -20.16 -37.74
N SER A 727 48.75 -21.24 -38.17
CA SER A 727 47.30 -21.28 -38.32
C SER A 727 46.56 -21.66 -37.05
N PHE A 728 47.28 -21.89 -35.95
CA PHE A 728 46.68 -22.39 -34.71
C PHE A 728 45.51 -21.51 -34.27
N MET A 729 45.74 -20.21 -34.16
CA MET A 729 44.68 -19.33 -33.64
C MET A 729 43.57 -19.13 -34.66
N ASP A 730 43.90 -19.07 -35.95
CA ASP A 730 42.86 -18.96 -36.97
C ASP A 730 41.94 -20.18 -36.95
N GLU A 731 42.50 -21.38 -36.76
CA GLU A 731 41.67 -22.57 -36.68
C GLU A 731 40.75 -22.51 -35.49
N LEU A 732 41.27 -22.09 -34.33
CA LEU A 732 40.43 -22.00 -33.14
C LEU A 732 39.32 -20.97 -33.33
N LEU A 733 39.66 -19.80 -33.89
CA LEU A 733 38.65 -18.77 -34.09
C LEU A 733 37.59 -19.21 -35.10
N THR A 734 37.97 -20.01 -36.10
CA THR A 734 36.98 -20.56 -37.01
C THR A 734 36.02 -21.47 -36.27
N LEU A 735 36.54 -22.35 -35.41
CA LEU A 735 35.66 -23.17 -34.56
C LEU A 735 34.74 -22.30 -33.73
N MET A 736 35.26 -21.21 -33.16
CA MET A 736 34.43 -20.37 -32.30
C MET A 736 33.33 -19.70 -33.10
N ALA A 737 33.59 -19.33 -34.36
CA ALA A 737 32.57 -18.72 -35.20
C ALA A 737 31.40 -19.68 -35.46
N ALA A 738 31.67 -20.99 -35.45
CA ALA A 738 30.64 -22.00 -35.58
C ALA A 738 30.00 -22.37 -34.25
N HIS A 739 30.44 -21.75 -33.15
CA HIS A 739 29.81 -21.86 -31.83
C HIS A 739 30.16 -23.15 -31.08
N ARG A 740 29.70 -24.30 -31.59
CA ARG A 740 29.97 -25.58 -30.93
C ARG A 740 30.31 -26.63 -31.98
N VAL A 741 30.91 -27.72 -31.52
CA VAL A 741 31.38 -28.79 -32.39
C VAL A 741 30.32 -29.89 -32.41
N TRP A 742 29.30 -29.71 -33.24
CA TRP A 742 28.17 -30.62 -33.22
C TRP A 742 28.56 -32.04 -33.62
N SER A 743 29.58 -32.18 -34.46
CA SER A 743 30.03 -33.50 -34.89
C SER A 743 30.54 -34.35 -33.74
N ARG A 744 30.84 -33.74 -32.60
CA ARG A 744 31.37 -34.46 -31.45
C ARG A 744 30.29 -35.17 -30.66
N ILE A 745 29.01 -34.89 -30.92
CA ILE A 745 27.93 -35.44 -30.10
C ILE A 745 27.99 -36.96 -29.94
N PRO A 746 28.17 -37.76 -30.99
CA PRO A 746 28.27 -39.22 -30.79
C PRO A 746 29.40 -39.63 -29.87
N LYS A 747 30.44 -38.82 -29.75
CA LYS A 747 31.60 -39.17 -28.93
C LYS A 747 31.39 -38.85 -27.45
N ILE A 748 30.55 -37.85 -27.14
N ILE A 748 30.55 -37.85 -27.14
CA ILE A 748 30.34 -37.47 -25.75
CA ILE A 748 30.35 -37.46 -25.75
C ILE A 748 29.34 -38.36 -25.05
C ILE A 748 29.18 -38.19 -25.09
N ASP A 749 28.50 -39.08 -25.81
CA ASP A 749 27.37 -39.80 -25.24
C ASP A 749 27.79 -40.86 -24.22
N LYS A 750 29.08 -41.17 -24.12
CA LYS A 750 29.59 -42.07 -23.09
C LYS A 750 30.76 -41.48 -22.32
N ILE A 751 30.92 -40.17 -22.30
CA ILE A 751 31.99 -39.55 -21.52
C ILE A 751 31.56 -39.50 -20.06
N PRO A 752 32.44 -39.87 -19.12
CA PRO A 752 32.09 -39.75 -17.68
C PRO A 752 32.41 -38.35 -17.16
N ALA A 753 31.49 -37.42 -17.43
CA ALA A 753 31.68 -36.03 -17.03
C ALA A 753 30.33 -35.35 -16.89
N ASP B 27 -12.88 -2.50 41.12
CA ASP B 27 -12.34 -2.14 39.80
C ASP B 27 -13.44 -1.66 38.87
N SER B 28 -14.65 -1.52 39.41
CA SER B 28 -15.81 -1.16 38.62
C SER B 28 -15.92 0.35 38.50
N LEU B 29 -15.94 0.86 37.27
CA LEU B 29 -16.16 2.28 37.02
C LEU B 29 -17.57 2.59 36.58
N ALA B 30 -18.35 1.58 36.20
CA ALA B 30 -19.74 1.81 35.86
C ALA B 30 -20.54 2.28 37.08
N PRO B 31 -21.57 3.09 36.87
CA PRO B 31 -22.43 3.48 38.00
C PRO B 31 -23.17 2.28 38.55
N GLU B 32 -23.36 2.29 39.87
CA GLU B 32 -24.01 1.15 40.52
C GLU B 32 -25.44 0.95 40.04
N ASP B 33 -26.10 2.02 39.58
CA ASP B 33 -27.48 1.87 39.12
C ASP B 33 -27.60 1.30 37.71
N GLY B 34 -26.47 1.00 37.04
CA GLY B 34 -26.51 0.43 35.71
C GLY B 34 -26.95 1.37 34.61
N SER B 35 -26.99 2.68 34.86
CA SER B 35 -27.48 3.65 33.88
C SER B 35 -26.50 3.90 32.74
N HIS B 36 -25.37 3.21 32.72
CA HIS B 36 -24.45 3.28 31.59
C HIS B 36 -24.88 2.43 30.42
N SER B 37 -25.76 1.43 30.65
CA SER B 37 -26.06 0.42 29.65
C SER B 37 -27.39 0.71 28.99
N PRO B 38 -27.46 0.87 27.67
CA PRO B 38 -28.76 1.08 27.03
C PRO B 38 -29.60 -0.19 27.04
N ALA B 39 -30.91 0.01 27.19
CA ALA B 39 -31.82 -1.12 27.15
C ALA B 39 -31.77 -1.79 25.78
N ALA B 40 -31.70 -3.12 25.78
CA ALA B 40 -31.64 -3.92 24.56
C ALA B 40 -33.06 -4.22 24.06
N GLU B 41 -33.76 -3.14 23.76
CA GLU B 41 -35.13 -3.20 23.27
C GLU B 41 -35.41 -1.91 22.51
N PRO B 42 -36.41 -1.89 21.64
CA PRO B 42 -36.68 -0.66 20.87
C PRO B 42 -37.06 0.49 21.78
N THR B 43 -36.40 1.64 21.57
CA THR B 43 -36.64 2.84 22.35
C THR B 43 -36.58 4.06 21.44
N PRO B 44 -37.32 5.11 21.76
CA PRO B 44 -37.42 6.27 20.85
C PRO B 44 -36.14 7.09 20.89
N PRO B 45 -35.93 7.95 19.89
CA PRO B 45 -34.69 8.75 19.84
C PRO B 45 -34.47 9.53 21.12
N GLY B 46 -33.24 9.44 21.63
CA GLY B 46 -32.84 10.17 22.82
C GLY B 46 -33.22 9.53 24.14
N ALA B 47 -34.00 8.46 24.14
CA ALA B 47 -34.40 7.83 25.40
C ALA B 47 -33.26 7.05 26.05
N GLN B 48 -32.33 6.55 25.26
CA GLN B 48 -31.21 5.75 25.74
C GLN B 48 -29.99 6.13 24.93
N PRO B 49 -28.79 5.86 25.44
CA PRO B 49 -27.60 6.00 24.59
C PRO B 49 -27.67 5.00 23.44
N THR B 50 -27.19 5.42 22.27
CA THR B 50 -27.14 4.51 21.13
C THR B 50 -26.01 3.49 21.33
N ALA B 51 -26.09 2.39 20.59
CA ALA B 51 -25.23 1.25 20.87
C ALA B 51 -24.96 0.46 19.59
N PRO B 52 -23.89 -0.35 19.58
CA PRO B 52 -23.69 -1.32 18.49
C PRO B 52 -24.93 -2.18 18.28
N GLY B 53 -25.22 -2.48 17.01
CA GLY B 53 -26.47 -3.16 16.67
C GLY B 53 -26.67 -4.49 17.36
N SER B 54 -25.61 -5.30 17.49
N SER B 54 -25.61 -5.30 17.46
CA SER B 54 -25.80 -6.62 18.08
CA SER B 54 -25.77 -6.61 18.10
C SER B 54 -25.98 -6.57 19.59
C SER B 54 -26.16 -6.47 19.55
N LEU B 55 -25.68 -5.43 20.23
CA LEU B 55 -26.00 -5.24 21.64
C LEU B 55 -27.36 -4.58 21.82
N LYS B 56 -27.74 -3.67 20.91
CA LYS B 56 -29.03 -3.00 21.04
C LYS B 56 -30.17 -3.93 20.68
N ALA B 57 -29.99 -4.74 19.64
CA ALA B 57 -31.04 -5.59 19.09
C ALA B 57 -30.52 -7.00 18.86
N PRO B 58 -30.15 -7.70 19.94
CA PRO B 58 -29.55 -9.04 19.78
C PRO B 58 -30.47 -10.05 19.12
N ASP B 59 -31.78 -9.85 19.20
CA ASP B 59 -32.70 -10.83 18.64
C ASP B 59 -32.96 -10.64 17.15
N THR B 60 -32.52 -9.53 16.56
CA THR B 60 -32.68 -9.33 15.13
C THR B 60 -31.60 -10.12 14.40
N ARG B 61 -31.99 -10.87 13.38
CA ARG B 61 -31.04 -11.72 12.68
C ARG B 61 -31.40 -11.80 11.20
N ASN B 62 -30.38 -12.14 10.41
CA ASN B 62 -30.55 -12.61 9.03
C ASN B 62 -29.33 -13.45 8.70
N GLU B 63 -29.35 -14.07 7.51
CA GLU B 63 -28.28 -14.98 7.13
C GLU B 63 -26.92 -14.28 7.12
N LYS B 64 -26.87 -13.04 6.63
CA LYS B 64 -25.60 -12.31 6.59
C LYS B 64 -25.13 -11.95 7.99
N LEU B 65 -26.04 -11.38 8.81
CA LEU B 65 -25.67 -11.06 10.17
C LEU B 65 -25.16 -12.30 10.92
N ASN B 66 -25.82 -13.45 10.71
CA ASN B 66 -25.37 -14.67 11.37
C ASN B 66 -23.98 -15.06 10.89
N SER B 67 -23.69 -14.87 9.60
CA SER B 67 -22.41 -15.28 9.04
C SER B 67 -21.26 -14.40 9.53
N LEU B 68 -21.54 -13.24 10.11
CA LEU B 68 -20.52 -12.35 10.64
C LEU B 68 -20.13 -12.71 12.07
N GLU B 69 -20.80 -13.68 12.68
CA GLU B 69 -20.53 -13.98 14.09
C GLU B 69 -19.10 -14.43 14.31
N ASP B 70 -18.51 -15.11 13.32
CA ASP B 70 -17.14 -15.63 13.43
C ASP B 70 -16.11 -14.53 13.63
N VAL B 71 -16.40 -13.30 13.21
CA VAL B 71 -15.47 -12.19 13.36
C VAL B 71 -15.89 -11.18 14.41
N ARG B 72 -17.08 -11.31 15.00
CA ARG B 72 -17.45 -10.40 16.08
C ARG B 72 -16.59 -10.67 17.30
N LYS B 73 -16.14 -9.59 17.94
CA LYS B 73 -15.32 -9.68 19.15
C LYS B 73 -16.06 -9.02 20.30
N GLY B 74 -16.16 -9.72 21.41
CA GLY B 74 -16.72 -9.18 22.64
C GLY B 74 -15.69 -8.43 23.44
N SER B 75 -15.95 -8.31 24.75
CA SER B 75 -15.09 -7.50 25.59
C SER B 75 -15.32 -7.74 27.08
N GLU B 76 -16.58 -7.88 27.47
CA GLU B 76 -16.90 -8.02 28.88
C GLU B 76 -16.21 -9.23 29.47
N ASN B 77 -15.61 -9.05 30.64
CA ASN B 77 -14.97 -10.11 31.42
C ASN B 77 -13.67 -10.63 30.81
N TYR B 78 -13.14 -9.96 29.78
CA TYR B 78 -11.88 -10.37 29.16
C TYR B 78 -10.73 -9.49 29.64
N ALA B 79 -9.54 -10.09 29.69
CA ALA B 79 -8.33 -9.33 29.98
C ALA B 79 -7.91 -8.48 28.80
N LEU B 80 -7.34 -7.32 29.10
CA LEU B 80 -6.75 -6.45 28.09
C LEU B 80 -5.41 -7.03 27.65
N THR B 81 -5.22 -7.19 26.34
CA THR B 81 -4.03 -7.85 25.83
C THR B 81 -3.42 -7.08 24.67
N THR B 82 -2.20 -7.46 24.32
CA THR B 82 -1.66 -7.08 23.02
C THR B 82 -2.39 -7.86 21.93
N ASN B 83 -2.13 -7.50 20.68
CA ASN B 83 -2.69 -8.24 19.55
C ASN B 83 -2.13 -9.66 19.47
N GLN B 84 -1.05 -9.94 20.18
CA GLN B 84 -0.47 -11.27 20.22
C GLN B 84 -0.99 -12.09 21.40
N GLY B 85 -1.93 -11.54 22.16
CA GLY B 85 -2.55 -12.25 23.26
C GLY B 85 -1.86 -12.13 24.61
N VAL B 86 -0.91 -11.22 24.76
CA VAL B 86 -0.20 -11.07 26.03
C VAL B 86 -0.98 -10.11 26.92
N ARG B 87 -1.27 -10.54 28.14
CA ARG B 87 -2.00 -9.67 29.07
C ARG B 87 -1.17 -8.47 29.45
N ILE B 88 -1.81 -7.31 29.49
CA ILE B 88 -1.18 -6.04 29.85
C ILE B 88 -1.46 -5.74 31.32
N ALA B 89 -0.41 -5.42 32.07
CA ALA B 89 -0.55 -5.07 33.48
C ALA B 89 -0.83 -3.59 33.69
N ASP B 90 -0.13 -2.71 32.98
CA ASP B 90 -0.26 -1.26 33.17
C ASP B 90 -0.44 -0.62 31.81
N ASP B 91 -1.69 -0.29 31.48
CA ASP B 91 -2.04 0.39 30.25
C ASP B 91 -2.06 1.91 30.42
N GLN B 92 -1.40 2.43 31.47
CA GLN B 92 -1.37 3.87 31.71
C GLN B 92 -0.01 4.49 31.48
N ASN B 93 1.04 3.70 31.29
CA ASN B 93 2.40 4.24 31.29
C ASN B 93 3.29 3.53 30.29
N SER B 94 4.19 4.31 29.69
CA SER B 94 5.30 3.77 28.93
C SER B 94 6.38 3.24 29.87
N LEU B 95 7.20 2.33 29.35
CA LEU B 95 8.35 1.81 30.08
C LEU B 95 9.50 2.80 29.98
N ARG B 96 10.02 3.23 31.12
CA ARG B 96 11.08 4.23 31.14
C ARG B 96 12.17 3.82 32.13
N ALA B 97 13.36 4.40 31.97
CA ALA B 97 14.47 4.17 32.88
C ALA B 97 14.33 5.16 34.02
N GLY B 98 13.65 4.72 35.09
CA GLY B 98 13.19 5.59 36.17
C GLY B 98 11.88 6.26 35.81
N ASP B 99 11.09 6.60 36.84
CA ASP B 99 9.76 7.11 36.57
C ASP B 99 9.74 8.53 36.01
N ARG B 100 10.92 9.16 35.93
CA ARG B 100 11.09 10.44 35.25
C ARG B 100 12.13 10.33 34.13
N GLY B 101 12.31 9.13 33.60
CA GLY B 101 13.36 8.87 32.64
C GLY B 101 12.89 8.76 31.20
N PRO B 102 13.83 8.47 30.30
CA PRO B 102 13.48 8.32 28.88
C PRO B 102 12.72 7.01 28.64
N THR B 103 11.85 7.06 27.62
CA THR B 103 11.12 5.87 27.21
C THR B 103 12.06 4.91 26.49
N LEU B 104 11.89 3.63 26.77
CA LEU B 104 12.77 2.59 26.25
C LEU B 104 12.22 1.98 24.97
N LEU B 105 13.14 1.73 24.02
CA LEU B 105 12.76 1.09 22.76
C LEU B 105 12.17 -0.30 22.98
N GLU B 106 12.52 -0.96 24.09
CA GLU B 106 12.00 -2.32 24.33
C GLU B 106 10.54 -2.34 24.78
N ASP B 107 9.88 -1.20 24.88
CA ASP B 107 8.46 -1.21 25.23
C ASP B 107 7.66 -1.60 23.99
N PHE B 108 7.48 -2.92 23.82
CA PHE B 108 6.71 -3.45 22.71
C PHE B 108 5.22 -3.23 22.87
N ILE B 109 4.75 -3.06 24.11
CA ILE B 109 3.33 -2.84 24.33
C ILE B 109 2.93 -1.45 23.84
N LEU B 110 3.69 -0.43 24.23
CA LEU B 110 3.53 0.92 23.71
C LEU B 110 3.61 0.91 22.19
N ARG B 111 4.67 0.33 21.63
CA ARG B 111 4.87 0.44 20.19
C ARG B 111 3.77 -0.26 19.41
N GLU B 112 3.29 -1.41 19.87
CA GLU B 112 2.21 -2.06 19.14
C GLU B 112 0.95 -1.21 19.17
N LYS B 113 0.62 -0.65 20.33
CA LYS B 113 -0.58 0.16 20.47
C LYS B 113 -0.50 1.43 19.63
N ILE B 114 0.65 2.10 19.65
CA ILE B 114 0.82 3.32 18.85
C ILE B 114 0.90 2.99 17.37
N THR B 115 1.58 1.89 17.00
CA THR B 115 1.64 1.51 15.60
C THR B 115 0.23 1.28 15.05
N HIS B 116 -0.61 0.58 15.80
CA HIS B 116 -1.95 0.35 15.27
C HIS B 116 -2.70 1.66 15.10
N PHE B 117 -2.60 2.54 16.09
CA PHE B 117 -3.21 3.87 16.02
C PHE B 117 -2.70 4.63 14.81
N ASP B 118 -1.38 4.60 14.60
CA ASP B 118 -0.74 5.34 13.52
C ASP B 118 -1.19 4.92 12.14
N HIS B 119 -1.81 3.75 12.01
CA HIS B 119 -2.20 3.23 10.70
C HIS B 119 -3.70 2.95 10.61
N GLU B 120 -4.50 3.66 11.42
CA GLU B 120 -5.93 3.37 11.46
C GLU B 120 -6.64 3.75 10.17
N ARG B 121 -6.20 4.81 9.51
CA ARG B 121 -6.97 5.39 8.41
C ARG B 121 -6.64 4.71 7.08
N ILE B 122 -7.68 4.51 6.28
CA ILE B 122 -7.55 4.03 4.91
C ILE B 122 -8.08 5.12 3.99
N PRO B 123 -7.73 5.10 2.71
CA PRO B 123 -8.23 6.14 1.81
C PRO B 123 -9.76 6.14 1.80
N GLU B 124 -10.35 7.34 1.79
CA GLU B 124 -11.79 7.42 1.65
C GLU B 124 -12.21 7.20 0.19
N ARG B 125 -13.49 6.90 -0.03
CA ARG B 125 -13.99 6.72 -1.38
C ARG B 125 -13.76 7.98 -2.20
N ILE B 126 -13.40 7.81 -3.49
CA ILE B 126 -13.14 8.99 -4.33
C ILE B 126 -14.35 9.90 -4.37
N VAL B 127 -15.54 9.31 -4.52
CA VAL B 127 -16.82 9.99 -4.44
C VAL B 127 -17.69 9.21 -3.47
N HIS B 128 -18.71 9.87 -2.93
CA HIS B 128 -19.61 9.26 -1.96
C HIS B 128 -18.88 8.87 -0.66
N ALA B 129 -17.84 9.62 -0.31
CA ALA B 129 -17.06 9.33 0.89
C ALA B 129 -17.88 9.45 2.17
N ARG B 130 -18.92 10.31 2.17
CA ARG B 130 -19.77 10.52 3.34
C ARG B 130 -21.00 9.63 3.19
N GLY B 131 -21.13 8.62 4.08
CA GLY B 131 -22.25 7.70 3.96
C GLY B 131 -22.61 7.02 5.25
N SER B 132 -23.86 6.54 5.31
CA SER B 132 -24.43 5.92 6.50
C SER B 132 -25.16 4.64 6.09
N ALA B 133 -24.97 3.57 6.85
CA ALA B 133 -25.33 2.23 6.37
C ALA B 133 -26.08 1.43 7.43
N ALA B 134 -26.86 0.46 6.95
CA ALA B 134 -27.59 -0.43 7.84
C ALA B 134 -27.82 -1.77 7.17
N HIS B 135 -28.02 -2.79 7.99
CA HIS B 135 -28.40 -4.13 7.56
C HIS B 135 -29.92 -4.24 7.42
N GLY B 136 -30.36 -5.17 6.58
CA GLY B 136 -31.77 -5.42 6.44
C GLY B 136 -32.03 -6.65 5.59
N TYR B 137 -33.24 -6.71 5.03
CA TYR B 137 -33.60 -7.86 4.20
C TYR B 137 -34.58 -7.42 3.12
N PHE B 138 -34.58 -8.18 2.03
CA PHE B 138 -35.45 -7.98 0.89
C PHE B 138 -36.25 -9.25 0.63
N GLN B 139 -37.48 -9.09 0.15
CA GLN B 139 -38.33 -10.21 -0.18
C GLN B 139 -39.19 -9.81 -1.37
N PRO B 140 -39.24 -10.61 -2.43
CA PRO B 140 -40.10 -10.26 -3.56
C PRO B 140 -41.54 -10.62 -3.27
N TYR B 141 -42.46 -9.91 -3.92
CA TYR B 141 -43.89 -10.15 -3.71
C TYR B 141 -44.35 -11.43 -4.39
N LYS B 142 -43.72 -11.80 -5.51
CA LYS B 142 -44.06 -12.99 -6.27
C LYS B 142 -42.87 -13.34 -7.14
N SER B 143 -42.89 -14.55 -7.68
CA SER B 143 -41.81 -14.97 -8.58
C SER B 143 -41.86 -14.15 -9.86
N LEU B 144 -40.68 -13.68 -10.28
CA LEU B 144 -40.55 -12.97 -11.56
C LEU B 144 -39.93 -13.84 -12.65
N SER B 145 -40.07 -15.16 -12.55
CA SER B 145 -39.39 -16.06 -13.48
C SER B 145 -39.84 -15.86 -14.92
N ASP B 146 -41.00 -15.25 -15.16
CA ASP B 146 -41.40 -14.98 -16.54
C ASP B 146 -40.48 -13.97 -17.21
N ILE B 147 -39.82 -13.11 -16.43
CA ILE B 147 -38.99 -12.06 -16.99
C ILE B 147 -37.53 -12.13 -16.57
N THR B 148 -37.19 -12.85 -15.50
CA THR B 148 -35.79 -12.96 -15.10
C THR B 148 -35.57 -14.27 -14.38
N LYS B 149 -34.43 -14.91 -14.65
CA LYS B 149 -34.04 -16.11 -13.92
C LYS B 149 -33.23 -15.81 -12.66
N ALA B 150 -33.15 -14.53 -12.25
CA ALA B 150 -32.44 -14.17 -11.03
C ALA B 150 -33.03 -14.88 -9.82
N ASP B 151 -32.19 -15.62 -9.11
CA ASP B 151 -32.70 -16.46 -8.02
C ASP B 151 -33.36 -15.65 -6.92
N PHE B 152 -32.81 -14.47 -6.60
CA PHE B 152 -33.36 -13.70 -5.49
C PHE B 152 -34.77 -13.17 -5.80
N LEU B 153 -35.20 -13.25 -7.06
CA LEU B 153 -36.54 -12.81 -7.47
C LEU B 153 -37.44 -13.98 -7.84
N SER B 154 -37.09 -15.21 -7.43
CA SER B 154 -37.73 -16.40 -7.97
C SER B 154 -38.81 -17.01 -7.07
N ASP B 155 -38.99 -16.50 -5.85
CA ASP B 155 -39.84 -17.16 -4.86
C ASP B 155 -40.24 -16.13 -3.83
N PRO B 156 -41.54 -15.90 -3.57
CA PRO B 156 -41.92 -14.92 -2.54
C PRO B 156 -41.45 -15.28 -1.14
N ASN B 157 -41.09 -16.53 -0.89
CA ASN B 157 -40.57 -16.93 0.41
C ASN B 157 -39.07 -16.75 0.52
N LYS B 158 -38.40 -16.33 -0.55
CA LYS B 158 -36.95 -16.20 -0.52
C LYS B 158 -36.56 -14.87 0.10
N ILE B 159 -35.87 -14.92 1.24
CA ILE B 159 -35.41 -13.74 1.95
C ILE B 159 -33.95 -13.53 1.57
N THR B 160 -33.63 -12.34 1.09
CA THR B 160 -32.24 -12.00 0.78
C THR B 160 -31.75 -10.95 1.75
N PRO B 161 -30.71 -11.21 2.52
CA PRO B 161 -30.12 -10.16 3.37
C PRO B 161 -29.59 -9.06 2.48
N VAL B 162 -29.64 -7.83 3.01
CA VAL B 162 -29.06 -6.68 2.32
C VAL B 162 -28.20 -5.88 3.29
N PHE B 163 -27.27 -5.12 2.71
CA PHE B 163 -26.56 -4.06 3.41
C PHE B 163 -26.66 -2.84 2.52
N VAL B 164 -27.16 -1.74 3.07
CA VAL B 164 -27.46 -0.54 2.30
C VAL B 164 -26.64 0.61 2.84
N ARG B 165 -26.02 1.38 1.96
CA ARG B 165 -25.30 2.59 2.32
C ARG B 165 -25.88 3.76 1.53
N PHE B 166 -26.34 4.79 2.25
CA PHE B 166 -26.78 6.06 1.69
C PHE B 166 -25.64 7.04 1.83
N SER B 167 -25.56 8.01 0.91
CA SER B 167 -24.38 8.86 0.90
C SER B 167 -24.68 10.20 0.24
N THR B 168 -23.82 11.17 0.49
CA THR B 168 -23.71 12.31 -0.40
C THR B 168 -22.72 11.94 -1.51
N VAL B 169 -22.31 12.91 -2.33
CA VAL B 169 -21.40 12.67 -3.44
C VAL B 169 -20.08 13.41 -3.27
N GLN B 170 -20.15 14.73 -3.06
CA GLN B 170 -18.99 15.59 -3.20
C GLN B 170 -18.07 15.54 -1.97
N GLY B 171 -18.64 15.59 -0.77
CA GLY B 171 -17.85 15.87 0.40
C GLY B 171 -17.07 14.68 0.92
N GLY B 172 -16.07 14.98 1.76
CA GLY B 172 -15.30 13.92 2.39
C GLY B 172 -16.09 13.19 3.46
N ALA B 173 -15.45 12.15 4.00
CA ALA B 173 -16.11 11.32 5.01
C ALA B 173 -16.48 12.11 6.25
N GLY B 174 -15.79 13.22 6.51
CA GLY B 174 -16.08 14.08 7.64
C GLY B 174 -16.92 15.29 7.31
N SER B 175 -17.51 15.35 6.12
CA SER B 175 -18.36 16.46 5.74
C SER B 175 -19.78 16.27 6.29
N ALA B 176 -20.64 17.25 6.04
CA ALA B 176 -21.96 17.33 6.65
C ALA B 176 -23.03 16.59 5.84
N ASP B 177 -24.09 16.16 6.54
CA ASP B 177 -25.14 15.38 5.91
C ASP B 177 -26.08 16.24 5.06
N THR B 178 -26.58 17.35 5.62
CA THR B 178 -27.69 18.07 4.98
C THR B 178 -27.24 19.14 3.99
N VAL B 179 -26.20 18.83 3.21
CA VAL B 179 -25.73 19.65 2.11
C VAL B 179 -26.71 19.58 0.95
N ARG B 180 -26.58 20.50 -0.01
CA ARG B 180 -27.27 20.34 -1.29
C ARG B 180 -26.37 19.49 -2.19
N ASP B 181 -26.86 18.32 -2.58
CA ASP B 181 -26.05 17.38 -3.35
C ASP B 181 -26.99 16.30 -3.85
N ILE B 182 -26.51 15.49 -4.78
CA ILE B 182 -27.15 14.22 -5.08
C ILE B 182 -26.87 13.27 -3.91
N ARG B 183 -27.78 12.33 -3.66
CA ARG B 183 -27.52 11.27 -2.68
C ARG B 183 -27.34 9.93 -3.36
N GLY B 184 -26.38 9.14 -2.86
CA GLY B 184 -26.24 7.77 -3.25
C GLY B 184 -27.14 6.84 -2.44
N PHE B 185 -27.52 5.72 -3.07
CA PHE B 185 -28.42 4.72 -2.49
C PHE B 185 -27.93 3.38 -3.04
N ALA B 186 -27.05 2.73 -2.30
CA ALA B 186 -26.37 1.52 -2.74
C ALA B 186 -26.85 0.34 -1.90
N THR B 187 -27.27 -0.73 -2.56
CA THR B 187 -27.81 -1.92 -1.89
C THR B 187 -27.00 -3.13 -2.32
N LYS B 188 -26.44 -3.85 -1.34
CA LYS B 188 -25.75 -5.10 -1.58
C LYS B 188 -26.72 -6.22 -1.21
N PHE B 189 -27.13 -7.01 -2.21
CA PHE B 189 -28.00 -8.17 -2.03
C PHE B 189 -27.13 -9.41 -1.94
N TYR B 190 -27.17 -10.12 -0.81
CA TYR B 190 -26.40 -11.34 -0.63
C TYR B 190 -27.25 -12.52 -1.10
N THR B 191 -27.23 -12.78 -2.41
CA THR B 191 -28.11 -13.81 -2.96
C THR B 191 -27.47 -15.19 -2.96
N GLU B 192 -28.31 -16.21 -3.18
CA GLU B 192 -27.83 -17.58 -3.23
C GLU B 192 -27.02 -17.89 -4.48
N GLU B 193 -27.00 -16.97 -5.44
CA GLU B 193 -26.25 -17.14 -6.69
C GLU B 193 -25.26 -16.01 -6.91
N GLY B 194 -24.82 -15.35 -5.83
CA GLY B 194 -23.81 -14.33 -5.88
C GLY B 194 -24.30 -13.00 -5.34
N ILE B 195 -23.34 -12.12 -5.11
CA ILE B 195 -23.66 -10.77 -4.66
C ILE B 195 -24.14 -9.94 -5.85
N PHE B 196 -25.28 -9.28 -5.67
CA PHE B 196 -25.80 -8.30 -6.62
C PHE B 196 -25.79 -6.95 -5.92
N ASP B 197 -25.03 -5.99 -6.45
CA ASP B 197 -25.01 -4.63 -5.93
C ASP B 197 -25.81 -3.74 -6.87
N LEU B 198 -26.85 -3.10 -6.33
N LEU B 198 -26.88 -3.14 -6.34
CA LEU B 198 -27.65 -2.11 -7.06
CA LEU B 198 -27.64 -2.11 -7.04
C LEU B 198 -27.20 -0.75 -6.55
C LEU B 198 -27.13 -0.78 -6.52
N VAL B 199 -26.36 -0.08 -7.35
CA VAL B 199 -25.64 1.11 -6.91
C VAL B 199 -26.27 2.32 -7.58
N GLY B 200 -27.22 2.94 -6.90
CA GLY B 200 -28.02 4.01 -7.49
C GLY B 200 -27.90 5.34 -6.77
N ASN B 201 -28.70 6.31 -7.21
CA ASN B 201 -28.77 7.63 -6.62
C ASN B 201 -30.24 7.98 -6.36
N ASN B 202 -30.46 9.16 -5.81
CA ASN B 202 -31.81 9.59 -5.46
C ASN B 202 -32.47 10.44 -6.53
N THR B 203 -31.88 10.51 -7.72
CA THR B 203 -32.50 11.12 -8.90
C THR B 203 -32.38 10.14 -10.05
N PRO B 204 -33.27 10.22 -11.03
CA PRO B 204 -33.36 9.15 -12.05
C PRO B 204 -32.42 9.30 -13.23
N ILE B 205 -31.53 10.31 -13.21
CA ILE B 205 -30.57 10.53 -14.28
C ILE B 205 -29.25 10.95 -13.65
N PHE B 206 -28.19 10.92 -14.46
CA PHE B 206 -26.91 11.46 -14.02
C PHE B 206 -26.57 12.72 -14.80
N PHE B 207 -25.47 13.36 -14.39
CA PHE B 207 -25.06 14.63 -14.97
C PHE B 207 -24.43 14.46 -16.35
N ILE B 208 -23.78 13.33 -16.62
CA ILE B 208 -22.97 13.19 -17.83
C ILE B 208 -23.36 11.92 -18.58
N GLN B 209 -23.00 11.88 -19.86
CA GLN B 209 -23.39 10.79 -20.74
C GLN B 209 -22.34 9.68 -20.88
N ASP B 210 -21.05 10.02 -20.86
CA ASP B 210 -19.98 9.06 -21.13
C ASP B 210 -19.02 9.05 -19.95
N ALA B 211 -18.69 7.85 -19.49
CA ALA B 211 -17.81 7.68 -18.33
C ALA B 211 -16.46 8.38 -18.51
N HIS B 212 -16.01 8.58 -19.75
CA HIS B 212 -14.73 9.23 -19.97
C HIS B 212 -14.69 10.63 -19.34
N LYS B 213 -15.85 11.27 -19.20
CA LYS B 213 -15.93 12.61 -18.62
C LYS B 213 -16.07 12.59 -17.10
N PHE B 214 -16.18 11.42 -16.47
CA PHE B 214 -16.42 11.40 -15.03
C PHE B 214 -15.36 12.16 -14.23
N PRO B 215 -14.06 11.95 -14.46
CA PRO B 215 -13.07 12.73 -13.70
C PRO B 215 -13.19 14.23 -13.94
N ASP B 216 -13.56 14.66 -15.15
CA ASP B 216 -13.75 16.08 -15.41
C ASP B 216 -14.90 16.62 -14.58
N PHE B 217 -16.08 15.99 -14.66
CA PHE B 217 -17.22 16.46 -13.90
C PHE B 217 -16.94 16.46 -12.40
N VAL B 218 -16.39 15.35 -11.90
CA VAL B 218 -16.14 15.25 -10.47
C VAL B 218 -15.11 16.28 -10.02
N HIS B 219 -14.03 16.45 -10.80
CA HIS B 219 -13.08 17.51 -10.46
C HIS B 219 -13.75 18.87 -10.40
N ALA B 220 -14.66 19.13 -11.33
CA ALA B 220 -15.32 20.44 -11.36
C ALA B 220 -16.20 20.66 -10.14
N VAL B 221 -16.86 19.63 -9.63
CA VAL B 221 -17.78 19.81 -8.50
C VAL B 221 -17.05 19.79 -7.17
N LYS B 222 -15.94 19.05 -7.10
CA LYS B 222 -15.14 18.89 -5.89
C LYS B 222 -14.47 20.21 -5.51
N PRO B 223 -13.91 20.30 -4.29
CA PRO B 223 -13.17 21.50 -3.90
C PRO B 223 -12.10 21.81 -4.93
N GLU B 224 -11.93 23.11 -5.21
CA GLU B 224 -11.02 23.52 -6.26
C GLU B 224 -9.57 23.25 -5.85
N PRO B 225 -8.71 22.90 -6.82
CA PRO B 225 -7.44 22.24 -6.45
C PRO B 225 -6.40 23.14 -5.82
N HIS B 226 -6.47 24.47 -6.01
CA HIS B 226 -5.46 25.31 -5.38
C HIS B 226 -5.64 25.32 -3.87
N TRP B 227 -6.87 25.57 -3.40
CA TRP B 227 -7.11 25.81 -1.99
C TRP B 227 -8.02 24.81 -1.29
N ALA B 228 -8.57 23.83 -2.02
CA ALA B 228 -9.46 22.82 -1.46
C ALA B 228 -10.69 23.43 -0.79
N ILE B 229 -11.34 24.35 -1.49
CA ILE B 229 -12.60 24.95 -1.08
C ILE B 229 -13.52 24.88 -2.31
N PRO B 230 -14.83 24.65 -2.15
CA PRO B 230 -15.62 24.46 -0.92
C PRO B 230 -16.00 23.02 -0.65
N GLN B 231 -16.18 22.67 0.62
CA GLN B 231 -16.55 21.32 0.99
C GLN B 231 -18.07 21.16 0.92
N GLY B 232 -18.52 20.09 0.27
CA GLY B 232 -19.93 19.74 0.28
C GLY B 232 -20.82 20.67 -0.49
N GLN B 233 -20.29 21.39 -1.48
CA GLN B 233 -21.05 22.42 -2.16
C GLN B 233 -20.67 22.47 -3.64
N SER B 234 -21.68 22.56 -4.49
CA SER B 234 -21.46 22.86 -5.90
C SER B 234 -21.46 24.36 -6.18
N ALA B 235 -21.61 25.19 -5.15
CA ALA B 235 -21.74 26.64 -5.33
C ALA B 235 -20.36 27.29 -5.47
N HIS B 236 -19.71 27.01 -6.61
CA HIS B 236 -18.42 27.60 -6.88
C HIS B 236 -18.15 27.60 -8.38
N ASP B 237 -17.15 28.40 -8.78
CA ASP B 237 -16.94 28.72 -10.20
C ASP B 237 -16.76 27.47 -11.06
N THR B 238 -15.94 26.51 -10.63
CA THR B 238 -15.56 25.44 -11.55
C THR B 238 -16.76 24.55 -11.88
N PHE B 239 -17.64 24.31 -10.91
CA PHE B 239 -18.82 23.50 -11.19
C PHE B 239 -19.68 24.15 -12.26
N TRP B 240 -20.00 25.44 -12.05
CA TRP B 240 -20.89 26.13 -12.98
C TRP B 240 -20.20 26.42 -14.30
N ASP B 241 -18.86 26.53 -14.30
CA ASP B 241 -18.12 26.60 -15.54
C ASP B 241 -18.36 25.34 -16.39
N TYR B 242 -18.14 24.17 -15.79
CA TYR B 242 -18.39 22.91 -16.50
C TYR B 242 -19.84 22.82 -16.98
N VAL B 243 -20.79 23.12 -16.09
CA VAL B 243 -22.21 23.03 -16.47
C VAL B 243 -22.49 23.91 -17.68
N SER B 244 -22.02 25.16 -17.64
CA SER B 244 -22.29 26.10 -18.72
C SER B 244 -21.69 25.64 -20.05
N LEU B 245 -20.67 24.79 -20.01
CA LEU B 245 -20.02 24.30 -21.22
C LEU B 245 -20.45 22.90 -21.60
N GLN B 246 -21.30 22.26 -20.79
CA GLN B 246 -21.71 20.87 -21.01
C GLN B 246 -23.21 20.80 -20.72
N PRO B 247 -24.04 21.22 -21.68
CA PRO B 247 -25.49 21.26 -21.42
C PRO B 247 -26.11 19.91 -21.10
N GLU B 248 -25.44 18.79 -21.40
CA GLU B 248 -25.96 17.49 -20.98
C GLU B 248 -26.18 17.43 -19.47
N THR B 249 -25.44 18.23 -18.69
CA THR B 249 -25.56 18.24 -17.24
C THR B 249 -26.86 18.88 -16.74
N LEU B 250 -27.57 19.63 -17.59
CA LEU B 250 -28.63 20.51 -17.08
C LEU B 250 -29.76 19.73 -16.43
N HIS B 251 -30.08 18.53 -16.92
CA HIS B 251 -31.19 17.80 -16.32
C HIS B 251 -30.92 17.46 -14.85
N ASN B 252 -29.80 16.79 -14.56
CA ASN B 252 -29.53 16.49 -13.16
C ASN B 252 -29.26 17.75 -12.34
N VAL B 253 -28.72 18.80 -12.96
CA VAL B 253 -28.57 20.08 -12.25
C VAL B 253 -29.94 20.58 -11.78
N MET B 254 -30.96 20.49 -12.64
CA MET B 254 -32.30 20.89 -12.25
C MET B 254 -32.76 20.14 -11.00
N TRP B 255 -32.53 18.82 -10.97
CA TRP B 255 -32.90 18.03 -9.79
C TRP B 255 -32.11 18.49 -8.56
N ALA B 256 -30.81 18.72 -8.72
CA ALA B 256 -29.97 19.11 -7.59
C ALA B 256 -30.40 20.47 -7.03
N MET B 257 -30.81 21.40 -7.91
CA MET B 257 -31.23 22.73 -7.48
C MET B 257 -32.63 22.73 -6.87
N SER B 258 -33.43 21.70 -7.13
CA SER B 258 -34.73 21.57 -6.50
C SER B 258 -34.55 21.07 -5.08
N ASP B 259 -35.65 21.01 -4.34
CA ASP B 259 -35.58 20.46 -2.99
C ASP B 259 -35.18 18.98 -2.95
N ARG B 260 -35.16 18.30 -4.11
CA ARG B 260 -34.59 16.95 -4.14
C ARG B 260 -33.17 16.93 -3.62
N GLY B 261 -32.44 18.03 -3.79
CA GLY B 261 -31.06 18.11 -3.35
C GLY B 261 -30.87 18.20 -1.86
N ILE B 262 -31.97 18.35 -1.09
CA ILE B 262 -31.88 18.51 0.36
C ILE B 262 -32.95 17.65 1.04
N PRO B 263 -32.83 16.32 0.97
CA PRO B 263 -33.85 15.46 1.59
C PRO B 263 -33.95 15.62 3.10
N ARG B 264 -35.17 15.41 3.61
CA ARG B 264 -35.41 15.46 5.04
C ARG B 264 -34.70 14.32 5.75
N SER B 265 -34.64 13.16 5.11
CA SER B 265 -34.08 11.95 5.69
C SER B 265 -33.78 11.00 4.54
N TYR B 266 -32.82 10.09 4.75
CA TYR B 266 -32.67 9.00 3.79
C TYR B 266 -33.94 8.17 3.64
N ARG B 267 -34.81 8.20 4.66
CA ARG B 267 -36.09 7.49 4.62
CA ARG B 267 -36.06 7.46 4.58
C ARG B 267 -37.09 8.13 3.68
N THR B 268 -36.90 9.41 3.34
CA THR B 268 -37.90 10.17 2.61
C THR B 268 -37.40 10.64 1.25
N MET B 269 -36.64 9.79 0.55
CA MET B 269 -36.18 10.09 -0.79
C MET B 269 -36.40 8.86 -1.67
N GLU B 270 -36.47 9.10 -2.97
CA GLU B 270 -36.54 7.99 -3.91
C GLU B 270 -35.14 7.46 -4.23
N GLY B 271 -35.10 6.27 -4.80
CA GLY B 271 -33.86 5.73 -5.33
C GLY B 271 -34.06 5.24 -6.75
N PHE B 272 -32.97 5.27 -7.53
CA PHE B 272 -33.01 4.90 -8.93
C PHE B 272 -31.69 4.28 -9.32
N GLY B 273 -31.74 3.23 -10.15
CA GLY B 273 -30.52 2.70 -10.74
C GLY B 273 -29.96 3.52 -11.88
N ILE B 274 -30.77 4.46 -12.39
CA ILE B 274 -30.44 5.35 -13.51
C ILE B 274 -30.35 4.63 -14.85
N HIS B 275 -29.42 3.70 -15.00
CA HIS B 275 -29.21 3.09 -16.31
C HIS B 275 -30.33 2.11 -16.65
N THR B 276 -30.54 1.94 -17.96
CA THR B 276 -31.28 0.80 -18.44
C THR B 276 -30.37 -0.42 -18.36
N PHE B 277 -30.82 -1.45 -17.65
CA PHE B 277 -30.17 -2.76 -17.60
C PHE B 277 -31.05 -3.74 -18.38
N ARG B 278 -30.69 -5.02 -18.36
CA ARG B 278 -31.51 -6.07 -18.92
C ARG B 278 -31.89 -7.10 -17.87
N LEU B 279 -33.12 -7.62 -17.98
CA LEU B 279 -33.53 -8.85 -17.33
C LEU B 279 -33.50 -9.96 -18.37
N ILE B 280 -32.99 -11.12 -17.99
CA ILE B 280 -32.86 -12.27 -18.88
C ILE B 280 -33.60 -13.43 -18.24
N ASN B 281 -34.58 -13.99 -18.96
CA ASN B 281 -35.35 -15.10 -18.42
C ASN B 281 -34.74 -16.44 -18.85
N ALA B 282 -35.34 -17.54 -18.38
CA ALA B 282 -34.80 -18.86 -18.65
C ALA B 282 -34.85 -19.22 -20.12
N GLU B 283 -35.75 -18.62 -20.89
CA GLU B 283 -35.84 -18.84 -22.32
C GLU B 283 -34.89 -17.95 -23.12
N GLY B 284 -34.09 -17.13 -22.45
CA GLY B 284 -33.15 -16.28 -23.15
C GLY B 284 -33.70 -14.93 -23.60
N LYS B 285 -34.94 -14.60 -23.24
CA LYS B 285 -35.53 -13.35 -23.64
C LYS B 285 -35.00 -12.22 -22.76
N ALA B 286 -34.61 -11.11 -23.40
CA ALA B 286 -34.15 -9.93 -22.70
C ALA B 286 -35.27 -8.90 -22.64
N THR B 287 -35.43 -8.28 -21.48
CA THR B 287 -36.34 -7.17 -21.27
C THR B 287 -35.53 -6.01 -20.71
N PHE B 288 -35.69 -4.82 -21.26
CA PHE B 288 -35.03 -3.65 -20.70
C PHE B 288 -35.69 -3.28 -19.37
N VAL B 289 -34.89 -2.86 -18.40
CA VAL B 289 -35.39 -2.52 -17.07
C VAL B 289 -34.66 -1.30 -16.53
N ARG B 290 -35.41 -0.41 -15.88
CA ARG B 290 -34.83 0.56 -14.98
C ARG B 290 -35.35 0.33 -13.57
N PHE B 291 -34.45 0.42 -12.59
CA PHE B 291 -34.75 0.08 -11.21
C PHE B 291 -35.17 1.32 -10.43
N HIS B 292 -36.11 1.11 -9.50
CA HIS B 292 -36.66 2.17 -8.66
C HIS B 292 -36.81 1.67 -7.22
N TRP B 293 -36.58 2.58 -6.27
CA TRP B 293 -36.93 2.38 -4.87
C TRP B 293 -37.97 3.42 -4.48
N LYS B 294 -39.10 2.95 -3.95
CA LYS B 294 -40.17 3.83 -3.49
C LYS B 294 -40.17 3.88 -1.97
N PRO B 295 -40.00 5.06 -1.35
CA PRO B 295 -39.91 5.10 0.12
C PRO B 295 -41.30 4.96 0.75
N LEU B 296 -41.44 4.02 1.68
CA LEU B 296 -42.70 3.86 2.39
C LEU B 296 -43.06 5.13 3.17
N ALA B 297 -42.06 5.84 3.69
CA ALA B 297 -42.29 7.07 4.43
C ALA B 297 -42.66 8.25 3.54
N GLY B 298 -42.69 8.07 2.22
CA GLY B 298 -43.02 9.16 1.31
C GLY B 298 -41.82 10.03 1.01
N LYS B 299 -42.06 11.03 0.16
CA LYS B 299 -41.04 11.96 -0.29
C LYS B 299 -41.13 13.25 0.53
N ALA B 300 -40.00 13.67 1.09
CA ALA B 300 -40.00 14.89 1.91
C ALA B 300 -38.60 15.48 1.91
N SER B 301 -38.53 16.81 1.80
CA SER B 301 -37.25 17.51 1.80
C SER B 301 -37.30 18.71 2.74
N LEU B 302 -36.11 19.18 3.08
CA LEU B 302 -35.94 20.41 3.82
C LEU B 302 -36.12 21.60 2.89
N VAL B 303 -35.98 22.80 3.45
CA VAL B 303 -35.82 24.01 2.66
C VAL B 303 -34.38 24.50 2.85
N TRP B 304 -33.90 25.29 1.88
CA TRP B 304 -32.46 25.56 1.81
C TRP B 304 -31.90 26.18 3.08
N ASP B 305 -32.52 27.25 3.57
CA ASP B 305 -31.97 27.93 4.75
C ASP B 305 -31.85 26.97 5.93
N GLU B 306 -32.84 26.10 6.08
CA GLU B 306 -32.85 25.10 7.14
C GLU B 306 -31.73 24.08 6.93
N ALA B 307 -31.61 23.56 5.71
CA ALA B 307 -30.58 22.56 5.41
C ALA B 307 -29.18 23.12 5.69
N GLN B 308 -28.93 24.35 5.23
CA GLN B 308 -27.60 24.93 5.40
C GLN B 308 -27.28 25.17 6.87
N LYS B 309 -28.24 25.76 7.60
CA LYS B 309 -27.98 25.98 9.02
C LYS B 309 -27.83 24.65 9.75
N LEU B 310 -28.54 23.62 9.31
CA LEU B 310 -28.47 22.33 9.97
C LEU B 310 -27.12 21.65 9.77
N THR B 311 -26.42 21.94 8.66
CA THR B 311 -25.05 21.43 8.54
C THR B 311 -24.15 21.96 9.65
N GLY B 312 -24.50 23.09 10.25
CA GLY B 312 -23.78 23.63 11.37
C GLY B 312 -24.28 23.12 12.71
N ARG B 313 -25.59 23.12 12.90
CA ARG B 313 -26.14 22.69 14.20
C ARG B 313 -26.01 21.19 14.39
N ASP B 314 -26.10 20.40 13.32
CA ASP B 314 -25.91 18.95 13.42
C ASP B 314 -25.44 18.41 12.07
N PRO B 315 -24.13 18.41 11.83
CA PRO B 315 -23.62 17.86 10.56
C PRO B 315 -23.87 16.36 10.41
N ASP B 316 -24.29 15.67 11.48
CA ASP B 316 -24.56 14.24 11.42
C ASP B 316 -26.05 13.92 11.39
N PHE B 317 -26.89 14.88 10.99
CA PHE B 317 -28.34 14.75 11.15
C PHE B 317 -28.91 13.52 10.45
N HIS B 318 -28.50 13.25 9.21
CA HIS B 318 -29.07 12.11 8.49
C HIS B 318 -28.55 10.79 9.03
N ARG B 319 -27.24 10.72 9.30
CA ARG B 319 -26.67 9.52 9.91
C ARG B 319 -27.37 9.21 11.23
N ARG B 320 -27.59 10.25 12.05
CA ARG B 320 -28.22 10.08 13.35
C ARG B 320 -29.66 9.62 13.19
N GLU B 321 -30.40 10.26 12.29
CA GLU B 321 -31.81 9.93 12.10
CA GLU B 321 -31.81 9.92 12.11
C GLU B 321 -32.00 8.49 11.64
N LEU B 322 -31.12 8.03 10.73
CA LEU B 322 -31.20 6.66 10.26
C LEU B 322 -30.94 5.68 11.40
N TRP B 323 -29.85 5.90 12.15
CA TRP B 323 -29.51 5.03 13.26
C TRP B 323 -30.64 4.98 14.29
N GLU B 324 -31.20 6.14 14.63
CA GLU B 324 -32.18 6.21 15.70
C GLU B 324 -33.54 5.66 15.26
N ALA B 325 -33.90 5.79 13.98
CA ALA B 325 -35.14 5.16 13.51
C ALA B 325 -35.05 3.66 13.67
N ILE B 326 -33.91 3.08 13.31
CA ILE B 326 -33.73 1.64 13.45
C ILE B 326 -33.74 1.21 14.92
N GLU B 327 -33.07 1.98 15.79
CA GLU B 327 -33.10 1.66 17.22
C GLU B 327 -34.51 1.76 17.80
N ALA B 328 -35.37 2.60 17.21
CA ALA B 328 -36.73 2.75 17.69
C ALA B 328 -37.67 1.69 17.16
N GLY B 329 -37.22 0.83 16.24
CA GLY B 329 -38.12 -0.08 15.57
C GLY B 329 -38.87 0.54 14.41
N ASP B 330 -38.52 1.75 14.02
N ASP B 330 -38.56 1.79 14.07
CA ASP B 330 -39.22 2.43 12.93
CA ASP B 330 -39.12 2.51 12.92
C ASP B 330 -38.42 2.24 11.63
C ASP B 330 -38.28 2.20 11.69
N PHE B 331 -38.41 0.99 11.18
CA PHE B 331 -37.48 0.56 10.15
C PHE B 331 -37.72 1.28 8.83
N PRO B 332 -36.69 1.86 8.23
CA PRO B 332 -36.80 2.35 6.85
C PRO B 332 -37.24 1.23 5.92
N GLU B 333 -38.25 1.50 5.10
CA GLU B 333 -38.74 0.53 4.13
C GLU B 333 -38.79 1.16 2.75
N TYR B 334 -38.43 0.36 1.73
CA TYR B 334 -38.43 0.81 0.35
C TYR B 334 -38.94 -0.31 -0.53
N GLU B 335 -39.87 0.02 -1.42
CA GLU B 335 -40.38 -0.95 -2.37
C GLU B 335 -39.57 -0.89 -3.66
N LEU B 336 -39.02 -2.02 -4.06
CA LEU B 336 -38.33 -2.14 -5.32
C LEU B 336 -39.35 -2.22 -6.44
N GLY B 337 -39.10 -1.46 -7.50
CA GLY B 337 -39.98 -1.46 -8.66
C GLY B 337 -39.17 -1.42 -9.94
N PHE B 338 -39.76 -1.95 -11.00
CA PHE B 338 -39.13 -2.02 -12.32
C PHE B 338 -39.96 -1.25 -13.34
N GLN B 339 -39.30 -0.40 -14.12
CA GLN B 339 -39.86 0.02 -15.41
C GLN B 339 -39.39 -0.98 -16.45
N LEU B 340 -40.34 -1.59 -17.16
CA LEU B 340 -40.02 -2.68 -18.09
C LEU B 340 -40.38 -2.27 -19.51
N ILE B 341 -39.41 -2.44 -20.42
CA ILE B 341 -39.57 -2.07 -21.81
C ILE B 341 -39.16 -3.24 -22.69
N PRO B 342 -40.05 -3.77 -23.53
CA PRO B 342 -39.67 -4.88 -24.41
C PRO B 342 -38.56 -4.48 -25.36
N GLU B 343 -37.77 -5.47 -25.77
CA GLU B 343 -36.65 -5.21 -26.67
C GLU B 343 -37.12 -4.50 -27.93
N GLU B 344 -38.28 -4.88 -28.47
CA GLU B 344 -38.77 -4.29 -29.71
C GLU B 344 -39.22 -2.85 -29.55
N ASP B 345 -39.33 -2.35 -28.33
CA ASP B 345 -39.71 -0.96 -28.07
C ASP B 345 -38.51 -0.04 -27.87
N GLU B 346 -37.29 -0.53 -28.14
CA GLU B 346 -36.08 0.25 -27.86
C GLU B 346 -36.13 1.66 -28.47
N PHE B 347 -36.67 1.80 -29.69
CA PHE B 347 -36.59 3.05 -30.41
C PHE B 347 -37.91 3.80 -30.48
N LYS B 348 -38.84 3.52 -29.56
CA LYS B 348 -40.18 4.08 -29.65
C LYS B 348 -40.36 5.37 -28.86
N PHE B 349 -39.30 5.89 -28.27
CA PHE B 349 -39.39 7.12 -27.49
C PHE B 349 -38.63 8.24 -28.18
N ASP B 350 -38.90 9.47 -27.72
CA ASP B 350 -38.24 10.66 -28.24
C ASP B 350 -36.79 10.77 -27.79
N PHE B 351 -36.36 9.92 -26.88
CA PHE B 351 -35.02 9.94 -26.30
C PHE B 351 -34.47 8.53 -26.39
N ASP B 352 -33.15 8.41 -26.18
CA ASP B 352 -32.48 7.13 -26.24
C ASP B 352 -32.54 6.47 -24.87
N LEU B 353 -32.98 5.21 -24.84
CA LEU B 353 -33.05 4.49 -23.56
C LEU B 353 -31.68 4.34 -22.91
N LEU B 354 -30.61 4.36 -23.71
CA LEU B 354 -29.27 4.17 -23.17
C LEU B 354 -28.62 5.46 -22.73
N ASP B 355 -29.35 6.59 -22.79
CA ASP B 355 -28.80 7.89 -22.43
C ASP B 355 -29.09 8.13 -20.95
N PRO B 356 -28.09 8.13 -20.07
CA PRO B 356 -28.35 8.27 -18.63
C PRO B 356 -28.70 9.68 -18.19
N THR B 357 -28.72 10.65 -19.11
CA THR B 357 -29.24 11.99 -18.79
C THR B 357 -30.73 12.11 -19.07
N LYS B 358 -31.38 11.05 -19.53
CA LYS B 358 -32.80 11.02 -19.84
C LYS B 358 -33.50 10.11 -18.83
N LEU B 359 -34.66 10.54 -18.36
CA LEU B 359 -35.49 9.68 -17.54
C LEU B 359 -36.59 9.08 -18.41
N ILE B 360 -37.17 7.98 -17.92
CA ILE B 360 -38.34 7.37 -18.56
C ILE B 360 -39.56 7.83 -17.77
N PRO B 361 -40.40 8.70 -18.32
CA PRO B 361 -41.55 9.19 -17.55
C PRO B 361 -42.47 8.04 -17.14
N GLU B 362 -42.89 8.05 -15.89
CA GLU B 362 -43.81 7.02 -15.42
C GLU B 362 -45.15 7.08 -16.12
N GLU B 363 -45.53 8.25 -16.66
CA GLU B 363 -46.74 8.30 -17.47
C GLU B 363 -46.62 7.46 -18.72
N LEU B 364 -45.41 7.26 -19.23
CA LEU B 364 -45.21 6.42 -20.41
C LEU B 364 -44.95 4.97 -20.06
N VAL B 365 -44.14 4.71 -19.03
CA VAL B 365 -43.80 3.36 -18.59
C VAL B 365 -43.97 3.30 -17.08
N PRO B 366 -45.04 2.71 -16.57
CA PRO B 366 -45.25 2.70 -15.13
C PRO B 366 -44.21 1.86 -14.42
N VAL B 367 -44.00 2.19 -13.15
CA VAL B 367 -43.16 1.37 -12.28
C VAL B 367 -44.02 0.22 -11.76
N GLN B 368 -43.59 -1.01 -12.02
CA GLN B 368 -44.26 -2.20 -11.52
C GLN B 368 -43.59 -2.68 -10.24
N ARG B 369 -44.38 -2.83 -9.18
CA ARG B 369 -43.79 -3.21 -7.90
C ARG B 369 -43.27 -4.65 -7.93
N VAL B 370 -42.15 -4.86 -7.25
CA VAL B 370 -41.40 -6.12 -7.31
C VAL B 370 -41.20 -6.74 -5.93
N GLY B 371 -40.94 -5.92 -4.92
CA GLY B 371 -40.70 -6.48 -3.60
C GLY B 371 -40.43 -5.37 -2.61
N ASN B 372 -40.13 -5.77 -1.38
CA ASN B 372 -39.96 -4.82 -0.29
C ASN B 372 -38.65 -5.06 0.42
N MET B 373 -38.00 -3.96 0.81
CA MET B 373 -36.75 -3.99 1.57
C MET B 373 -36.97 -3.27 2.89
N VAL B 374 -36.53 -3.89 3.99
CA VAL B 374 -36.67 -3.35 5.33
C VAL B 374 -35.28 -3.30 5.95
N LEU B 375 -34.88 -2.12 6.45
CA LEU B 375 -33.59 -1.94 7.12
C LEU B 375 -33.83 -1.99 8.61
N ASN B 376 -33.34 -3.04 9.26
CA ASN B 376 -33.74 -3.30 10.64
C ASN B 376 -32.60 -3.54 11.62
N ARG B 377 -31.35 -3.27 11.24
N ARG B 377 -31.34 -3.30 11.25
CA ARG B 377 -30.22 -3.45 12.13
CA ARG B 377 -30.30 -3.39 12.27
C ARG B 377 -29.15 -2.43 11.80
C ARG B 377 -29.08 -2.58 11.88
N ASN B 378 -28.61 -1.78 12.82
CA ASN B 378 -27.42 -0.97 12.63
C ASN B 378 -26.18 -1.86 12.72
N PRO B 379 -25.07 -1.41 12.14
CA PRO B 379 -23.81 -2.16 12.30
C PRO B 379 -23.34 -2.17 13.75
N ASP B 380 -22.34 -3.02 13.99
CA ASP B 380 -21.62 -3.01 15.25
C ASP B 380 -20.46 -2.01 15.25
N ASN B 381 -19.72 -1.96 14.15
CA ASN B 381 -18.54 -1.10 14.06
C ASN B 381 -18.61 -0.38 12.72
N PHE B 382 -18.68 0.94 12.77
CA PHE B 382 -18.85 1.73 11.55
C PHE B 382 -17.71 1.50 10.58
N PHE B 383 -16.47 1.56 11.06
CA PHE B 383 -15.34 1.37 10.16
C PHE B 383 -15.39 0.00 9.51
N ALA B 384 -15.53 -1.05 10.32
CA ALA B 384 -15.37 -2.40 9.78
C ALA B 384 -16.44 -2.74 8.76
N GLU B 385 -17.68 -2.29 8.99
CA GLU B 385 -18.83 -2.67 8.17
C GLU B 385 -19.21 -1.61 7.15
N ASN B 386 -19.28 -0.34 7.56
CA ASN B 386 -19.63 0.73 6.62
C ASN B 386 -18.41 1.16 5.82
N GLU B 387 -17.36 1.64 6.48
CA GLU B 387 -16.26 2.24 5.75
C GLU B 387 -15.65 1.25 4.77
N GLN B 388 -15.52 -0.03 5.15
CA GLN B 388 -14.86 -1.05 4.33
C GLN B 388 -15.79 -1.72 3.32
N ALA B 389 -17.10 -1.44 3.33
CA ALA B 389 -17.99 -2.07 2.37
C ALA B 389 -17.66 -1.59 0.96
N ALA B 390 -17.69 -2.52 0.01
CA ALA B 390 -17.39 -2.24 -1.40
C ALA B 390 -18.59 -2.62 -2.25
N PHE B 391 -19.24 -1.62 -2.83
CA PHE B 391 -20.35 -1.84 -3.75
C PHE B 391 -19.86 -1.61 -5.17
N HIS B 392 -20.41 -2.34 -6.13
CA HIS B 392 -19.97 -2.14 -7.51
C HIS B 392 -21.05 -2.62 -8.46
N PRO B 393 -21.49 -1.79 -9.41
CA PRO B 393 -22.64 -2.18 -10.25
C PRO B 393 -22.33 -3.29 -11.24
N GLY B 394 -21.06 -3.61 -11.47
CA GLY B 394 -20.72 -4.79 -12.22
C GLY B 394 -20.98 -6.09 -11.49
N HIS B 395 -21.28 -6.04 -10.19
CA HIS B 395 -21.64 -7.23 -9.44
C HIS B 395 -23.10 -7.55 -9.73
N ILE B 396 -23.30 -8.29 -10.83
CA ILE B 396 -24.62 -8.78 -11.20
C ILE B 396 -24.66 -10.31 -11.07
N VAL B 397 -25.84 -10.89 -11.28
CA VAL B 397 -26.05 -12.33 -11.14
C VAL B 397 -26.78 -12.83 -12.39
N PRO B 398 -26.76 -14.14 -12.63
CA PRO B 398 -27.52 -14.68 -13.77
C PRO B 398 -28.98 -14.26 -13.69
N GLY B 399 -29.52 -13.81 -14.82
CA GLY B 399 -30.84 -13.21 -14.86
C GLY B 399 -30.81 -11.71 -15.02
N LEU B 400 -29.65 -11.08 -14.84
CA LEU B 400 -29.43 -9.67 -15.12
C LEU B 400 -28.35 -9.54 -16.17
N ASP B 401 -28.34 -8.40 -16.86
CA ASP B 401 -27.24 -8.10 -17.77
C ASP B 401 -27.18 -6.58 -17.98
N PHE B 402 -26.11 -6.16 -18.65
CA PHE B 402 -25.86 -4.76 -18.90
C PHE B 402 -26.52 -4.31 -20.22
N THR B 403 -26.39 -3.02 -20.52
CA THR B 403 -26.63 -2.48 -21.85
C THR B 403 -25.42 -1.63 -22.22
N ASN B 404 -25.48 -1.06 -23.42
CA ASN B 404 -24.38 -0.24 -23.92
C ASN B 404 -24.40 1.20 -23.42
N ASP B 405 -25.23 1.54 -22.44
CA ASP B 405 -25.20 2.87 -21.83
C ASP B 405 -23.74 3.24 -21.57
N PRO B 406 -23.21 4.30 -22.18
CA PRO B 406 -21.76 4.52 -22.15
C PRO B 406 -21.25 5.05 -20.83
N LEU B 407 -22.16 5.45 -19.93
CA LEU B 407 -21.76 5.77 -18.57
C LEU B 407 -21.63 4.49 -17.74
N LEU B 408 -22.65 3.63 -17.79
CA LEU B 408 -22.58 2.33 -17.16
C LEU B 408 -21.35 1.55 -17.63
N GLN B 409 -21.08 1.56 -18.94
CA GLN B 409 -19.98 0.76 -19.48
C GLN B 409 -18.66 1.09 -18.77
N GLY B 410 -18.38 2.38 -18.55
CA GLY B 410 -17.15 2.77 -17.89
C GLY B 410 -17.16 2.54 -16.38
N ARG B 411 -18.35 2.67 -15.75
CA ARG B 411 -18.46 2.32 -14.34
C ARG B 411 -17.93 0.90 -14.10
N LEU B 412 -18.21 -0.01 -15.03
CA LEU B 412 -17.82 -1.41 -14.81
C LEU B 412 -16.34 -1.56 -14.56
N PHE B 413 -15.52 -0.68 -15.16
CA PHE B 413 -14.08 -0.72 -14.91
C PHE B 413 -13.73 -0.20 -13.52
N SER B 414 -14.39 0.89 -13.09
CA SER B 414 -13.90 1.67 -11.95
C SER B 414 -14.07 0.95 -10.62
N TYR B 415 -15.22 0.30 -10.41
CA TYR B 415 -15.51 -0.15 -9.04
C TYR B 415 -14.65 -1.33 -8.60
N THR B 416 -14.07 -2.09 -9.52
CA THR B 416 -13.09 -3.08 -9.09
C THR B 416 -11.74 -2.42 -8.89
N ASP B 417 -11.34 -1.58 -9.85
CA ASP B 417 -10.03 -0.94 -9.82
C ASP B 417 -9.80 -0.18 -8.52
N THR B 418 -10.78 0.65 -8.12
CA THR B 418 -10.59 1.56 -6.99
C THR B 418 -10.30 0.83 -5.68
N GLN B 419 -10.80 -0.40 -5.51
CA GLN B 419 -10.60 -1.09 -4.25
C GLN B 419 -9.14 -1.49 -4.01
N ILE B 420 -8.33 -1.54 -5.06
CA ILE B 420 -6.94 -1.98 -4.89
C ILE B 420 -6.18 -1.03 -3.97
N SER B 421 -6.46 0.28 -4.07
CA SER B 421 -5.88 1.20 -3.09
C SER B 421 -6.78 1.39 -1.88
N ARG B 422 -8.10 1.53 -2.08
CA ARG B 422 -8.97 1.88 -0.96
C ARG B 422 -8.98 0.80 0.11
N LEU B 423 -9.03 -0.47 -0.31
CA LEU B 423 -9.14 -1.62 0.59
C LEU B 423 -7.87 -2.48 0.58
N GLY B 424 -6.79 -2.00 -0.02
CA GLY B 424 -5.49 -2.58 0.19
C GLY B 424 -5.12 -3.75 -0.69
N GLY B 425 -5.94 -4.11 -1.66
CA GLY B 425 -5.57 -5.18 -2.57
C GLY B 425 -6.76 -5.95 -3.09
N PRO B 426 -6.48 -7.06 -3.77
CA PRO B 426 -7.52 -7.76 -4.53
C PRO B 426 -8.34 -8.74 -3.70
N ASN B 427 -8.05 -8.87 -2.41
CA ASN B 427 -8.82 -9.74 -1.53
C ASN B 427 -9.90 -8.99 -0.77
N PHE B 428 -10.38 -7.87 -1.32
CA PHE B 428 -11.36 -7.08 -0.60
C PHE B 428 -12.67 -7.84 -0.37
N HIS B 429 -12.98 -8.84 -1.21
CA HIS B 429 -14.16 -9.67 -0.99
C HIS B 429 -14.05 -10.53 0.25
N GLU B 430 -12.85 -10.67 0.82
CA GLU B 430 -12.67 -11.41 2.06
C GLU B 430 -12.90 -10.55 3.30
N ILE B 431 -12.96 -9.24 3.14
CA ILE B 431 -13.35 -8.41 4.28
C ILE B 431 -14.77 -8.81 4.68
N PRO B 432 -15.05 -9.07 5.96
CA PRO B 432 -16.30 -9.76 6.32
C PRO B 432 -17.58 -9.18 5.71
N ILE B 433 -17.77 -7.85 5.75
CA ILE B 433 -19.00 -7.27 5.22
C ILE B 433 -19.16 -7.58 3.73
N ASN B 434 -18.06 -7.74 3.00
CA ASN B 434 -18.12 -7.96 1.56
C ASN B 434 -18.29 -9.42 1.16
N ARG B 435 -18.11 -10.36 2.09
CA ARG B 435 -18.11 -11.78 1.72
C ARG B 435 -19.48 -12.24 1.23
N PRO B 436 -19.54 -12.99 0.13
CA PRO B 436 -20.78 -13.67 -0.22
C PRO B 436 -21.20 -14.62 0.88
N THR B 437 -22.51 -14.84 0.99
CA THR B 437 -23.03 -15.88 1.88
C THR B 437 -23.24 -17.21 1.14
N CYS B 438 -23.19 -17.19 -0.18
CA CYS B 438 -23.23 -18.39 -1.00
C CYS B 438 -21.82 -18.88 -1.24
N PRO B 439 -21.66 -20.09 -1.78
CA PRO B 439 -20.30 -20.61 -2.00
C PRO B 439 -19.53 -19.80 -3.03
N TYR B 440 -18.22 -19.74 -2.83
CA TYR B 440 -17.34 -19.19 -3.85
CA TYR B 440 -17.33 -19.18 -3.84
C TYR B 440 -16.05 -19.99 -3.87
N HIS B 441 -15.66 -20.44 -5.06
CA HIS B 441 -14.49 -21.28 -5.26
C HIS B 441 -13.91 -20.99 -6.63
N ASN B 442 -12.60 -20.78 -6.70
CA ASN B 442 -11.97 -20.58 -7.99
C ASN B 442 -10.48 -20.84 -7.88
N PHE B 443 -9.73 -20.46 -8.90
CA PHE B 443 -8.30 -20.75 -8.98
C PHE B 443 -7.45 -19.52 -8.68
N GLN B 444 -8.06 -18.44 -8.23
CA GLN B 444 -7.31 -17.24 -7.85
C GLN B 444 -6.59 -17.49 -6.52
N ARG B 445 -5.40 -16.93 -6.40
CA ARG B 445 -4.57 -17.19 -5.23
C ARG B 445 -3.82 -15.93 -4.81
N ASP B 446 -3.39 -15.92 -3.54
CA ASP B 446 -2.43 -14.94 -3.02
C ASP B 446 -3.02 -13.53 -2.96
N GLY B 447 -2.18 -12.51 -3.12
CA GLY B 447 -2.57 -11.13 -2.91
C GLY B 447 -2.48 -10.74 -1.44
N MET B 448 -2.34 -9.43 -1.22
CA MET B 448 -2.18 -8.92 0.14
C MET B 448 -3.37 -9.31 1.02
N HIS B 449 -3.06 -9.61 2.28
CA HIS B 449 -4.12 -9.93 3.25
CA HIS B 449 -4.00 -10.04 3.32
C HIS B 449 -4.92 -11.16 2.86
N ARG B 450 -4.30 -12.19 2.29
CA ARG B 450 -5.07 -13.36 1.86
C ARG B 450 -5.54 -14.14 3.08
N MET B 451 -6.86 -14.28 3.21
CA MET B 451 -7.44 -15.03 4.32
CA MET B 451 -7.46 -15.02 4.32
C MET B 451 -7.69 -16.49 3.98
N GLY B 452 -8.28 -16.74 2.81
CA GLY B 452 -8.63 -18.11 2.45
C GLY B 452 -7.39 -18.94 2.20
N ILE B 453 -7.36 -20.12 2.83
CA ILE B 453 -6.26 -21.08 2.67
C ILE B 453 -6.78 -22.18 1.75
N ASP B 454 -6.36 -22.13 0.49
CA ASP B 454 -6.84 -23.10 -0.48
C ASP B 454 -6.15 -24.44 -0.33
N THR B 455 -6.94 -25.52 -0.35
CA THR B 455 -6.38 -26.85 -0.30
C THR B 455 -6.36 -27.55 -1.65
N ASN B 456 -6.89 -26.92 -2.69
CA ASN B 456 -6.93 -27.56 -4.01
C ASN B 456 -5.51 -27.86 -4.46
N PRO B 457 -5.19 -29.11 -4.82
CA PRO B 457 -3.87 -29.38 -5.42
C PRO B 457 -3.60 -28.55 -6.66
N ALA B 458 -4.65 -28.13 -7.35
CA ALA B 458 -4.55 -27.34 -8.58
C ALA B 458 -4.90 -25.88 -8.30
N ASN B 459 -4.16 -24.99 -8.95
CA ASN B 459 -4.53 -23.56 -8.98
C ASN B 459 -4.73 -23.10 -10.42
N TYR B 460 -5.15 -24.02 -11.28
CA TYR B 460 -5.33 -23.74 -12.69
C TYR B 460 -6.40 -24.69 -13.21
N GLU B 461 -7.03 -24.29 -14.32
CA GLU B 461 -7.87 -25.22 -15.06
C GLU B 461 -7.67 -24.96 -16.54
N PRO B 462 -7.79 -25.99 -17.38
CA PRO B 462 -8.18 -27.36 -17.01
C PRO B 462 -7.08 -28.09 -16.24
N ASN B 463 -7.48 -28.89 -15.24
CA ASN B 463 -6.56 -29.73 -14.51
C ASN B 463 -7.10 -31.14 -14.44
N SER B 464 -6.19 -32.11 -14.42
CA SER B 464 -6.57 -33.48 -14.09
C SER B 464 -6.29 -33.81 -12.64
N ILE B 465 -5.38 -33.08 -11.98
CA ILE B 465 -4.90 -33.51 -10.66
C ILE B 465 -5.94 -33.29 -9.58
N ASN B 466 -6.95 -32.46 -9.84
CA ASN B 466 -8.10 -32.33 -8.95
C ASN B 466 -9.39 -32.67 -9.68
N ASP B 467 -9.29 -33.50 -10.73
CA ASP B 467 -10.43 -33.86 -11.57
C ASP B 467 -11.18 -32.62 -12.07
N ASN B 468 -10.42 -31.54 -12.30
CA ASN B 468 -10.91 -30.32 -12.91
C ASN B 468 -11.85 -29.51 -12.01
N TRP B 469 -11.86 -29.79 -10.66
CA TRP B 469 -12.68 -29.00 -9.76
C TRP B 469 -11.90 -27.79 -9.24
N PRO B 470 -12.59 -26.66 -8.96
CA PRO B 470 -14.02 -26.42 -9.20
C PRO B 470 -14.33 -26.26 -10.69
N ARG B 471 -15.53 -26.65 -11.11
CA ARG B 471 -15.87 -26.80 -12.51
C ARG B 471 -16.84 -25.72 -13.00
N GLU B 472 -16.67 -25.37 -14.28
CA GLU B 472 -17.62 -24.50 -14.97
C GLU B 472 -19.02 -25.11 -14.93
N THR B 473 -20.04 -24.26 -15.02
CA THR B 473 -21.43 -24.70 -15.00
C THR B 473 -22.12 -24.09 -16.22
N PRO B 474 -22.77 -24.91 -17.05
CA PRO B 474 -23.49 -24.35 -18.21
C PRO B 474 -24.59 -23.41 -17.75
N PRO B 475 -24.96 -22.44 -18.58
CA PRO B 475 -26.13 -21.61 -18.25
C PRO B 475 -27.38 -22.47 -18.24
N GLY B 476 -28.36 -22.06 -17.44
CA GLY B 476 -29.61 -22.77 -17.34
C GLY B 476 -30.64 -21.97 -16.56
N PRO B 477 -31.81 -22.56 -16.33
CA PRO B 477 -32.91 -21.80 -15.71
C PRO B 477 -32.66 -21.43 -14.27
N LYS B 478 -31.88 -22.22 -13.54
CA LYS B 478 -31.57 -22.00 -12.13
C LYS B 478 -30.20 -22.57 -11.85
N ARG B 479 -29.44 -21.89 -10.99
CA ARG B 479 -28.13 -22.41 -10.53
C ARG B 479 -27.15 -22.64 -11.67
N GLY B 480 -27.31 -21.90 -12.78
CA GLY B 480 -26.43 -22.04 -13.93
C GLY B 480 -25.35 -20.97 -13.97
N GLY B 481 -24.38 -21.20 -14.87
CA GLY B 481 -23.31 -20.24 -15.04
C GLY B 481 -23.77 -18.97 -15.75
N PHE B 482 -23.00 -17.91 -15.55
CA PHE B 482 -23.29 -16.63 -16.19
C PHE B 482 -22.88 -16.66 -17.66
N GLU B 483 -23.81 -16.26 -18.52
CA GLU B 483 -23.52 -16.07 -19.94
C GLU B 483 -24.14 -14.75 -20.36
N SER B 484 -23.38 -13.93 -21.10
CA SER B 484 -23.92 -12.64 -21.52
C SER B 484 -24.98 -12.83 -22.59
N TYR B 485 -25.99 -11.98 -22.55
CA TYR B 485 -26.97 -11.90 -23.63
C TYR B 485 -26.25 -11.58 -24.94
N GLN B 486 -26.56 -12.35 -25.99
CA GLN B 486 -25.81 -12.27 -27.24
C GLN B 486 -26.30 -11.13 -28.12
N GLU B 487 -26.19 -9.92 -27.58
CA GLU B 487 -26.57 -8.71 -28.29
C GLU B 487 -25.74 -8.56 -29.57
N ARG B 488 -26.40 -8.12 -30.65
CA ARG B 488 -25.71 -7.87 -31.90
C ARG B 488 -24.96 -6.54 -31.82
N VAL B 489 -23.69 -6.56 -32.20
CA VAL B 489 -22.83 -5.38 -32.22
C VAL B 489 -22.43 -5.13 -33.67
N GLU B 490 -22.65 -3.91 -34.16
CA GLU B 490 -22.29 -3.56 -35.53
C GLU B 490 -21.88 -2.10 -35.57
N GLY B 491 -20.65 -1.84 -35.99
CA GLY B 491 -20.16 -0.48 -36.12
C GLY B 491 -18.65 -0.46 -36.20
N ASN B 492 -18.12 0.73 -36.50
CA ASN B 492 -16.68 0.94 -36.52
C ASN B 492 -16.20 1.31 -35.11
N LYS B 493 -14.93 1.03 -34.86
CA LYS B 493 -14.29 1.46 -33.60
C LYS B 493 -14.18 2.97 -33.61
N VAL B 494 -14.97 3.65 -32.78
CA VAL B 494 -15.05 5.11 -32.78
C VAL B 494 -15.10 5.65 -31.37
N ARG B 495 -14.48 6.81 -31.17
CA ARG B 495 -14.70 7.64 -29.98
C ARG B 495 -15.69 8.70 -30.43
N GLU B 496 -16.97 8.42 -30.25
CA GLU B 496 -18.02 9.25 -30.82
C GLU B 496 -19.29 9.11 -30.00
N ARG B 497 -19.93 10.24 -29.71
CA ARG B 497 -21.20 10.25 -29.00
C ARG B 497 -22.33 9.95 -29.99
N SER B 498 -23.29 9.14 -29.56
CA SER B 498 -24.42 8.85 -30.43
C SER B 498 -25.20 10.13 -30.68
N PRO B 499 -25.57 10.44 -31.94
CA PRO B 499 -26.37 11.64 -32.19
C PRO B 499 -27.68 11.64 -31.42
N SER B 500 -28.23 10.47 -31.13
CA SER B 500 -29.47 10.36 -30.36
C SER B 500 -29.34 10.93 -28.95
N PHE B 501 -28.12 11.09 -28.45
CA PHE B 501 -27.88 11.68 -27.13
C PHE B 501 -27.84 13.20 -27.17
N GLY B 502 -27.87 13.81 -28.35
CA GLY B 502 -27.59 15.23 -28.48
C GLY B 502 -28.78 16.15 -28.30
N GLU B 503 -29.58 15.89 -27.27
CA GLU B 503 -30.70 16.75 -26.91
C GLU B 503 -30.64 16.94 -25.41
N TYR B 504 -30.67 18.21 -24.97
CA TYR B 504 -30.29 18.53 -23.60
C TYR B 504 -31.35 19.27 -22.79
N TYR B 505 -32.42 19.73 -23.42
CA TYR B 505 -33.31 20.69 -22.77
C TYR B 505 -34.72 20.18 -22.51
N SER B 506 -35.19 19.15 -23.24
N SER B 506 -35.20 19.17 -23.26
CA SER B 506 -36.57 18.72 -23.11
CA SER B 506 -36.57 18.71 -23.10
C SER B 506 -36.84 18.05 -21.76
C SER B 506 -36.81 18.10 -21.72
N HIS B 507 -35.88 17.27 -21.25
CA HIS B 507 -36.08 16.64 -19.94
C HIS B 507 -36.01 17.65 -18.81
N PRO B 508 -35.03 18.57 -18.77
CA PRO B 508 -35.10 19.67 -17.78
C PRO B 508 -36.43 20.41 -17.81
N ARG B 509 -36.99 20.66 -19.01
CA ARG B 509 -38.25 21.37 -19.09
C ARG B 509 -39.41 20.54 -18.54
N LEU B 510 -39.45 19.26 -18.89
CA LEU B 510 -40.47 18.37 -18.34
C LEU B 510 -40.42 18.37 -16.82
N PHE B 511 -39.21 18.27 -16.26
CA PHE B 511 -39.07 18.31 -14.80
C PHE B 511 -39.61 19.63 -14.25
N TRP B 512 -39.19 20.75 -14.84
CA TRP B 512 -39.62 22.07 -14.37
C TRP B 512 -41.14 22.19 -14.38
N LEU B 513 -41.78 21.80 -15.48
CA LEU B 513 -43.22 21.96 -15.60
C LEU B 513 -44.01 21.03 -14.69
N SER B 514 -43.37 19.98 -14.18
CA SER B 514 -44.03 19.02 -13.30
C SER B 514 -44.01 19.45 -11.83
N GLN B 515 -43.24 20.47 -11.48
CA GLN B 515 -43.10 20.89 -10.09
C GLN B 515 -44.26 21.81 -9.70
N THR B 516 -44.60 21.81 -8.41
CA THR B 516 -45.59 22.76 -7.90
C THR B 516 -45.03 24.17 -7.99
N PRO B 517 -45.89 25.19 -7.85
CA PRO B 517 -45.37 26.57 -7.88
C PRO B 517 -44.31 26.83 -6.82
N PHE B 518 -44.48 26.30 -5.60
CA PHE B 518 -43.47 26.53 -4.57
C PHE B 518 -42.20 25.72 -4.83
N GLU B 519 -42.31 24.53 -5.41
CA GLU B 519 -41.11 23.81 -5.83
C GLU B 519 -40.35 24.57 -6.91
N GLN B 520 -41.08 25.21 -7.83
CA GLN B 520 -40.43 26.02 -8.86
C GLN B 520 -39.68 27.18 -8.24
N SER B 521 -40.30 27.86 -7.27
CA SER B 521 -39.62 28.96 -6.58
C SER B 521 -38.35 28.48 -5.91
N HIS B 522 -38.40 27.29 -5.29
CA HIS B 522 -37.19 26.78 -4.63
C HIS B 522 -36.09 26.44 -5.62
N ILE B 523 -36.45 25.96 -6.83
CA ILE B 523 -35.45 25.76 -7.88
C ILE B 523 -34.82 27.09 -8.28
N VAL B 524 -35.66 28.10 -8.55
CA VAL B 524 -35.15 29.43 -8.86
C VAL B 524 -34.19 29.90 -7.79
N ASP B 525 -34.58 29.71 -6.53
CA ASP B 525 -33.75 30.18 -5.42
C ASP B 525 -32.46 29.39 -5.31
N GLY B 526 -32.50 28.10 -5.66
CA GLY B 526 -31.28 27.30 -5.65
C GLY B 526 -30.28 27.77 -6.67
N PHE B 527 -30.71 27.90 -7.93
CA PHE B 527 -29.83 28.47 -8.94
C PHE B 527 -29.31 29.85 -8.53
N SER B 528 -30.21 30.70 -8.02
CA SER B 528 -29.82 32.07 -7.71
C SER B 528 -28.76 32.11 -6.62
N PHE B 529 -28.97 31.32 -5.55
CA PHE B 529 -28.02 31.30 -4.46
C PHE B 529 -26.66 30.77 -4.93
N GLU B 530 -26.68 29.65 -5.65
CA GLU B 530 -25.42 29.06 -6.09
C GLU B 530 -24.67 29.98 -7.04
N LEU B 531 -25.37 30.56 -8.02
CA LEU B 531 -24.68 31.41 -8.98
C LEU B 531 -24.18 32.70 -8.34
N SER B 532 -24.80 33.15 -7.26
N SER B 532 -24.80 33.14 -7.25
CA SER B 532 -24.28 34.32 -6.55
CA SER B 532 -24.30 34.31 -6.54
C SER B 532 -22.91 34.05 -5.93
C SER B 532 -22.93 34.04 -5.92
N LYS B 533 -22.58 32.77 -5.69
CA LYS B 533 -21.30 32.41 -5.12
C LYS B 533 -20.23 32.17 -6.20
N VAL B 534 -20.60 32.27 -7.46
CA VAL B 534 -19.64 32.17 -8.55
C VAL B 534 -19.02 33.57 -8.73
N VAL B 535 -17.70 33.65 -8.60
CA VAL B 535 -17.03 34.96 -8.58
C VAL B 535 -16.94 35.58 -9.97
N ARG B 536 -16.74 34.77 -11.01
CA ARG B 536 -16.60 35.27 -12.37
C ARG B 536 -17.98 35.49 -12.97
N PRO B 537 -18.40 36.75 -13.19
CA PRO B 537 -19.80 36.98 -13.60
C PRO B 537 -20.17 36.34 -14.93
N TYR B 538 -19.24 36.24 -15.90
CA TYR B 538 -19.59 35.66 -17.18
C TYR B 538 -20.08 34.22 -17.05
N ILE B 539 -19.60 33.50 -16.03
CA ILE B 539 -20.11 32.14 -15.82
C ILE B 539 -21.59 32.17 -15.46
N ARG B 540 -21.98 33.08 -14.57
CA ARG B 540 -23.40 33.23 -14.23
C ARG B 540 -24.20 33.53 -15.49
N GLU B 541 -23.72 34.43 -16.33
CA GLU B 541 -24.43 34.81 -17.54
C GLU B 541 -24.57 33.62 -18.48
N ARG B 542 -23.53 32.80 -18.61
CA ARG B 542 -23.59 31.64 -19.50
C ARG B 542 -24.58 30.60 -18.98
N VAL B 543 -24.67 30.44 -17.66
CA VAL B 543 -25.65 29.51 -17.11
C VAL B 543 -27.07 30.03 -17.33
N VAL B 544 -27.29 31.33 -17.11
CA VAL B 544 -28.61 31.90 -17.36
C VAL B 544 -29.02 31.70 -18.81
N ASP B 545 -28.06 31.84 -19.74
CA ASP B 545 -28.36 31.58 -21.15
C ASP B 545 -28.83 30.15 -21.36
N GLN B 546 -28.19 29.19 -20.69
N GLN B 546 -28.18 29.19 -20.70
CA GLN B 546 -28.65 27.80 -20.78
CA GLN B 546 -28.65 27.80 -20.77
C GLN B 546 -30.06 27.64 -20.21
C GLN B 546 -30.08 27.68 -20.25
N LEU B 547 -30.36 28.32 -19.10
CA LEU B 547 -31.72 28.24 -18.55
C LEU B 547 -32.75 28.78 -19.52
N ALA B 548 -32.38 29.78 -20.32
CA ALA B 548 -33.31 30.31 -21.31
C ALA B 548 -33.66 29.30 -22.39
N HIS B 549 -32.82 28.28 -22.60
CA HIS B 549 -33.16 27.21 -23.52
C HIS B 549 -34.08 26.17 -22.91
N ILE B 550 -34.34 26.26 -21.60
CA ILE B 550 -35.18 25.30 -20.89
C ILE B 550 -36.55 25.91 -20.67
N ASP B 551 -36.60 27.06 -20.00
CA ASP B 551 -37.87 27.73 -19.74
C ASP B 551 -37.59 29.20 -19.44
N LEU B 552 -38.30 30.09 -20.14
CA LEU B 552 -38.02 31.51 -20.00
C LEU B 552 -38.47 32.07 -18.65
N THR B 553 -39.52 31.50 -18.04
CA THR B 553 -39.92 31.97 -16.72
C THR B 553 -38.83 31.67 -15.69
N LEU B 554 -38.28 30.46 -15.73
CA LEU B 554 -37.16 30.11 -14.88
C LEU B 554 -35.97 31.03 -15.12
N ALA B 555 -35.59 31.20 -16.40
CA ALA B 555 -34.43 32.01 -16.72
C ALA B 555 -34.60 33.45 -16.28
N GLN B 556 -35.79 34.04 -16.52
CA GLN B 556 -36.04 35.41 -16.12
C GLN B 556 -35.95 35.58 -14.61
N ALA B 557 -36.47 34.62 -13.85
CA ALA B 557 -36.49 34.75 -12.39
C ALA B 557 -35.10 34.64 -11.81
N VAL B 558 -34.28 33.72 -12.34
CA VAL B 558 -32.90 33.63 -11.91
C VAL B 558 -32.13 34.89 -12.30
N ALA B 559 -32.30 35.33 -13.55
CA ALA B 559 -31.62 36.54 -14.01
C ALA B 559 -31.94 37.74 -13.13
N LYS B 560 -33.20 37.89 -12.72
CA LYS B 560 -33.58 39.01 -11.86
C LYS B 560 -32.83 38.96 -10.54
N ASN B 561 -32.73 37.78 -9.93
CA ASN B 561 -32.00 37.64 -8.67
C ASN B 561 -30.51 37.90 -8.83
N LEU B 562 -29.99 37.85 -10.05
CA LEU B 562 -28.58 38.06 -10.31
C LEU B 562 -28.29 39.43 -10.91
N GLY B 563 -29.31 40.26 -11.11
CA GLY B 563 -29.11 41.55 -11.76
C GLY B 563 -28.74 41.45 -13.21
N ILE B 564 -29.14 40.37 -13.89
CA ILE B 564 -28.86 40.16 -15.29
C ILE B 564 -30.12 40.44 -16.10
N GLU B 565 -29.97 41.12 -17.23
CA GLU B 565 -31.07 41.42 -18.13
C GLU B 565 -30.95 40.52 -19.34
N LEU B 566 -31.99 39.72 -19.60
CA LEU B 566 -32.01 38.87 -20.78
C LEU B 566 -32.14 39.74 -22.04
N THR B 567 -31.41 39.34 -23.09
CA THR B 567 -31.49 40.05 -24.35
C THR B 567 -32.76 39.65 -25.09
N ASP B 568 -33.06 40.41 -26.15
CA ASP B 568 -34.22 40.09 -26.96
C ASP B 568 -34.07 38.71 -27.61
N ASP B 569 -32.85 38.36 -28.05
CA ASP B 569 -32.63 37.04 -28.63
C ASP B 569 -32.87 35.94 -27.61
N GLN B 570 -32.45 36.14 -26.36
CA GLN B 570 -32.71 35.14 -25.34
C GLN B 570 -34.20 34.98 -25.08
N LEU B 571 -34.94 36.10 -25.05
CA LEU B 571 -36.37 36.03 -24.83
C LEU B 571 -37.11 35.34 -25.97
N ASN B 572 -36.46 35.15 -27.12
CA ASN B 572 -37.09 34.54 -28.27
C ASN B 572 -36.62 33.11 -28.53
N ILE B 573 -35.86 32.51 -27.61
CA ILE B 573 -35.44 31.13 -27.80
C ILE B 573 -36.68 30.23 -27.77
N THR B 574 -36.82 29.41 -28.79
CA THR B 574 -37.94 28.49 -28.85
C THR B 574 -37.79 27.42 -27.78
N PRO B 575 -38.82 27.16 -26.98
CA PRO B 575 -38.71 26.11 -25.95
C PRO B 575 -38.49 24.75 -26.58
N PRO B 576 -37.89 23.81 -25.86
CA PRO B 576 -37.69 22.48 -26.40
C PRO B 576 -39.03 21.75 -26.51
N PRO B 577 -39.10 20.68 -27.29
CA PRO B 577 -40.37 19.98 -27.44
C PRO B 577 -40.75 19.22 -26.18
N ASP B 578 -42.02 18.86 -26.12
CA ASP B 578 -42.50 17.95 -25.09
C ASP B 578 -41.84 16.59 -25.27
N VAL B 579 -41.95 15.78 -24.23
CA VAL B 579 -41.39 14.43 -24.23
C VAL B 579 -42.53 13.46 -24.54
N ASN B 580 -42.55 12.94 -25.76
CA ASN B 580 -43.60 12.03 -26.22
C ASN B 580 -44.99 12.54 -25.85
N GLY B 581 -45.23 13.81 -26.13
CA GLY B 581 -46.54 14.41 -25.89
C GLY B 581 -46.80 14.87 -24.48
N LEU B 582 -45.87 14.64 -23.54
CA LEU B 582 -46.08 15.01 -22.16
C LEU B 582 -45.66 16.46 -21.91
N LYS B 583 -46.54 17.23 -21.28
CA LYS B 583 -46.19 18.55 -20.76
C LYS B 583 -46.01 18.55 -19.25
N LYS B 584 -46.16 17.40 -18.61
CA LYS B 584 -45.89 17.25 -17.18
C LYS B 584 -46.00 15.78 -16.84
N ASP B 585 -45.39 15.42 -15.72
CA ASP B 585 -45.56 14.10 -15.14
C ASP B 585 -45.49 14.29 -13.63
N PRO B 586 -46.63 14.22 -12.94
CA PRO B 586 -46.64 14.56 -11.50
C PRO B 586 -45.75 13.67 -10.65
N SER B 587 -45.34 12.50 -11.14
CA SER B 587 -44.43 11.65 -10.38
C SER B 587 -43.05 12.28 -10.20
N LEU B 588 -42.74 13.35 -10.93
CA LEU B 588 -41.45 14.02 -10.81
C LEU B 588 -41.44 15.05 -9.69
N SER B 589 -42.58 15.36 -9.11
CA SER B 589 -42.69 16.33 -8.03
C SER B 589 -42.59 15.62 -6.69
N LEU B 590 -41.97 16.28 -5.72
CA LEU B 590 -41.96 15.75 -4.37
C LEU B 590 -43.35 15.79 -3.75
N TYR B 591 -44.16 16.79 -4.10
CA TYR B 591 -45.32 17.16 -3.30
C TYR B 591 -46.63 17.24 -4.07
N ALA B 592 -46.61 17.16 -5.40
CA ALA B 592 -47.85 17.34 -6.16
C ALA B 592 -48.89 16.31 -5.77
N ILE B 593 -48.47 15.07 -5.54
CA ILE B 593 -49.35 13.99 -5.09
C ILE B 593 -48.94 13.64 -3.66
N PRO B 594 -49.79 13.90 -2.67
CA PRO B 594 -49.39 13.68 -1.27
C PRO B 594 -49.09 12.21 -1.00
N ASP B 595 -47.96 11.96 -0.33
CA ASP B 595 -47.62 10.62 0.11
C ASP B 595 -47.04 10.61 1.52
N GLY B 596 -47.25 11.68 2.28
CA GLY B 596 -46.58 11.82 3.56
C GLY B 596 -47.18 10.93 4.63
N ASP B 597 -46.31 10.37 5.45
CA ASP B 597 -46.67 9.58 6.63
C ASP B 597 -45.91 10.17 7.80
N VAL B 598 -46.59 10.32 8.95
CA VAL B 598 -45.97 11.00 10.08
C VAL B 598 -45.15 10.10 10.98
N LYS B 599 -45.25 8.77 10.83
CA LYS B 599 -44.52 7.89 11.72
C LYS B 599 -43.02 8.15 11.59
N GLY B 600 -42.37 8.35 12.73
CA GLY B 600 -40.95 8.63 12.76
C GLY B 600 -40.58 10.09 12.76
N ARG B 601 -41.52 10.99 12.49
CA ARG B 601 -41.26 12.41 12.64
C ARG B 601 -41.16 12.77 14.12
N VAL B 602 -40.77 14.00 14.40
CA VAL B 602 -40.49 14.43 15.77
C VAL B 602 -40.99 15.85 15.98
N VAL B 603 -41.52 16.11 17.17
CA VAL B 603 -42.05 17.42 17.55
C VAL B 603 -41.26 17.94 18.74
N ALA B 604 -40.91 19.22 18.70
CA ALA B 604 -40.39 19.90 19.88
C ALA B 604 -41.54 20.38 20.74
N ILE B 605 -41.47 20.12 22.04
CA ILE B 605 -42.44 20.62 23.01
C ILE B 605 -41.70 21.60 23.92
N LEU B 606 -42.08 22.88 23.85
CA LEU B 606 -41.39 23.92 24.61
C LEU B 606 -42.04 24.03 25.99
N LEU B 607 -41.29 23.62 27.02
CA LEU B 607 -41.81 23.58 28.37
C LEU B 607 -41.68 24.94 29.06
N ASN B 608 -42.37 25.08 30.18
CA ASN B 608 -42.19 26.17 31.12
C ASN B 608 -42.08 25.58 32.51
N ASP B 609 -41.86 26.43 33.52
CA ASP B 609 -41.59 25.91 34.86
C ASP B 609 -42.84 25.46 35.61
N GLU B 610 -44.03 25.56 35.01
CA GLU B 610 -45.25 25.04 35.63
C GLU B 610 -46.24 24.66 34.52
N VAL B 611 -45.88 23.62 33.77
CA VAL B 611 -46.68 23.20 32.62
C VAL B 611 -48.06 22.75 33.06
N ARG B 612 -49.06 23.04 32.23
CA ARG B 612 -50.40 22.48 32.43
C ARG B 612 -50.38 21.01 32.04
N SER B 613 -50.39 20.13 33.05
CA SER B 613 -50.20 18.70 32.80
C SER B 613 -51.26 18.13 31.87
N ALA B 614 -52.49 18.64 31.95
CA ALA B 614 -53.56 18.13 31.08
C ALA B 614 -53.25 18.38 29.60
N ASP B 615 -52.62 19.52 29.29
CA ASP B 615 -52.18 19.78 27.93
C ASP B 615 -51.14 18.73 27.49
N LEU B 616 -50.13 18.52 28.33
CA LEU B 616 -49.04 17.63 27.96
C LEU B 616 -49.50 16.18 27.83
N LEU B 617 -50.44 15.76 28.68
CA LEU B 617 -51.00 14.41 28.57
C LEU B 617 -51.65 14.21 27.21
N ALA B 618 -52.48 15.16 26.78
CA ALA B 618 -53.17 15.03 25.50
C ALA B 618 -52.19 15.07 24.32
N ILE B 619 -51.18 15.92 24.41
CA ILE B 619 -50.18 16.00 23.35
C ILE B 619 -49.45 14.68 23.19
N LEU B 620 -48.88 14.17 24.27
CA LEU B 620 -48.06 12.97 24.18
C LEU B 620 -48.90 11.75 23.79
N LYS B 621 -50.14 11.69 24.27
CA LYS B 621 -51.02 10.58 23.92
C LYS B 621 -51.27 10.54 22.41
N ALA B 622 -51.57 11.70 21.81
CA ALA B 622 -51.88 11.73 20.40
C ALA B 622 -50.65 11.46 19.54
N LEU B 623 -49.50 12.02 19.94
CA LEU B 623 -48.26 11.76 19.21
C LEU B 623 -47.91 10.27 19.27
N LYS B 624 -48.06 9.65 20.44
CA LYS B 624 -47.72 8.24 20.57
C LYS B 624 -48.60 7.38 19.69
N ALA B 625 -49.89 7.72 19.58
CA ALA B 625 -50.80 6.94 18.75
C ALA B 625 -50.42 6.94 17.28
N LYS B 626 -49.70 7.97 16.82
CA LYS B 626 -49.29 8.06 15.42
C LYS B 626 -47.82 7.73 15.21
N GLY B 627 -47.10 7.32 16.25
CA GLY B 627 -45.70 7.01 16.09
C GLY B 627 -44.81 8.22 15.93
N VAL B 628 -45.27 9.38 16.36
CA VAL B 628 -44.51 10.62 16.29
C VAL B 628 -43.78 10.82 17.62
N HIS B 629 -42.48 11.09 17.54
CA HIS B 629 -41.66 11.28 18.73
C HIS B 629 -41.74 12.73 19.21
N ALA B 630 -41.34 12.94 20.47
CA ALA B 630 -41.32 14.27 21.06
C ALA B 630 -40.00 14.47 21.79
N LYS B 631 -39.55 15.73 21.81
CA LYS B 631 -38.44 16.12 22.67
C LYS B 631 -38.88 17.30 23.54
N LEU B 632 -38.77 17.13 24.85
CA LEU B 632 -39.16 18.16 25.81
C LEU B 632 -37.99 19.11 26.01
N LEU B 633 -38.21 20.38 25.69
CA LEU B 633 -37.14 21.37 25.69
C LEU B 633 -37.40 22.44 26.76
N TYR B 634 -36.32 22.99 27.30
CA TYR B 634 -36.42 24.06 28.28
C TYR B 634 -35.17 24.94 28.15
N SER B 635 -35.02 25.89 29.09
CA SER B 635 -33.89 26.81 29.08
C SER B 635 -32.66 26.24 29.79
N ARG B 636 -32.79 25.10 30.46
CA ARG B 636 -31.70 24.41 31.10
C ARG B 636 -32.01 22.92 31.07
N MET B 637 -31.03 22.11 31.49
CA MET B 637 -31.26 20.68 31.63
C MET B 637 -31.82 20.38 33.01
N GLY B 638 -32.09 19.10 33.28
CA GLY B 638 -32.64 18.70 34.55
C GLY B 638 -34.12 18.36 34.46
N GLU B 639 -34.91 18.89 35.39
CA GLU B 639 -36.34 18.60 35.42
C GLU B 639 -37.11 19.89 35.68
N VAL B 640 -38.38 19.90 35.29
CA VAL B 640 -39.35 20.87 35.78
C VAL B 640 -40.55 20.09 36.29
N THR B 641 -41.35 20.76 37.11
CA THR B 641 -42.52 20.16 37.75
C THR B 641 -43.78 20.83 37.21
N ALA B 642 -44.74 20.02 36.78
CA ALA B 642 -45.97 20.51 36.20
C ALA B 642 -46.92 21.02 37.28
N ASP B 643 -48.09 21.51 36.86
CA ASP B 643 -49.04 22.07 37.81
C ASP B 643 -49.54 21.04 38.80
N ASP B 644 -49.64 19.78 38.39
CA ASP B 644 -50.14 18.72 39.27
C ASP B 644 -49.03 17.98 40.00
N GLY B 645 -47.78 18.42 39.88
CA GLY B 645 -46.67 17.77 40.53
C GLY B 645 -45.91 16.77 39.67
N THR B 646 -46.38 16.50 38.45
CA THR B 646 -45.67 15.59 37.57
C THR B 646 -44.29 16.16 37.25
N VAL B 647 -43.26 15.34 37.45
CA VAL B 647 -41.89 15.74 37.17
C VAL B 647 -41.60 15.45 35.70
N LEU B 648 -41.11 16.47 34.99
CA LEU B 648 -40.88 16.38 33.55
C LEU B 648 -39.38 16.40 33.28
N PRO B 649 -38.80 15.33 32.70
CA PRO B 649 -37.38 15.36 32.36
C PRO B 649 -37.14 16.13 31.08
N ILE B 650 -36.11 16.96 31.09
CA ILE B 650 -35.77 17.81 29.95
C ILE B 650 -34.80 17.07 29.05
N ALA B 651 -35.09 17.04 27.75
CA ALA B 651 -34.23 16.35 26.81
C ALA B 651 -33.07 17.22 26.34
N ALA B 652 -33.31 18.52 26.18
CA ALA B 652 -32.32 19.43 25.61
C ALA B 652 -32.78 20.84 25.89
N THR B 653 -31.86 21.79 25.70
CA THR B 653 -32.21 23.20 25.78
C THR B 653 -32.73 23.67 24.42
N PHE B 654 -33.39 24.82 24.43
CA PHE B 654 -33.85 25.43 23.19
C PHE B 654 -32.72 25.54 22.19
N ALA B 655 -31.56 26.03 22.64
CA ALA B 655 -30.41 26.15 21.75
C ALA B 655 -29.79 24.81 21.42
N GLY B 656 -29.88 23.84 22.34
CA GLY B 656 -29.21 22.57 22.13
C GLY B 656 -29.88 21.68 21.11
N ALA B 657 -31.19 21.84 20.92
CA ALA B 657 -31.95 21.04 19.95
C ALA B 657 -32.82 22.00 19.14
N PRO B 658 -32.22 22.72 18.19
CA PRO B 658 -32.94 23.78 17.48
C PRO B 658 -34.12 23.25 16.67
N SER B 659 -35.01 24.18 16.29
CA SER B 659 -36.18 23.80 15.50
C SER B 659 -35.81 23.10 14.21
N LEU B 660 -34.59 23.35 13.70
CA LEU B 660 -34.11 22.68 12.50
C LEU B 660 -34.23 21.17 12.61
N THR B 661 -34.13 20.63 13.83
CA THR B 661 -34.06 19.19 14.04
C THR B 661 -35.42 18.54 14.21
N VAL B 662 -36.52 19.30 14.15
CA VAL B 662 -37.85 18.77 14.36
C VAL B 662 -38.77 19.14 13.20
N ASP B 663 -39.93 18.48 13.17
CA ASP B 663 -40.89 18.64 12.11
C ASP B 663 -42.03 19.60 12.45
N ALA B 664 -42.23 19.88 13.74
CA ALA B 664 -43.29 20.76 14.21
C ALA B 664 -42.96 21.17 15.62
N VAL B 665 -43.62 22.22 16.11
CA VAL B 665 -43.40 22.74 17.44
C VAL B 665 -44.74 22.90 18.15
N ILE B 666 -44.83 22.44 19.39
CA ILE B 666 -46.01 22.59 20.22
C ILE B 666 -45.62 23.32 21.49
N VAL B 667 -46.44 24.28 21.90
CA VAL B 667 -46.22 24.99 23.16
C VAL B 667 -47.44 24.79 24.05
N PRO B 668 -47.33 24.02 25.13
CA PRO B 668 -48.46 23.86 26.05
C PRO B 668 -48.61 25.10 26.93
N CYS B 669 -49.75 25.17 27.61
CA CYS B 669 -49.98 26.27 28.53
C CYS B 669 -49.23 26.04 29.83
N GLY B 670 -49.43 26.95 30.77
CA GLY B 670 -48.75 26.91 32.05
C GLY B 670 -48.30 28.29 32.45
N ASN B 671 -47.11 28.39 33.05
CA ASN B 671 -46.53 29.69 33.41
C ASN B 671 -45.79 30.22 32.17
N ILE B 672 -46.58 30.75 31.23
CA ILE B 672 -46.00 31.22 29.96
C ILE B 672 -45.06 32.39 30.19
N ALA B 673 -45.31 33.19 31.23
CA ALA B 673 -44.41 34.30 31.58
C ALA B 673 -42.99 33.83 31.83
N ASP B 674 -42.79 32.56 32.19
CA ASP B 674 -41.45 32.03 32.43
C ASP B 674 -40.61 32.05 31.16
N ILE B 675 -41.22 31.84 29.99
CA ILE B 675 -40.52 31.77 28.72
C ILE B 675 -40.91 32.86 27.75
N ALA B 676 -41.88 33.72 28.11
CA ALA B 676 -42.41 34.70 27.17
C ALA B 676 -41.35 35.69 26.70
N ASP B 677 -40.38 36.03 27.56
CA ASP B 677 -39.32 36.95 27.21
C ASP B 677 -37.98 36.24 26.96
N ASN B 678 -38.01 34.92 26.83
CA ASN B 678 -36.81 34.15 26.54
C ASN B 678 -36.51 34.25 25.05
N GLY B 679 -35.38 34.87 24.71
CA GLY B 679 -35.04 35.05 23.30
C GLY B 679 -34.96 33.74 22.54
N ASP B 680 -34.35 32.72 23.15
CA ASP B 680 -34.23 31.42 22.50
C ASP B 680 -35.59 30.80 22.23
N ALA B 681 -36.52 30.90 23.18
CA ALA B 681 -37.84 30.32 22.98
C ALA B 681 -38.60 31.05 21.87
N ASN B 682 -38.57 32.39 21.88
CA ASN B 682 -39.19 33.14 20.79
C ASN B 682 -38.55 32.82 19.45
N TYR B 683 -37.21 32.78 19.40
CA TYR B 683 -36.56 32.48 18.13
C TYR B 683 -36.86 31.07 17.66
N TYR B 684 -37.04 30.12 18.60
CA TYR B 684 -37.39 28.75 18.24
C TYR B 684 -38.62 28.75 17.33
N LEU B 685 -39.64 29.54 17.70
CA LEU B 685 -40.87 29.59 16.94
C LEU B 685 -40.68 30.35 15.64
N MET B 686 -39.86 31.41 15.65
CA MET B 686 -39.64 32.20 14.43
C MET B 686 -38.90 31.39 13.38
N GLU B 687 -37.90 30.62 13.80
CA GLU B 687 -37.17 29.75 12.87
C GLU B 687 -38.09 28.68 12.30
N ALA B 688 -38.86 28.03 13.17
CA ALA B 688 -39.80 27.02 12.69
C ALA B 688 -40.83 27.64 11.75
N TYR B 689 -41.27 28.86 12.06
CA TYR B 689 -42.25 29.54 11.21
C TYR B 689 -41.66 29.83 9.83
N LYS B 690 -40.46 30.42 9.81
CA LYS B 690 -39.78 30.71 8.54
C LYS B 690 -39.62 29.46 7.69
N HIS B 691 -39.36 28.32 8.32
CA HIS B 691 -39.13 27.07 7.61
C HIS B 691 -40.41 26.30 7.33
N LEU B 692 -41.56 26.94 7.49
CA LEU B 692 -42.85 26.41 7.06
C LEU B 692 -43.33 25.24 7.90
N LYS B 693 -42.82 25.12 9.15
CA LYS B 693 -43.24 23.98 9.95
C LYS B 693 -44.54 24.29 10.72
N PRO B 694 -45.37 23.27 10.90
CA PRO B 694 -46.57 23.45 11.73
C PRO B 694 -46.21 23.85 13.14
N ILE B 695 -47.01 24.76 13.70
CA ILE B 695 -46.85 25.24 15.07
C ILE B 695 -48.22 25.19 15.75
N ALA B 696 -48.24 24.71 16.99
CA ALA B 696 -49.48 24.59 17.75
C ALA B 696 -49.30 25.25 19.11
N LEU B 697 -50.25 26.11 19.49
CA LEU B 697 -50.17 26.91 20.69
C LEU B 697 -51.44 26.75 21.52
N ALA B 698 -51.29 26.32 22.78
CA ALA B 698 -52.42 26.06 23.65
C ALA B 698 -52.50 27.11 24.77
N GLY B 699 -53.71 27.60 25.02
CA GLY B 699 -53.93 28.50 26.14
C GLY B 699 -53.11 29.77 26.02
N ASP B 700 -52.45 30.15 27.12
CA ASP B 700 -51.64 31.38 27.14
C ASP B 700 -50.46 31.31 26.18
N ALA B 701 -50.09 30.13 25.68
CA ALA B 701 -49.05 30.05 24.67
C ALA B 701 -49.43 30.78 23.40
N ARG B 702 -50.73 31.06 23.18
CA ARG B 702 -51.14 31.80 22.01
C ARG B 702 -50.57 33.21 21.98
N LYS B 703 -50.07 33.70 23.11
CA LYS B 703 -49.41 35.00 23.15
C LYS B 703 -48.12 35.02 22.31
N PHE B 704 -47.57 33.85 21.98
CA PHE B 704 -46.42 33.79 21.10
C PHE B 704 -46.76 34.15 19.66
N LYS B 705 -48.05 34.28 19.31
CA LYS B 705 -48.40 34.69 17.96
C LYS B 705 -47.80 36.04 17.60
N ALA B 706 -47.57 36.90 18.61
CA ALA B 706 -47.01 38.22 18.34
C ALA B 706 -45.61 38.12 17.76
N THR B 707 -44.78 37.20 18.26
CA THR B 707 -43.41 37.09 17.76
C THR B 707 -43.33 36.60 16.32
N ILE B 708 -44.34 35.88 15.84
CA ILE B 708 -44.40 35.44 14.44
C ILE B 708 -45.35 36.30 13.61
N LYS B 709 -45.81 37.43 14.17
CA LYS B 709 -46.65 38.40 13.45
C LYS B 709 -47.95 37.79 12.94
N ILE B 710 -48.54 36.89 13.73
CA ILE B 710 -49.82 36.29 13.40
C ILE B 710 -50.91 37.06 14.14
N ALA B 711 -51.95 37.45 13.41
CA ALA B 711 -53.03 38.24 13.95
C ALA B 711 -53.95 37.39 14.82
N ASP B 712 -54.84 38.07 15.56
CA ASP B 712 -55.74 37.37 16.47
C ASP B 712 -56.61 36.35 15.73
N GLN B 713 -57.02 36.68 14.50
CA GLN B 713 -57.83 35.76 13.72
C GLN B 713 -57.13 34.42 13.47
N GLY B 714 -55.82 34.38 13.58
CA GLY B 714 -55.08 33.16 13.29
C GLY B 714 -54.82 33.01 11.80
N GLU B 715 -54.24 31.87 11.45
CA GLU B 715 -53.98 31.57 10.05
C GLU B 715 -53.72 30.07 9.92
N GLU B 716 -53.96 29.56 8.72
CA GLU B 716 -53.71 28.15 8.44
C GLU B 716 -52.24 27.84 8.67
N GLY B 717 -51.98 26.75 9.39
CA GLY B 717 -50.63 26.37 9.76
C GLY B 717 -50.26 26.67 11.19
N ILE B 718 -51.09 27.46 11.89
CA ILE B 718 -50.92 27.74 13.31
C ILE B 718 -52.14 27.16 14.01
N VAL B 719 -51.95 26.05 14.71
CA VAL B 719 -53.03 25.44 15.47
C VAL B 719 -53.14 26.15 16.82
N GLU B 720 -54.35 26.52 17.21
CA GLU B 720 -54.53 27.19 18.49
C GLU B 720 -55.87 26.81 19.10
N ALA B 721 -55.90 26.77 20.43
CA ALA B 721 -57.11 26.45 21.19
C ALA B 721 -56.88 26.82 22.65
N ASP B 722 -57.99 26.88 23.40
CA ASP B 722 -57.88 27.13 24.84
C ASP B 722 -57.07 26.04 25.53
N SER B 723 -57.18 24.80 25.05
CA SER B 723 -56.43 23.70 25.61
C SER B 723 -56.08 22.73 24.49
N ALA B 724 -55.13 21.84 24.78
CA ALA B 724 -54.69 20.84 23.81
C ALA B 724 -55.67 19.69 23.63
N ASP B 725 -56.84 19.75 24.26
CA ASP B 725 -57.85 18.71 24.12
C ASP B 725 -58.61 18.89 22.81
N GLY B 726 -59.58 18.01 22.59
CA GLY B 726 -60.42 18.11 21.39
C GLY B 726 -59.64 17.83 20.12
N SER B 727 -59.90 18.64 19.10
CA SER B 727 -59.33 18.46 17.77
C SER B 727 -57.98 19.13 17.59
N PHE B 728 -57.41 19.67 18.67
CA PHE B 728 -56.13 20.37 18.62
C PHE B 728 -55.05 19.48 18.02
N MET B 729 -54.90 18.26 18.55
CA MET B 729 -53.85 17.38 18.08
C MET B 729 -54.15 16.80 16.71
N ASP B 730 -55.43 16.55 16.41
CA ASP B 730 -55.80 16.10 15.07
C ASP B 730 -55.42 17.14 14.01
N GLU B 731 -55.69 18.41 14.29
CA GLU B 731 -55.32 19.46 13.35
C GLU B 731 -53.82 19.53 13.15
N LEU B 732 -53.05 19.41 14.24
CA LEU B 732 -51.60 19.46 14.11
C LEU B 732 -51.07 18.26 13.33
N LEU B 733 -51.57 17.07 13.65
CA LEU B 733 -51.09 15.88 12.95
C LEU B 733 -51.49 15.88 11.48
N THR B 734 -52.61 16.52 11.14
CA THR B 734 -52.97 16.69 9.74
C THR B 734 -51.97 17.61 9.03
N LEU B 735 -51.60 18.72 9.67
CA LEU B 735 -50.55 19.57 9.11
C LEU B 735 -49.25 18.78 8.94
N MET B 736 -48.88 17.97 9.92
CA MET B 736 -47.64 17.21 9.81
C MET B 736 -47.68 16.22 8.64
N ALA B 737 -48.86 15.64 8.38
CA ALA B 737 -48.99 14.73 7.26
C ALA B 737 -48.73 15.44 5.93
N ALA B 738 -48.99 16.74 5.86
CA ALA B 738 -48.70 17.54 4.67
C ALA B 738 -47.28 18.10 4.68
N HIS B 739 -46.48 17.75 5.68
CA HIS B 739 -45.04 18.06 5.76
C HIS B 739 -44.74 19.53 6.09
N ARG B 740 -45.09 20.46 5.20
CA ARG B 740 -44.83 21.87 5.42
C ARG B 740 -46.03 22.71 5.02
N VAL B 741 -46.07 23.93 5.55
CA VAL B 741 -47.23 24.84 5.34
C VAL B 741 -46.85 25.74 4.18
N TRP B 742 -47.02 25.22 2.96
CA TRP B 742 -46.58 25.96 1.77
C TRP B 742 -47.32 27.29 1.62
N SER B 743 -48.56 27.36 2.10
CA SER B 743 -49.33 28.59 1.96
C SER B 743 -48.75 29.75 2.76
N ARG B 744 -47.81 29.47 3.67
CA ARG B 744 -47.20 30.49 4.50
C ARG B 744 -46.09 31.25 3.77
N ILE B 745 -45.63 30.75 2.61
CA ILE B 745 -44.48 31.35 1.95
C ILE B 745 -44.59 32.86 1.76
N PRO B 746 -45.73 33.43 1.33
CA PRO B 746 -45.81 34.90 1.18
C PRO B 746 -45.57 35.69 2.47
N LYS B 747 -45.66 35.05 3.63
CA LYS B 747 -45.53 35.75 4.90
C LYS B 747 -44.13 35.68 5.50
N ILE B 748 -43.25 34.83 4.99
CA ILE B 748 -41.97 34.59 5.68
C ILE B 748 -40.92 35.66 5.39
N ASP B 749 -41.00 36.38 4.27
CA ASP B 749 -39.94 37.31 3.92
C ASP B 749 -39.82 38.47 4.90
N LYS B 750 -40.92 38.85 5.56
CA LYS B 750 -40.87 39.92 6.54
C LYS B 750 -40.33 39.45 7.89
N ILE B 751 -40.27 38.15 8.13
CA ILE B 751 -39.86 37.61 9.42
C ILE B 751 -38.35 37.72 9.57
N PRO B 752 -37.84 38.45 10.56
CA PRO B 752 -36.40 38.48 10.80
C PRO B 752 -35.93 37.24 11.52
N ALA B 753 -35.58 36.20 10.76
CA ALA B 753 -35.11 34.96 11.35
C ALA B 753 -34.19 34.27 10.36
N ASP C 27 -11.45 27.91 -30.70
CA ASP C 27 -11.14 26.94 -29.65
C ASP C 27 -11.07 27.60 -28.28
N SER C 28 -11.21 28.92 -28.24
CA SER C 28 -11.05 29.67 -27.00
C SER C 28 -12.40 29.76 -26.29
N LEU C 29 -12.45 29.22 -25.06
CA LEU C 29 -13.64 29.28 -24.21
C LEU C 29 -13.60 30.42 -23.20
N ALA C 30 -12.44 31.02 -22.97
CA ALA C 30 -12.34 32.14 -22.05
C ALA C 30 -13.11 33.34 -22.60
N PRO C 31 -13.63 34.19 -21.73
CA PRO C 31 -14.32 35.40 -22.20
C PRO C 31 -13.33 36.33 -22.88
N GLU C 32 -13.84 37.06 -23.88
CA GLU C 32 -12.99 37.94 -24.66
C GLU C 32 -12.36 39.04 -23.82
N ASP C 33 -13.05 39.46 -22.75
CA ASP C 33 -12.56 40.57 -21.93
C ASP C 33 -11.51 40.14 -20.91
N GLY C 34 -11.15 38.86 -20.86
CA GLY C 34 -10.13 38.40 -19.95
C GLY C 34 -10.52 38.35 -18.49
N SER C 35 -11.82 38.46 -18.18
CA SER C 35 -12.27 38.50 -16.79
C SER C 35 -12.20 37.15 -16.11
N HIS C 36 -11.73 36.11 -16.79
CA HIS C 36 -11.53 34.83 -16.13
C HIS C 36 -10.25 34.79 -15.31
N SER C 37 -9.29 35.68 -15.59
CA SER C 37 -7.95 35.57 -15.02
C SER C 37 -7.78 36.58 -13.88
N PRO C 38 -7.45 36.13 -12.68
CA PRO C 38 -7.19 37.09 -11.59
C PRO C 38 -5.90 37.86 -11.81
N ALA C 39 -5.91 39.12 -11.37
CA ALA C 39 -4.72 39.95 -11.44
C ALA C 39 -3.62 39.41 -10.54
N ALA C 40 -2.39 39.39 -11.06
CA ALA C 40 -1.23 38.92 -10.29
C ALA C 40 -0.64 40.06 -9.47
N GLU C 41 -1.47 40.58 -8.57
CA GLU C 41 -1.13 41.67 -7.67
C GLU C 41 -2.00 41.52 -6.44
N PRO C 42 -1.59 42.08 -5.30
CA PRO C 42 -2.42 41.92 -4.09
C PRO C 42 -3.77 42.60 -4.25
N THR C 43 -4.82 41.88 -3.90
CA THR C 43 -6.19 42.35 -4.04
C THR C 43 -6.99 41.91 -2.82
N PRO C 44 -7.98 42.70 -2.40
CA PRO C 44 -8.70 42.38 -1.15
C PRO C 44 -9.63 41.20 -1.34
N PRO C 45 -10.10 40.60 -0.25
CA PRO C 45 -10.97 39.42 -0.36
C PRO C 45 -12.18 39.71 -1.25
N GLY C 46 -12.46 38.78 -2.15
CA GLY C 46 -13.61 38.87 -3.03
C GLY C 46 -13.42 39.72 -4.27
N ALA C 47 -12.32 40.46 -4.40
CA ALA C 47 -12.15 41.35 -5.55
C ALA C 47 -11.76 40.60 -6.83
N GLN C 48 -11.16 39.42 -6.70
CA GLN C 48 -10.70 38.64 -7.83
C GLN C 48 -10.92 37.17 -7.47
N PRO C 49 -11.02 36.28 -8.45
CA PRO C 49 -11.00 34.86 -8.15
C PRO C 49 -9.66 34.50 -7.50
N THR C 50 -9.69 33.58 -6.53
CA THR C 50 -8.44 33.12 -5.93
C THR C 50 -7.71 32.20 -6.92
N ALA C 51 -6.41 32.00 -6.67
CA ALA C 51 -5.58 31.35 -7.67
C ALA C 51 -4.43 30.62 -6.99
N PRO C 52 -3.80 29.66 -7.68
CA PRO C 52 -2.54 29.08 -7.19
C PRO C 52 -1.51 30.16 -6.88
N GLY C 53 -0.73 29.94 -5.83
CA GLY C 53 0.17 30.96 -5.32
C GLY C 53 1.19 31.45 -6.34
N SER C 54 1.71 30.54 -7.17
N SER C 54 1.72 30.54 -7.17
CA SER C 54 2.73 30.96 -8.13
CA SER C 54 2.72 30.93 -8.15
C SER C 54 2.16 31.75 -9.30
C SER C 54 2.12 31.86 -9.21
N LEU C 55 0.84 31.71 -9.50
CA LEU C 55 0.19 32.55 -10.51
C LEU C 55 -0.33 33.85 -9.91
N LYS C 56 -0.73 33.84 -8.64
CA LYS C 56 -1.19 35.07 -7.99
C LYS C 56 -0.03 35.97 -7.61
N ALA C 57 1.08 35.39 -7.14
CA ALA C 57 2.21 36.14 -6.61
C ALA C 57 3.51 35.54 -7.16
N PRO C 58 3.73 35.63 -8.47
CA PRO C 58 4.90 34.96 -9.07
C PRO C 58 6.23 35.50 -8.59
N ASP C 59 6.27 36.72 -8.06
CA ASP C 59 7.51 37.34 -7.64
C ASP C 59 7.76 37.23 -6.14
N THR C 60 6.88 36.56 -5.40
CA THR C 60 7.17 36.23 -4.01
C THR C 60 8.00 34.96 -4.01
N ARG C 61 9.22 35.05 -3.51
CA ARG C 61 10.17 33.94 -3.62
C ARG C 61 10.86 33.70 -2.29
N ASN C 62 11.26 32.45 -2.09
CA ASN C 62 12.20 32.05 -1.06
C ASN C 62 12.93 30.82 -1.57
N GLU C 63 13.95 30.39 -0.83
CA GLU C 63 14.78 29.27 -1.29
C GLU C 63 13.94 28.00 -1.49
N LYS C 64 12.96 27.74 -0.62
CA LYS C 64 12.15 26.54 -0.79
C LYS C 64 11.23 26.66 -1.99
N LEU C 65 10.52 27.78 -2.10
CA LEU C 65 9.63 27.99 -3.25
C LEU C 65 10.40 27.87 -4.56
N ASN C 66 11.60 28.44 -4.62
CA ASN C 66 12.39 28.34 -5.84
C ASN C 66 12.79 26.90 -6.13
N SER C 67 13.10 26.14 -5.08
CA SER C 67 13.53 24.76 -5.25
C SER C 67 12.42 23.86 -5.75
N LEU C 68 11.16 24.29 -5.67
CA LEU C 68 10.04 23.52 -6.18
C LEU C 68 9.78 23.75 -7.66
N GLU C 69 10.54 24.64 -8.29
CA GLU C 69 10.27 24.94 -9.69
C GLU C 69 10.44 23.72 -10.58
N ASP C 70 11.35 22.81 -10.22
CA ASP C 70 11.62 21.61 -11.01
C ASP C 70 10.41 20.69 -11.11
N VAL C 71 9.46 20.76 -10.17
CA VAL C 71 8.28 19.91 -10.23
C VAL C 71 7.01 20.67 -10.53
N ARG C 72 7.04 22.00 -10.63
CA ARG C 72 5.85 22.72 -11.04
C ARG C 72 5.54 22.43 -12.49
N LYS C 73 4.27 22.22 -12.78
CA LYS C 73 3.80 21.92 -14.12
C LYS C 73 2.83 22.99 -14.56
N GLY C 74 3.08 23.59 -15.72
CA GLY C 74 2.17 24.55 -16.30
C GLY C 74 1.08 23.88 -17.11
N SER C 75 0.52 24.63 -18.05
CA SER C 75 -0.63 24.11 -18.79
C SER C 75 -0.91 24.92 -20.06
N GLU C 76 -0.74 26.24 -19.99
CA GLU C 76 -1.12 27.10 -21.10
C GLU C 76 -0.28 26.76 -22.33
N ASN C 77 -0.95 26.64 -23.48
CA ASN C 77 -0.36 26.37 -24.78
C ASN C 77 0.17 24.95 -24.93
N TYR C 78 -0.15 24.05 -24.01
CA TYR C 78 0.30 22.67 -24.11
C TYR C 78 -0.83 21.76 -24.58
N ALA C 79 -0.45 20.69 -25.28
CA ALA C 79 -1.41 19.68 -25.70
C ALA C 79 -1.82 18.79 -24.53
N LEU C 80 -3.08 18.39 -24.54
CA LEU C 80 -3.58 17.40 -23.59
C LEU C 80 -3.04 16.01 -23.96
N THR C 81 -2.46 15.31 -22.98
CA THR C 81 -1.81 14.04 -23.26
C THR C 81 -2.16 13.01 -22.21
N THR C 82 -1.87 11.76 -22.53
CA THR C 82 -1.81 10.75 -21.49
C THR C 82 -0.58 11.01 -20.61
N ASN C 83 -0.49 10.26 -19.50
CA ASN C 83 0.68 10.35 -18.65
C ASN C 83 1.95 9.87 -19.34
N GLN C 84 1.80 9.15 -20.46
CA GLN C 84 2.93 8.67 -21.24
C GLN C 84 3.32 9.64 -22.35
N GLY C 85 2.66 10.80 -22.42
CA GLY C 85 2.98 11.81 -23.41
C GLY C 85 2.28 11.69 -24.73
N VAL C 86 1.26 10.85 -24.86
CA VAL C 86 0.56 10.68 -26.12
C VAL C 86 -0.55 11.72 -26.20
N ARG C 87 -0.56 12.50 -27.30
CA ARG C 87 -1.60 13.51 -27.47
C ARG C 87 -2.96 12.85 -27.64
N ILE C 88 -3.95 13.41 -26.94
CA ILE C 88 -5.34 12.95 -26.99
C ILE C 88 -6.09 13.78 -28.02
N ALA C 89 -6.85 13.11 -28.89
CA ALA C 89 -7.64 13.80 -29.90
C ALA C 89 -9.06 14.07 -29.43
N ASP C 90 -9.69 13.11 -28.75
CA ASP C 90 -11.07 13.26 -28.30
C ASP C 90 -11.13 12.88 -26.83
N ASP C 91 -11.14 13.89 -25.96
CA ASP C 91 -11.27 13.69 -24.52
C ASP C 91 -12.73 13.71 -24.06
N GLN C 92 -13.67 13.51 -24.98
CA GLN C 92 -15.08 13.53 -24.64
C GLN C 92 -15.75 12.16 -24.70
N ASN C 93 -15.09 11.15 -25.27
CA ASN C 93 -15.76 9.89 -25.57
C ASN C 93 -14.85 8.71 -25.31
N SER C 94 -15.47 7.62 -24.85
CA SER C 94 -14.87 6.30 -24.83
C SER C 94 -14.84 5.70 -26.23
N LEU C 95 -13.91 4.78 -26.45
CA LEU C 95 -13.85 4.01 -27.69
C LEU C 95 -14.87 2.86 -27.63
N ARG C 96 -15.75 2.81 -28.62
CA ARG C 96 -16.81 1.81 -28.64
C ARG C 96 -16.95 1.23 -30.04
N ALA C 97 -17.58 0.05 -30.10
CA ALA C 97 -17.87 -0.61 -31.39
C ALA C 97 -19.19 -0.05 -31.90
N GLY C 98 -19.09 0.98 -32.73
CA GLY C 98 -20.24 1.79 -33.11
C GLY C 98 -20.53 2.86 -32.07
N ASP C 99 -21.13 3.97 -32.53
CA ASP C 99 -21.34 5.10 -31.63
C ASP C 99 -22.41 4.84 -30.58
N ARG C 100 -23.12 3.71 -30.68
CA ARG C 100 -24.07 3.25 -29.68
C ARG C 100 -23.66 1.88 -29.14
N GLY C 101 -22.39 1.53 -29.24
CA GLY C 101 -21.95 0.19 -28.92
C GLY C 101 -21.24 0.07 -27.59
N PRO C 102 -20.74 -1.12 -27.30
CA PRO C 102 -20.06 -1.35 -26.02
C PRO C 102 -18.66 -0.74 -26.04
N THR C 103 -18.22 -0.33 -24.85
CA THR C 103 -16.88 0.22 -24.69
C THR C 103 -15.85 -0.90 -24.81
N LEU C 104 -14.74 -0.59 -25.48
CA LEU C 104 -13.73 -1.57 -25.80
C LEU C 104 -12.60 -1.55 -24.77
N LEU C 105 -12.13 -2.74 -24.41
CA LEU C 105 -11.03 -2.87 -23.45
C LEU C 105 -9.76 -2.20 -23.96
N GLU C 106 -9.60 -2.08 -25.28
CA GLU C 106 -8.40 -1.47 -25.83
C GLU C 106 -8.35 0.04 -25.66
N ASP C 107 -9.36 0.65 -25.03
CA ASP C 107 -9.32 2.10 -24.81
C ASP C 107 -8.40 2.37 -23.62
N PHE C 108 -7.10 2.51 -23.94
CA PHE C 108 -6.10 2.78 -22.92
C PHE C 108 -6.16 4.22 -22.42
N ILE C 109 -6.71 5.14 -23.22
CA ILE C 109 -6.80 6.52 -22.79
C ILE C 109 -7.84 6.65 -21.69
N LEU C 110 -9.03 6.08 -21.92
CA LEU C 110 -10.05 5.99 -20.88
C LEU C 110 -9.51 5.32 -19.64
N ARG C 111 -8.91 4.14 -19.79
CA ARG C 111 -8.50 3.39 -18.60
C ARG C 111 -7.44 4.12 -17.80
N GLU C 112 -6.49 4.78 -18.48
CA GLU C 112 -5.47 5.51 -17.71
C GLU C 112 -6.11 6.65 -16.93
N LYS C 113 -7.01 7.39 -17.58
CA LYS C 113 -7.65 8.53 -16.94
C LYS C 113 -8.51 8.08 -15.75
N ILE C 114 -9.26 6.99 -15.92
CA ILE C 114 -10.11 6.50 -14.84
C ILE C 114 -9.27 5.86 -13.75
N THR C 115 -8.21 5.13 -14.12
CA THR C 115 -7.33 4.54 -13.12
C THR C 115 -6.77 5.62 -12.20
N HIS C 116 -6.26 6.70 -12.78
CA HIS C 116 -5.70 7.75 -11.94
C HIS C 116 -6.75 8.33 -11.01
N PHE C 117 -7.94 8.61 -11.55
CA PHE C 117 -9.05 9.10 -10.75
C PHE C 117 -9.38 8.12 -9.62
N ASP C 118 -9.42 6.82 -9.94
CA ASP C 118 -9.82 5.79 -9.00
C ASP C 118 -8.87 5.69 -7.81
N HIS C 119 -7.67 6.24 -7.93
CA HIS C 119 -6.66 6.10 -6.89
C HIS C 119 -6.17 7.45 -6.37
N GLU C 120 -7.01 8.49 -6.48
CA GLU C 120 -6.57 9.83 -6.09
C GLU C 120 -6.36 9.97 -4.59
N ARG C 121 -7.14 9.26 -3.78
CA ARG C 121 -7.20 9.52 -2.34
C ARG C 121 -6.12 8.75 -1.61
N ILE C 122 -5.51 9.40 -0.63
CA ILE C 122 -4.56 8.77 0.29
C ILE C 122 -5.16 8.84 1.68
N PRO C 123 -4.69 8.01 2.62
CA PRO C 123 -5.25 8.10 3.98
C PRO C 123 -5.06 9.50 4.55
N GLU C 124 -6.08 9.99 5.26
CA GLU C 124 -5.91 11.27 5.95
C GLU C 124 -5.12 11.07 7.24
N ARG C 125 -4.60 12.17 7.78
CA ARG C 125 -3.87 12.12 9.04
C ARG C 125 -4.76 11.54 10.13
N ILE C 126 -4.17 10.73 11.04
CA ILE C 126 -4.98 10.12 12.10
C ILE C 126 -5.66 11.19 12.93
N VAL C 127 -4.92 12.26 13.25
CA VAL C 127 -5.41 13.44 13.94
C VAL C 127 -4.94 14.63 13.13
N HIS C 128 -5.63 15.75 13.33
CA HIS C 128 -5.32 16.99 12.59
C HIS C 128 -5.55 16.83 11.08
N ALA C 129 -6.51 15.99 10.69
CA ALA C 129 -6.76 15.75 9.28
C ALA C 129 -7.22 17.01 8.55
N ARG C 130 -7.89 17.92 9.26
CA ARG C 130 -8.41 19.17 8.69
C ARG C 130 -7.38 20.26 8.91
N GLY C 131 -6.78 20.77 7.83
CA GLY C 131 -5.76 21.78 8.00
C GLY C 131 -5.54 22.64 6.77
N SER C 132 -4.97 23.82 6.98
CA SER C 132 -4.76 24.83 5.95
C SER C 132 -3.35 25.37 6.09
N ALA C 133 -2.65 25.55 4.97
CA ALA C 133 -1.20 25.73 5.00
C ALA C 133 -0.75 26.84 4.08
N ALA C 134 0.41 27.41 4.40
CA ALA C 134 1.00 28.46 3.57
C ALA C 134 2.52 28.46 3.71
N HIS C 135 3.16 29.00 2.67
CA HIS C 135 4.61 29.23 2.66
C HIS C 135 4.96 30.58 3.29
N GLY C 136 6.17 30.67 3.81
CA GLY C 136 6.65 31.92 4.33
C GLY C 136 8.11 31.85 4.67
N TYR C 137 8.54 32.74 5.56
CA TYR C 137 9.93 32.75 5.98
C TYR C 137 10.04 33.19 7.44
N PHE C 138 11.14 32.79 8.06
CA PHE C 138 11.48 33.16 9.42
C PHE C 138 12.85 33.84 9.43
N GLN C 139 13.01 34.84 10.31
CA GLN C 139 14.27 35.52 10.44
C GLN C 139 14.46 35.89 11.91
N PRO C 140 15.61 35.59 12.50
CA PRO C 140 15.85 35.95 13.90
C PRO C 140 16.10 37.45 14.06
N TYR C 141 15.90 37.92 15.30
CA TYR C 141 16.18 39.31 15.65
C TYR C 141 17.64 39.53 16.01
N LYS C 142 18.36 38.47 16.37
CA LYS C 142 19.74 38.56 16.82
C LYS C 142 20.30 37.16 16.86
N SER C 143 21.62 37.07 16.95
CA SER C 143 22.27 35.77 17.08
C SER C 143 21.99 35.18 18.46
N LEU C 144 21.58 33.92 18.49
CA LEU C 144 21.35 33.20 19.74
C LEU C 144 22.51 32.25 20.09
N SER C 145 23.69 32.49 19.53
CA SER C 145 24.82 31.56 19.69
C SER C 145 25.19 31.33 21.15
N ASP C 146 24.87 32.27 22.05
CA ASP C 146 25.21 32.06 23.46
C ASP C 146 24.34 30.98 24.10
N ILE C 147 23.18 30.69 23.54
CA ILE C 147 22.29 29.67 24.10
C ILE C 147 22.04 28.48 23.18
N THR C 148 22.24 28.61 21.87
CA THR C 148 22.04 27.47 20.97
C THR C 148 22.98 27.58 19.79
N LYS C 149 23.50 26.44 19.34
CA LYS C 149 24.28 26.37 18.11
C LYS C 149 23.42 26.09 16.87
N ALA C 150 22.09 26.12 17.01
CA ALA C 150 21.22 25.92 15.86
C ALA C 150 21.50 26.96 14.78
N ASP C 151 21.80 26.50 13.55
CA ASP C 151 22.28 27.41 12.52
C ASP C 151 21.22 28.44 12.15
N PHE C 152 19.95 28.05 12.12
CA PHE C 152 18.92 28.99 11.70
C PHE C 152 18.71 30.13 12.69
N LEU C 153 19.26 30.02 13.89
CA LEU C 153 19.18 31.06 14.92
C LEU C 153 20.50 31.77 15.13
N SER C 154 21.46 31.59 14.23
CA SER C 154 22.83 32.04 14.48
C SER C 154 23.09 33.47 14.04
N ASP C 155 22.22 34.07 13.23
CA ASP C 155 22.50 35.38 12.69
C ASP C 155 21.21 36.01 12.22
N PRO C 156 20.98 37.30 12.50
CA PRO C 156 19.74 37.94 12.03
C PRO C 156 19.63 37.99 10.52
N ASN C 157 20.74 37.78 9.79
CA ASN C 157 20.71 37.69 8.34
C ASN C 157 20.27 36.32 7.83
N LYS C 158 20.09 35.33 8.71
CA LYS C 158 19.68 33.99 8.29
C LYS C 158 18.18 34.01 7.99
N ILE C 159 17.82 33.93 6.71
CA ILE C 159 16.43 33.79 6.32
C ILE C 159 16.15 32.30 6.09
N THR C 160 15.20 31.76 6.85
CA THR C 160 14.84 30.35 6.73
C THR C 160 13.45 30.24 6.12
N PRO C 161 13.29 29.57 4.96
CA PRO C 161 11.94 29.33 4.47
C PRO C 161 11.17 28.45 5.45
N VAL C 162 9.86 28.66 5.50
CA VAL C 162 8.98 27.83 6.30
C VAL C 162 7.77 27.39 5.48
N PHE C 163 7.18 26.29 5.92
CA PHE C 163 5.85 25.88 5.47
C PHE C 163 5.09 25.60 6.74
N VAL C 164 3.93 26.24 6.90
CA VAL C 164 3.14 26.18 8.12
C VAL C 164 1.77 25.59 7.81
N ARG C 165 1.33 24.64 8.63
CA ARG C 165 -0.01 24.09 8.52
C ARG C 165 -0.73 24.29 9.84
N PHE C 166 -1.89 24.93 9.79
CA PHE C 166 -2.79 25.08 10.92
C PHE C 166 -3.90 24.05 10.77
N SER C 167 -4.46 23.60 11.89
CA SER C 167 -5.39 22.49 11.79
C SER C 167 -6.34 22.48 12.98
N THR C 168 -7.45 21.74 12.83
CA THR C 168 -8.19 21.28 14.00
C THR C 168 -7.56 19.94 14.43
N VAL C 169 -8.20 19.21 15.34
CA VAL C 169 -7.67 17.95 15.84
C VAL C 169 -8.56 16.76 15.51
N GLN C 170 -9.84 16.85 15.86
CA GLN C 170 -10.73 15.69 15.87
C GLN C 170 -11.28 15.36 14.48
N GLY C 171 -11.72 16.37 13.72
CA GLY C 171 -12.49 16.11 12.53
C GLY C 171 -11.68 15.61 11.35
N GLY C 172 -12.39 15.03 10.39
CA GLY C 172 -11.78 14.58 9.17
C GLY C 172 -11.37 15.73 8.27
N ALA C 173 -10.69 15.39 7.17
CA ALA C 173 -10.20 16.41 6.26
C ALA C 173 -11.33 17.23 5.65
N GLY C 174 -12.53 16.66 5.58
CA GLY C 174 -13.71 17.36 5.09
C GLY C 174 -14.61 17.93 6.15
N SER C 175 -14.16 18.00 7.41
CA SER C 175 -14.95 18.60 8.48
C SER C 175 -14.80 20.12 8.46
N ALA C 176 -15.49 20.80 9.39
CA ALA C 176 -15.62 22.25 9.37
C ALA C 176 -14.51 22.95 10.15
N ASP C 177 -14.24 24.19 9.77
CA ASP C 177 -13.15 24.95 10.38
C ASP C 177 -13.50 25.47 11.78
N THR C 178 -14.66 26.11 11.95
CA THR C 178 -14.93 26.86 13.17
C THR C 178 -15.61 26.02 14.26
N VAL C 179 -15.19 24.77 14.40
CA VAL C 179 -15.61 23.88 15.49
C VAL C 179 -14.98 24.34 16.80
N ARG C 180 -15.50 23.84 17.94
CA ARG C 180 -14.77 23.95 19.20
C ARG C 180 -13.78 22.80 19.29
N ASP C 181 -12.49 23.12 19.35
CA ASP C 181 -11.42 22.13 19.32
C ASP C 181 -10.14 22.85 19.68
N ILE C 182 -9.12 22.05 20.01
CA ILE C 182 -7.75 22.57 19.98
C ILE C 182 -7.35 22.78 18.52
N ARG C 183 -6.47 23.76 18.27
CA ARG C 183 -5.91 23.94 16.94
C ARG C 183 -4.44 23.54 16.92
N GLY C 184 -4.03 22.89 15.84
CA GLY C 184 -2.63 22.64 15.58
C GLY C 184 -1.96 23.81 14.88
N PHE C 185 -0.64 23.92 15.10
CA PHE C 185 0.19 25.01 14.56
C PHE C 185 1.57 24.39 14.33
N ALA C 186 1.78 23.91 13.10
CA ALA C 186 2.97 23.14 12.75
C ALA C 186 3.80 23.94 11.76
N THR C 187 5.10 24.09 12.06
CA THR C 187 6.01 24.87 11.23
C THR C 187 7.19 24.00 10.83
N LYS C 188 7.41 23.89 9.52
CA LYS C 188 8.57 23.20 8.96
C LYS C 188 9.58 24.28 8.59
N PHE C 189 10.74 24.27 9.27
CA PHE C 189 11.84 25.18 8.99
C PHE C 189 12.84 24.47 8.09
N TYR C 190 13.06 25.00 6.89
CA TYR C 190 14.03 24.41 5.96
C TYR C 190 15.40 25.05 6.23
N THR C 191 16.12 24.51 7.22
CA THR C 191 17.38 25.13 7.62
C THR C 191 18.56 24.58 6.82
N GLU C 192 19.68 25.30 6.91
CA GLU C 192 20.91 24.90 6.22
C GLU C 192 21.56 23.67 6.85
N GLU C 193 21.06 23.24 8.02
CA GLU C 193 21.60 22.06 8.71
C GLU C 193 20.51 21.02 8.98
N GLY C 194 19.43 21.07 8.20
CA GLY C 194 18.38 20.07 8.28
C GLY C 194 17.02 20.68 8.49
N ILE C 195 16.00 19.86 8.28
CA ILE C 195 14.64 20.29 8.56
C ILE C 195 14.41 20.24 10.07
N PHE C 196 13.87 21.34 10.61
CA PHE C 196 13.37 21.39 11.99
C PHE C 196 11.86 21.61 11.92
N ASP C 197 11.09 20.67 12.47
CA ASP C 197 9.65 20.82 12.56
C ASP C 197 9.26 21.16 13.99
N LEU C 198 8.64 22.33 14.17
N LEU C 198 8.64 22.33 14.17
CA LEU C 198 8.07 22.73 15.45
CA LEU C 198 8.07 22.73 15.45
C LEU C 198 6.58 22.43 15.35
C LEU C 198 6.57 22.44 15.38
N VAL C 199 6.15 21.35 16.01
CA VAL C 199 4.80 20.82 15.82
C VAL C 199 4.02 21.10 17.09
N GLY C 200 3.31 22.22 17.12
CA GLY C 200 2.65 22.70 18.32
C GLY C 200 1.15 22.84 18.19
N ASN C 201 0.52 23.37 19.24
CA ASN C 201 -0.92 23.62 19.29
C ASN C 201 -1.15 25.06 19.72
N ASN C 202 -2.42 25.46 19.81
CA ASN C 202 -2.77 26.83 20.19
C ASN C 202 -3.07 26.98 21.68
N THR C 203 -2.76 25.98 22.49
CA THR C 203 -2.80 26.10 23.94
C THR C 203 -1.49 25.57 24.50
N PRO C 204 -1.09 26.01 25.70
CA PRO C 204 0.27 25.72 26.18
C PRO C 204 0.44 24.38 26.85
N ILE C 205 -0.61 23.56 26.92
CA ILE C 205 -0.55 22.25 27.54
C ILE C 205 -1.33 21.27 26.67
N PHE C 206 -1.14 19.98 26.95
CA PHE C 206 -1.93 18.95 26.32
C PHE C 206 -2.84 18.27 27.35
N PHE C 207 -3.73 17.41 26.84
CA PHE C 207 -4.73 16.77 27.68
C PHE C 207 -4.14 15.67 28.55
N ILE C 208 -3.08 15.00 28.10
CA ILE C 208 -2.59 13.81 28.77
C ILE C 208 -1.09 13.91 29.02
N GLN C 209 -0.62 13.05 29.93
CA GLN C 209 0.76 13.08 30.41
C GLN C 209 1.70 12.11 29.71
N ASP C 210 1.22 10.91 29.34
CA ASP C 210 2.07 9.86 28.81
C ASP C 210 1.52 9.43 27.45
N ALA C 211 2.41 9.35 26.46
CA ALA C 211 2.00 8.99 25.10
C ALA C 211 1.27 7.65 25.01
N HIS C 212 1.49 6.74 25.98
CA HIS C 212 0.80 5.46 25.95
C HIS C 212 -0.72 5.63 25.96
N LYS C 213 -1.22 6.73 26.52
CA LYS C 213 -2.66 6.98 26.57
C LYS C 213 -3.19 7.71 25.33
N PHE C 214 -2.33 8.09 24.38
CA PHE C 214 -2.82 8.89 23.27
C PHE C 214 -3.94 8.21 22.49
N PRO C 215 -3.84 6.92 22.14
CA PRO C 215 -4.96 6.29 21.44
C PRO C 215 -6.24 6.27 22.26
N ASP C 216 -6.13 6.13 23.58
CA ASP C 216 -7.33 6.16 24.43
C ASP C 216 -7.98 7.53 24.38
N PHE C 217 -7.21 8.59 24.62
CA PHE C 217 -7.77 9.93 24.58
C PHE C 217 -8.35 10.24 23.20
N VAL C 218 -7.60 9.97 22.14
CA VAL C 218 -8.07 10.28 20.79
C VAL C 218 -9.32 9.49 20.45
N HIS C 219 -9.33 8.19 20.78
CA HIS C 219 -10.53 7.40 20.55
C HIS C 219 -11.72 8.00 21.30
N ALA C 220 -11.50 8.48 22.53
CA ALA C 220 -12.60 9.03 23.31
C ALA C 220 -13.17 10.31 22.68
N VAL C 221 -12.31 11.17 22.12
CA VAL C 221 -12.80 12.43 21.57
C VAL C 221 -13.38 12.28 20.16
N LYS C 222 -12.86 11.32 19.39
CA LYS C 222 -13.25 11.06 18.02
C LYS C 222 -14.70 10.55 17.95
N PRO C 223 -15.30 10.53 16.76
CA PRO C 223 -16.64 9.96 16.64
C PRO C 223 -16.69 8.55 17.22
N GLU C 224 -17.79 8.24 17.90
CA GLU C 224 -17.89 6.98 18.61
C GLU C 224 -17.97 5.80 17.63
N PRO C 225 -17.39 4.65 17.98
CA PRO C 225 -17.08 3.63 16.97
C PRO C 225 -18.30 2.90 16.39
N HIS C 226 -19.42 2.84 17.09
CA HIS C 226 -20.57 2.15 16.51
C HIS C 226 -21.12 2.92 15.32
N TRP C 227 -21.35 4.23 15.47
CA TRP C 227 -22.09 4.99 14.48
C TRP C 227 -21.31 6.12 13.83
N ALA C 228 -20.07 6.39 14.27
CA ALA C 228 -19.24 7.45 13.71
C ALA C 228 -19.90 8.83 13.81
N ILE C 229 -20.37 9.13 15.02
CA ILE C 229 -20.93 10.44 15.39
C ILE C 229 -20.29 10.78 16.73
N PRO C 230 -19.95 12.07 17.01
CA PRO C 230 -20.15 13.26 16.19
C PRO C 230 -18.87 13.76 15.55
N GLN C 231 -19.01 14.43 14.41
CA GLN C 231 -17.87 14.97 13.69
C GLN C 231 -17.50 16.33 14.24
N GLY C 232 -16.22 16.52 14.54
CA GLY C 232 -15.70 17.82 14.95
C GLY C 232 -16.22 18.33 16.27
N GLN C 233 -16.62 17.43 17.18
CA GLN C 233 -17.19 17.83 18.45
C GLN C 233 -16.71 16.92 19.56
N SER C 234 -16.36 17.51 20.70
CA SER C 234 -16.12 16.76 21.92
C SER C 234 -17.39 16.58 22.74
N ALA C 235 -18.51 17.11 22.26
CA ALA C 235 -19.77 17.12 23.01
C ALA C 235 -20.48 15.78 22.88
N HIS C 236 -19.89 14.76 23.50
CA HIS C 236 -20.49 13.43 23.48
C HIS C 236 -19.96 12.59 24.63
N ASP C 237 -20.68 11.50 24.93
CA ASP C 237 -20.46 10.75 26.15
C ASP C 237 -19.02 10.27 26.33
N THR C 238 -18.42 9.69 25.28
CA THR C 238 -17.13 9.03 25.50
C THR C 238 -16.05 10.03 25.87
N PHE C 239 -16.08 11.23 25.30
CA PHE C 239 -15.06 12.23 25.65
C PHE C 239 -15.17 12.59 27.12
N TRP C 240 -16.37 12.94 27.56
CA TRP C 240 -16.55 13.38 28.94
C TRP C 240 -16.42 12.21 29.92
N ASP C 241 -16.70 10.99 29.47
CA ASP C 241 -16.38 9.80 30.28
C ASP C 241 -14.88 9.75 30.58
N TYR C 242 -14.05 9.83 29.53
CA TYR C 242 -12.61 9.81 29.72
C TYR C 242 -12.16 10.95 30.61
N VAL C 243 -12.61 12.18 30.33
CA VAL C 243 -12.26 13.33 31.15
C VAL C 243 -12.58 13.07 32.62
N SER C 244 -13.80 12.61 32.90
CA SER C 244 -14.24 12.41 34.28
C SER C 244 -13.39 11.38 35.00
N LEU C 245 -12.75 10.48 34.26
CA LEU C 245 -11.95 9.41 34.84
C LEU C 245 -10.46 9.71 34.78
N GLN C 246 -10.07 10.81 34.16
CA GLN C 246 -8.66 11.16 33.97
C GLN C 246 -8.50 12.65 34.24
N PRO C 247 -8.44 13.03 35.52
CA PRO C 247 -8.38 14.47 35.85
C PRO C 247 -7.17 15.20 35.29
N GLU C 248 -6.12 14.49 34.87
CA GLU C 248 -5.01 15.18 34.19
C GLU C 248 -5.49 15.98 32.99
N THR C 249 -6.63 15.58 32.37
CA THR C 249 -7.14 16.26 31.19
C THR C 249 -7.74 17.62 31.49
N LEU C 250 -8.04 17.91 32.76
CA LEU C 250 -8.89 19.06 33.07
C LEU C 250 -8.28 20.38 32.65
N HIS C 251 -6.96 20.52 32.73
CA HIS C 251 -6.35 21.79 32.34
C HIS C 251 -6.64 22.11 30.87
N ASN C 252 -6.30 21.20 29.95
CA ASN C 252 -6.55 21.52 28.55
C ASN C 252 -8.05 21.57 28.23
N VAL C 253 -8.86 20.80 28.98
CA VAL C 253 -10.31 20.91 28.82
C VAL C 253 -10.78 22.33 29.12
N MET C 254 -10.23 22.94 30.19
N MET C 254 -10.22 22.95 30.15
CA MET C 254 -10.56 24.32 30.51
CA MET C 254 -10.63 24.32 30.47
C MET C 254 -10.30 25.23 29.32
C MET C 254 -10.25 25.30 29.38
N TRP C 255 -9.12 25.08 28.70
CA TRP C 255 -8.78 25.90 27.54
C TRP C 255 -9.76 25.65 26.39
N ALA C 256 -10.09 24.38 26.13
CA ALA C 256 -10.99 24.06 25.02
C ALA C 256 -12.39 24.61 25.26
N MET C 257 -12.85 24.63 26.51
CA MET C 257 -14.19 25.14 26.82
C MET C 257 -14.23 26.67 26.83
N SER C 258 -13.09 27.32 26.98
CA SER C 258 -13.00 28.76 26.85
C SER C 258 -13.11 29.15 25.38
N ASP C 259 -13.19 30.47 25.14
CA ASP C 259 -13.21 30.95 23.77
C ASP C 259 -11.90 30.63 23.03
N ARG C 260 -10.85 30.20 23.72
CA ARG C 260 -9.66 29.72 23.02
C ARG C 260 -10.00 28.60 22.04
N GLY C 261 -11.05 27.84 22.33
CA GLY C 261 -11.45 26.73 21.48
C GLY C 261 -12.10 27.14 20.17
N ILE C 262 -12.40 28.41 19.99
CA ILE C 262 -13.11 28.90 18.79
C ILE C 262 -12.44 30.16 18.25
N PRO C 263 -11.21 30.07 17.75
CA PRO C 263 -10.51 31.29 17.29
C PRO C 263 -11.21 31.96 16.12
N ARG C 264 -11.07 33.29 16.04
CA ARG C 264 -11.60 34.06 14.93
C ARG C 264 -10.88 33.72 13.63
N SER C 265 -9.58 33.44 13.71
CA SER C 265 -8.74 33.19 12.56
C SER C 265 -7.49 32.49 13.06
N TYR C 266 -6.83 31.74 12.17
CA TYR C 266 -5.51 31.23 12.50
C TYR C 266 -4.52 32.38 12.74
N ARG C 267 -4.81 33.57 12.22
CA ARG C 267 -3.97 34.73 12.46
C ARG C 267 -4.13 35.28 13.86
N THR C 268 -5.21 34.95 14.57
CA THR C 268 -5.52 35.58 15.86
C THR C 268 -5.54 34.56 16.99
N MET C 269 -4.61 33.61 16.97
CA MET C 269 -4.43 32.67 18.07
C MET C 269 -2.94 32.58 18.40
N GLU C 270 -2.63 32.12 19.60
CA GLU C 270 -1.26 31.85 19.99
C GLU C 270 -0.84 30.45 19.55
N GLY C 271 0.46 30.23 19.54
CA GLY C 271 1.01 28.90 19.32
C GLY C 271 1.99 28.55 20.41
N PHE C 272 2.10 27.24 20.67
CA PHE C 272 2.96 26.74 21.73
C PHE C 272 3.52 25.38 21.34
N GLY C 273 4.79 25.14 21.65
CA GLY C 273 5.35 23.80 21.49
C GLY C 273 4.95 22.82 22.57
N ILE C 274 4.40 23.34 23.69
CA ILE C 274 3.93 22.59 24.85
C ILE C 274 5.09 22.00 25.67
N HIS C 275 5.87 21.11 25.07
CA HIS C 275 6.91 20.43 25.85
C HIS C 275 8.07 21.36 26.19
N THR C 276 8.74 21.03 27.28
CA THR C 276 10.07 21.57 27.53
C THR C 276 11.06 20.81 26.63
N PHE C 277 11.79 21.54 25.81
CA PHE C 277 12.89 21.02 25.02
C PHE C 277 14.20 21.54 25.63
N ARG C 278 15.31 21.25 24.97
CA ARG C 278 16.61 21.81 25.33
C ARG C 278 17.21 22.58 24.16
N LEU C 279 17.86 23.70 24.50
CA LEU C 279 18.79 24.37 23.61
C LEU C 279 20.19 23.96 24.06
N ILE C 280 21.05 23.66 23.10
CA ILE C 280 22.42 23.24 23.37
C ILE C 280 23.36 24.22 22.66
N ASN C 281 24.26 24.86 23.42
CA ASN C 281 25.18 25.79 22.81
C ASN C 281 26.50 25.11 22.43
N ALA C 282 27.40 25.89 21.83
CA ALA C 282 28.65 25.32 21.34
C ALA C 282 29.51 24.80 22.48
N GLU C 283 29.37 25.36 23.67
CA GLU C 283 30.11 24.89 24.84
C GLU C 283 29.48 23.65 25.47
N GLY C 284 28.34 23.19 24.95
CA GLY C 284 27.68 22.02 25.48
C GLY C 284 26.70 22.30 26.58
N LYS C 285 26.43 23.57 26.90
CA LYS C 285 25.50 23.88 27.97
C LYS C 285 24.08 23.70 27.48
N ALA C 286 23.26 23.03 28.29
CA ALA C 286 21.85 22.85 28.01
C ALA C 286 21.02 23.88 28.78
N THR C 287 20.09 24.51 28.08
CA THR C 287 19.10 25.39 28.69
C THR C 287 17.73 24.80 28.34
N PHE C 288 16.84 24.71 29.33
CA PHE C 288 15.47 24.27 29.03
C PHE C 288 14.74 25.40 28.32
N VAL C 289 13.89 25.03 27.36
CA VAL C 289 13.14 26.00 26.57
C VAL C 289 11.72 25.50 26.34
N ARG C 290 10.75 26.40 26.42
CA ARG C 290 9.44 26.19 25.83
C ARG C 290 9.19 27.24 24.76
N PHE C 291 8.62 26.81 23.64
CA PHE C 291 8.47 27.62 22.45
C PHE C 291 7.08 28.27 22.40
N HIS C 292 7.04 29.52 21.93
CA HIS C 292 5.83 30.31 21.83
C HIS C 292 5.77 31.00 20.48
N TRP C 293 4.56 31.12 19.92
CA TRP C 293 4.29 32.00 18.79
C TRP C 293 3.31 33.07 19.24
N LYS C 294 3.67 34.34 19.03
CA LYS C 294 2.82 35.47 19.41
C LYS C 294 2.23 36.11 18.15
N PRO C 295 0.90 36.15 17.99
CA PRO C 295 0.32 36.65 16.74
C PRO C 295 0.39 38.18 16.66
N LEU C 296 0.93 38.69 15.56
CA LEU C 296 0.95 40.13 15.35
C LEU C 296 -0.46 40.70 15.33
N ALA C 297 -1.43 39.95 14.80
CA ALA C 297 -2.81 40.41 14.72
C ALA C 297 -3.53 40.40 16.06
N GLY C 298 -2.90 39.88 17.11
CA GLY C 298 -3.51 39.83 18.42
C GLY C 298 -4.34 38.59 18.61
N LYS C 299 -4.89 38.44 19.81
CA LYS C 299 -5.72 37.29 20.16
C LYS C 299 -7.20 37.68 19.98
N ALA C 300 -7.94 36.81 19.30
CA ALA C 300 -9.36 37.08 19.06
C ALA C 300 -10.06 35.78 18.77
N SER C 301 -11.26 35.63 19.34
CA SER C 301 -12.07 34.43 19.16
C SER C 301 -13.51 34.80 18.85
N LEU C 302 -14.21 33.83 18.29
CA LEU C 302 -15.65 33.91 18.08
C LEU C 302 -16.36 33.69 19.41
N VAL C 303 -17.69 33.75 19.36
CA VAL C 303 -18.52 33.24 20.45
C VAL C 303 -19.23 31.98 19.94
N TRP C 304 -19.70 31.16 20.89
CA TRP C 304 -20.08 29.78 20.54
C TRP C 304 -21.20 29.74 19.49
N ASP C 305 -22.29 30.48 19.71
CA ASP C 305 -23.42 30.40 18.78
C ASP C 305 -22.98 30.79 17.37
N GLU C 306 -22.13 31.81 17.27
CA GLU C 306 -21.58 32.26 16.00
C GLU C 306 -20.70 31.19 15.37
N ALA C 307 -19.78 30.62 16.16
CA ALA C 307 -18.89 29.58 15.64
C ALA C 307 -19.69 28.38 15.12
N GLN C 308 -20.68 27.93 15.89
CA GLN C 308 -21.43 26.74 15.50
C GLN C 308 -22.24 27.01 14.22
N LYS C 309 -22.92 28.15 14.17
CA LYS C 309 -23.68 28.46 12.96
C LYS C 309 -22.75 28.63 11.76
N LEU C 310 -21.54 29.15 11.99
CA LEU C 310 -20.60 29.38 10.91
C LEU C 310 -20.08 28.06 10.33
N THR C 311 -20.05 26.98 11.12
CA THR C 311 -19.70 25.69 10.52
C THR C 311 -20.71 25.28 9.45
N GLY C 312 -21.93 25.80 9.52
CA GLY C 312 -22.92 25.56 8.50
C GLY C 312 -22.89 26.57 7.36
N ARG C 313 -22.81 27.86 7.70
CA ARG C 313 -22.80 28.89 6.66
C ARG C 313 -21.51 28.88 5.84
N ASP C 314 -20.37 28.56 6.45
CA ASP C 314 -19.10 28.47 5.74
C ASP C 314 -18.16 27.54 6.48
N PRO C 315 -18.25 26.23 6.23
CA PRO C 315 -17.33 25.29 6.87
C PRO C 315 -15.86 25.50 6.51
N ASP C 316 -15.56 26.32 5.50
CA ASP C 316 -14.19 26.59 5.08
C ASP C 316 -13.70 27.96 5.53
N PHE C 317 -14.33 28.53 6.56
CA PHE C 317 -14.10 29.94 6.90
C PHE C 317 -12.64 30.24 7.22
N HIS C 318 -11.98 29.39 8.03
CA HIS C 318 -10.60 29.67 8.41
C HIS C 318 -9.64 29.44 7.24
N ARG C 319 -9.86 28.35 6.49
CA ARG C 319 -9.06 28.09 5.30
C ARG C 319 -9.19 29.26 4.32
N ARG C 320 -10.41 29.76 4.13
CA ARG C 320 -10.65 30.84 3.19
C ARG C 320 -9.99 32.13 3.66
N GLU C 321 -10.13 32.45 4.94
CA GLU C 321 -9.61 33.70 5.47
C GLU C 321 -8.08 33.72 5.43
N LEU C 322 -7.43 32.59 5.69
CA LEU C 322 -5.98 32.53 5.59
C LEU C 322 -5.52 32.77 4.15
N TRP C 323 -6.12 32.06 3.20
CA TRP C 323 -5.75 32.19 1.81
C TRP C 323 -5.97 33.62 1.33
N GLU C 324 -7.11 34.21 1.70
CA GLU C 324 -7.43 35.54 1.22
C GLU C 324 -6.60 36.61 1.89
N ALA C 325 -6.23 36.43 3.16
CA ALA C 325 -5.31 37.39 3.77
C ALA C 325 -3.99 37.44 3.02
N ILE C 326 -3.46 36.28 2.67
CA ILE C 326 -2.19 36.23 1.95
C ILE C 326 -2.33 36.83 0.55
N GLU C 327 -3.45 36.55 -0.15
CA GLU C 327 -3.64 37.16 -1.46
C GLU C 327 -3.78 38.67 -1.38
N ALA C 328 -4.27 39.19 -0.25
CA ALA C 328 -4.44 40.63 -0.06
C ALA C 328 -3.16 41.34 0.38
N GLY C 329 -2.13 40.60 0.75
CA GLY C 329 -0.95 41.20 1.35
C GLY C 329 -1.05 41.39 2.85
N ASP C 330 -2.12 40.90 3.49
N ASP C 330 -2.10 40.89 3.49
CA ASP C 330 -2.25 40.90 4.95
CA ASP C 330 -2.20 40.95 4.93
C ASP C 330 -1.57 39.65 5.50
C ASP C 330 -1.57 39.68 5.53
N PHE C 331 -0.26 39.61 5.38
CA PHE C 331 0.47 38.38 5.70
C PHE C 331 0.34 38.04 7.19
N PRO C 332 -0.07 36.82 7.53
CA PRO C 332 0.00 36.39 8.93
C PRO C 332 1.43 36.50 9.43
N GLU C 333 1.60 37.10 10.60
CA GLU C 333 2.92 37.22 11.22
C GLU C 333 2.85 36.72 12.64
N TYR C 334 3.91 36.01 13.05
CA TYR C 334 4.01 35.47 14.40
C TYR C 334 5.43 35.63 14.90
N GLU C 335 5.56 36.15 16.11
CA GLU C 335 6.85 36.30 16.73
C GLU C 335 7.19 35.04 17.52
N LEU C 336 8.38 34.48 17.25
CA LEU C 336 8.85 33.32 18.00
C LEU C 336 9.42 33.79 19.33
N GLY C 337 9.02 33.13 20.41
CA GLY C 337 9.50 33.45 21.73
C GLY C 337 9.90 32.22 22.48
N PHE C 338 10.87 32.39 23.39
CA PHE C 338 11.40 31.31 24.21
C PHE C 338 11.18 31.63 25.68
N GLN C 339 10.59 30.71 26.42
CA GLN C 339 10.73 30.70 27.88
C GLN C 339 11.97 29.89 28.19
N LEU C 340 12.94 30.50 28.86
CA LEU C 340 14.24 29.88 29.09
C LEU C 340 14.43 29.62 30.58
N ILE C 341 14.80 28.40 30.92
CA ILE C 341 15.00 28.00 32.30
C ILE C 341 16.37 27.30 32.43
N PRO C 342 17.28 27.82 33.25
CA PRO C 342 18.58 27.15 33.41
C PRO C 342 18.40 25.75 33.97
N GLU C 343 19.36 24.89 33.63
CA GLU C 343 19.31 23.50 34.08
C GLU C 343 19.20 23.42 35.60
N GLU C 344 19.89 24.30 36.32
CA GLU C 344 19.91 24.28 37.78
C GLU C 344 18.56 24.69 38.39
N ASP C 345 17.64 25.22 37.59
CA ASP C 345 16.33 25.62 38.08
C ASP C 345 15.25 24.58 37.81
N GLU C 346 15.64 23.37 37.40
CA GLU C 346 14.67 22.35 37.00
C GLU C 346 13.60 22.11 38.06
N PHE C 347 13.99 22.14 39.34
CA PHE C 347 13.09 21.76 40.42
C PHE C 347 12.62 22.94 41.24
N LYS C 348 12.66 24.15 40.69
CA LYS C 348 12.35 25.34 41.47
C LYS C 348 10.88 25.77 41.40
N PHE C 349 10.03 25.01 40.72
CA PHE C 349 8.63 25.35 40.58
C PHE C 349 7.75 24.35 41.32
N ASP C 350 6.48 24.74 41.53
CA ASP C 350 5.49 23.88 42.17
C ASP C 350 5.09 22.70 41.32
N PHE C 351 5.43 22.71 40.05
CA PHE C 351 5.04 21.69 39.09
C PHE C 351 6.29 21.17 38.41
N ASP C 352 6.14 20.05 37.71
CA ASP C 352 7.26 19.43 37.01
C ASP C 352 7.37 20.03 35.62
N LEU C 353 8.58 20.50 35.28
CA LEU C 353 8.79 21.09 33.96
C LEU C 353 8.52 20.10 32.83
N LEU C 354 8.65 18.80 33.11
CA LEU C 354 8.47 17.78 32.09
C LEU C 354 7.02 17.31 31.96
N ASP C 355 6.10 17.92 32.72
CA ASP C 355 4.70 17.52 32.72
C ASP C 355 3.99 18.37 31.67
N PRO C 356 3.53 17.79 30.56
CA PRO C 356 2.90 18.59 29.50
C PRO C 356 1.48 19.03 29.80
N THR C 357 0.93 18.69 30.98
CA THR C 357 -0.35 19.23 31.41
C THR C 357 -0.19 20.48 32.26
N LYS C 358 1.04 20.94 32.46
CA LYS C 358 1.35 22.12 33.23
C LYS C 358 1.92 23.17 32.31
N LEU C 359 1.48 24.42 32.49
CA LEU C 359 2.09 25.55 31.78
C LEU C 359 3.10 26.23 32.67
N ILE C 360 4.00 26.98 32.04
CA ILE C 360 4.94 27.84 32.77
C ILE C 360 4.37 29.26 32.73
N PRO C 361 3.87 29.79 33.84
CA PRO C 361 3.28 31.14 33.78
C PRO C 361 4.31 32.17 33.33
N GLU C 362 3.89 33.04 32.42
CA GLU C 362 4.77 34.12 31.96
C GLU C 362 5.15 35.06 33.10
N GLU C 363 4.32 35.16 34.13
CA GLU C 363 4.69 35.97 35.29
C GLU C 363 5.92 35.42 35.98
N LEU C 364 6.14 34.11 35.92
CA LEU C 364 7.30 33.46 36.52
C LEU C 364 8.49 33.40 35.57
N VAL C 365 8.26 33.07 34.30
CA VAL C 365 9.32 32.95 33.32
C VAL C 365 8.86 33.69 32.06
N PRO C 366 9.38 34.90 31.80
CA PRO C 366 8.89 35.66 30.64
C PRO C 366 9.23 34.99 29.32
N VAL C 367 8.43 35.30 28.31
CA VAL C 367 8.71 34.88 26.94
C VAL C 367 9.66 35.90 26.33
N GLN C 368 10.84 35.44 25.93
CA GLN C 368 11.82 36.31 25.29
C GLN C 368 11.67 36.18 23.77
N ARG C 369 11.39 37.29 23.11
CA ARG C 369 11.17 37.27 21.67
C ARG C 369 12.50 37.12 20.95
N VAL C 370 12.55 36.22 19.97
CA VAL C 370 13.82 35.92 19.30
C VAL C 370 13.76 36.03 17.79
N GLY C 371 12.57 36.12 17.20
CA GLY C 371 12.49 36.27 15.76
C GLY C 371 11.06 36.39 15.30
N ASN C 372 10.89 36.48 13.98
CA ASN C 372 9.56 36.70 13.42
C ASN C 372 9.36 35.83 12.19
N MET C 373 8.14 35.33 12.04
CA MET C 373 7.74 34.51 10.90
C MET C 373 6.62 35.21 10.14
N VAL C 374 6.74 35.24 8.81
CA VAL C 374 5.77 35.88 7.94
C VAL C 374 5.30 34.83 6.93
N LEU C 375 3.98 34.65 6.81
CA LEU C 375 3.42 33.73 5.83
C LEU C 375 2.94 34.55 4.64
N ASN C 376 3.61 34.38 3.50
CA ASN C 376 3.42 35.30 2.39
C ASN C 376 3.10 34.67 1.04
N ARG C 377 2.85 33.36 0.97
N ARG C 377 2.87 33.36 0.95
CA ARG C 377 2.44 32.78 -0.29
CA ARG C 377 2.41 32.83 -0.32
C ARG C 377 1.63 31.51 -0.07
C ARG C 377 1.66 31.53 -0.11
N ASN C 378 0.53 31.40 -0.80
CA ASN C 378 -0.27 30.21 -0.74
C ASN C 378 0.36 29.11 -1.62
N PRO C 379 0.01 27.86 -1.38
CA PRO C 379 0.49 26.79 -2.27
C PRO C 379 -0.11 26.91 -3.65
N ASP C 380 0.44 26.10 -4.56
CA ASP C 380 -0.12 25.94 -5.90
C ASP C 380 -1.18 24.85 -5.94
N ASN C 381 -0.90 23.71 -5.31
CA ASN C 381 -1.82 22.57 -5.33
C ASN C 381 -1.97 22.09 -3.89
N PHE C 382 -3.20 22.17 -3.38
CA PHE C 382 -3.48 21.79 -1.99
C PHE C 382 -3.02 20.37 -1.69
N PHE C 383 -3.41 19.42 -2.55
CA PHE C 383 -3.05 18.03 -2.28
C PHE C 383 -1.55 17.84 -2.25
N ALA C 384 -0.85 18.35 -3.27
CA ALA C 384 0.55 18.02 -3.42
C ALA C 384 1.39 18.62 -2.29
N GLU C 385 1.03 19.83 -1.86
CA GLU C 385 1.82 20.58 -0.88
C GLU C 385 1.27 20.49 0.53
N ASN C 386 -0.03 20.71 0.72
CA ASN C 386 -0.63 20.62 2.05
C ASN C 386 -0.87 19.17 2.43
N GLU C 387 -1.68 18.44 1.66
CA GLU C 387 -2.08 17.12 2.11
C GLU C 387 -0.89 16.20 2.33
N GLN C 388 0.13 16.27 1.45
CA GLN C 388 1.30 15.39 1.52
C GLN C 388 2.40 15.88 2.43
N ALA C 389 2.28 17.06 3.04
CA ALA C 389 3.33 17.54 3.93
C ALA C 389 3.39 16.65 5.18
N ALA C 390 4.60 16.35 5.63
CA ALA C 390 4.82 15.51 6.81
C ALA C 390 5.64 16.30 7.82
N PHE C 391 5.02 16.63 8.94
CA PHE C 391 5.68 17.30 10.04
C PHE C 391 5.91 16.28 11.16
N HIS C 392 7.00 16.46 11.91
CA HIS C 392 7.28 15.49 12.95
C HIS C 392 8.21 16.14 13.97
N PRO C 393 7.85 16.17 15.27
CA PRO C 393 8.67 16.89 16.26
C PRO C 393 10.01 16.26 16.53
N GLY C 394 10.24 15.01 16.11
CA GLY C 394 11.56 14.44 16.17
C GLY C 394 12.52 15.02 15.15
N HIS C 395 12.03 15.79 14.21
CA HIS C 395 12.88 16.45 13.21
C HIS C 395 13.49 17.67 13.87
N ILE C 396 14.60 17.45 14.58
CA ILE C 396 15.35 18.54 15.20
C ILE C 396 16.71 18.67 14.51
N VAL C 397 17.46 19.70 14.90
CA VAL C 397 18.77 19.97 14.32
C VAL C 397 19.79 20.14 15.43
N PRO C 398 21.08 20.06 15.13
CA PRO C 398 22.09 20.34 16.15
C PRO C 398 21.87 21.72 16.77
N GLY C 399 21.97 21.78 18.10
CA GLY C 399 21.57 22.97 18.84
C GLY C 399 20.25 22.82 19.56
N LEU C 400 19.47 21.79 19.25
CA LEU C 400 18.24 21.45 19.94
C LEU C 400 18.35 20.04 20.47
N ASP C 401 17.59 19.73 21.52
CA ASP C 401 17.51 18.36 21.99
C ASP C 401 16.20 18.17 22.73
N PHE C 402 15.92 16.91 23.05
CA PHE C 402 14.67 16.56 23.72
C PHE C 402 14.84 16.63 25.24
N THR C 403 13.75 16.36 25.95
CA THR C 403 13.76 16.05 27.37
C THR C 403 12.98 14.76 27.58
N ASN C 404 12.92 14.31 28.83
CA ASN C 404 12.19 13.10 29.19
C ASN C 404 10.69 13.28 29.34
N ASP C 405 10.11 14.43 28.96
CA ASP C 405 8.66 14.58 28.94
C ASP C 405 8.06 13.31 28.30
N PRO C 406 7.25 12.56 29.04
CA PRO C 406 6.84 11.22 28.56
C PRO C 406 5.78 11.26 27.47
N LEU C 407 5.19 12.42 27.21
CA LEU C 407 4.35 12.58 26.03
C LEU C 407 5.22 12.83 24.79
N LEU C 408 6.16 13.77 24.90
CA LEU C 408 7.11 14.00 23.81
C LEU C 408 7.85 12.73 23.44
N GLN C 409 8.28 11.96 24.45
CA GLN C 409 9.08 10.76 24.19
C GLN C 409 8.36 9.81 23.25
N GLY C 410 7.06 9.58 23.45
CA GLY C 410 6.32 8.69 22.58
C GLY C 410 5.95 9.29 21.24
N ARG C 411 5.72 10.61 21.20
CA ARG C 411 5.55 11.29 19.91
C ARG C 411 6.68 10.95 18.96
N LEU C 412 7.91 10.87 19.48
CA LEU C 412 9.06 10.64 18.61
C LEU C 412 8.91 9.37 17.79
N PHE C 413 8.19 8.36 18.31
CA PHE C 413 7.98 7.13 17.55
C PHE C 413 6.93 7.34 16.45
N SER C 414 5.86 8.06 16.76
CA SER C 414 4.65 8.04 15.93
C SER C 414 4.85 8.75 14.59
N TYR C 415 5.50 9.92 14.58
CA TYR C 415 5.46 10.74 13.36
C TYR C 415 6.27 10.17 12.21
N THR C 416 7.24 9.30 12.46
CA THR C 416 7.88 8.59 11.35
C THR C 416 7.04 7.39 10.94
N ASP C 417 6.58 6.63 11.92
CA ASP C 417 5.79 5.42 11.67
C ASP C 417 4.58 5.71 10.78
N THR C 418 3.79 6.72 11.14
CA THR C 418 2.51 6.94 10.48
C THR C 418 2.65 7.22 8.98
N GLN C 419 3.78 7.79 8.55
CA GLN C 419 3.94 8.14 7.14
C GLN C 419 4.03 6.92 6.23
N ILE C 420 4.37 5.75 6.79
CA ILE C 420 4.52 4.55 5.96
C ILE C 420 3.21 4.18 5.28
N SER C 421 2.08 4.37 5.96
CA SER C 421 0.81 4.18 5.29
C SER C 421 0.30 5.47 4.68
N ARG C 422 0.40 6.59 5.39
CA ARG C 422 -0.22 7.82 4.91
C ARG C 422 0.39 8.26 3.58
N LEU C 423 1.72 8.21 3.47
CA LEU C 423 2.44 8.68 2.30
C LEU C 423 3.06 7.54 1.51
N GLY C 424 2.72 6.30 1.82
CA GLY C 424 3.01 5.20 0.94
C GLY C 424 4.38 4.57 1.06
N GLY C 425 5.18 4.98 2.04
CA GLY C 425 6.45 4.33 2.24
C GLY C 425 7.52 5.21 2.82
N PRO C 426 8.75 4.71 2.85
CA PRO C 426 9.82 5.38 3.60
C PRO C 426 10.50 6.51 2.83
N ASN C 427 10.10 6.76 1.60
CA ASN C 427 10.67 7.83 0.79
C ASN C 427 9.83 9.10 0.84
N PHE C 428 9.07 9.31 1.91
CA PHE C 428 8.21 10.48 1.98
C PHE C 428 9.00 11.78 1.99
N HIS C 429 10.28 11.76 2.40
CA HIS C 429 11.11 12.95 2.34
C HIS C 429 11.43 13.36 0.91
N GLU C 430 11.18 12.48 -0.07
CA GLU C 430 11.38 12.82 -1.48
C GLU C 430 10.16 13.49 -2.09
N ILE C 431 9.01 13.45 -1.41
CA ILE C 431 7.88 14.24 -1.92
C ILE C 431 8.27 15.71 -1.87
N PRO C 432 8.08 16.47 -2.95
CA PRO C 432 8.75 17.79 -3.04
C PRO C 432 8.59 18.70 -1.83
N ILE C 433 7.38 18.83 -1.27
CA ILE C 433 7.20 19.75 -0.14
C ILE C 433 8.05 19.34 1.05
N ASN C 434 8.32 18.04 1.19
CA ASN C 434 9.05 17.54 2.35
C ASN C 434 10.57 17.58 2.17
N ARG C 435 11.07 17.84 0.96
CA ARG C 435 12.50 17.73 0.71
C ARG C 435 13.28 18.80 1.47
N PRO C 436 14.38 18.45 2.11
CA PRO C 436 15.30 19.47 2.60
C PRO C 436 15.82 20.33 1.46
N THR C 437 16.13 21.59 1.77
CA THR C 437 16.83 22.44 0.82
C THR C 437 18.35 22.38 0.99
N CYS C 438 18.82 21.81 2.09
CA CYS C 438 20.23 21.54 2.32
C CYS C 438 20.59 20.16 1.79
N PRO C 439 21.88 19.84 1.71
CA PRO C 439 22.27 18.52 1.19
C PRO C 439 21.82 17.39 2.09
N TYR C 440 21.53 16.24 1.47
CA TYR C 440 21.29 15.02 2.22
CA TYR C 440 21.28 15.02 2.21
C TYR C 440 21.89 13.86 1.44
N HIS C 441 22.68 13.04 2.14
CA HIS C 441 23.37 11.91 1.53
C HIS C 441 23.53 10.84 2.59
N ASN C 442 23.21 9.60 2.25
CA ASN C 442 23.42 8.51 3.19
C ASN C 442 23.42 7.20 2.40
N PHE C 443 23.36 6.09 3.12
CA PHE C 443 23.46 4.77 2.51
C PHE C 443 22.12 4.06 2.45
N GLN C 444 21.05 4.77 2.73
CA GLN C 444 19.71 4.20 2.61
C GLN C 444 19.34 4.06 1.13
N ARG C 445 18.63 2.98 0.79
CA ARG C 445 18.34 2.69 -0.61
C ARG C 445 16.93 2.12 -0.75
N ASP C 446 16.41 2.21 -1.97
CA ASP C 446 15.18 1.53 -2.38
C ASP C 446 13.95 2.06 -1.66
N GLY C 447 12.96 1.19 -1.43
CA GLY C 447 11.67 1.62 -0.93
C GLY C 447 10.76 2.07 -2.05
N MET C 448 9.45 2.00 -1.78
CA MET C 448 8.46 2.35 -2.78
C MET C 448 8.65 3.80 -3.25
N HIS C 449 8.42 4.01 -4.55
CA HIS C 449 8.50 5.36 -5.11
CA HIS C 449 8.56 5.28 -5.25
C HIS C 449 9.88 5.99 -4.94
N ARG C 450 10.95 5.23 -5.11
CA ARG C 450 12.28 5.82 -4.91
C ARG C 450 12.60 6.75 -6.07
N MET C 451 12.83 8.04 -5.75
CA MET C 451 13.16 9.05 -6.75
CA MET C 451 13.16 9.05 -6.75
C MET C 451 14.66 9.19 -6.94
N GLY C 452 15.41 9.30 -5.84
CA GLY C 452 16.84 9.52 -5.96
C GLY C 452 17.55 8.30 -6.53
N ILE C 453 18.40 8.53 -7.53
CA ILE C 453 19.20 7.49 -8.16
C ILE C 453 20.61 7.63 -7.61
N ASP C 454 20.99 6.74 -6.70
CA ASP C 454 22.29 6.84 -6.07
C ASP C 454 23.39 6.32 -6.98
N THR C 455 24.48 7.08 -7.09
CA THR C 455 25.62 6.66 -7.89
C THR C 455 26.75 6.12 -7.02
N ASN C 456 26.61 6.15 -5.71
CA ASN C 456 27.68 5.68 -4.83
C ASN C 456 27.94 4.20 -5.08
N PRO C 457 29.18 3.80 -5.39
CA PRO C 457 29.46 2.36 -5.48
C PRO C 457 29.15 1.61 -4.19
N ALA C 458 29.20 2.29 -3.05
CA ALA C 458 28.91 1.70 -1.75
C ALA C 458 27.49 2.08 -1.29
N ASN C 459 26.84 1.11 -0.65
CA ASN C 459 25.59 1.38 0.07
C ASN C 459 25.70 0.98 1.54
N TYR C 460 26.92 1.04 2.06
CA TYR C 460 27.21 0.66 3.43
C TYR C 460 28.41 1.47 3.89
N GLU C 461 28.54 1.62 5.21
CA GLU C 461 29.78 2.11 5.78
C GLU C 461 30.07 1.32 7.05
N PRO C 462 31.35 1.14 7.40
CA PRO C 462 32.51 1.69 6.69
C PRO C 462 32.75 1.01 5.34
N ASN C 463 33.16 1.80 4.35
CA ASN C 463 33.54 1.27 3.06
C ASN C 463 34.89 1.85 2.65
N SER C 464 35.65 1.06 1.90
CA SER C 464 36.83 1.58 1.23
C SER C 464 36.57 1.89 -0.23
N ILE C 465 35.55 1.27 -0.84
CA ILE C 465 35.38 1.37 -2.28
C ILE C 465 34.92 2.76 -2.72
N ASN C 466 34.35 3.56 -1.81
CA ASN C 466 34.05 4.97 -2.08
C ASN C 466 34.80 5.87 -1.11
N ASP C 467 35.93 5.39 -0.59
CA ASP C 467 36.71 6.12 0.41
C ASP C 467 35.85 6.57 1.59
N ASN C 468 34.87 5.74 1.96
CA ASN C 468 34.02 5.91 3.12
C ASN C 468 33.06 7.09 3.02
N TRP C 469 32.83 7.63 1.79
CA TRP C 469 31.90 8.73 1.64
C TRP C 469 30.50 8.19 1.38
N PRO C 470 29.43 8.89 1.85
CA PRO C 470 29.50 10.10 2.66
C PRO C 470 29.93 9.80 4.10
N ARG C 471 30.60 10.75 4.75
CA ARG C 471 31.30 10.50 6.02
C ARG C 471 30.62 11.18 7.20
N GLU C 472 30.72 10.51 8.35
CA GLU C 472 30.34 11.08 9.64
C GLU C 472 31.06 12.40 9.88
N THR C 473 30.44 13.26 10.68
CA THR C 473 31.03 14.55 11.06
C THR C 473 30.97 14.68 12.59
N PRO C 474 32.09 14.96 13.25
CA PRO C 474 32.05 15.13 14.71
C PRO C 474 31.15 16.29 15.10
N PRO C 475 30.59 16.28 16.30
CA PRO C 475 29.82 17.44 16.75
C PRO C 475 30.73 18.64 16.88
N GLY C 476 30.16 19.83 16.71
CA GLY C 476 30.93 21.04 16.81
C GLY C 476 30.06 22.27 16.79
N PRO C 477 30.69 23.45 16.78
CA PRO C 477 29.93 24.71 16.92
C PRO C 477 29.07 25.04 15.72
N LYS C 478 29.36 24.48 14.56
CA LYS C 478 28.68 24.81 13.33
C LYS C 478 28.98 23.70 12.32
N ARG C 479 27.96 23.29 11.57
CA ARG C 479 28.12 22.27 10.54
C ARG C 479 28.66 20.96 11.13
N GLY C 480 28.34 20.69 12.40
CA GLY C 480 28.78 19.48 13.05
C GLY C 480 27.69 18.42 13.07
N GLY C 481 28.09 17.19 13.37
CA GLY C 481 27.12 16.12 13.48
C GLY C 481 26.29 16.20 14.74
N PHE C 482 25.14 15.52 14.71
CA PHE C 482 24.25 15.52 15.86
C PHE C 482 24.76 14.59 16.95
N GLU C 483 24.87 15.12 18.16
CA GLU C 483 25.17 14.32 19.34
C GLU C 483 24.18 14.68 20.43
N SER C 484 23.57 13.68 21.06
CA SER C 484 22.62 13.96 22.13
C SER C 484 23.33 14.53 23.36
N TYR C 485 22.65 15.45 24.04
CA TYR C 485 23.12 15.93 25.33
C TYR C 485 23.21 14.75 26.30
N GLN C 486 24.34 14.65 27.00
CA GLN C 486 24.65 13.46 27.79
C GLN C 486 24.01 13.53 29.19
N GLU C 487 22.68 13.62 29.17
N GLU C 487 22.68 13.60 29.17
CA GLU C 487 21.89 13.63 30.40
CA GLU C 487 21.90 13.64 30.40
C GLU C 487 22.16 12.37 31.21
C GLU C 487 22.10 12.37 31.22
N ARG C 488 22.23 12.53 32.52
CA ARG C 488 22.37 11.38 33.41
C ARG C 488 21.02 10.69 33.58
N VAL C 489 21.01 9.37 33.40
CA VAL C 489 19.83 8.54 33.58
C VAL C 489 20.11 7.56 34.71
N GLU C 490 19.25 7.56 35.72
CA GLU C 490 19.37 6.66 36.87
C GLU C 490 17.98 6.26 37.33
N GLY C 491 17.71 4.96 37.32
CA GLY C 491 16.44 4.45 37.76
C GLY C 491 16.24 3.03 37.29
N ASN C 492 15.18 2.41 37.76
CA ASN C 492 14.87 1.06 37.31
C ASN C 492 13.89 1.12 36.15
N LYS C 493 13.90 0.06 35.34
CA LYS C 493 12.96 -0.03 34.21
C LYS C 493 11.56 -0.19 34.78
N VAL C 494 10.72 0.84 34.63
CA VAL C 494 9.39 0.86 35.24
C VAL C 494 8.38 1.46 34.28
N ARG C 495 7.14 0.95 34.36
CA ARG C 495 5.99 1.60 33.74
C ARG C 495 5.27 2.31 34.89
N GLU C 496 5.64 3.57 35.12
CA GLU C 496 5.23 4.26 36.33
C GLU C 496 5.21 5.75 36.06
N ARG C 497 4.14 6.40 36.50
CA ARG C 497 4.02 7.85 36.36
C ARG C 497 4.80 8.53 37.49
N SER C 498 5.46 9.62 37.17
CA SER C 498 6.20 10.33 38.20
C SER C 498 5.22 10.91 39.22
N PRO C 499 5.46 10.73 40.53
CA PRO C 499 4.57 11.34 41.52
C PRO C 499 4.44 12.84 41.36
N SER C 500 5.49 13.51 40.87
CA SER C 500 5.45 14.95 40.65
C SER C 500 4.39 15.37 39.63
N PHE C 501 3.90 14.43 38.81
CA PHE C 501 2.86 14.72 37.83
C PHE C 501 1.46 14.63 38.42
N GLY C 502 1.32 14.15 39.66
CA GLY C 502 0.02 13.79 40.21
C GLY C 502 -0.72 14.93 40.87
N GLU C 503 -0.79 16.07 40.20
CA GLU C 503 -1.55 17.22 40.66
C GLU C 503 -2.31 17.75 39.44
N TYR C 504 -3.62 17.92 39.58
CA TYR C 504 -4.46 18.10 38.41
C TYR C 504 -5.32 19.36 38.42
N TYR C 505 -5.38 20.09 39.52
CA TYR C 505 -6.38 21.14 39.68
C TYR C 505 -5.82 22.56 39.77
N SER C 506 -4.56 22.74 40.16
N SER C 506 -4.56 22.74 40.19
CA SER C 506 -4.05 24.09 40.39
CA SER C 506 -4.03 24.08 40.39
C SER C 506 -3.90 24.88 39.09
C SER C 506 -3.94 24.86 39.08
N HIS C 507 -3.48 24.22 38.01
CA HIS C 507 -3.35 24.93 36.74
C HIS C 507 -4.72 25.27 36.14
N PRO C 508 -5.69 24.36 36.14
CA PRO C 508 -7.05 24.77 35.77
C PRO C 508 -7.54 25.97 36.55
N ARG C 509 -7.28 26.00 37.86
CA ARG C 509 -7.74 27.12 38.68
C ARG C 509 -7.02 28.40 38.30
N LEU C 510 -5.70 28.35 38.10
CA LEU C 510 -4.98 29.55 37.68
C LEU C 510 -5.54 30.08 36.37
N PHE C 511 -5.83 29.19 35.43
CA PHE C 511 -6.43 29.62 34.17
C PHE C 511 -7.79 30.30 34.42
N TRP C 512 -8.65 29.64 35.20
CA TRP C 512 -9.97 30.20 35.49
C TRP C 512 -9.87 31.60 36.10
N LEU C 513 -9.01 31.75 37.12
CA LEU C 513 -8.92 33.03 37.81
C LEU C 513 -8.31 34.12 36.96
N SER C 514 -7.65 33.77 35.86
CA SER C 514 -6.99 34.74 34.99
C SER C 514 -7.91 35.28 33.90
N GLN C 515 -9.11 34.73 33.75
CA GLN C 515 -10.03 35.15 32.71
C GLN C 515 -10.87 36.33 33.17
N THR C 516 -11.32 37.15 32.22
CA THR C 516 -12.27 38.21 32.53
C THR C 516 -13.62 37.61 32.92
N PRO C 517 -14.52 38.39 33.53
CA PRO C 517 -15.83 37.83 33.88
C PRO C 517 -16.59 37.28 32.70
N PHE C 518 -16.54 37.96 31.54
CA PHE C 518 -17.24 37.42 30.38
C PHE C 518 -16.55 36.18 29.82
N GLU C 519 -15.23 36.11 29.91
CA GLU C 519 -14.55 34.87 29.52
C GLU C 519 -14.93 33.72 30.43
N GLN C 520 -15.08 33.99 31.72
CA GLN C 520 -15.53 32.95 32.65
C GLN C 520 -16.93 32.49 32.31
N SER C 521 -17.83 33.43 31.99
CA SER C 521 -19.18 33.06 31.58
C SER C 521 -19.14 32.15 30.35
N HIS C 522 -18.26 32.45 29.39
CA HIS C 522 -18.19 31.62 28.20
C HIS C 522 -17.63 30.23 28.50
N ILE C 523 -16.72 30.12 29.46
CA ILE C 523 -16.27 28.80 29.91
C ILE C 523 -17.42 28.02 30.52
N VAL C 524 -18.18 28.65 31.42
CA VAL C 524 -19.34 28.01 32.02
C VAL C 524 -20.30 27.52 30.95
N ASP C 525 -20.57 28.38 29.96
CA ASP C 525 -21.50 28.02 28.90
C ASP C 525 -20.96 26.90 28.02
N GLY C 526 -19.63 26.86 27.82
CA GLY C 526 -19.02 25.77 27.07
C GLY C 526 -19.22 24.43 27.74
N PHE C 527 -18.85 24.33 29.02
CA PHE C 527 -19.11 23.10 29.78
C PHE C 527 -20.59 22.76 29.77
N SER C 528 -21.45 23.76 30.00
CA SER C 528 -22.89 23.49 30.12
C SER C 528 -23.46 22.94 28.81
N PHE C 529 -23.12 23.57 27.69
CA PHE C 529 -23.60 23.10 26.40
C PHE C 529 -23.11 21.70 26.10
N GLU C 530 -21.81 21.44 26.31
CA GLU C 530 -21.26 20.13 25.97
C GLU C 530 -21.84 19.04 26.84
N LEU C 531 -21.92 19.29 28.16
CA LEU C 531 -22.44 18.28 29.07
C LEU C 531 -23.91 18.01 28.82
N SER C 532 -24.65 19.00 28.30
N SER C 532 -24.65 19.00 28.30
CA SER C 532 -26.06 18.78 27.98
CA SER C 532 -26.06 18.81 27.97
C SER C 532 -26.21 17.73 26.88
C SER C 532 -26.24 17.83 26.82
N LYS C 533 -25.20 17.60 26.01
CA LYS C 533 -25.23 16.64 24.92
C LYS C 533 -24.73 15.27 25.33
N VAL C 534 -24.27 15.10 26.56
CA VAL C 534 -23.92 13.78 27.10
C VAL C 534 -25.21 13.12 27.56
N VAL C 535 -25.48 11.91 27.05
CA VAL C 535 -26.77 11.27 27.27
C VAL C 535 -26.86 10.64 28.66
N ARG C 536 -25.77 10.04 29.14
CA ARG C 536 -25.71 9.38 30.44
C ARG C 536 -25.53 10.41 31.55
N PRO C 537 -26.56 10.67 32.36
CA PRO C 537 -26.45 11.77 33.33
C PRO C 537 -25.32 11.63 34.34
N TYR C 538 -24.97 10.40 34.75
CA TYR C 538 -23.91 10.25 35.75
C TYR C 538 -22.57 10.79 35.24
N ILE C 539 -22.34 10.77 33.92
CA ILE C 539 -21.11 11.36 33.40
C ILE C 539 -21.10 12.87 33.66
N ARG C 540 -22.22 13.55 33.40
CA ARG C 540 -22.32 14.97 33.71
C ARG C 540 -22.01 15.23 35.18
N GLU C 541 -22.59 14.41 36.06
CA GLU C 541 -22.40 14.60 37.50
C GLU C 541 -20.94 14.40 37.89
N ARG C 542 -20.27 13.42 37.30
CA ARG C 542 -18.87 13.18 37.62
C ARG C 542 -17.99 14.33 37.15
N VAL C 543 -18.32 14.92 35.99
CA VAL C 543 -17.54 16.07 35.53
C VAL C 543 -17.75 17.27 36.45
N VAL C 544 -19.00 17.54 36.82
CA VAL C 544 -19.28 18.64 37.75
C VAL C 544 -18.50 18.45 39.05
N ASP C 545 -18.41 17.21 39.53
CA ASP C 545 -17.62 16.95 40.73
C ASP C 545 -16.15 17.33 40.52
N GLN C 546 -15.60 17.04 39.35
CA GLN C 546 -14.23 17.46 39.05
CA GLN C 546 -14.23 17.46 39.06
C GLN C 546 -14.11 18.98 39.07
N LEU C 547 -15.08 19.68 38.49
CA LEU C 547 -15.05 21.14 38.48
C LEU C 547 -15.06 21.70 39.89
N ALA C 548 -15.75 21.02 40.83
CA ALA C 548 -15.78 21.46 42.21
C ALA C 548 -14.42 21.40 42.88
N HIS C 549 -13.50 20.58 42.36
CA HIS C 549 -12.12 20.57 42.83
C HIS C 549 -11.28 21.69 42.25
N ILE C 550 -11.81 22.43 41.28
CA ILE C 550 -11.07 23.50 40.61
C ILE C 550 -11.54 24.84 41.17
N ASP C 551 -12.83 25.10 41.06
CA ASP C 551 -13.41 26.34 41.56
C ASP C 551 -14.90 26.16 41.76
N LEU C 552 -15.40 26.54 42.93
CA LEU C 552 -16.79 26.28 43.28
C LEU C 552 -17.75 27.22 42.57
N THR C 553 -17.31 28.42 42.20
CA THR C 553 -18.16 29.30 41.41
C THR C 553 -18.40 28.71 40.02
N LEU C 554 -17.34 28.23 39.37
CA LEU C 554 -17.47 27.52 38.11
C LEU C 554 -18.37 26.30 38.25
N ALA C 555 -18.12 25.48 39.28
CA ALA C 555 -18.89 24.25 39.42
C ALA C 555 -20.36 24.52 39.66
N GLN C 556 -20.67 25.50 40.52
CA GLN C 556 -22.08 25.81 40.81
C GLN C 556 -22.79 26.34 39.58
N ALA C 557 -22.10 27.16 38.77
CA ALA C 557 -22.74 27.74 37.58
C ALA C 557 -23.04 26.67 36.54
N VAL C 558 -22.10 25.75 36.31
CA VAL C 558 -22.35 24.64 35.40
C VAL C 558 -23.46 23.74 35.95
N ALA C 559 -23.38 23.42 37.24
CA ALA C 559 -24.40 22.57 37.85
C ALA C 559 -25.79 23.16 37.68
N LYS C 560 -25.93 24.47 37.86
CA LYS C 560 -27.25 25.09 37.74
C LYS C 560 -27.81 24.92 36.33
N ASN C 561 -26.95 25.05 35.32
CA ASN C 561 -27.40 24.89 33.93
C ASN C 561 -27.76 23.45 33.61
N LEU C 562 -27.31 22.50 34.41
CA LEU C 562 -27.60 21.09 34.20
C LEU C 562 -28.66 20.55 35.15
N GLY C 563 -29.24 21.39 36.00
CA GLY C 563 -30.20 20.91 36.97
C GLY C 563 -29.59 20.04 38.05
N ILE C 564 -28.31 20.23 38.32
CA ILE C 564 -27.60 19.47 39.34
C ILE C 564 -27.44 20.34 40.57
N GLU C 565 -27.63 19.76 41.75
CA GLU C 565 -27.43 20.45 43.01
C GLU C 565 -26.18 19.87 43.70
N LEU C 566 -25.23 20.73 43.99
CA LEU C 566 -24.01 20.28 44.66
C LEU C 566 -24.33 19.86 46.09
N THR C 567 -23.64 18.83 46.56
CA THR C 567 -23.81 18.39 47.94
C THR C 567 -23.01 19.29 48.87
N ASP C 568 -23.31 19.19 50.17
CA ASP C 568 -22.54 19.92 51.16
C ASP C 568 -21.08 19.50 51.15
N ASP C 569 -20.83 18.20 50.94
CA ASP C 569 -19.44 17.73 50.80
C ASP C 569 -18.75 18.41 49.62
N GLN C 570 -19.42 18.48 48.47
CA GLN C 570 -18.81 19.14 47.32
C GLN C 570 -18.56 20.61 47.60
N LEU C 571 -19.49 21.28 48.28
CA LEU C 571 -19.33 22.70 48.61
C LEU C 571 -18.19 22.94 49.59
N ASN C 572 -17.69 21.90 50.25
CA ASN C 572 -16.61 22.03 51.22
C ASN C 572 -15.26 21.55 50.68
N ILE C 573 -15.15 21.29 49.38
CA ILE C 573 -13.87 20.89 48.81
C ILE C 573 -12.90 22.07 48.85
N THR C 574 -11.74 21.84 49.45
CA THR C 574 -10.74 22.89 49.55
C THR C 574 -10.17 23.17 48.16
N PRO C 575 -10.11 24.43 47.72
CA PRO C 575 -9.53 24.75 46.41
C PRO C 575 -8.06 24.38 46.38
N PRO C 576 -7.52 24.14 45.19
CA PRO C 576 -6.09 23.79 45.08
C PRO C 576 -5.23 25.01 45.36
N PRO C 577 -3.95 24.81 45.69
CA PRO C 577 -3.08 25.96 45.99
C PRO C 577 -2.80 26.78 44.75
N ASP C 578 -2.40 28.02 44.99
CA ASP C 578 -1.90 28.89 43.93
C ASP C 578 -0.65 28.27 43.32
N VAL C 579 -0.33 28.71 42.11
CA VAL C 579 0.86 28.25 41.41
C VAL C 579 2.01 29.19 41.74
N ASN C 580 2.95 28.74 42.59
CA ASN C 580 4.10 29.53 42.99
C ASN C 580 3.70 30.95 43.41
N GLY C 581 2.62 31.05 44.18
CA GLY C 581 2.18 32.32 44.73
C GLY C 581 1.31 33.16 43.82
N LEU C 582 1.01 32.70 42.62
CA LEU C 582 0.26 33.53 41.67
C LEU C 582 -1.24 33.47 41.94
N LYS C 583 -1.86 34.64 42.07
CA LYS C 583 -3.32 34.71 42.13
C LYS C 583 -3.97 34.68 40.75
N LYS C 584 -3.21 35.03 39.71
CA LYS C 584 -3.70 35.09 38.34
C LYS C 584 -2.50 35.41 37.47
N ASP C 585 -2.68 35.24 36.16
CA ASP C 585 -1.68 35.63 35.17
C ASP C 585 -2.45 36.14 33.96
N PRO C 586 -2.53 37.47 33.77
CA PRO C 586 -3.37 38.01 32.69
C PRO C 586 -2.94 37.57 31.31
N SER C 587 -1.72 37.07 31.14
CA SER C 587 -1.29 36.55 29.84
C SER C 587 -2.08 35.32 29.42
N LEU C 588 -2.85 34.71 30.33
CA LEU C 588 -3.68 33.57 30.00
C LEU C 588 -5.04 33.96 29.45
N SER C 589 -5.41 35.23 29.54
CA SER C 589 -6.69 35.72 29.02
C SER C 589 -6.52 36.16 27.56
N LEU C 590 -7.57 35.94 26.76
CA LEU C 590 -7.54 36.46 25.40
C LEU C 590 -7.62 37.97 25.38
N TYR C 591 -8.32 38.57 26.36
CA TYR C 591 -8.78 39.95 26.23
C TYR C 591 -8.39 40.87 27.37
N ALA C 592 -7.85 40.36 28.48
CA ALA C 592 -7.60 41.22 29.64
C ALA C 592 -6.61 42.32 29.31
N ILE C 593 -5.60 42.02 28.51
CA ILE C 593 -4.62 43.01 28.06
C ILE C 593 -4.87 43.26 26.58
N PRO C 594 -5.33 44.45 26.18
CA PRO C 594 -5.64 44.70 24.77
C PRO C 594 -4.41 44.53 23.88
N ASP C 595 -4.60 43.84 22.75
CA ASP C 595 -3.55 43.69 21.75
C ASP C 595 -4.08 43.64 20.33
N GLY C 596 -5.38 43.77 20.13
CA GLY C 596 -5.94 43.58 18.79
C GLY C 596 -5.57 44.71 17.84
N ASP C 597 -5.51 44.36 16.57
CA ASP C 597 -5.26 45.29 15.47
C ASP C 597 -6.26 45.00 14.37
N VAL C 598 -6.80 46.07 13.76
CA VAL C 598 -7.94 45.89 12.86
C VAL C 598 -7.55 45.57 11.43
N LYS C 599 -6.28 45.69 11.05
CA LYS C 599 -5.90 45.41 9.67
C LYS C 599 -6.25 43.97 9.32
N GLY C 600 -6.94 43.79 8.19
CA GLY C 600 -7.35 42.48 7.76
C GLY C 600 -8.74 42.07 8.18
N ARG C 601 -9.37 42.79 9.10
CA ARG C 601 -10.75 42.53 9.45
C ARG C 601 -11.66 42.99 8.31
N VAL C 602 -12.95 42.69 8.43
CA VAL C 602 -13.90 42.93 7.34
C VAL C 602 -15.21 43.44 7.93
N VAL C 603 -15.85 44.36 7.20
CA VAL C 603 -17.11 44.98 7.60
C VAL C 603 -18.14 44.69 6.52
N ALA C 604 -19.35 44.33 6.93
CA ALA C 604 -20.48 44.26 6.01
C ALA C 604 -21.10 45.65 5.92
N ILE C 605 -21.35 46.10 4.70
CA ILE C 605 -22.06 47.36 4.46
C ILE C 605 -23.38 47.01 3.78
N LEU C 606 -24.49 47.29 4.47
CA LEU C 606 -25.82 46.92 3.99
C LEU C 606 -26.34 48.05 3.12
N LEU C 607 -26.46 47.78 1.82
CA LEU C 607 -26.85 48.78 0.85
C LEU C 607 -28.37 48.87 0.73
N ASN C 608 -28.81 49.94 0.07
CA ASN C 608 -30.19 50.13 -0.35
C ASN C 608 -30.18 50.62 -1.79
N ASP C 609 -31.35 50.77 -2.40
CA ASP C 609 -31.38 51.08 -3.83
C ASP C 609 -31.09 52.55 -4.15
N GLU C 610 -30.83 53.39 -3.14
CA GLU C 610 -30.44 54.78 -3.39
C GLU C 610 -29.54 55.25 -2.25
N VAL C 611 -28.35 54.66 -2.18
CA VAL C 611 -27.43 54.93 -1.08
C VAL C 611 -26.99 56.39 -1.10
N ARG C 612 -26.86 56.97 0.10
CA ARG C 612 -26.27 58.30 0.25
C ARG C 612 -24.77 58.17 -0.02
N SER C 613 -24.35 58.61 -1.21
CA SER C 613 -22.96 58.40 -1.64
C SER C 613 -21.96 59.04 -0.68
N ALA C 614 -22.32 60.18 -0.08
CA ALA C 614 -21.42 60.83 0.86
C ALA C 614 -21.09 59.93 2.04
N ASP C 615 -22.09 59.19 2.54
CA ASP C 615 -21.83 58.24 3.62
C ASP C 615 -20.83 57.18 3.17
N LEU C 616 -21.06 56.57 2.00
CA LEU C 616 -20.23 55.45 1.57
C LEU C 616 -18.80 55.92 1.28
N LEU C 617 -18.65 57.11 0.72
CA LEU C 617 -17.31 57.67 0.50
C LEU C 617 -16.53 57.75 1.80
N ALA C 618 -17.16 58.31 2.84
CA ALA C 618 -16.46 58.46 4.12
C ALA C 618 -16.20 57.12 4.78
N ILE C 619 -17.15 56.17 4.65
CA ILE C 619 -16.96 54.85 5.23
C ILE C 619 -15.76 54.17 4.60
N LEU C 620 -15.74 54.09 3.27
CA LEU C 620 -14.69 53.32 2.58
C LEU C 620 -13.32 53.97 2.75
N LYS C 621 -13.27 55.31 2.78
CA LYS C 621 -12.01 56.00 2.97
C LYS C 621 -11.39 55.68 4.32
N ALA C 622 -12.20 55.70 5.38
CA ALA C 622 -11.69 55.42 6.71
C ALA C 622 -11.27 53.95 6.85
N LEU C 623 -12.07 53.04 6.28
CA LEU C 623 -11.70 51.62 6.34
C LEU C 623 -10.39 51.37 5.60
N LYS C 624 -10.21 51.99 4.44
CA LYS C 624 -9.00 51.80 3.67
C LYS C 624 -7.77 52.27 4.43
N ALA C 625 -7.89 53.40 5.12
CA ALA C 625 -6.76 53.96 5.86
C ALA C 625 -6.28 52.99 6.95
N LYS C 626 -7.15 52.13 7.45
CA LYS C 626 -6.81 51.18 8.49
C LYS C 626 -6.61 49.76 7.97
N GLY C 627 -6.68 49.54 6.66
CA GLY C 627 -6.54 48.20 6.12
C GLY C 627 -7.71 47.28 6.41
N VAL C 628 -8.89 47.83 6.68
CA VAL C 628 -10.08 47.03 6.93
C VAL C 628 -10.84 46.87 5.63
N HIS C 629 -11.23 45.63 5.31
CA HIS C 629 -11.93 45.33 4.08
C HIS C 629 -13.43 45.51 4.26
N ALA C 630 -14.14 45.61 3.14
CA ALA C 630 -15.58 45.79 3.16
C ALA C 630 -16.23 44.85 2.15
N LYS C 631 -17.44 44.41 2.46
CA LYS C 631 -18.28 43.70 1.51
C LYS C 631 -19.62 44.42 1.40
N LEU C 632 -19.97 44.81 0.18
CA LEU C 632 -21.21 45.52 -0.10
C LEU C 632 -22.31 44.51 -0.34
N LEU C 633 -23.35 44.54 0.50
CA LEU C 633 -24.40 43.53 0.49
C LEU C 633 -25.73 44.15 0.13
N TYR C 634 -26.59 43.36 -0.52
CA TYR C 634 -27.92 43.80 -0.91
C TYR C 634 -28.85 42.58 -0.93
N SER C 635 -30.08 42.77 -1.40
CA SER C 635 -31.07 41.71 -1.44
C SER C 635 -30.98 40.86 -2.71
N ARG C 636 -30.14 41.25 -3.66
CA ARG C 636 -29.91 40.51 -4.90
C ARG C 636 -28.49 40.84 -5.34
N MET C 637 -28.03 40.12 -6.36
CA MET C 637 -26.73 40.43 -6.94
C MET C 637 -26.89 41.51 -8.01
N GLY C 638 -25.77 41.90 -8.60
CA GLY C 638 -25.78 42.90 -9.66
C GLY C 638 -25.26 44.24 -9.15
N GLU C 639 -26.04 45.29 -9.39
CA GLU C 639 -25.64 46.65 -9.06
C GLU C 639 -26.80 47.42 -8.48
N VAL C 640 -26.48 48.44 -7.68
CA VAL C 640 -27.41 49.49 -7.31
C VAL C 640 -26.71 50.82 -7.59
N THR C 641 -27.50 51.85 -7.76
CA THR C 641 -26.98 53.17 -8.10
C THR C 641 -27.24 54.13 -6.94
N ALA C 642 -26.20 54.83 -6.52
CA ALA C 642 -26.30 55.74 -5.39
C ALA C 642 -27.04 57.02 -5.79
N ASP C 643 -27.27 57.88 -4.80
CA ASP C 643 -28.05 59.10 -5.02
C ASP C 643 -27.39 60.02 -6.05
N ASP C 644 -26.07 59.97 -6.18
CA ASP C 644 -25.34 60.82 -7.13
C ASP C 644 -25.04 60.12 -8.44
N GLY C 645 -25.58 58.93 -8.66
CA GLY C 645 -25.33 58.19 -9.87
C GLY C 645 -24.22 57.17 -9.81
N THR C 646 -23.49 57.12 -8.69
CA THR C 646 -22.41 56.14 -8.56
C THR C 646 -22.98 54.72 -8.60
N VAL C 647 -22.44 53.91 -9.50
CA VAL C 647 -22.85 52.52 -9.61
C VAL C 647 -22.08 51.69 -8.61
N LEU C 648 -22.79 50.97 -7.74
CA LEU C 648 -22.18 50.19 -6.67
C LEU C 648 -22.31 48.72 -6.97
N PRO C 649 -21.22 47.99 -7.17
CA PRO C 649 -21.31 46.54 -7.40
C PRO C 649 -21.58 45.78 -6.10
N ILE C 650 -22.46 44.80 -6.18
CA ILE C 650 -22.87 44.04 -5.01
C ILE C 650 -22.00 42.79 -4.90
N ALA C 651 -21.45 42.55 -3.71
CA ALA C 651 -20.58 41.40 -3.49
C ALA C 651 -21.37 40.14 -3.19
N ALA C 652 -22.47 40.27 -2.45
CA ALA C 652 -23.23 39.11 -1.99
C ALA C 652 -24.58 39.60 -1.50
N THR C 653 -25.50 38.66 -1.33
CA THR C 653 -26.77 38.98 -0.70
C THR C 653 -26.62 38.93 0.81
N PHE C 654 -27.63 39.47 1.51
CA PHE C 654 -27.64 39.41 2.97
C PHE C 654 -27.53 37.96 3.45
N ALA C 655 -28.27 37.05 2.82
CA ALA C 655 -28.22 35.65 3.21
C ALA C 655 -26.95 34.97 2.72
N GLY C 656 -26.36 35.45 1.62
CA GLY C 656 -25.20 34.78 1.05
C GLY C 656 -23.91 35.04 1.81
N ALA C 657 -23.83 36.17 2.50
CA ALA C 657 -22.65 36.51 3.30
C ALA C 657 -23.15 36.98 4.65
N PRO C 658 -23.57 36.05 5.53
CA PRO C 658 -24.18 36.43 6.80
C PRO C 658 -23.21 37.17 7.71
N SER C 659 -23.79 37.84 8.72
CA SER C 659 -23.00 38.61 9.67
C SER C 659 -21.94 37.77 10.35
N LEU C 660 -22.14 36.46 10.44
CA LEU C 660 -21.13 35.56 10.99
C LEU C 660 -19.77 35.77 10.35
N THR C 661 -19.75 36.16 9.08
CA THR C 661 -18.51 36.22 8.30
C THR C 661 -17.81 37.56 8.41
N VAL C 662 -18.35 38.52 9.17
CA VAL C 662 -17.75 39.84 9.27
C VAL C 662 -17.53 40.21 10.73
N ASP C 663 -16.75 41.27 10.93
CA ASP C 663 -16.39 41.75 12.25
C ASP C 663 -17.25 42.89 12.75
N ALA C 664 -17.97 43.57 11.85
CA ALA C 664 -18.82 44.69 12.20
C ALA C 664 -19.76 44.94 11.02
N VAL C 665 -20.83 45.70 11.27
CA VAL C 665 -21.84 46.01 10.26
C VAL C 665 -22.09 47.51 10.24
N ILE C 666 -22.07 48.10 9.05
CA ILE C 666 -22.37 49.51 8.85
C ILE C 666 -23.55 49.62 7.91
N VAL C 667 -24.49 50.50 8.23
CA VAL C 667 -25.65 50.76 7.38
C VAL C 667 -25.66 52.25 7.04
N PRO C 668 -25.33 52.63 5.81
CA PRO C 668 -25.38 54.04 5.42
C PRO C 668 -26.82 54.46 5.16
N CYS C 669 -27.01 55.77 5.05
CA CYS C 669 -28.34 56.30 4.79
C CYS C 669 -28.69 56.15 3.30
N GLY C 670 -29.86 56.65 2.95
CA GLY C 670 -30.37 56.55 1.60
C GLY C 670 -31.85 56.27 1.60
N ASN C 671 -32.30 55.35 0.74
CA ASN C 671 -33.70 54.93 0.74
C ASN C 671 -33.83 53.74 1.69
N ILE C 672 -33.84 54.05 2.99
CA ILE C 672 -33.93 52.99 4.01
C ILE C 672 -35.25 52.22 3.88
N ALA C 673 -36.31 52.86 3.38
CA ALA C 673 -37.57 52.16 3.17
C ALA C 673 -37.40 50.91 2.30
N ASP C 674 -36.38 50.90 1.43
CA ASP C 674 -36.15 49.76 0.55
C ASP C 674 -35.83 48.50 1.34
N ILE C 675 -35.13 48.63 2.48
CA ILE C 675 -34.68 47.48 3.26
C ILE C 675 -35.29 47.45 4.66
N ALA C 676 -36.09 48.45 5.04
CA ALA C 676 -36.59 48.53 6.41
C ALA C 676 -37.45 47.32 6.78
N ASP C 677 -38.21 46.79 5.81
CA ASP C 677 -39.08 45.64 6.05
C ASP C 677 -38.49 44.35 5.52
N ASN C 678 -37.23 44.36 5.10
CA ASN C 678 -36.56 43.17 4.60
C ASN C 678 -36.12 42.31 5.79
N GLY C 679 -36.70 41.11 5.91
CA GLY C 679 -36.40 40.27 7.04
C GLY C 679 -34.92 39.91 7.14
N ASP C 680 -34.30 39.63 5.99
CA ASP C 680 -32.88 39.29 6.00
C ASP C 680 -32.03 40.46 6.49
N ALA C 681 -32.37 41.69 6.09
CA ALA C 681 -31.61 42.86 6.53
C ALA C 681 -31.77 43.09 8.02
N ASN C 682 -33.00 43.00 8.52
CA ASN C 682 -33.21 43.12 9.96
C ASN C 682 -32.49 42.03 10.72
N TYR C 683 -32.61 40.77 10.25
CA TYR C 683 -31.94 39.69 10.96
C TYR C 683 -30.42 39.84 10.93
N TYR C 684 -29.87 40.38 9.83
CA TYR C 684 -28.44 40.59 9.74
C TYR C 684 -27.94 41.38 10.95
N LEU C 685 -28.66 42.45 11.30
CA LEU C 685 -28.28 43.29 12.43
C LEU C 685 -28.55 42.58 13.76
N MET C 686 -29.63 41.80 13.84
CA MET C 686 -29.93 41.09 15.09
C MET C 686 -28.88 40.04 15.39
N GLU C 687 -28.44 39.31 14.35
CA GLU C 687 -27.41 38.29 14.55
C GLU C 687 -26.09 38.94 14.97
N ALA C 688 -25.68 39.99 14.26
CA ALA C 688 -24.48 40.74 14.64
C ALA C 688 -24.60 41.29 16.05
N TYR C 689 -25.79 41.80 16.40
CA TYR C 689 -25.99 42.33 17.75
C TYR C 689 -25.81 41.23 18.79
N LYS C 690 -26.47 40.09 18.59
CA LYS C 690 -26.37 38.99 19.55
C LYS C 690 -24.92 38.54 19.73
N HIS C 691 -24.16 38.54 18.64
CA HIS C 691 -22.77 38.11 18.65
C HIS C 691 -21.79 39.19 19.08
N LEU C 692 -22.31 40.31 19.60
CA LEU C 692 -21.51 41.35 20.25
C LEU C 692 -20.66 42.16 19.28
N LYS C 693 -21.04 42.19 18.00
CA LYS C 693 -20.24 42.93 17.04
C LYS C 693 -20.64 44.40 16.99
N PRO C 694 -19.67 45.27 16.73
CA PRO C 694 -19.98 46.70 16.53
C PRO C 694 -20.95 46.88 15.37
N ILE C 695 -21.87 47.82 15.55
CA ILE C 695 -22.85 48.18 14.53
C ILE C 695 -22.87 49.70 14.44
N ALA C 696 -22.86 50.23 13.21
CA ALA C 696 -22.86 51.67 12.98
C ALA C 696 -24.00 52.01 12.04
N LEU C 697 -24.81 53.00 12.40
CA LEU C 697 -26.01 53.37 11.66
C LEU C 697 -25.99 54.86 11.39
N ALA C 698 -26.10 55.24 10.12
CA ALA C 698 -26.08 56.64 9.70
C ALA C 698 -27.45 57.09 9.22
N GLY C 699 -27.85 58.30 9.63
CA GLY C 699 -29.08 58.89 9.11
C GLY C 699 -30.29 58.03 9.41
N ASP C 700 -31.12 57.82 8.38
CA ASP C 700 -32.35 57.05 8.55
C ASP C 700 -32.10 55.58 8.87
N ALA C 701 -30.85 55.10 8.74
CA ALA C 701 -30.54 53.75 9.18
C ALA C 701 -30.70 53.59 10.68
N ARG C 702 -30.74 54.71 11.43
CA ARG C 702 -30.95 54.63 12.87
C ARG C 702 -32.32 54.05 13.21
N LYS C 703 -33.25 54.02 12.26
CA LYS C 703 -34.52 53.36 12.49
C LYS C 703 -34.37 51.87 12.77
N PHE C 704 -33.24 51.27 12.38
CA PHE C 704 -32.98 49.87 12.68
C PHE C 704 -32.72 49.62 14.16
N LYS C 705 -32.54 50.66 14.97
CA LYS C 705 -32.39 50.48 16.40
C LYS C 705 -33.59 49.74 16.99
N ALA C 706 -34.76 49.87 16.37
CA ALA C 706 -35.96 49.21 16.88
C ALA C 706 -35.84 47.69 16.81
N THR C 707 -35.27 47.16 15.74
CA THR C 707 -35.17 45.71 15.61
C THR C 707 -34.18 45.10 16.61
N ILE C 708 -33.23 45.88 17.11
CA ILE C 708 -32.29 45.41 18.12
C ILE C 708 -32.64 45.94 19.51
N LYS C 709 -33.81 46.56 19.67
CA LYS C 709 -34.32 47.01 20.96
C LYS C 709 -33.40 48.02 21.64
N ILE C 710 -32.80 48.91 20.85
CA ILE C 710 -31.94 49.97 21.36
C ILE C 710 -32.77 51.24 21.51
N ALA C 711 -32.72 51.84 22.69
CA ALA C 711 -33.51 53.03 22.96
C ALA C 711 -32.99 54.22 22.16
N ASP C 712 -33.81 55.28 22.09
CA ASP C 712 -33.46 56.46 21.32
C ASP C 712 -32.16 57.09 21.81
N GLN C 713 -31.90 57.02 23.12
CA GLN C 713 -30.67 57.58 23.68
C GLN C 713 -29.41 56.82 23.25
N GLY C 714 -29.56 55.65 22.62
CA GLY C 714 -28.41 54.89 22.18
C GLY C 714 -27.78 54.08 23.30
N GLU C 715 -26.67 53.42 22.96
CA GLU C 715 -25.92 52.64 23.93
C GLU C 715 -24.52 52.40 23.40
N GLU C 716 -23.60 52.12 24.32
CA GLU C 716 -22.23 51.81 23.94
C GLU C 716 -22.20 50.58 23.04
N GLY C 717 -21.50 50.69 21.91
CA GLY C 717 -21.40 49.62 20.94
C GLY C 717 -22.26 49.81 19.72
N ILE C 718 -23.14 50.80 19.72
CA ILE C 718 -23.95 51.16 18.55
C ILE C 718 -23.54 52.58 18.18
N VAL C 719 -22.80 52.71 17.07
CA VAL C 719 -22.41 54.02 16.58
C VAL C 719 -23.57 54.59 15.77
N GLU C 720 -23.91 55.86 16.04
CA GLU C 720 -24.98 56.51 15.29
C GLU C 720 -24.66 57.99 15.14
N ALA C 721 -25.11 58.55 14.03
CA ALA C 721 -24.93 59.97 13.73
C ALA C 721 -25.84 60.31 12.56
N ASP C 722 -26.04 61.62 12.36
CA ASP C 722 -26.81 62.09 11.21
C ASP C 722 -26.19 61.62 9.90
N SER C 723 -24.87 61.59 9.82
CA SER C 723 -24.18 61.11 8.64
C SER C 723 -22.91 60.40 9.04
N ALA C 724 -22.38 59.59 8.13
CA ALA C 724 -21.08 58.99 8.33
C ALA C 724 -20.01 60.04 8.09
N ASP C 725 -19.01 60.06 8.96
CA ASP C 725 -17.98 61.09 8.92
C ASP C 725 -16.73 60.56 9.62
N GLY C 726 -15.80 61.47 9.91
CA GLY C 726 -14.58 61.06 10.59
C GLY C 726 -14.82 60.58 12.00
N SER C 727 -15.61 61.34 12.77
CA SER C 727 -15.93 60.93 14.13
C SER C 727 -16.72 59.62 14.15
N PHE C 728 -17.73 59.51 13.27
CA PHE C 728 -18.51 58.29 13.12
C PHE C 728 -17.61 57.08 12.87
N MET C 729 -16.67 57.21 11.93
CA MET C 729 -15.81 56.08 11.58
C MET C 729 -14.73 55.86 12.63
N ASP C 730 -14.24 56.92 13.27
CA ASP C 730 -13.28 56.73 14.36
C ASP C 730 -13.89 55.92 15.50
N GLU C 731 -15.14 56.23 15.86
CA GLU C 731 -15.79 55.48 16.93
C GLU C 731 -15.97 54.01 16.54
N LEU C 732 -16.36 53.75 15.30
CA LEU C 732 -16.54 52.37 14.88
C LEU C 732 -15.21 51.61 14.87
N LEU C 733 -14.16 52.23 14.34
CA LEU C 733 -12.87 51.55 14.32
C LEU C 733 -12.28 51.36 15.70
N THR C 734 -12.60 52.25 16.65
CA THR C 734 -12.22 52.03 18.04
C THR C 734 -12.92 50.78 18.59
N LEU C 735 -14.23 50.66 18.34
CA LEU C 735 -14.95 49.45 18.72
C LEU C 735 -14.31 48.21 18.10
N MET C 736 -13.96 48.29 16.81
CA MET C 736 -13.38 47.12 16.15
C MET C 736 -12.06 46.73 16.78
N ALA C 737 -11.26 47.71 17.22
CA ALA C 737 -9.98 47.41 17.86
C ALA C 737 -10.19 46.64 19.15
N ALA C 738 -11.34 46.81 19.80
CA ALA C 738 -11.68 46.06 21.01
C ALA C 738 -12.37 44.73 20.70
N HIS C 739 -12.56 44.42 19.41
CA HIS C 739 -13.05 43.12 18.94
C HIS C 739 -14.55 42.94 19.11
N ARG C 740 -15.04 42.86 20.35
CA ARG C 740 -16.47 42.68 20.60
C ARG C 740 -16.93 43.60 21.72
N VAL C 741 -18.24 43.84 21.78
CA VAL C 741 -18.86 44.73 22.75
C VAL C 741 -19.34 43.92 23.94
N TRP C 742 -18.42 43.61 24.86
CA TRP C 742 -18.72 42.69 25.95
C TRP C 742 -19.80 43.24 26.87
N SER C 743 -19.88 44.57 27.00
CA SER C 743 -20.89 45.20 27.85
C SER C 743 -22.31 44.94 27.37
N ARG C 744 -22.49 44.47 26.13
CA ARG C 744 -23.82 44.18 25.60
C ARG C 744 -24.36 42.85 26.09
N ILE C 745 -23.51 42.00 26.69
CA ILE C 745 -23.93 40.65 27.07
C ILE C 745 -25.23 40.62 27.87
N PRO C 746 -25.44 41.46 28.89
CA PRO C 746 -26.73 41.43 29.60
C PRO C 746 -27.94 41.71 28.73
N LYS C 747 -27.77 42.28 27.54
CA LYS C 747 -28.89 42.64 26.69
C LYS C 747 -29.30 41.54 25.71
N ILE C 748 -28.41 40.60 25.40
CA ILE C 748 -28.66 39.70 24.27
C ILE C 748 -29.66 38.58 24.58
N ASP C 749 -29.88 38.25 25.86
CA ASP C 749 -30.76 37.12 26.17
C ASP C 749 -32.21 37.34 25.78
N LYS C 750 -32.65 38.59 25.68
CA LYS C 750 -34.01 38.88 25.24
C LYS C 750 -34.12 39.05 23.73
N ILE C 751 -33.00 39.03 23.00
CA ILE C 751 -33.02 39.19 21.55
C ILE C 751 -33.41 37.85 20.93
N PRO C 752 -34.51 37.79 20.16
CA PRO C 752 -34.83 36.54 19.45
C PRO C 752 -34.02 36.42 18.18
N ALA C 753 -32.82 35.84 18.30
CA ALA C 753 -31.95 35.68 17.14
C ALA C 753 -31.06 34.47 17.34
N ASP D 27 -17.09 -35.15 -18.07
CA ASP D 27 -16.33 -33.96 -17.71
C ASP D 27 -15.14 -34.30 -16.81
N SER D 28 -14.90 -35.59 -16.61
CA SER D 28 -13.79 -36.03 -15.76
C SER D 28 -12.50 -36.05 -16.57
N LEU D 29 -11.49 -35.30 -16.11
CA LEU D 29 -10.17 -35.32 -16.71
C LEU D 29 -9.17 -36.18 -15.93
N ALA D 30 -9.51 -36.58 -14.71
CA ALA D 30 -8.62 -37.44 -13.95
C ALA D 30 -8.52 -38.82 -14.61
N PRO D 31 -7.38 -39.50 -14.45
CA PRO D 31 -7.26 -40.86 -14.98
C PRO D 31 -8.23 -41.80 -14.27
N GLU D 32 -8.73 -42.78 -15.03
CA GLU D 32 -9.72 -43.69 -14.46
C GLU D 32 -9.15 -44.48 -13.28
N ASP D 33 -7.84 -44.73 -13.27
CA ASP D 33 -7.25 -45.53 -12.20
C ASP D 33 -7.00 -44.76 -10.92
N GLY D 34 -7.30 -43.46 -10.89
CA GLY D 34 -7.12 -42.69 -9.67
C GLY D 34 -5.69 -42.37 -9.32
N SER D 35 -4.75 -42.58 -10.25
CA SER D 35 -3.33 -42.37 -9.97
C SER D 35 -2.95 -40.89 -9.88
N HIS D 36 -3.90 -39.98 -10.04
CA HIS D 36 -3.62 -38.57 -9.85
C HIS D 36 -3.58 -38.19 -8.37
N SER D 37 -4.22 -38.96 -7.51
CA SER D 37 -4.45 -38.55 -6.13
C SER D 37 -3.48 -39.28 -5.21
N PRO D 38 -2.68 -38.57 -4.41
CA PRO D 38 -1.77 -39.27 -3.48
C PRO D 38 -2.52 -39.89 -2.31
N ALA D 39 -2.00 -41.03 -1.86
CA ALA D 39 -2.55 -41.70 -0.70
C ALA D 39 -2.37 -40.83 0.55
N ALA D 40 -3.43 -40.74 1.35
CA ALA D 40 -3.41 -39.98 2.61
C ALA D 40 -2.85 -40.84 3.73
N GLU D 41 -1.60 -41.24 3.56
CA GLU D 41 -0.86 -42.05 4.52
C GLU D 41 0.61 -41.75 4.35
N PRO D 42 1.43 -42.00 5.37
CA PRO D 42 2.87 -41.72 5.23
C PRO D 42 3.48 -42.56 4.11
N THR D 43 4.21 -41.90 3.22
CA THR D 43 4.84 -42.55 2.08
C THR D 43 6.24 -41.97 1.90
N PRO D 44 7.19 -42.77 1.40
CA PRO D 44 8.58 -42.29 1.28
C PRO D 44 8.72 -41.30 0.14
N PRO D 45 9.81 -40.53 0.13
CA PRO D 45 9.99 -39.51 -0.91
C PRO D 45 9.89 -40.13 -2.30
N GLY D 46 9.13 -39.46 -3.17
CA GLY D 46 8.97 -39.89 -4.54
C GLY D 46 7.94 -40.97 -4.79
N ALA D 47 7.35 -41.57 -3.76
CA ALA D 47 6.43 -42.68 -3.96
C ALA D 47 5.05 -42.19 -4.41
N GLN D 48 4.69 -40.97 -4.06
CA GLN D 48 3.39 -40.38 -4.38
C GLN D 48 3.62 -38.91 -4.71
N PRO D 49 2.72 -38.29 -5.45
CA PRO D 49 2.76 -36.82 -5.58
C PRO D 49 2.62 -36.20 -4.21
N THR D 50 3.28 -35.07 -3.99
CA THR D 50 3.13 -34.35 -2.74
C THR D 50 1.80 -33.58 -2.73
N ALA D 51 1.35 -33.20 -1.54
CA ALA D 51 0.00 -32.66 -1.40
C ALA D 51 -0.07 -31.67 -0.25
N PRO D 52 -1.05 -30.78 -0.25
CA PRO D 52 -1.33 -29.97 0.95
C PRO D 52 -1.44 -30.83 2.20
N GLY D 53 -0.95 -30.30 3.32
CA GLY D 53 -0.87 -31.08 4.54
C GLY D 53 -2.21 -31.61 5.03
N SER D 54 -3.28 -30.83 4.87
N SER D 54 -3.28 -30.82 4.89
CA SER D 54 -4.57 -31.29 5.38
CA SER D 54 -4.58 -31.29 5.35
C SER D 54 -5.19 -32.40 4.53
C SER D 54 -5.03 -32.52 4.58
N LEU D 55 -4.72 -32.56 3.28
CA LEU D 55 -5.15 -33.68 2.46
C LEU D 55 -4.21 -34.88 2.60
N LYS D 56 -2.92 -34.63 2.86
CA LYS D 56 -1.97 -35.73 3.02
C LYS D 56 -2.13 -36.42 4.37
N ALA D 57 -2.35 -35.64 5.43
CA ALA D 57 -2.34 -36.16 6.79
C ALA D 57 -3.46 -35.52 7.62
N PRO D 58 -4.73 -35.76 7.25
CA PRO D 58 -5.83 -35.16 8.03
C PRO D 58 -5.90 -35.65 9.46
N ASP D 59 -5.36 -36.83 9.76
CA ASP D 59 -5.38 -37.33 11.13
C ASP D 59 -4.41 -36.58 12.04
N THR D 60 -3.45 -35.84 11.49
CA THR D 60 -2.51 -35.08 12.28
C THR D 60 -3.13 -33.73 12.60
N ARG D 61 -3.30 -33.44 13.89
CA ARG D 61 -3.90 -32.17 14.26
C ARG D 61 -3.25 -31.59 15.51
N ASN D 62 -3.48 -30.30 15.70
CA ASN D 62 -3.18 -29.60 16.94
C ASN D 62 -4.13 -28.43 17.04
N GLU D 63 -4.09 -27.72 18.16
CA GLU D 63 -5.03 -26.64 18.38
C GLU D 63 -4.93 -25.56 17.30
N LYS D 64 -3.71 -25.23 16.87
CA LYS D 64 -3.54 -24.22 15.83
C LYS D 64 -4.06 -24.71 14.48
N LEU D 65 -3.69 -25.93 14.10
CA LEU D 65 -4.18 -26.48 12.83
C LEU D 65 -5.71 -26.51 12.80
N ASN D 66 -6.35 -26.91 13.90
CA ASN D 66 -7.81 -26.93 13.95
C ASN D 66 -8.38 -25.53 13.80
N SER D 67 -7.72 -24.54 14.40
CA SER D 67 -8.25 -23.18 14.39
C SER D 67 -8.23 -22.56 13.00
N LEU D 68 -7.42 -23.11 12.09
CA LEU D 68 -7.39 -22.62 10.71
C LEU D 68 -8.55 -23.16 9.88
N GLU D 69 -9.41 -24.01 10.44
CA GLU D 69 -10.48 -24.60 9.66
C GLU D 69 -11.45 -23.56 9.13
N ASP D 70 -11.61 -22.43 9.84
CA ASP D 70 -12.54 -21.41 9.40
C ASP D 70 -12.17 -20.83 8.06
N VAL D 71 -10.89 -20.89 7.70
CA VAL D 71 -10.42 -20.26 6.46
C VAL D 71 -9.97 -21.27 5.41
N ARG D 72 -9.86 -22.55 5.74
CA ARG D 72 -9.54 -23.52 4.70
C ARG D 72 -10.68 -23.62 3.71
N LYS D 73 -10.32 -23.64 2.43
CA LYS D 73 -11.29 -23.73 1.35
CA LYS D 73 -11.29 -23.73 1.34
C LYS D 73 -11.02 -25.00 0.56
N GLY D 74 -12.08 -25.81 0.35
CA GLY D 74 -12.00 -26.99 -0.46
C GLY D 74 -12.21 -26.67 -1.93
N SER D 75 -12.61 -27.68 -2.68
CA SER D 75 -12.72 -27.52 -4.14
C SER D 75 -13.56 -28.60 -4.80
N GLU D 76 -13.43 -29.85 -4.36
CA GLU D 76 -14.11 -30.94 -5.03
C GLU D 76 -15.62 -30.75 -4.95
N ASN D 77 -16.29 -30.97 -6.08
CA ASN D 77 -17.74 -30.91 -6.23
C ASN D 77 -18.32 -29.51 -6.14
N TYR D 78 -17.49 -28.47 -6.19
CA TYR D 78 -17.97 -27.10 -6.16
C TYR D 78 -17.92 -26.48 -7.56
N ALA D 79 -18.85 -25.58 -7.80
CA ALA D 79 -18.85 -24.78 -9.02
C ALA D 79 -17.73 -23.73 -8.99
N LEU D 80 -17.17 -23.47 -10.16
CA LEU D 80 -16.22 -22.38 -10.35
C LEU D 80 -16.98 -21.06 -10.37
N THR D 81 -16.53 -20.10 -9.56
CA THR D 81 -17.25 -18.84 -9.42
C THR D 81 -16.30 -17.65 -9.46
N THR D 82 -16.88 -16.47 -9.62
CA THR D 82 -16.17 -15.25 -9.30
C THR D 82 -16.01 -15.15 -7.78
N ASN D 83 -15.19 -14.19 -7.35
CA ASN D 83 -15.03 -13.95 -5.91
C ASN D 83 -16.31 -13.45 -5.27
N GLN D 84 -17.28 -12.99 -6.07
CA GLN D 84 -18.57 -12.56 -5.57
C GLN D 84 -19.60 -13.70 -5.56
N GLY D 85 -19.20 -14.93 -5.88
CA GLY D 85 -20.09 -16.07 -5.85
C GLY D 85 -20.87 -16.35 -7.12
N VAL D 86 -20.54 -15.70 -8.23
CA VAL D 86 -21.29 -15.92 -9.46
C VAL D 86 -20.67 -17.08 -10.23
N ARG D 87 -21.49 -18.07 -10.57
CA ARG D 87 -21.00 -19.22 -11.33
C ARG D 87 -20.55 -18.78 -12.72
N ILE D 88 -19.40 -19.31 -13.13
CA ILE D 88 -18.81 -19.04 -14.43
C ILE D 88 -19.20 -20.17 -15.37
N ALA D 89 -19.68 -19.82 -16.56
CA ALA D 89 -20.05 -20.78 -17.59
C ALA D 89 -18.89 -21.13 -18.51
N ASP D 90 -18.13 -20.12 -18.93
CA ASP D 90 -17.01 -20.35 -19.86
C ASP D 90 -15.77 -19.66 -19.33
N ASP D 91 -14.88 -20.45 -18.72
CA ASP D 91 -13.62 -19.94 -18.21
C ASP D 91 -12.49 -20.07 -19.22
N GLN D 92 -12.82 -20.22 -20.50
CA GLN D 92 -11.81 -20.35 -21.54
C GLN D 92 -11.72 -19.12 -22.42
N ASN D 93 -12.63 -18.16 -22.30
CA ASN D 93 -12.72 -17.10 -23.29
C ASN D 93 -13.12 -15.78 -22.66
N SER D 94 -12.55 -14.69 -23.20
CA SER D 94 -13.00 -13.34 -22.96
C SER D 94 -14.30 -13.07 -23.74
N LEU D 95 -15.08 -12.11 -23.25
CA LEU D 95 -16.27 -11.64 -23.96
C LEU D 95 -15.85 -10.67 -25.05
N ARG D 96 -16.27 -10.94 -26.29
CA ARG D 96 -15.88 -10.12 -27.43
C ARG D 96 -17.08 -9.87 -28.32
N ALA D 97 -16.98 -8.82 -29.15
CA ALA D 97 -18.02 -8.52 -30.13
C ALA D 97 -17.73 -9.35 -31.38
N GLY D 98 -18.37 -10.51 -31.47
CA GLY D 98 -18.01 -11.52 -32.44
C GLY D 98 -16.85 -12.37 -31.97
N ASP D 99 -16.77 -13.63 -32.41
CA ASP D 99 -15.74 -14.52 -31.90
C ASP D 99 -14.33 -14.16 -32.39
N ARG D 100 -14.22 -13.18 -33.29
CA ARG D 100 -12.94 -12.65 -33.75
C ARG D 100 -12.87 -11.14 -33.50
N GLY D 101 -13.64 -10.65 -32.53
CA GLY D 101 -13.77 -9.23 -32.30
C GLY D 101 -12.99 -8.75 -31.08
N PRO D 102 -13.11 -7.46 -30.80
CA PRO D 102 -12.40 -6.87 -29.65
C PRO D 102 -13.01 -7.32 -28.34
N THR D 103 -12.17 -7.40 -27.31
CA THR D 103 -12.67 -7.71 -25.97
C THR D 103 -13.44 -6.52 -25.40
N LEU D 104 -14.53 -6.82 -24.70
CA LEU D 104 -15.42 -5.80 -24.18
C LEU D 104 -15.10 -5.45 -22.74
N LEU D 105 -15.15 -4.15 -22.44
CA LEU D 105 -14.91 -3.69 -21.07
C LEU D 105 -15.92 -4.29 -20.08
N GLU D 106 -17.11 -4.66 -20.55
CA GLU D 106 -18.10 -5.21 -19.63
C GLU D 106 -17.79 -6.64 -19.18
N ASP D 107 -16.71 -7.25 -19.65
CA ASP D 107 -16.36 -8.57 -19.15
C ASP D 107 -15.78 -8.48 -17.74
N PHE D 108 -16.66 -8.50 -16.75
CA PHE D 108 -16.24 -8.41 -15.36
C PHE D 108 -15.60 -9.70 -14.86
N ILE D 109 -15.90 -10.83 -15.50
CA ILE D 109 -15.30 -12.09 -15.08
C ILE D 109 -13.81 -12.11 -15.43
N LEU D 110 -13.49 -11.73 -16.67
CA LEU D 110 -12.11 -11.54 -17.08
C LEU D 110 -11.40 -10.54 -16.18
N ARG D 111 -12.00 -9.36 -16.00
CA ARG D 111 -11.27 -8.34 -15.26
C ARG D 111 -11.04 -8.74 -13.81
N GLU D 112 -12.01 -9.41 -13.16
CA GLU D 112 -11.77 -9.82 -11.79
C GLU D 112 -10.62 -10.83 -11.71
N LYS D 113 -10.63 -11.80 -12.63
CA LYS D 113 -9.62 -12.84 -12.64
C LYS D 113 -8.23 -12.26 -12.91
N ILE D 114 -8.13 -11.34 -13.88
CA ILE D 114 -6.85 -10.74 -14.20
C ILE D 114 -6.42 -9.76 -13.11
N THR D 115 -7.36 -9.01 -12.54
CA THR D 115 -7.01 -8.11 -11.45
C THR D 115 -6.39 -8.88 -10.30
N HIS D 116 -6.99 -10.02 -9.93
CA HIS D 116 -6.42 -10.74 -8.81
C HIS D 116 -5.03 -11.24 -9.13
N PHE D 117 -4.85 -11.78 -10.33
CA PHE D 117 -3.55 -12.22 -10.79
C PHE D 117 -2.54 -11.08 -10.75
N ASP D 118 -2.95 -9.90 -11.23
CA ASP D 118 -2.07 -8.73 -11.34
C ASP D 118 -1.55 -8.24 -10.00
N HIS D 119 -2.18 -8.64 -8.89
CA HIS D 119 -1.83 -8.15 -7.57
C HIS D 119 -1.47 -9.30 -6.63
N GLU D 120 -1.01 -10.43 -7.16
CA GLU D 120 -0.74 -11.59 -6.32
C GLU D 120 0.46 -11.38 -5.41
N ARG D 121 1.46 -10.61 -5.87
CA ARG D 121 2.73 -10.55 -5.16
C ARG D 121 2.72 -9.48 -4.06
N ILE D 122 3.34 -9.82 -2.94
CA ILE D 122 3.57 -8.90 -1.84
C ILE D 122 5.07 -8.75 -1.66
N PRO D 123 5.54 -7.68 -1.00
CA PRO D 123 6.99 -7.54 -0.81
C PRO D 123 7.54 -8.75 -0.08
N GLU D 124 8.72 -9.22 -0.50
CA GLU D 124 9.37 -10.30 0.23
C GLU D 124 10.06 -9.73 1.48
N ARG D 125 10.42 -10.63 2.41
CA ARG D 125 11.11 -10.19 3.61
C ARG D 125 12.43 -9.50 3.23
N ILE D 126 12.79 -8.44 3.99
CA ILE D 126 14.04 -7.73 3.68
C ILE D 126 15.23 -8.67 3.74
N VAL D 127 15.26 -9.53 4.75
CA VAL D 127 16.24 -10.58 4.90
C VAL D 127 15.47 -11.85 5.18
N HIS D 128 16.11 -12.99 4.94
CA HIS D 128 15.48 -14.31 5.13
C HIS D 128 14.27 -14.49 4.20
N ALA D 129 14.32 -13.88 3.02
CA ALA D 129 13.21 -14.00 2.07
C ALA D 129 13.00 -15.45 1.60
N ARG D 130 14.06 -16.26 1.57
CA ARG D 130 13.97 -17.65 1.13
C ARG D 130 13.79 -18.54 2.35
N GLY D 131 12.64 -19.21 2.45
CA GLY D 131 12.38 -20.01 3.64
C GLY D 131 11.32 -21.07 3.43
N SER D 132 11.37 -22.09 4.30
CA SER D 132 10.52 -23.26 4.21
C SER D 132 9.99 -23.57 5.61
N ALA D 133 8.69 -23.90 5.69
CA ALA D 133 8.01 -23.88 6.99
C ALA D 133 7.12 -25.12 7.18
N ALA D 134 6.86 -25.44 8.45
CA ALA D 134 6.00 -26.57 8.80
C ALA D 134 5.37 -26.34 10.17
N HIS D 135 4.25 -27.03 10.39
CA HIS D 135 3.54 -27.06 11.65
C HIS D 135 4.05 -28.18 12.54
N GLY D 136 3.89 -28.00 13.84
CA GLY D 136 4.30 -29.03 14.78
C GLY D 136 3.83 -28.73 16.17
N TYR D 137 4.46 -29.39 17.15
CA TYR D 137 4.11 -29.14 18.54
C TYR D 137 5.35 -29.23 19.42
N PHE D 138 5.24 -28.60 20.58
CA PHE D 138 6.31 -28.56 21.58
C PHE D 138 5.75 -29.02 22.92
N GLN D 139 6.58 -29.70 23.70
CA GLN D 139 6.21 -30.15 25.02
C GLN D 139 7.44 -30.13 25.92
N PRO D 140 7.38 -29.53 27.11
CA PRO D 140 8.53 -29.57 28.01
C PRO D 140 8.63 -30.92 28.71
N TYR D 141 9.85 -31.23 29.16
CA TYR D 141 10.10 -32.49 29.85
C TYR D 141 9.62 -32.47 31.29
N LYS D 142 9.66 -31.30 31.93
CA LYS D 142 9.25 -31.15 33.32
C LYS D 142 8.92 -29.68 33.51
N SER D 143 8.18 -29.39 34.57
CA SER D 143 7.87 -28.00 34.90
C SER D 143 9.14 -27.21 35.17
N LEU D 144 9.22 -26.02 34.58
CA LEU D 144 10.34 -25.11 34.85
C LEU D 144 9.94 -23.95 35.75
N SER D 145 8.90 -24.13 36.57
CA SER D 145 8.38 -23.02 37.37
C SER D 145 9.39 -22.47 38.37
N ASP D 146 10.43 -23.24 38.73
CA ASP D 146 11.44 -22.70 39.64
C ASP D 146 12.25 -21.57 38.99
N ILE D 147 12.33 -21.56 37.65
CA ILE D 147 13.13 -20.56 36.96
C ILE D 147 12.32 -19.64 36.05
N THR D 148 11.11 -20.02 35.63
CA THR D 148 10.31 -19.15 34.79
C THR D 148 8.83 -19.41 35.05
N LYS D 149 8.04 -18.34 35.04
CA LYS D 149 6.58 -18.46 35.13
C LYS D 149 5.92 -18.57 33.77
N ALA D 150 6.69 -18.76 32.69
CA ALA D 150 6.10 -18.90 31.36
C ALA D 150 5.20 -20.12 31.31
N ASP D 151 3.94 -19.90 30.88
CA ASP D 151 2.96 -20.97 30.98
C ASP D 151 3.34 -22.17 30.11
N PHE D 152 3.92 -21.92 28.93
CA PHE D 152 4.20 -23.04 28.04
C PHE D 152 5.32 -23.94 28.56
N LEU D 153 6.02 -23.52 29.60
CA LEU D 153 7.10 -24.30 30.20
C LEU D 153 6.72 -24.83 31.59
N SER D 154 5.44 -24.77 31.96
CA SER D 154 5.00 -25.01 33.33
C SER D 154 4.56 -26.43 33.61
N ASP D 155 4.34 -27.26 32.59
CA ASP D 155 3.64 -28.54 32.76
C ASP D 155 4.12 -29.50 31.67
N PRO D 156 4.67 -30.67 32.03
CA PRO D 156 5.16 -31.60 31.00
C PRO D 156 4.07 -32.13 30.09
N ASN D 157 2.80 -31.98 30.45
CA ASN D 157 1.72 -32.45 29.58
C ASN D 157 0.96 -31.31 28.93
N LYS D 158 1.49 -30.10 28.99
CA LYS D 158 0.93 -28.98 28.24
C LYS D 158 1.59 -28.95 26.87
N ILE D 159 0.79 -29.13 25.83
CA ILE D 159 1.26 -29.19 24.45
C ILE D 159 1.05 -27.82 23.84
N THR D 160 2.11 -27.26 23.24
CA THR D 160 2.01 -25.98 22.57
C THR D 160 2.20 -26.17 21.07
N PRO D 161 1.21 -25.81 20.24
CA PRO D 161 1.44 -25.85 18.79
C PRO D 161 2.55 -24.88 18.41
N VAL D 162 3.27 -25.24 17.35
CA VAL D 162 4.30 -24.37 16.81
C VAL D 162 4.13 -24.28 15.30
N PHE D 163 4.68 -23.21 14.74
CA PHE D 163 4.91 -23.09 13.31
C PHE D 163 6.34 -22.61 13.17
N VAL D 164 7.14 -23.34 12.38
CA VAL D 164 8.58 -23.11 12.27
C VAL D 164 8.90 -22.77 10.83
N ARG D 165 9.71 -21.72 10.62
CA ARG D 165 10.22 -21.39 9.30
C ARG D 165 11.75 -21.39 9.37
N PHE D 166 12.37 -22.19 8.51
CA PHE D 166 13.81 -22.18 8.28
C PHE D 166 14.10 -21.35 7.03
N SER D 167 15.28 -20.74 6.98
CA SER D 167 15.53 -19.80 5.90
C SER D 167 17.03 -19.67 5.65
N THR D 168 17.38 -19.14 4.48
CA THR D 168 18.69 -18.52 4.29
C THR D 168 18.55 -17.06 4.72
N VAL D 169 19.56 -16.23 4.45
CA VAL D 169 19.57 -14.83 4.86
C VAL D 169 19.58 -13.89 3.67
N GLN D 170 20.53 -14.08 2.75
CA GLN D 170 20.85 -13.05 1.77
C GLN D 170 19.90 -13.08 0.58
N GLY D 171 19.58 -14.28 0.07
CA GLY D 171 18.94 -14.37 -1.22
C GLY D 171 17.45 -14.06 -1.20
N GLY D 172 16.91 -13.80 -2.39
CA GLY D 172 15.49 -13.53 -2.53
C GLY D 172 14.66 -14.79 -2.37
N ALA D 173 13.33 -14.61 -2.37
CA ALA D 173 12.44 -15.75 -2.20
C ALA D 173 12.63 -16.82 -3.27
N GLY D 174 13.10 -16.43 -4.46
CA GLY D 174 13.36 -17.36 -5.54
C GLY D 174 14.80 -17.81 -5.65
N SER D 175 15.64 -17.54 -4.65
CA SER D 175 17.02 -17.99 -4.69
C SER D 175 17.12 -19.46 -4.26
N ALA D 176 18.34 -20.00 -4.30
CA ALA D 176 18.56 -21.42 -4.09
C ALA D 176 18.75 -21.77 -2.61
N ASP D 177 18.44 -23.02 -2.27
CA ASP D 177 18.53 -23.49 -0.89
C ASP D 177 19.96 -23.72 -0.43
N THR D 178 20.77 -24.45 -1.21
CA THR D 178 22.06 -24.95 -0.69
C THR D 178 23.22 -24.00 -0.94
N VAL D 179 22.98 -22.70 -0.78
CA VAL D 179 24.01 -21.66 -0.81
C VAL D 179 24.88 -21.73 0.44
N ARG D 180 26.03 -21.06 0.41
CA ARG D 180 26.77 -20.81 1.64
C ARG D 180 26.21 -19.56 2.28
N ASP D 181 25.66 -19.71 3.48
CA ASP D 181 24.98 -18.61 4.16
C ASP D 181 24.72 -19.05 5.59
N ILE D 182 24.35 -18.09 6.43
CA ILE D 182 23.73 -18.44 7.70
C ILE D 182 22.30 -18.90 7.42
N ARG D 183 21.75 -19.76 8.27
CA ARG D 183 20.36 -20.16 8.18
C ARG D 183 19.55 -19.60 9.35
N GLY D 184 18.35 -19.14 9.06
CA GLY D 184 17.39 -18.79 10.10
C GLY D 184 16.59 -20.00 10.57
N PHE D 185 16.12 -19.90 11.81
CA PHE D 185 15.39 -20.96 12.49
C PHE D 185 14.42 -20.23 13.43
N ALA D 186 13.22 -19.96 12.92
CA ALA D 186 12.22 -19.16 13.62
C ALA D 186 11.06 -20.05 14.05
N THR D 187 10.70 -19.99 15.33
CA THR D 187 9.63 -20.80 15.90
C THR D 187 8.58 -19.91 16.53
N LYS D 188 7.34 -20.06 16.09
CA LYS D 188 6.19 -19.38 16.67
C LYS D 188 5.48 -20.36 17.59
N PHE D 189 5.47 -20.06 18.90
CA PHE D 189 4.81 -20.88 19.92
C PHE D 189 3.45 -20.25 20.21
N TYR D 190 2.37 -21.00 19.95
CA TYR D 190 1.03 -20.48 20.20
C TYR D 190 0.65 -20.87 21.64
N THR D 191 1.08 -20.06 22.60
CA THR D 191 0.89 -20.42 24.01
C THR D 191 -0.45 -19.90 24.55
N GLU D 192 -0.86 -20.45 25.69
CA GLU D 192 -2.11 -20.04 26.33
C GLU D 192 -2.03 -18.63 26.89
N GLU D 193 -0.83 -18.03 26.95
CA GLU D 193 -0.66 -16.68 27.47
C GLU D 193 -0.05 -15.75 26.43
N GLY D 194 -0.20 -16.09 25.16
CA GLY D 194 0.27 -15.25 24.07
C GLY D 194 1.23 -15.99 23.15
N ILE D 195 1.47 -15.36 22.01
CA ILE D 195 2.44 -15.89 21.06
C ILE D 195 3.85 -15.52 21.54
N PHE D 196 4.72 -16.52 21.59
CA PHE D 196 6.14 -16.32 21.81
C PHE D 196 6.86 -16.74 20.53
N ASP D 197 7.60 -15.81 19.92
CA ASP D 197 8.40 -16.11 18.74
C ASP D 197 9.87 -16.19 19.17
N LEU D 198 10.49 -17.34 18.94
N LEU D 198 10.46 -17.38 19.03
CA LEU D 198 11.92 -17.55 19.20
CA LEU D 198 11.90 -17.55 19.19
C LEU D 198 12.62 -17.51 17.85
C LEU D 198 12.50 -17.44 17.78
N VAL D 199 13.19 -16.34 17.51
CA VAL D 199 13.64 -16.04 16.16
C VAL D 199 15.16 -16.13 16.14
N GLY D 200 15.69 -17.30 15.79
CA GLY D 200 17.10 -17.59 15.89
C GLY D 200 17.75 -17.93 14.55
N ASN D 201 19.02 -18.30 14.64
CA ASN D 201 19.83 -18.72 13.49
C ASN D 201 20.51 -20.05 13.80
N ASN D 202 21.27 -20.59 12.85
CA ASN D 202 21.95 -21.87 13.03
C ASN D 202 23.39 -21.74 13.49
N THR D 203 23.81 -20.55 13.91
CA THR D 203 25.09 -20.33 14.56
C THR D 203 24.83 -19.53 15.83
N PRO D 204 25.71 -19.63 16.84
CA PRO D 204 25.41 -19.08 18.17
C PRO D 204 25.74 -17.61 18.35
N ILE D 205 26.22 -16.93 17.30
CA ILE D 205 26.55 -15.51 17.36
C ILE D 205 26.06 -14.85 16.08
N PHE D 206 26.03 -13.52 16.08
CA PHE D 206 25.78 -12.77 14.87
C PHE D 206 27.03 -12.02 14.42
N PHE D 207 26.95 -11.41 13.24
CA PHE D 207 28.08 -10.72 12.63
C PHE D 207 28.39 -9.38 13.30
N ILE D 208 27.39 -8.73 13.90
CA ILE D 208 27.55 -7.35 14.35
C ILE D 208 27.02 -7.20 15.75
N GLN D 209 27.42 -6.10 16.39
CA GLN D 209 27.17 -5.87 17.81
C GLN D 209 25.98 -4.96 18.07
N ASP D 210 25.75 -3.95 17.24
CA ASP D 210 24.73 -2.94 17.48
C ASP D 210 23.80 -2.90 16.29
N ALA D 211 22.48 -2.89 16.56
CA ALA D 211 21.48 -2.91 15.51
C ALA D 211 21.61 -1.73 14.55
N HIS D 212 22.20 -0.63 15.00
CA HIS D 212 22.36 0.52 14.12
C HIS D 212 23.14 0.17 12.86
N LYS D 213 24.02 -0.83 12.93
CA LYS D 213 24.83 -1.26 11.79
C LYS D 213 24.15 -2.30 10.92
N PHE D 214 22.94 -2.77 11.29
CA PHE D 214 22.32 -3.84 10.51
C PHE D 214 22.14 -3.47 9.04
N PRO D 215 21.64 -2.28 8.69
CA PRO D 215 21.52 -1.99 7.25
C PRO D 215 22.86 -1.95 6.55
N ASP D 216 23.92 -1.52 7.23
CA ASP D 216 25.24 -1.52 6.61
C ASP D 216 25.71 -2.95 6.33
N PHE D 217 25.68 -3.82 7.35
CA PHE D 217 26.09 -5.20 7.13
C PHE D 217 25.25 -5.86 6.03
N VAL D 218 23.92 -5.73 6.12
CA VAL D 218 23.05 -6.41 5.16
C VAL D 218 23.28 -5.87 3.75
N HIS D 219 23.40 -4.55 3.61
CA HIS D 219 23.70 -3.98 2.30
C HIS D 219 25.01 -4.54 1.76
N ALA D 220 26.02 -4.67 2.62
CA ALA D 220 27.30 -5.19 2.18
C ALA D 220 27.21 -6.64 1.69
N VAL D 221 26.40 -7.48 2.35
CA VAL D 221 26.34 -8.90 1.95
C VAL D 221 25.41 -9.12 0.77
N LYS D 222 24.39 -8.27 0.63
CA LYS D 222 23.37 -8.39 -0.41
C LYS D 222 23.98 -8.09 -1.79
N PRO D 223 23.24 -8.39 -2.87
CA PRO D 223 23.73 -8.05 -4.21
C PRO D 223 24.08 -6.57 -4.28
N GLU D 224 25.18 -6.25 -4.96
CA GLU D 224 25.69 -4.89 -4.97
C GLU D 224 24.74 -3.99 -5.77
N PRO D 225 24.62 -2.71 -5.37
CA PRO D 225 23.45 -1.91 -5.80
C PRO D 225 23.47 -1.47 -7.26
N HIS D 226 24.63 -1.39 -7.91
CA HIS D 226 24.62 -0.99 -9.32
C HIS D 226 23.99 -2.06 -10.18
N TRP D 227 24.42 -3.30 -10.04
CA TRP D 227 24.03 -4.35 -10.97
C TRP D 227 23.25 -5.51 -10.36
N ALA D 228 23.04 -5.52 -9.04
CA ALA D 228 22.27 -6.57 -8.35
C ALA D 228 22.87 -7.96 -8.56
N ILE D 229 24.18 -8.07 -8.33
CA ILE D 229 24.93 -9.31 -8.36
C ILE D 229 25.80 -9.28 -7.11
N PRO D 230 26.02 -10.41 -6.40
CA PRO D 230 25.59 -11.77 -6.71
C PRO D 230 24.45 -12.24 -5.81
N GLN D 231 23.64 -13.16 -6.32
CA GLN D 231 22.51 -13.69 -5.54
C GLN D 231 22.98 -14.84 -4.67
N GLY D 232 22.59 -14.81 -3.40
CA GLY D 232 22.83 -15.92 -2.49
C GLY D 232 24.29 -16.20 -2.17
N GLN D 233 25.14 -15.17 -2.22
CA GLN D 233 26.58 -15.35 -2.06
C GLN D 233 27.17 -14.16 -1.33
N SER D 234 28.05 -14.44 -0.37
CA SER D 234 28.87 -13.40 0.24
C SER D 234 30.19 -13.22 -0.50
N ALA D 235 30.42 -13.98 -1.58
CA ALA D 235 31.69 -13.99 -2.29
C ALA D 235 31.75 -12.82 -3.27
N HIS D 236 31.85 -11.61 -2.71
CA HIS D 236 31.97 -10.41 -3.52
C HIS D 236 32.58 -9.29 -2.70
N ASP D 237 33.06 -8.25 -3.41
CA ASP D 237 33.92 -7.23 -2.80
C ASP D 237 33.27 -6.56 -1.60
N THR D 238 32.01 -6.15 -1.71
CA THR D 238 31.46 -5.30 -0.65
C THR D 238 31.35 -6.05 0.67
N PHE D 239 31.03 -7.34 0.63
CA PHE D 239 30.95 -8.10 1.87
C PHE D 239 32.32 -8.14 2.56
N TRP D 240 33.35 -8.52 1.81
CA TRP D 240 34.68 -8.66 2.38
C TRP D 240 35.30 -7.31 2.71
N ASP D 241 34.88 -6.25 2.01
CA ASP D 241 35.26 -4.89 2.39
C ASP D 241 34.77 -4.59 3.80
N TYR D 242 33.48 -4.80 4.03
CA TYR D 242 32.89 -4.55 5.34
C TYR D 242 33.58 -5.39 6.42
N VAL D 243 33.73 -6.69 6.15
CA VAL D 243 34.38 -7.59 7.12
C VAL D 243 35.78 -7.09 7.47
N SER D 244 36.55 -6.70 6.45
CA SER D 244 37.93 -6.26 6.70
C SER D 244 37.99 -5.00 7.54
N LEU D 245 36.93 -4.19 7.52
CA LEU D 245 36.87 -2.93 8.24
C LEU D 245 36.11 -3.04 9.55
N GLN D 246 35.52 -4.19 9.83
CA GLN D 246 34.69 -4.39 11.02
C GLN D 246 35.04 -5.75 11.60
N PRO D 247 36.14 -5.84 12.34
CA PRO D 247 36.59 -7.16 12.84
C PRO D 247 35.60 -7.85 13.79
N GLU D 248 34.60 -7.13 14.32
CA GLU D 248 33.57 -7.80 15.10
C GLU D 248 32.88 -8.90 14.31
N THR D 249 32.88 -8.80 12.98
CA THR D 249 32.22 -9.77 12.11
C THR D 249 32.96 -11.10 12.03
N LEU D 250 34.21 -11.17 12.47
CA LEU D 250 35.04 -12.31 12.13
C LEU D 250 34.53 -13.60 12.73
N HIS D 251 33.93 -13.55 13.91
CA HIS D 251 33.48 -14.80 14.53
C HIS D 251 32.41 -15.48 13.68
N ASN D 252 31.35 -14.75 13.32
CA ASN D 252 30.31 -15.38 12.51
C ASN D 252 30.79 -15.68 11.09
N VAL D 253 31.74 -14.88 10.59
CA VAL D 253 32.34 -15.19 9.29
C VAL D 253 33.03 -16.56 9.34
N MET D 254 33.70 -16.85 10.45
N MET D 254 33.76 -16.84 10.43
CA MET D 254 34.39 -18.14 10.58
CA MET D 254 34.38 -18.15 10.60
C MET D 254 33.39 -19.30 10.57
C MET D 254 33.33 -19.26 10.47
N TRP D 255 32.21 -19.11 11.18
CA TRP D 255 31.16 -20.12 11.10
C TRP D 255 30.64 -20.25 9.67
N ALA D 256 30.42 -19.12 8.99
CA ALA D 256 29.87 -19.18 7.64
C ALA D 256 30.84 -19.85 6.67
N MET D 257 32.15 -19.63 6.83
CA MET D 257 33.14 -20.24 5.95
C MET D 257 33.37 -21.71 6.25
N SER D 258 33.00 -22.17 7.45
CA SER D 258 33.04 -23.58 7.77
C SER D 258 31.87 -24.31 7.09
N ASP D 259 31.88 -25.64 7.20
CA ASP D 259 30.78 -26.41 6.65
C ASP D 259 29.44 -26.11 7.34
N ARG D 260 29.46 -25.40 8.48
CA ARG D 260 28.20 -24.92 9.05
C ARG D 260 27.41 -24.11 8.05
N GLY D 261 28.10 -23.44 7.12
CA GLY D 261 27.44 -22.59 6.14
C GLY D 261 26.69 -23.34 5.06
N ILE D 262 26.83 -24.66 4.99
CA ILE D 262 26.22 -25.48 3.95
C ILE D 262 25.59 -26.73 4.55
N PRO D 263 24.52 -26.59 5.35
CA PRO D 263 23.93 -27.77 5.99
C PRO D 263 23.35 -28.77 4.99
N ARG D 264 23.39 -30.05 5.37
CA ARG D 264 22.81 -31.11 4.57
C ARG D 264 21.29 -30.96 4.50
N SER D 265 20.67 -30.52 5.58
CA SER D 265 19.23 -30.45 5.71
C SER D 265 18.93 -29.48 6.85
N TYR D 266 17.74 -28.86 6.82
CA TYR D 266 17.31 -28.13 8.01
C TYR D 266 17.17 -29.05 9.22
N ARG D 267 17.02 -30.35 8.99
CA ARG D 267 16.93 -31.32 10.07
C ARG D 267 18.28 -31.57 10.72
N THR D 268 19.38 -31.21 10.06
CA THR D 268 20.72 -31.58 10.54
C THR D 268 21.58 -30.36 10.84
N MET D 269 20.97 -29.34 11.44
CA MET D 269 21.71 -28.16 11.88
C MET D 269 21.24 -27.80 13.29
N GLU D 270 22.10 -27.09 14.02
CA GLU D 270 21.72 -26.55 15.31
C GLU D 270 20.93 -25.25 15.15
N GLY D 271 20.24 -24.86 16.22
CA GLY D 271 19.60 -23.56 16.29
C GLY D 271 20.00 -22.86 17.57
N PHE D 272 19.97 -21.53 17.51
CA PHE D 272 20.39 -20.70 18.64
C PHE D 272 19.59 -19.41 18.65
N GLY D 273 19.20 -18.95 19.83
CA GLY D 273 18.60 -17.63 19.93
C GLY D 273 19.61 -16.49 19.87
N ILE D 274 20.89 -16.81 20.02
CA ILE D 274 22.02 -15.88 20.02
C ILE D 274 22.07 -14.98 21.25
N HIS D 275 21.05 -14.14 21.44
CA HIS D 275 21.11 -13.18 22.53
C HIS D 275 20.92 -13.84 23.89
N THR D 276 21.52 -13.22 24.91
CA THR D 276 21.11 -13.50 26.27
C THR D 276 19.76 -12.83 26.53
N PHE D 277 18.78 -13.61 26.94
CA PHE D 277 17.47 -13.15 27.39
C PHE D 277 17.42 -13.37 28.91
N ARG D 278 16.24 -13.10 29.50
CA ARG D 278 16.00 -13.40 30.90
C ARG D 278 14.82 -14.34 31.05
N LEU D 279 14.92 -15.23 32.04
CA LEU D 279 13.77 -15.95 32.58
C LEU D 279 13.41 -15.30 33.91
N ILE D 280 12.10 -15.11 34.14
CA ILE D 280 11.59 -14.49 35.34
C ILE D 280 10.65 -15.48 36.01
N ASN D 281 10.91 -15.83 37.27
CA ASN D 281 10.04 -16.76 37.97
C ASN D 281 8.97 -16.01 38.78
N ALA D 282 8.09 -16.78 39.42
CA ALA D 282 6.99 -16.18 40.16
C ALA D 282 7.48 -15.35 41.34
N GLU D 283 8.65 -15.67 41.89
CA GLU D 283 9.22 -14.87 42.97
C GLU D 283 9.87 -13.58 42.47
N GLY D 284 9.93 -13.37 41.16
CA GLY D 284 10.56 -12.20 40.61
C GLY D 284 12.03 -12.35 40.32
N LYS D 285 12.61 -13.53 40.49
CA LYS D 285 14.04 -13.73 40.26
C LYS D 285 14.31 -13.85 38.77
N ALA D 286 15.33 -13.14 38.30
CA ALA D 286 15.77 -13.21 36.93
C ALA D 286 16.97 -14.14 36.81
N THR D 287 16.94 -14.99 35.78
CA THR D 287 18.07 -15.82 35.40
C THR D 287 18.40 -15.51 33.94
N PHE D 288 19.68 -15.29 33.63
CA PHE D 288 20.05 -15.10 32.22
C PHE D 288 19.98 -16.43 31.48
N VAL D 289 19.53 -16.39 30.23
CA VAL D 289 19.37 -17.61 29.44
C VAL D 289 19.81 -17.37 28.00
N ARG D 290 20.47 -18.37 27.41
CA ARG D 290 20.59 -18.45 25.96
C ARG D 290 19.91 -19.73 25.48
N PHE D 291 19.16 -19.60 24.38
CA PHE D 291 18.35 -20.69 23.84
C PHE D 291 19.10 -21.49 22.79
N HIS D 292 18.84 -22.81 22.79
CA HIS D 292 19.48 -23.77 21.90
C HIS D 292 18.45 -24.75 21.37
N TRP D 293 18.62 -25.13 20.11
CA TRP D 293 17.91 -26.26 19.52
C TRP D 293 18.92 -27.33 19.13
N LYS D 294 18.71 -28.56 19.59
CA LYS D 294 19.59 -29.69 19.30
C LYS D 294 18.89 -30.63 18.33
N PRO D 295 19.43 -30.86 17.13
CA PRO D 295 18.73 -31.70 16.15
C PRO D 295 18.82 -33.17 16.53
N LEU D 296 17.66 -33.83 16.59
CA LEU D 296 17.66 -35.27 16.84
C LEU D 296 18.39 -36.03 15.74
N ALA D 297 18.34 -35.51 14.51
CA ALA D 297 18.99 -36.16 13.37
C ALA D 297 20.51 -35.97 13.36
N GLY D 298 21.05 -35.21 14.31
CA GLY D 298 22.47 -34.95 14.34
C GLY D 298 22.86 -33.76 13.47
N LYS D 299 24.13 -33.41 13.55
CA LYS D 299 24.70 -32.32 12.77
C LYS D 299 25.36 -32.88 11.52
N ALA D 300 25.04 -32.31 10.36
CA ALA D 300 25.61 -32.81 9.12
C ALA D 300 25.54 -31.72 8.05
N SER D 301 26.62 -31.61 7.28
CA SER D 301 26.70 -30.60 6.24
C SER D 301 27.20 -31.20 4.93
N LEU D 302 26.91 -30.48 3.85
CA LEU D 302 27.47 -30.78 2.54
C LEU D 302 28.95 -30.40 2.52
N VAL D 303 29.59 -30.64 1.38
CA VAL D 303 30.88 -30.05 1.06
C VAL D 303 30.65 -29.03 -0.05
N TRP D 304 31.57 -28.07 -0.18
CA TRP D 304 31.29 -26.88 -0.99
C TRP D 304 30.97 -27.22 -2.45
N ASP D 305 31.81 -28.04 -3.11
CA ASP D 305 31.57 -28.30 -4.52
C ASP D 305 30.18 -28.91 -4.73
N GLU D 306 29.78 -29.80 -3.81
CA GLU D 306 28.47 -30.44 -3.84
C GLU D 306 27.37 -29.41 -3.64
N ALA D 307 27.50 -28.57 -2.60
CA ALA D 307 26.48 -27.56 -2.31
C ALA D 307 26.28 -26.62 -3.49
N GLN D 308 27.39 -26.14 -4.08
CA GLN D 308 27.29 -25.19 -5.18
C GLN D 308 26.65 -25.85 -6.39
N LYS D 309 27.08 -27.07 -6.74
CA LYS D 309 26.46 -27.72 -7.89
C LYS D 309 25.00 -28.01 -7.63
N LEU D 310 24.66 -28.34 -6.38
CA LEU D 310 23.27 -28.64 -6.04
C LEU D 310 22.37 -27.42 -6.16
N THR D 311 22.91 -26.20 -6.00
CA THR D 311 22.05 -25.04 -6.25
C THR D 311 21.59 -24.99 -7.70
N GLY D 312 22.32 -25.61 -8.62
CA GLY D 312 21.90 -25.73 -10.00
C GLY D 312 21.06 -26.95 -10.27
N ARG D 313 21.46 -28.12 -9.75
CA ARG D 313 20.70 -29.34 -10.03
C ARG D 313 19.35 -29.36 -9.33
N ASP D 314 19.26 -28.79 -8.12
CA ASP D 314 17.99 -28.69 -7.40
C ASP D 314 18.04 -27.51 -6.46
N PRO D 315 17.68 -26.31 -6.92
CA PRO D 315 17.69 -25.15 -6.03
C PRO D 315 16.65 -25.24 -4.90
N ASP D 316 15.74 -26.21 -4.94
CA ASP D 316 14.74 -26.38 -3.91
C ASP D 316 15.03 -27.54 -2.98
N PHE D 317 16.30 -27.98 -2.90
CA PHE D 317 16.65 -29.23 -2.23
C PHE D 317 16.20 -29.25 -0.76
N HIS D 318 16.45 -28.17 -0.01
CA HIS D 318 16.13 -28.19 1.41
C HIS D 318 14.63 -28.08 1.65
N ARG D 319 13.96 -27.24 0.87
CA ARG D 319 12.51 -27.12 0.95
C ARG D 319 11.85 -28.47 0.65
N ARG D 320 12.35 -29.14 -0.39
CA ARG D 320 11.82 -30.44 -0.79
C ARG D 320 12.07 -31.49 0.28
N GLU D 321 13.30 -31.55 0.79
CA GLU D 321 13.64 -32.58 1.77
C GLU D 321 12.83 -32.42 3.05
N LEU D 322 12.58 -31.17 3.47
CA LEU D 322 11.76 -30.95 4.66
C LEU D 322 10.33 -31.44 4.43
N TRP D 323 9.74 -31.04 3.31
CA TRP D 323 8.36 -31.42 3.02
C TRP D 323 8.23 -32.94 2.93
N GLU D 324 9.18 -33.59 2.25
CA GLU D 324 9.08 -35.03 2.03
C GLU D 324 9.37 -35.81 3.30
N ALA D 325 10.24 -35.30 4.18
CA ALA D 325 10.44 -35.97 5.46
C ALA D 325 9.15 -36.01 6.25
N ILE D 326 8.43 -34.89 6.27
CA ILE D 326 7.16 -34.84 7.00
C ILE D 326 6.12 -35.75 6.36
N GLU D 327 6.05 -35.78 5.02
CA GLU D 327 5.11 -36.68 4.36
C GLU D 327 5.43 -38.14 4.62
N ALA D 328 6.70 -38.48 4.86
CA ALA D 328 7.13 -39.84 5.13
C ALA D 328 6.93 -40.25 6.58
N GLY D 329 6.55 -39.32 7.45
CA GLY D 329 6.54 -39.59 8.87
C GLY D 329 7.88 -39.43 9.57
N ASP D 330 8.91 -38.96 8.85
N ASP D 330 8.89 -38.96 8.86
CA ASP D 330 10.24 -38.68 9.43
CA ASP D 330 10.20 -38.73 9.49
C ASP D 330 10.23 -37.27 10.01
C ASP D 330 10.24 -37.31 10.02
N PHE D 331 9.45 -37.09 11.06
CA PHE D 331 9.23 -35.74 11.56
C PHE D 331 10.53 -35.13 12.07
N PRO D 332 10.93 -33.95 11.58
CA PRO D 332 12.07 -33.25 12.19
C PRO D 332 11.80 -33.03 13.67
N GLU D 333 12.80 -33.36 14.50
CA GLU D 333 12.70 -33.16 15.95
C GLU D 333 13.90 -32.36 16.44
N TYR D 334 13.64 -31.47 17.38
CA TYR D 334 14.68 -30.64 17.96
C TYR D 334 14.41 -30.49 19.45
N GLU D 335 15.45 -30.69 20.24
CA GLU D 335 15.35 -30.52 21.68
C GLU D 335 15.71 -29.09 22.04
N LEU D 336 14.80 -28.41 22.74
CA LEU D 336 15.07 -27.09 23.28
C LEU D 336 15.95 -27.24 24.51
N GLY D 337 17.00 -26.40 24.59
CA GLY D 337 17.88 -26.41 25.74
C GLY D 337 18.21 -24.97 26.12
N PHE D 338 18.57 -24.80 27.40
CA PHE D 338 18.90 -23.50 27.95
C PHE D 338 20.31 -23.54 28.53
N GLN D 339 21.11 -22.54 28.18
CA GLN D 339 22.27 -22.18 28.99
C GLN D 339 21.78 -21.17 30.02
N LEU D 340 21.97 -21.47 31.30
CA LEU D 340 21.44 -20.66 32.38
C LEU D 340 22.59 -20.06 33.17
N ILE D 341 22.56 -18.74 33.37
CA ILE D 341 23.60 -18.02 34.09
C ILE D 341 22.93 -17.18 35.16
N PRO D 342 23.24 -17.40 36.44
CA PRO D 342 22.65 -16.58 37.49
C PRO D 342 23.01 -15.13 37.32
N GLU D 343 22.15 -14.26 37.85
CA GLU D 343 22.34 -12.83 37.69
C GLU D 343 23.69 -12.38 38.23
N GLU D 344 24.13 -13.00 39.33
CA GLU D 344 25.39 -12.62 39.97
C GLU D 344 26.62 -13.05 39.16
N ASP D 345 26.45 -13.86 38.13
CA ASP D 345 27.55 -14.32 37.30
C ASP D 345 27.65 -13.53 35.99
N GLU D 346 26.91 -12.43 35.87
CA GLU D 346 26.87 -11.65 34.63
C GLU D 346 28.27 -11.33 34.11
N PHE D 347 29.20 -11.00 35.00
CA PHE D 347 30.50 -10.46 34.60
C PHE D 347 31.64 -11.44 34.79
N LYS D 348 31.36 -12.71 35.00
CA LYS D 348 32.43 -13.63 35.40
C LYS D 348 33.16 -14.27 34.24
N PHE D 349 32.81 -13.95 32.99
CA PHE D 349 33.48 -14.50 31.83
C PHE D 349 34.44 -13.47 31.24
N ASP D 350 35.32 -13.95 30.34
CA ASP D 350 36.26 -13.09 29.63
C ASP D 350 35.58 -12.17 28.63
N PHE D 351 34.33 -12.45 28.30
CA PHE D 351 33.58 -11.73 27.30
C PHE D 351 32.30 -11.21 27.95
N ASP D 352 31.65 -10.28 27.28
CA ASP D 352 30.42 -9.69 27.80
C ASP D 352 29.25 -10.58 27.42
N LEU D 353 28.42 -10.93 28.41
CA LEU D 353 27.28 -11.78 28.14
C LEU D 353 26.32 -11.15 27.14
N LEU D 354 26.29 -9.82 27.08
CA LEU D 354 25.35 -9.11 26.21
C LEU D 354 25.90 -8.85 24.83
N ASP D 355 27.08 -9.40 24.51
CA ASP D 355 27.73 -9.16 23.23
C ASP D 355 27.32 -10.30 22.30
N PRO D 356 26.53 -10.04 21.26
CA PRO D 356 26.03 -11.12 20.40
C PRO D 356 27.05 -11.66 19.43
N THR D 357 28.28 -11.12 19.42
CA THR D 357 29.37 -11.72 18.65
C THR D 357 30.17 -12.74 19.45
N LYS D 358 29.78 -13.00 20.70
CA LYS D 358 30.46 -13.92 21.59
C LYS D 358 29.52 -15.08 21.89
N LEU D 359 30.06 -16.30 21.88
CA LEU D 359 29.27 -17.45 22.29
C LEU D 359 29.62 -17.81 23.73
N ILE D 360 28.73 -18.55 24.37
CA ILE D 360 29.01 -19.11 25.70
C ILE D 360 29.45 -20.56 25.50
N PRO D 361 30.71 -20.89 25.71
CA PRO D 361 31.14 -22.27 25.47
C PRO D 361 30.39 -23.23 26.38
N GLU D 362 29.91 -24.33 25.79
CA GLU D 362 29.23 -25.35 26.58
C GLU D 362 30.16 -25.98 27.61
N GLU D 363 31.48 -25.94 27.41
CA GLU D 363 32.40 -26.39 28.45
C GLU D 363 32.29 -25.54 29.71
N LEU D 364 31.89 -24.27 29.57
CA LEU D 364 31.75 -23.37 30.72
C LEU D 364 30.33 -23.37 31.28
N VAL D 365 29.33 -23.38 30.41
CA VAL D 365 27.93 -23.36 30.82
C VAL D 365 27.21 -24.42 30.00
N PRO D 366 26.89 -25.58 30.58
CA PRO D 366 26.24 -26.64 29.80
C PRO D 366 24.85 -26.23 29.34
N VAL D 367 24.41 -26.85 28.25
CA VAL D 367 23.03 -26.71 27.79
C VAL D 367 22.19 -27.70 28.59
N GLN D 368 21.17 -27.20 29.28
CA GLN D 368 20.25 -28.04 30.02
C GLN D 368 18.99 -28.29 29.21
N ARG D 369 18.65 -29.57 29.03
CA ARG D 369 17.51 -29.92 28.19
C ARG D 369 16.20 -29.44 28.82
N VAL D 370 15.28 -28.96 27.97
CA VAL D 370 14.06 -28.31 28.40
C VAL D 370 12.82 -29.00 27.83
N GLY D 371 12.84 -29.38 26.57
CA GLY D 371 11.66 -29.97 25.97
C GLY D 371 11.97 -30.39 24.55
N ASN D 372 10.95 -30.87 23.87
CA ASN D 372 11.13 -31.39 22.52
C ASN D 372 10.08 -30.81 21.59
N MET D 373 10.50 -30.50 20.37
CA MET D 373 9.65 -29.98 19.31
C MET D 373 9.65 -30.97 18.16
N VAL D 374 8.46 -31.27 17.64
CA VAL D 374 8.26 -32.22 16.56
C VAL D 374 7.51 -31.49 15.46
N LEU D 375 8.07 -31.49 14.25
CA LEU D 375 7.39 -30.88 13.10
C LEU D 375 6.71 -31.98 12.32
N ASN D 376 5.38 -31.98 12.31
CA ASN D 376 4.65 -33.14 11.82
C ASN D 376 3.56 -32.85 10.80
N ARG D 377 3.44 -31.63 10.28
N ARG D 377 3.45 -31.63 10.27
CA ARG D 377 2.51 -31.44 9.18
CA ARG D 377 2.50 -31.41 9.19
C ARG D 377 2.94 -30.25 8.31
C ARG D 377 2.93 -30.24 8.32
N ASN D 378 2.88 -30.44 7.01
CA ASN D 378 3.17 -29.39 6.07
C ASN D 378 1.98 -28.45 5.97
N PRO D 379 2.20 -27.21 5.55
CA PRO D 379 1.07 -26.29 5.31
C PRO D 379 0.21 -26.78 4.16
N ASP D 380 -0.92 -26.10 3.99
CA ASP D 380 -1.79 -26.32 2.84
C ASP D 380 -1.44 -25.41 1.67
N ASN D 381 -1.19 -24.13 1.95
CA ASN D 381 -0.87 -23.16 0.90
C ASN D 381 0.37 -22.40 1.33
N PHE D 382 1.42 -22.50 0.53
CA PHE D 382 2.70 -21.88 0.89
C PHE D 382 2.56 -20.39 1.08
N PHE D 383 1.92 -19.69 0.13
CA PHE D 383 1.81 -18.25 0.26
C PHE D 383 1.04 -17.87 1.53
N ALA D 384 -0.11 -18.49 1.75
CA ALA D 384 -0.99 -18.04 2.82
C ALA D 384 -0.37 -18.27 4.19
N GLU D 385 0.34 -19.38 4.37
CA GLU D 385 0.84 -19.79 5.68
C GLU D 385 2.32 -19.48 5.88
N ASN D 386 3.16 -19.78 4.88
CA ASN D 386 4.59 -19.49 4.96
C ASN D 386 4.87 -18.04 4.62
N GLU D 387 4.54 -17.62 3.40
CA GLU D 387 4.95 -16.28 2.98
C GLU D 387 4.40 -15.20 3.90
N GLN D 388 3.16 -15.34 4.36
CA GLN D 388 2.52 -14.32 5.19
C GLN D 388 2.82 -14.44 6.69
N ALA D 389 3.53 -15.48 7.12
CA ALA D 389 3.82 -15.61 8.56
C ALA D 389 4.74 -14.48 8.99
N ALA D 390 4.48 -13.94 10.19
CA ALA D 390 5.27 -12.85 10.76
C ALA D 390 5.81 -13.30 12.10
N PHE D 391 7.13 -13.43 12.19
CA PHE D 391 7.81 -13.76 13.42
C PHE D 391 8.53 -12.51 13.93
N HIS D 392 8.64 -12.38 15.25
CA HIS D 392 9.28 -11.18 15.77
C HIS D 392 9.77 -11.46 17.19
N PRO D 393 11.07 -11.25 17.48
CA PRO D 393 11.59 -11.62 18.80
C PRO D 393 11.07 -10.78 19.95
N GLY D 394 10.43 -9.64 19.66
CA GLY D 394 9.73 -8.89 20.69
C GLY D 394 8.46 -9.54 21.17
N HIS D 395 7.99 -10.58 20.46
CA HIS D 395 6.80 -11.33 20.89
C HIS D 395 7.22 -12.30 21.99
N ILE D 396 7.25 -11.79 23.22
CA ILE D 396 7.54 -12.61 24.40
C ILE D 396 6.29 -12.72 25.26
N VAL D 397 6.38 -13.51 26.33
CA VAL D 397 5.24 -13.77 27.23
C VAL D 397 5.72 -13.59 28.66
N PRO D 398 4.80 -13.44 29.62
CA PRO D 398 5.21 -13.35 31.02
C PRO D 398 6.03 -14.57 31.41
N GLY D 399 7.12 -14.32 32.14
CA GLY D 399 8.12 -15.35 32.41
C GLY D 399 9.38 -15.21 31.59
N LEU D 400 9.36 -14.39 30.54
CA LEU D 400 10.52 -14.07 29.72
C LEU D 400 10.73 -12.56 29.77
N ASP D 401 11.96 -12.13 29.53
CA ASP D 401 12.23 -10.70 29.38
C ASP D 401 13.50 -10.53 28.54
N PHE D 402 13.76 -9.28 28.17
CA PHE D 402 14.90 -8.93 27.35
C PHE D 402 16.12 -8.66 28.21
N THR D 403 17.25 -8.37 27.56
CA THR D 403 18.41 -7.75 28.15
C THR D 403 18.83 -6.58 27.28
N ASN D 404 19.88 -5.89 27.71
CA ASN D 404 20.39 -4.71 27.01
C ASN D 404 21.31 -5.04 25.85
N ASP D 405 21.39 -6.30 25.41
CA ASP D 405 22.14 -6.65 24.20
C ASP D 405 21.75 -5.64 23.11
N PRO D 406 22.70 -4.83 22.60
CA PRO D 406 22.34 -3.71 21.75
C PRO D 406 21.91 -4.11 20.35
N LEU D 407 22.12 -5.36 19.97
CA LEU D 407 21.56 -5.88 18.72
C LEU D 407 20.11 -6.29 18.94
N LEU D 408 19.85 -7.05 20.01
CA LEU D 408 18.48 -7.40 20.38
C LEU D 408 17.63 -6.15 20.56
N GLN D 409 18.17 -5.13 21.22
CA GLN D 409 17.40 -3.93 21.50
C GLN D 409 16.83 -3.30 20.24
N GLY D 410 17.64 -3.21 19.17
CA GLY D 410 17.15 -2.63 17.94
C GLY D 410 16.25 -3.56 17.14
N ARG D 411 16.48 -4.88 17.24
CA ARG D 411 15.57 -5.82 16.61
C ARG D 411 14.13 -5.56 17.05
N LEU D 412 13.96 -5.19 18.33
CA LEU D 412 12.61 -5.02 18.86
C LEU D 412 11.82 -3.98 18.08
N PHE D 413 12.50 -2.99 17.50
CA PHE D 413 11.81 -2.00 16.69
C PHE D 413 11.41 -2.57 15.33
N SER D 414 12.29 -3.36 14.71
CA SER D 414 12.18 -3.66 13.28
C SER D 414 11.02 -4.61 12.97
N TYR D 415 10.82 -5.65 13.78
CA TYR D 415 9.91 -6.72 13.36
C TYR D 415 8.45 -6.31 13.37
N THR D 416 8.07 -5.30 14.14
CA THR D 416 6.72 -4.76 14.00
C THR D 416 6.65 -3.80 12.81
N ASP D 417 7.62 -2.90 12.72
CA ASP D 417 7.65 -1.89 11.68
C ASP D 417 7.54 -2.51 10.28
N THR D 418 8.37 -3.52 10.00
CA THR D 418 8.48 -4.04 8.64
C THR D 418 7.16 -4.61 8.13
N GLN D 419 6.30 -5.12 9.02
CA GLN D 419 5.06 -5.73 8.55
C GLN D 419 4.08 -4.72 7.94
N ILE D 420 4.24 -3.44 8.25
CA ILE D 420 3.31 -2.45 7.71
C ILE D 420 3.35 -2.41 6.19
N SER D 421 4.53 -2.56 5.59
CA SER D 421 4.58 -2.69 4.14
C SER D 421 4.44 -4.14 3.69
N ARG D 422 5.13 -5.08 4.35
CA ARG D 422 5.19 -6.44 3.84
C ARG D 422 3.82 -7.09 3.85
N LEU D 423 3.05 -6.88 4.93
CA LEU D 423 1.76 -7.50 5.11
C LEU D 423 0.62 -6.49 5.02
N GLY D 424 0.90 -5.26 4.62
CA GLY D 424 -0.13 -4.35 4.20
C GLY D 424 -0.80 -3.54 5.28
N GLY D 425 -0.33 -3.61 6.52
CA GLY D 425 -0.90 -2.78 7.55
C GLY D 425 -0.80 -3.39 8.92
N PRO D 426 -1.46 -2.76 9.89
CA PRO D 426 -1.26 -3.11 11.30
C PRO D 426 -2.11 -4.28 11.76
N ASN D 427 -2.97 -4.84 10.89
CA ASN D 427 -3.79 -5.98 11.24
C ASN D 427 -3.16 -7.30 10.83
N PHE D 428 -1.83 -7.36 10.75
CA PHE D 428 -1.18 -8.60 10.31
C PHE D 428 -1.42 -9.75 11.28
N HIS D 429 -1.74 -9.47 12.54
CA HIS D 429 -2.07 -10.53 13.49
C HIS D 429 -3.39 -11.19 13.18
N GLU D 430 -4.20 -10.59 12.29
CA GLU D 430 -5.45 -11.20 11.84
C GLU D 430 -5.26 -12.13 10.65
N ILE D 431 -4.10 -12.09 10.00
CA ILE D 431 -3.84 -13.09 8.96
C ILE D 431 -3.82 -14.46 9.63
N PRO D 432 -4.55 -15.45 9.12
CA PRO D 432 -4.82 -16.66 9.92
C PRO D 432 -3.61 -17.31 10.57
N ILE D 433 -2.50 -17.48 9.84
CA ILE D 433 -1.35 -18.15 10.42
C ILE D 433 -0.81 -17.39 11.63
N ASN D 434 -0.97 -16.07 11.65
CA ASN D 434 -0.41 -15.25 12.73
C ASN D 434 -1.32 -15.16 13.95
N ARG D 435 -2.57 -15.59 13.85
CA ARG D 435 -3.51 -15.37 14.94
C ARG D 435 -3.12 -16.15 16.18
N PRO D 436 -3.19 -15.53 17.37
CA PRO D 436 -3.11 -16.30 18.61
C PRO D 436 -4.25 -17.30 18.69
N THR D 437 -4.01 -18.41 19.40
CA THR D 437 -5.09 -19.33 19.74
C THR D 437 -5.68 -19.04 21.11
N CYS D 438 -5.04 -18.19 21.89
CA CYS D 438 -5.57 -17.71 23.16
C CYS D 438 -6.38 -16.44 22.93
N PRO D 439 -7.13 -15.97 23.92
CA PRO D 439 -7.94 -14.77 23.71
C PRO D 439 -7.08 -13.54 23.46
N TYR D 440 -7.63 -12.61 22.69
CA TYR D 440 -7.01 -11.29 22.58
C TYR D 440 -8.11 -10.25 22.48
N HIS D 441 -8.02 -9.21 23.31
CA HIS D 441 -9.03 -8.16 23.37
C HIS D 441 -8.34 -6.88 23.78
N ASN D 442 -8.63 -5.80 23.07
CA ASN D 442 -8.06 -4.50 23.45
C ASN D 442 -8.90 -3.40 22.80
N PHE D 443 -8.39 -2.18 22.85
CA PHE D 443 -9.12 -1.02 22.36
C PHE D 443 -8.59 -0.53 21.01
N GLN D 444 -7.72 -1.30 20.36
CA GLN D 444 -7.23 -0.95 19.05
C GLN D 444 -8.32 -1.18 18.01
N ARG D 445 -8.39 -0.28 17.03
CA ARG D 445 -9.47 -0.33 16.04
C ARG D 445 -8.94 -0.01 14.65
N ASP D 446 -9.71 -0.45 13.65
CA ASP D 446 -9.55 0.00 12.26
C ASP D 446 -8.25 -0.50 11.64
N GLY D 447 -7.69 0.27 10.71
CA GLY D 447 -6.55 -0.17 9.93
C GLY D 447 -6.99 -0.98 8.71
N MET D 448 -6.09 -1.05 7.73
CA MET D 448 -6.40 -1.73 6.47
C MET D 448 -6.72 -3.21 6.72
N HIS D 449 -7.72 -3.68 5.98
N HIS D 449 -7.67 -3.77 5.99
CA HIS D 449 -8.25 -5.04 5.99
CA HIS D 449 -7.96 -5.21 6.10
C HIS D 449 -8.48 -5.53 7.43
C HIS D 449 -8.54 -5.61 7.46
N ARG D 450 -9.28 -4.73 8.15
CA ARG D 450 -9.71 -5.07 9.50
C ARG D 450 -10.74 -6.19 9.43
N MET D 451 -10.41 -7.31 10.07
CA MET D 451 -11.29 -8.47 10.10
CA MET D 451 -11.30 -8.47 10.10
C MET D 451 -12.22 -8.46 11.32
N GLY D 452 -11.65 -8.21 12.50
CA GLY D 452 -12.44 -8.27 13.72
C GLY D 452 -13.44 -7.13 13.79
N ILE D 453 -14.70 -7.47 14.10
CA ILE D 453 -15.77 -6.50 14.26
C ILE D 453 -15.99 -6.37 15.75
N ASP D 454 -15.53 -5.26 16.32
CA ASP D 454 -15.61 -5.07 17.76
C ASP D 454 -17.00 -4.59 18.15
N THR D 455 -17.56 -5.21 19.18
CA THR D 455 -18.87 -4.81 19.69
C THR D 455 -18.77 -3.98 20.97
N ASN D 456 -17.56 -3.77 21.50
CA ASN D 456 -17.41 -3.00 22.71
C ASN D 456 -17.94 -1.58 22.49
N PRO D 457 -18.89 -1.10 23.31
CA PRO D 457 -19.29 0.32 23.20
C PRO D 457 -18.12 1.27 23.35
N ALA D 458 -17.08 0.85 24.06
CA ALA D 458 -15.90 1.68 24.31
C ALA D 458 -14.75 1.25 23.42
N ASN D 459 -13.98 2.23 22.95
CA ASN D 459 -12.73 1.98 22.26
C ASN D 459 -11.58 2.69 22.97
N TYR D 460 -11.73 2.87 24.28
CA TYR D 460 -10.75 3.59 25.09
C TYR D 460 -10.86 3.07 26.51
N GLU D 461 -9.79 3.23 27.26
CA GLU D 461 -9.85 3.03 28.69
C GLU D 461 -9.00 4.11 29.37
N PRO D 462 -9.37 4.51 30.59
CA PRO D 462 -10.49 3.98 31.37
C PRO D 462 -11.84 4.38 30.81
N ASN D 463 -12.80 3.46 30.86
CA ASN D 463 -14.17 3.75 30.48
C ASN D 463 -15.12 3.26 31.56
N SER D 464 -16.24 3.97 31.69
CA SER D 464 -17.34 3.48 32.50
C SER D 464 -18.43 2.81 31.67
N ILE D 465 -18.51 3.14 30.38
CA ILE D 465 -19.66 2.70 29.58
C ILE D 465 -19.61 1.21 29.28
N ASN D 466 -18.45 0.57 29.41
CA ASN D 466 -18.35 -0.88 29.34
C ASN D 466 -17.79 -1.45 30.64
N ASP D 467 -17.96 -0.72 31.75
CA ASP D 467 -17.40 -1.13 33.05
C ASP D 467 -15.90 -1.41 32.96
N ASN D 468 -15.22 -0.67 32.10
CA ASN D 468 -13.77 -0.70 31.95
C ASN D 468 -13.23 -1.99 31.33
N TRP D 469 -14.09 -2.80 30.65
CA TRP D 469 -13.59 -4.01 30.02
C TRP D 469 -13.18 -3.72 28.57
N PRO D 470 -12.16 -4.44 28.03
CA PRO D 470 -11.33 -5.42 28.75
C PRO D 470 -10.38 -4.75 29.74
N ARG D 471 -10.05 -5.44 30.83
CA ARG D 471 -9.35 -4.84 31.95
C ARG D 471 -7.90 -5.29 32.05
N GLU D 472 -7.06 -4.39 32.54
CA GLU D 472 -5.70 -4.73 32.92
C GLU D 472 -5.68 -5.85 33.96
N THR D 473 -4.57 -6.58 33.99
CA THR D 473 -4.39 -7.72 34.91
C THR D 473 -3.08 -7.53 35.65
N PRO D 474 -3.09 -7.52 36.98
CA PRO D 474 -1.83 -7.37 37.72
C PRO D 474 -0.89 -8.51 37.39
N PRO D 475 0.43 -8.29 37.52
CA PRO D 475 1.35 -9.41 37.37
C PRO D 475 1.14 -10.41 38.50
N GLY D 476 1.48 -11.66 38.22
CA GLY D 476 1.32 -12.71 39.20
C GLY D 476 1.97 -14.00 38.74
N PRO D 477 1.82 -15.06 39.54
CA PRO D 477 2.53 -16.32 39.23
C PRO D 477 2.06 -17.00 37.96
N LYS D 478 0.79 -16.85 37.59
CA LYS D 478 0.22 -17.44 36.40
C LYS D 478 -0.91 -16.53 35.93
N ARG D 479 -1.13 -16.48 34.62
CA ARG D 479 -2.22 -15.73 34.01
C ARG D 479 -2.20 -14.25 34.38
N GLY D 480 -1.03 -13.70 34.73
CA GLY D 480 -0.91 -12.31 35.11
C GLY D 480 -0.49 -11.43 33.94
N GLY D 481 -0.59 -10.11 34.16
CA GLY D 481 -0.15 -9.17 33.15
C GLY D 481 1.36 -9.09 33.05
N PHE D 482 1.82 -8.62 31.88
CA PHE D 482 3.25 -8.49 31.63
C PHE D 482 3.81 -7.27 32.36
N GLU D 483 4.87 -7.48 33.12
CA GLU D 483 5.60 -6.40 33.77
C GLU D 483 7.09 -6.64 33.52
N SER D 484 7.80 -5.59 33.11
CA SER D 484 9.23 -5.73 32.85
C SER D 484 9.99 -5.93 34.16
N TYR D 485 11.02 -6.76 34.08
CA TYR D 485 11.96 -6.89 35.19
C TYR D 485 12.59 -5.53 35.48
N GLN D 486 12.60 -5.13 36.76
CA GLN D 486 12.99 -3.78 37.16
C GLN D 486 14.51 -3.65 37.26
N GLU D 487 15.18 -3.87 36.12
N GLU D 487 15.16 -3.83 36.12
CA GLU D 487 16.62 -3.73 36.04
CA GLU D 487 16.61 -3.72 36.03
C GLU D 487 17.03 -2.31 36.37
C GLU D 487 17.06 -2.30 36.32
N ARG D 488 18.14 -2.17 37.08
CA ARG D 488 18.71 -0.86 37.37
C ARG D 488 19.43 -0.32 36.14
N VAL D 489 19.12 0.91 35.77
CA VAL D 489 19.77 1.59 34.66
C VAL D 489 20.52 2.78 35.24
N GLU D 490 21.81 2.89 34.92
CA GLU D 490 22.61 4.02 35.36
C GLU D 490 23.62 4.37 34.28
N GLY D 491 23.54 5.58 33.77
CA GLY D 491 24.50 6.03 32.77
C GLY D 491 23.99 7.28 32.08
N ASN D 492 24.89 7.88 31.32
CA ASN D 492 24.52 9.06 30.54
C ASN D 492 24.01 8.63 29.17
N LYS D 493 23.19 9.49 28.56
CA LYS D 493 22.68 9.21 27.22
C LYS D 493 23.84 9.31 26.22
N VAL D 494 24.27 8.16 25.68
CA VAL D 494 25.45 8.08 24.83
C VAL D 494 25.20 7.18 23.64
N ARG D 495 25.83 7.54 22.51
CA ARG D 495 25.95 6.65 21.36
C ARG D 495 27.38 6.12 21.45
N GLU D 496 27.55 5.01 22.16
CA GLU D 496 28.88 4.54 22.50
C GLU D 496 28.85 3.03 22.66
N ARG D 497 29.84 2.36 22.09
CA ARG D 497 29.97 0.91 22.23
C ARG D 497 30.64 0.60 23.56
N SER D 498 30.15 -0.41 24.26
CA SER D 498 30.78 -0.79 25.52
C SER D 498 32.21 -1.27 25.28
N PRO D 499 33.19 -0.76 26.04
CA PRO D 499 34.58 -1.24 25.85
C PRO D 499 34.70 -2.75 26.01
N SER D 500 33.84 -3.36 26.82
CA SER D 500 33.86 -4.81 27.00
C SER D 500 33.56 -5.57 25.71
N PHE D 501 32.96 -4.91 24.70
CA PHE D 501 32.68 -5.54 23.42
C PHE D 501 33.88 -5.49 22.48
N GLY D 502 34.93 -4.75 22.84
CA GLY D 502 36.01 -4.47 21.92
C GLY D 502 37.09 -5.54 21.86
N GLU D 503 36.68 -6.78 21.68
CA GLU D 503 37.61 -7.89 21.49
C GLU D 503 37.02 -8.76 20.39
N TYR D 504 37.83 -9.09 19.39
CA TYR D 504 37.29 -9.63 18.15
C TYR D 504 37.89 -10.95 17.70
N TYR D 505 38.97 -11.44 18.32
CA TYR D 505 39.74 -12.54 17.76
C TYR D 505 39.72 -13.82 18.60
N SER D 506 39.47 -13.74 19.90
N SER D 506 39.45 -13.75 19.91
CA SER D 506 39.54 -14.94 20.75
CA SER D 506 39.55 -14.93 20.75
C SER D 506 38.47 -15.96 20.39
C SER D 506 38.46 -15.96 20.44
N HIS D 507 37.25 -15.51 20.11
CA HIS D 507 36.19 -16.46 19.80
C HIS D 507 36.40 -17.10 18.42
N PRO D 508 36.74 -16.33 17.37
CA PRO D 508 37.15 -16.98 16.11
C PRO D 508 38.24 -18.02 16.33
N ARG D 509 39.22 -17.72 17.17
CA ARG D 509 40.29 -18.69 17.42
C ARG D 509 39.78 -19.94 18.14
N LEU D 510 38.95 -19.76 19.17
CA LEU D 510 38.39 -20.91 19.86
C LEU D 510 37.62 -21.79 18.88
N PHE D 511 36.84 -21.18 18.00
CA PHE D 511 36.11 -21.96 17.00
C PHE D 511 37.07 -22.73 16.11
N TRP D 512 38.08 -22.04 15.57
CA TRP D 512 39.07 -22.68 14.71
C TRP D 512 39.72 -23.89 15.38
N LEU D 513 40.18 -23.71 16.62
CA LEU D 513 40.91 -24.79 17.30
C LEU D 513 40.00 -25.94 17.68
N SER D 514 38.68 -25.75 17.65
CA SER D 514 37.75 -26.81 18.03
C SER D 514 37.35 -27.69 16.86
N GLN D 515 37.74 -27.35 15.64
CA GLN D 515 37.34 -28.11 14.47
C GLN D 515 38.31 -29.25 14.22
N THR D 516 37.81 -30.31 13.57
CA THR D 516 38.69 -31.40 13.16
C THR D 516 39.62 -30.89 12.07
N PRO D 517 40.70 -31.64 11.77
CA PRO D 517 41.60 -31.19 10.69
C PRO D 517 40.90 -31.01 9.36
N PHE D 518 39.98 -31.91 8.99
CA PHE D 518 39.30 -31.73 7.72
C PHE D 518 38.32 -30.56 7.75
N GLU D 519 37.71 -30.31 8.91
CA GLU D 519 36.88 -29.11 9.03
C GLU D 519 37.71 -27.85 8.89
N GLN D 520 38.93 -27.86 9.44
CA GLN D 520 39.83 -26.71 9.28
C GLN D 520 40.17 -26.49 7.81
N SER D 521 40.49 -27.57 7.09
CA SER D 521 40.75 -27.45 5.66
C SER D 521 39.56 -26.84 4.93
N HIS D 522 38.34 -27.26 5.28
CA HIS D 522 37.17 -26.70 4.59
C HIS D 522 36.96 -25.22 4.91
N ILE D 523 37.32 -24.78 6.12
CA ILE D 523 37.29 -23.35 6.42
C ILE D 523 38.30 -22.60 5.57
N VAL D 524 39.54 -23.12 5.51
CA VAL D 524 40.56 -22.51 4.64
C VAL D 524 40.04 -22.39 3.22
N ASP D 525 39.43 -23.47 2.71
CA ASP D 525 38.95 -23.46 1.34
C ASP D 525 37.80 -22.50 1.15
N GLY D 526 36.94 -22.35 2.16
CA GLY D 526 35.85 -21.38 2.07
C GLY D 526 36.35 -19.95 1.95
N PHE D 527 37.27 -19.56 2.84
CA PHE D 527 37.89 -18.23 2.73
C PHE D 527 38.58 -18.07 1.38
N SER D 528 39.34 -19.09 0.97
CA SER D 528 40.11 -18.97 -0.26
C SER D 528 39.21 -18.81 -1.46
N PHE D 529 38.15 -19.60 -1.54
CA PHE D 529 37.24 -19.51 -2.67
C PHE D 529 36.57 -18.15 -2.71
N GLU D 530 36.04 -17.71 -1.57
CA GLU D 530 35.31 -16.44 -1.51
C GLU D 530 36.22 -15.28 -1.86
N LEU D 531 37.42 -15.25 -1.28
CA LEU D 531 38.32 -14.13 -1.52
C LEU D 531 38.82 -14.12 -2.97
N SER D 532 38.88 -15.29 -3.61
N SER D 532 38.88 -15.29 -3.61
CA SER D 532 39.27 -15.31 -5.02
CA SER D 532 39.26 -15.32 -5.01
C SER D 532 38.25 -14.59 -5.89
C SER D 532 38.24 -14.62 -5.90
N LYS D 533 37.02 -14.46 -5.43
CA LYS D 533 35.98 -13.77 -6.19
C LYS D 533 35.91 -12.28 -5.86
N VAL D 534 36.75 -11.81 -4.95
CA VAL D 534 36.88 -10.38 -4.67
C VAL D 534 37.82 -9.79 -5.71
N VAL D 535 37.34 -8.81 -6.47
CA VAL D 535 38.10 -8.28 -7.60
C VAL D 535 39.24 -7.37 -7.15
N ARG D 536 39.02 -6.57 -6.10
CA ARG D 536 40.03 -5.63 -5.63
C ARG D 536 41.03 -6.36 -4.73
N PRO D 537 42.28 -6.55 -5.17
CA PRO D 537 43.19 -7.40 -4.38
C PRO D 537 43.47 -6.88 -2.97
N TYR D 538 43.47 -5.56 -2.75
CA TYR D 538 43.78 -5.06 -1.42
C TYR D 538 42.76 -5.53 -0.38
N ILE D 539 41.52 -5.78 -0.79
CA ILE D 539 40.55 -6.31 0.15
C ILE D 539 40.94 -7.71 0.61
N ARG D 540 41.36 -8.55 -0.33
CA ARG D 540 41.84 -9.89 0.03
C ARG D 540 42.97 -9.78 1.03
N GLU D 541 43.92 -8.87 0.78
CA GLU D 541 45.08 -8.72 1.66
C GLU D 541 44.64 -8.24 3.04
N ARG D 542 43.67 -7.33 3.11
CA ARG D 542 43.22 -6.85 4.41
C ARG D 542 42.51 -7.96 5.20
N VAL D 543 41.75 -8.82 4.51
CA VAL D 543 41.12 -9.94 5.21
C VAL D 543 42.17 -10.93 5.72
N VAL D 544 43.17 -11.24 4.89
CA VAL D 544 44.24 -12.12 5.32
C VAL D 544 44.92 -11.56 6.56
N ASP D 545 45.12 -10.24 6.60
CA ASP D 545 45.71 -9.62 7.78
C ASP D 545 44.86 -9.87 9.02
N GLN D 546 43.53 -9.79 8.88
CA GLN D 546 42.67 -10.10 10.01
CA GLN D 546 42.66 -10.11 10.00
C GLN D 546 42.82 -11.55 10.43
N LEU D 547 42.88 -12.48 9.47
CA LEU D 547 43.05 -13.88 9.82
C LEU D 547 44.35 -14.10 10.59
N ALA D 548 45.38 -13.31 10.29
CA ALA D 548 46.64 -13.42 11.01
C ALA D 548 46.51 -13.04 12.48
N HIS D 549 45.49 -12.26 12.84
CA HIS D 549 45.20 -11.96 14.23
C HIS D 549 44.42 -13.07 14.94
N ILE D 550 43.90 -14.05 14.19
CA ILE D 550 43.14 -15.16 14.74
C ILE D 550 44.04 -16.38 14.92
N ASP D 551 44.66 -16.82 13.82
CA ASP D 551 45.52 -18.00 13.85
C ASP D 551 46.42 -17.97 12.62
N LEU D 552 47.73 -18.08 12.84
CA LEU D 552 48.67 -17.95 11.73
C LEU D 552 48.68 -19.16 10.80
N THR D 553 48.30 -20.34 11.29
CA THR D 553 48.20 -21.48 10.39
C THR D 553 47.06 -21.26 9.39
N LEU D 554 45.91 -20.82 9.89
CA LEU D 554 44.79 -20.45 9.02
C LEU D 554 45.20 -19.36 8.04
N ALA D 555 45.84 -18.30 8.55
CA ALA D 555 46.19 -17.17 7.70
C ALA D 555 47.16 -17.59 6.61
N GLN D 556 48.19 -18.37 6.97
CA GLN D 556 49.17 -18.80 5.98
CA GLN D 556 49.17 -18.82 5.99
C GLN D 556 48.52 -19.69 4.91
N ALA D 557 47.60 -20.55 5.30
CA ALA D 557 46.98 -21.45 4.33
C ALA D 557 46.10 -20.69 3.34
N VAL D 558 45.33 -19.72 3.83
CA VAL D 558 44.54 -18.88 2.93
C VAL D 558 45.44 -18.04 2.05
N ALA D 559 46.47 -17.41 2.65
CA ALA D 559 47.39 -16.60 1.87
C ALA D 559 48.01 -17.40 0.73
N LYS D 560 48.40 -18.65 1.01
CA LYS D 560 49.03 -19.47 -0.03
C LYS D 560 48.09 -19.68 -1.21
N ASN D 561 46.80 -19.91 -0.93
CA ASN D 561 45.83 -20.12 -2.00
C ASN D 561 45.56 -18.84 -2.78
N LEU D 562 45.89 -17.68 -2.22
CA LEU D 562 45.68 -16.40 -2.89
C LEU D 562 46.97 -15.83 -3.47
N GLY D 563 48.08 -16.55 -3.37
CA GLY D 563 49.34 -16.01 -3.86
C GLY D 563 49.86 -14.85 -3.04
N ILE D 564 49.47 -14.76 -1.78
CA ILE D 564 49.89 -13.69 -0.87
C ILE D 564 50.97 -14.23 0.05
N GLU D 565 51.99 -13.42 0.32
CA GLU D 565 53.05 -13.76 1.25
C GLU D 565 52.86 -12.92 2.51
N LEU D 566 52.76 -13.58 3.66
CA LEU D 566 52.67 -12.86 4.92
C LEU D 566 53.98 -12.16 5.21
N THR D 567 53.89 -10.95 5.74
CA THR D 567 55.10 -10.22 6.12
C THR D 567 55.62 -10.73 7.45
N ASP D 568 56.85 -10.31 7.79
CA ASP D 568 57.42 -10.65 9.08
C ASP D 568 56.57 -10.12 10.23
N ASP D 569 56.06 -8.89 10.09
CA ASP D 569 55.20 -8.33 11.13
C ASP D 569 53.94 -9.16 11.31
N GLN D 570 53.36 -9.63 10.21
CA GLN D 570 52.18 -10.48 10.34
C GLN D 570 52.52 -11.79 11.02
N LEU D 571 53.68 -12.37 10.70
CA LEU D 571 54.09 -13.62 11.34
C LEU D 571 54.36 -13.42 12.83
N ASN D 572 54.55 -12.18 13.28
CA ASN D 572 54.83 -11.89 14.67
C ASN D 572 53.61 -11.45 15.46
N ILE D 573 52.41 -11.52 14.88
CA ILE D 573 51.22 -11.11 15.62
C ILE D 573 50.94 -12.12 16.73
N THR D 574 50.82 -11.62 17.95
CA THR D 574 50.55 -12.49 19.09
C THR D 574 49.13 -13.05 19.00
N PRO D 575 48.94 -14.36 19.16
CA PRO D 575 47.59 -14.91 19.13
C PRO D 575 46.75 -14.35 20.25
N PRO D 576 45.43 -14.30 20.08
CA PRO D 576 44.58 -13.79 21.15
C PRO D 576 44.49 -14.79 22.28
N PRO D 577 44.10 -14.36 23.47
CA PRO D 577 44.05 -15.27 24.61
C PRO D 577 42.97 -16.35 24.44
N ASP D 578 43.17 -17.45 25.16
CA ASP D 578 42.14 -18.46 25.28
C ASP D 578 40.90 -17.85 25.92
N VAL D 579 39.75 -18.48 25.67
CA VAL D 579 38.48 -18.05 26.25
C VAL D 579 38.34 -18.75 27.59
N ASN D 580 38.58 -18.02 28.68
CA ASN D 580 38.49 -18.56 30.04
C ASN D 580 39.22 -19.90 30.17
N GLY D 581 40.46 -19.94 29.68
CA GLY D 581 41.31 -21.11 29.80
C GLY D 581 41.05 -22.20 28.77
N LEU D 582 40.05 -22.06 27.91
CA LEU D 582 39.72 -23.14 26.99
C LEU D 582 40.66 -23.15 25.79
N LYS D 583 41.24 -24.32 25.51
CA LYS D 583 42.03 -24.51 24.29
C LYS D 583 41.19 -25.04 23.14
N LYS D 584 39.97 -25.48 23.42
CA LYS D 584 39.03 -25.99 22.43
C LYS D 584 37.73 -26.31 23.14
N ASP D 585 36.66 -26.43 22.38
CA ASP D 585 35.39 -26.92 22.90
C ASP D 585 34.77 -27.79 21.80
N PRO D 586 34.79 -29.11 21.97
CA PRO D 586 34.35 -30.00 20.88
C PRO D 586 32.91 -29.82 20.47
N SER D 587 32.07 -29.21 21.29
CA SER D 587 30.68 -28.94 20.89
C SER D 587 30.59 -27.97 19.73
N LEU D 588 31.67 -27.26 19.41
CA LEU D 588 31.68 -26.32 18.30
C LEU D 588 31.96 -26.99 16.96
N SER D 589 32.37 -28.25 16.96
CA SER D 589 32.60 -28.99 15.73
C SER D 589 31.32 -29.71 15.29
N LEU D 590 31.12 -29.83 13.98
CA LEU D 590 30.00 -30.62 13.47
C LEU D 590 30.21 -32.11 13.74
N TYR D 591 31.46 -32.56 13.73
CA TYR D 591 31.76 -33.97 13.58
C TYR D 591 32.65 -34.57 14.66
N ALA D 592 33.32 -33.76 15.48
CA ALA D 592 34.26 -34.32 16.44
C ALA D 592 33.60 -35.33 17.37
N ILE D 593 32.37 -35.06 17.80
CA ILE D 593 31.62 -35.96 18.67
C ILE D 593 30.48 -36.54 17.84
N PRO D 594 30.47 -37.84 17.56
CA PRO D 594 29.42 -38.41 16.71
C PRO D 594 28.05 -38.29 17.35
N ASP D 595 27.04 -38.05 16.51
CA ASP D 595 25.67 -37.83 16.97
C ASP D 595 24.70 -38.19 15.86
N GLY D 596 23.46 -38.51 16.25
CA GLY D 596 22.39 -38.71 15.29
C GLY D 596 22.37 -40.08 14.65
N ASP D 597 21.36 -40.31 13.83
CA ASP D 597 21.18 -41.58 13.15
C ASP D 597 20.84 -41.35 11.68
N VAL D 598 20.72 -42.46 10.95
CA VAL D 598 20.55 -42.42 9.51
C VAL D 598 19.09 -42.33 9.07
N LYS D 599 18.15 -42.39 10.00
CA LYS D 599 16.74 -42.36 9.61
C LYS D 599 16.44 -41.09 8.82
N GLY D 600 15.80 -41.26 7.66
CA GLY D 600 15.47 -40.15 6.79
C GLY D 600 16.49 -39.84 5.72
N ARG D 601 17.69 -40.42 5.79
CA ARG D 601 18.65 -40.29 4.70
C ARG D 601 18.16 -41.11 3.51
N VAL D 602 18.87 -40.98 2.39
CA VAL D 602 18.43 -41.59 1.13
C VAL D 602 19.64 -42.12 0.38
N VAL D 603 19.47 -43.27 -0.26
CA VAL D 603 20.51 -43.85 -1.11
C VAL D 603 20.00 -43.91 -2.54
N ALA D 604 20.93 -43.73 -3.49
CA ALA D 604 20.66 -44.03 -4.89
C ALA D 604 21.00 -45.50 -5.13
N ILE D 605 20.11 -46.20 -5.82
CA ILE D 605 20.35 -47.57 -6.26
C ILE D 605 20.42 -47.53 -7.78
N LEU D 606 21.61 -47.83 -8.32
CA LEU D 606 21.82 -47.75 -9.76
C LEU D 606 21.39 -49.08 -10.38
N LEU D 607 20.28 -49.05 -11.13
CA LEU D 607 19.71 -50.27 -11.69
C LEU D 607 20.37 -50.64 -13.01
N ASN D 608 20.18 -51.90 -13.41
CA ASN D 608 20.46 -52.38 -14.75
C ASN D 608 19.21 -53.10 -15.26
N ASP D 609 19.25 -53.55 -16.51
CA ASP D 609 18.03 -54.11 -17.11
C ASP D 609 17.73 -55.53 -16.66
N GLU D 610 18.55 -56.15 -15.82
CA GLU D 610 18.17 -57.44 -15.23
C GLU D 610 18.81 -57.54 -13.84
N VAL D 611 18.28 -56.74 -12.91
CA VAL D 611 18.86 -56.66 -11.58
C VAL D 611 18.77 -58.00 -10.89
N ARG D 612 19.81 -58.34 -10.12
CA ARG D 612 19.77 -59.53 -9.28
C ARG D 612 18.82 -59.26 -8.12
N SER D 613 17.63 -59.87 -8.17
CA SER D 613 16.60 -59.58 -7.17
C SER D 613 17.05 -59.95 -5.76
N ALA D 614 17.90 -60.97 -5.62
CA ALA D 614 18.41 -61.33 -4.30
C ALA D 614 19.20 -60.17 -3.69
N ASP D 615 20.01 -59.47 -4.49
CA ASP D 615 20.70 -58.30 -3.98
C ASP D 615 19.72 -57.22 -3.56
N LEU D 616 18.74 -56.91 -4.44
CA LEU D 616 17.81 -55.82 -4.14
C LEU D 616 16.97 -56.13 -2.91
N LEU D 617 16.56 -57.38 -2.74
CA LEU D 617 15.82 -57.77 -1.54
C LEU D 617 16.63 -57.45 -0.28
N ALA D 618 17.90 -57.87 -0.25
CA ALA D 618 18.73 -57.64 0.93
C ALA D 618 18.96 -56.15 1.15
N ILE D 619 19.17 -55.40 0.08
CA ILE D 619 19.39 -53.95 0.20
C ILE D 619 18.16 -53.29 0.81
N LEU D 620 16.99 -53.51 0.21
CA LEU D 620 15.80 -52.79 0.66
C LEU D 620 15.40 -53.19 2.07
N LYS D 621 15.58 -54.47 2.43
CA LYS D 621 15.25 -54.93 3.78
C LYS D 621 16.08 -54.18 4.81
N ALA D 622 17.38 -54.07 4.58
CA ALA D 622 18.25 -53.41 5.55
C ALA D 622 17.96 -51.92 5.63
N LEU D 623 17.75 -51.27 4.48
CA LEU D 623 17.41 -49.84 4.50
C LEU D 623 16.11 -49.60 5.27
N LYS D 624 15.09 -50.43 5.02
CA LYS D 624 13.81 -50.27 5.70
C LYS D 624 13.99 -50.38 7.21
N ALA D 625 14.81 -51.33 7.66
CA ALA D 625 15.00 -51.54 9.10
C ALA D 625 15.58 -50.30 9.78
N LYS D 626 16.33 -49.48 9.06
CA LYS D 626 16.93 -48.27 9.61
C LYS D 626 16.22 -47.00 9.17
N GLY D 627 15.13 -47.10 8.41
CA GLY D 627 14.41 -45.92 7.99
C GLY D 627 15.11 -45.10 6.93
N VAL D 628 15.95 -45.73 6.12
CA VAL D 628 16.69 -45.07 5.05
C VAL D 628 15.92 -45.30 3.75
N HIS D 629 15.70 -44.25 2.98
CA HIS D 629 14.95 -44.34 1.74
C HIS D 629 15.86 -44.68 0.57
N ALA D 630 15.25 -45.13 -0.52
CA ALA D 630 15.98 -45.47 -1.73
C ALA D 630 15.33 -44.80 -2.93
N LYS D 631 16.15 -44.40 -3.89
CA LYS D 631 15.65 -43.99 -5.20
C LYS D 631 16.25 -44.90 -6.26
N LEU D 632 15.39 -45.54 -7.06
CA LEU D 632 15.84 -46.47 -8.09
C LEU D 632 16.10 -45.69 -9.37
N LEU D 633 17.35 -45.71 -9.84
CA LEU D 633 17.78 -44.90 -10.97
C LEU D 633 18.15 -45.77 -12.16
N TYR D 634 17.94 -45.23 -13.36
CA TYR D 634 18.29 -45.95 -14.57
C TYR D 634 18.67 -44.94 -15.66
N SER D 635 18.97 -45.45 -16.85
CA SER D 635 19.37 -44.62 -17.98
C SER D 635 18.19 -44.04 -18.76
N ARG D 636 16.97 -44.46 -18.42
CA ARG D 636 15.74 -43.96 -19.01
C ARG D 636 14.68 -44.12 -17.93
N MET D 637 13.50 -43.55 -18.19
CA MET D 637 12.36 -43.72 -17.29
C MET D 637 11.55 -44.95 -17.69
N GLY D 638 10.47 -45.19 -16.96
CA GLY D 638 9.61 -46.34 -17.19
C GLY D 638 9.86 -47.43 -16.16
N GLU D 639 10.07 -48.65 -16.63
CA GLU D 639 10.31 -49.79 -15.76
C GLU D 639 11.44 -50.63 -16.34
N VAL D 640 12.09 -51.38 -15.45
CA VAL D 640 12.92 -52.51 -15.82
C VAL D 640 12.40 -53.71 -15.03
N THR D 641 12.76 -54.90 -15.50
CA THR D 641 12.34 -56.14 -14.86
C THR D 641 13.53 -56.87 -14.28
N ALA D 642 13.43 -57.26 -13.01
CA ALA D 642 14.52 -57.98 -12.34
C ALA D 642 14.58 -59.43 -12.83
N ASP D 643 15.63 -60.13 -12.36
CA ASP D 643 15.84 -61.51 -12.80
C ASP D 643 14.72 -62.45 -12.37
N ASP D 644 13.86 -62.04 -11.44
CA ASP D 644 12.76 -62.87 -10.98
C ASP D 644 11.40 -62.39 -11.47
N GLY D 645 11.38 -61.46 -12.41
CA GLY D 645 10.14 -60.95 -12.95
C GLY D 645 9.57 -59.73 -12.23
N THR D 646 10.18 -59.29 -11.14
CA THR D 646 9.71 -58.11 -10.43
C THR D 646 9.86 -56.88 -11.32
N VAL D 647 8.75 -56.19 -11.57
CA VAL D 647 8.78 -54.96 -12.34
C VAL D 647 9.16 -53.80 -11.41
N LEU D 648 10.23 -53.09 -11.76
CA LEU D 648 10.77 -52.02 -10.93
C LEU D 648 10.48 -50.68 -11.59
N PRO D 649 9.66 -49.81 -11.00
CA PRO D 649 9.47 -48.47 -11.58
C PRO D 649 10.71 -47.63 -11.33
N ILE D 650 11.06 -46.81 -12.31
CA ILE D 650 12.26 -45.99 -12.24
C ILE D 650 11.89 -44.62 -11.70
N ALA D 651 12.60 -44.18 -10.65
CA ALA D 651 12.30 -42.88 -10.05
C ALA D 651 12.86 -41.74 -10.88
N ALA D 652 14.02 -41.92 -11.48
CA ALA D 652 14.71 -40.84 -12.17
C ALA D 652 15.85 -41.44 -12.97
N THR D 653 16.34 -40.67 -13.93
CA THR D 653 17.54 -41.08 -14.64
C THR D 653 18.77 -40.72 -13.81
N PHE D 654 19.91 -41.29 -14.20
CA PHE D 654 21.17 -40.95 -13.53
C PHE D 654 21.40 -39.46 -13.54
N ALA D 655 21.15 -38.80 -14.67
CA ALA D 655 21.33 -37.35 -14.78
C ALA D 655 20.21 -36.58 -14.09
N GLY D 656 19.01 -37.18 -14.03
CA GLY D 656 17.87 -36.48 -13.45
C GLY D 656 17.92 -36.35 -11.94
N ALA D 657 18.57 -37.30 -11.26
CA ALA D 657 18.68 -37.28 -9.80
C ALA D 657 20.13 -37.55 -9.44
N PRO D 658 21.00 -36.55 -9.58
CA PRO D 658 22.44 -36.77 -9.43
C PRO D 658 22.81 -37.18 -8.01
N SER D 659 24.04 -37.69 -7.88
CA SER D 659 24.52 -38.15 -6.59
C SER D 659 24.47 -37.05 -5.53
N LEU D 660 24.50 -35.78 -5.95
CA LEU D 660 24.37 -34.66 -5.03
C LEU D 660 23.15 -34.81 -4.13
N THR D 661 22.10 -35.46 -4.62
CA THR D 661 20.81 -35.50 -3.96
C THR D 661 20.69 -36.68 -2.98
N VAL D 662 21.71 -37.52 -2.86
CA VAL D 662 21.64 -38.70 -2.00
C VAL D 662 22.85 -38.74 -1.07
N ASP D 663 22.75 -39.63 -0.07
CA ASP D 663 23.78 -39.76 0.97
C ASP D 663 24.77 -40.88 0.69
N ALA D 664 24.44 -41.81 -0.19
CA ALA D 664 25.29 -42.95 -0.51
C ALA D 664 24.76 -43.56 -1.80
N VAL D 665 25.57 -44.39 -2.43
CA VAL D 665 25.19 -45.03 -3.70
C VAL D 665 25.41 -46.53 -3.58
N ILE D 666 24.44 -47.31 -4.04
CA ILE D 666 24.53 -48.77 -4.05
C ILE D 666 24.32 -49.25 -5.48
N VAL D 667 25.17 -50.18 -5.91
CA VAL D 667 25.04 -50.76 -7.23
C VAL D 667 24.88 -52.27 -7.06
N PRO D 668 23.69 -52.83 -7.25
CA PRO D 668 23.51 -54.27 -7.16
C PRO D 668 24.03 -54.93 -8.44
N CYS D 669 24.13 -56.26 -8.37
CA CYS D 669 24.58 -57.02 -9.53
C CYS D 669 23.40 -57.24 -10.49
N GLY D 670 23.65 -58.03 -11.52
CA GLY D 670 22.68 -58.29 -12.56
C GLY D 670 23.37 -58.29 -13.91
N ASN D 671 22.82 -57.56 -14.87
CA ASN D 671 23.45 -57.40 -16.17
C ASN D 671 24.25 -56.09 -16.14
N ILE D 672 25.42 -56.14 -15.50
CA ILE D 672 26.23 -54.93 -15.33
C ILE D 672 26.70 -54.38 -16.67
N ALA D 673 26.86 -55.25 -17.67
CA ALA D 673 27.26 -54.80 -19.00
C ALA D 673 26.31 -53.75 -19.55
N ASP D 674 25.04 -53.78 -19.12
CA ASP D 674 24.06 -52.79 -19.55
C ASP D 674 24.50 -51.37 -19.19
N ILE D 675 25.13 -51.18 -18.03
CA ILE D 675 25.48 -49.85 -17.54
C ILE D 675 26.98 -49.62 -17.38
N ALA D 676 27.81 -50.65 -17.62
CA ALA D 676 29.25 -50.55 -17.36
C ALA D 676 29.91 -49.43 -18.16
N ASP D 677 29.42 -49.17 -19.38
CA ASP D 677 29.98 -48.15 -20.25
C ASP D 677 29.11 -46.90 -20.34
N ASN D 678 28.10 -46.78 -19.47
CA ASN D 678 27.24 -45.62 -19.46
C ASN D 678 27.98 -44.46 -18.79
N GLY D 679 28.19 -43.38 -19.53
CA GLY D 679 28.94 -42.25 -18.99
C GLY D 679 28.32 -41.66 -17.75
N ASP D 680 26.99 -41.50 -17.76
CA ASP D 680 26.32 -40.92 -16.59
C ASP D 680 26.44 -41.82 -15.38
N ALA D 681 26.36 -43.15 -15.57
CA ALA D 681 26.48 -44.07 -14.45
C ALA D 681 27.87 -44.02 -13.85
N ASN D 682 28.90 -44.00 -14.70
CA ASN D 682 30.27 -43.88 -14.20
C ASN D 682 30.47 -42.54 -13.50
N TYR D 683 29.99 -41.45 -14.11
CA TYR D 683 30.15 -40.16 -13.46
C TYR D 683 29.41 -40.09 -12.14
N TYR D 684 28.27 -40.77 -12.03
CA TYR D 684 27.50 -40.81 -10.79
C TYR D 684 28.40 -41.24 -9.63
N LEU D 685 29.19 -42.28 -9.88
CA LEU D 685 30.07 -42.80 -8.83
C LEU D 685 31.25 -41.86 -8.60
N MET D 686 31.78 -41.26 -9.67
CA MET D 686 32.90 -40.33 -9.50
C MET D 686 32.51 -39.11 -8.68
N GLU D 687 31.32 -38.57 -8.94
CA GLU D 687 30.85 -37.42 -8.17
C GLU D 687 30.63 -37.79 -6.71
N ALA D 688 29.99 -38.95 -6.48
CA ALA D 688 29.76 -39.40 -5.11
C ALA D 688 31.08 -39.66 -4.40
N TYR D 689 32.04 -40.23 -5.13
CA TYR D 689 33.35 -40.50 -4.55
C TYR D 689 34.02 -39.18 -4.14
N LYS D 690 34.04 -38.20 -5.04
CA LYS D 690 34.67 -36.92 -4.77
C LYS D 690 34.05 -36.24 -3.55
N HIS D 691 32.74 -36.40 -3.37
CA HIS D 691 32.03 -35.76 -2.28
C HIS D 691 32.00 -36.60 -1.02
N LEU D 692 32.83 -37.64 -0.98
CA LEU D 692 33.11 -38.38 0.25
C LEU D 692 31.95 -39.26 0.68
N LYS D 693 31.11 -39.66 -0.26
CA LYS D 693 29.96 -40.45 0.13
C LYS D 693 30.27 -41.94 0.07
N PRO D 694 29.68 -42.72 0.98
CA PRO D 694 29.82 -44.18 0.92
C PRO D 694 29.26 -44.73 -0.39
N ILE D 695 29.97 -45.73 -0.93
CA ILE D 695 29.57 -46.42 -2.15
C ILE D 695 29.66 -47.91 -1.87
N ALA D 696 28.64 -48.66 -2.28
CA ALA D 696 28.59 -50.10 -2.07
C ALA D 696 28.36 -50.80 -3.40
N LEU D 697 29.19 -51.80 -3.70
CA LEU D 697 29.18 -52.48 -4.99
C LEU D 697 29.08 -53.98 -4.75
N ALA D 698 28.08 -54.62 -5.36
CA ALA D 698 27.84 -56.05 -5.19
C ALA D 698 28.16 -56.80 -6.49
N GLY D 699 28.80 -57.95 -6.35
CA GLY D 699 28.99 -58.82 -7.50
C GLY D 699 29.78 -58.15 -8.61
N ASP D 700 29.25 -58.25 -9.84
CA ASP D 700 29.94 -57.66 -10.99
C ASP D 700 30.01 -56.15 -10.92
N ALA D 701 29.21 -55.51 -10.06
CA ALA D 701 29.30 -54.06 -9.91
C ALA D 701 30.65 -53.63 -9.37
N ARG D 702 31.42 -54.56 -8.78
CA ARG D 702 32.75 -54.20 -8.28
C ARG D 702 33.68 -53.75 -9.39
N LYS D 703 33.34 -54.05 -10.65
CA LYS D 703 34.16 -53.55 -11.76
C LYS D 703 34.13 -52.03 -11.86
N PHE D 704 33.14 -51.37 -11.25
CA PHE D 704 33.12 -49.92 -11.20
C PHE D 704 34.25 -49.33 -10.37
N LYS D 705 34.97 -50.16 -9.60
CA LYS D 705 36.12 -49.65 -8.87
C LYS D 705 37.14 -49.00 -9.79
N ALA D 706 37.22 -49.45 -11.04
CA ALA D 706 38.17 -48.87 -11.98
C ALA D 706 37.86 -47.41 -12.26
N THR D 707 36.58 -47.05 -12.32
CA THR D 707 36.20 -45.67 -12.60
C THR D 707 36.62 -44.72 -11.49
N ILE D 708 36.65 -45.21 -10.24
CA ILE D 708 37.05 -44.38 -9.11
C ILE D 708 38.49 -44.64 -8.69
N LYS D 709 39.26 -45.35 -9.53
CA LYS D 709 40.69 -45.53 -9.34
C LYS D 709 41.03 -46.21 -8.02
N ILE D 710 40.19 -47.17 -7.63
CA ILE D 710 40.36 -47.90 -6.38
C ILE D 710 40.94 -49.27 -6.66
N ALA D 711 42.00 -49.62 -5.92
CA ALA D 711 42.71 -50.86 -6.15
C ALA D 711 41.81 -52.06 -5.91
N ASP D 712 42.18 -53.19 -6.51
CA ASP D 712 41.33 -54.38 -6.46
C ASP D 712 41.11 -54.86 -5.03
N GLN D 713 42.03 -54.55 -4.12
CA GLN D 713 41.84 -54.93 -2.73
C GLN D 713 40.94 -53.98 -1.96
N GLY D 714 40.51 -52.87 -2.58
CA GLY D 714 39.51 -52.01 -1.98
C GLY D 714 40.08 -51.00 -0.99
N GLU D 715 39.16 -50.28 -0.36
CA GLU D 715 39.56 -49.24 0.57
C GLU D 715 38.39 -48.89 1.48
N GLU D 716 38.73 -48.32 2.63
CA GLU D 716 37.72 -47.89 3.58
C GLU D 716 36.79 -46.87 2.93
N GLY D 717 35.49 -47.10 3.05
CA GLY D 717 34.48 -46.25 2.44
C GLY D 717 33.85 -46.82 1.19
N ILE D 718 34.40 -47.92 0.66
CA ILE D 718 33.83 -48.65 -0.47
C ILE D 718 33.47 -50.02 0.06
N VAL D 719 32.19 -50.30 0.15
CA VAL D 719 31.71 -51.60 0.60
C VAL D 719 31.60 -52.49 -0.62
N GLU D 720 32.10 -53.72 -0.51
CA GLU D 720 32.07 -54.65 -1.63
C GLU D 720 31.94 -56.08 -1.13
N ALA D 721 31.25 -56.90 -1.93
CA ALA D 721 31.06 -58.31 -1.62
C ALA D 721 30.52 -59.00 -2.87
N ASP D 722 30.61 -60.34 -2.86
CA ASP D 722 30.04 -61.12 -3.97
C ASP D 722 28.55 -60.87 -4.11
N SER D 723 27.85 -60.74 -2.99
CA SER D 723 26.42 -60.44 -3.01
C SER D 723 26.09 -59.48 -1.89
N ALA D 724 24.99 -58.75 -2.06
CA ALA D 724 24.48 -57.90 -1.01
C ALA D 724 23.79 -58.78 0.02
N ASP D 725 24.16 -58.60 1.29
CA ASP D 725 23.56 -59.36 2.37
C ASP D 725 23.60 -58.52 3.64
N GLY D 726 23.35 -59.16 4.77
CA GLY D 726 23.33 -58.43 6.03
C GLY D 726 24.65 -57.76 6.35
N SER D 727 25.76 -58.47 6.16
CA SER D 727 27.07 -57.92 6.49
C SER D 727 27.41 -56.73 5.59
N PHE D 728 27.18 -56.89 4.28
CA PHE D 728 27.37 -55.82 3.31
C PHE D 728 26.58 -54.57 3.70
N MET D 729 25.30 -54.74 4.02
CA MET D 729 24.46 -53.60 4.36
C MET D 729 24.81 -53.02 5.72
N ASP D 730 25.20 -53.86 6.68
CA ASP D 730 25.65 -53.35 7.96
C ASP D 730 26.86 -52.43 7.79
N GLU D 731 27.82 -52.84 6.96
CA GLU D 731 28.98 -52.00 6.71
C GLU D 731 28.56 -50.68 6.09
N LEU D 732 27.67 -50.73 5.09
CA LEU D 732 27.23 -49.51 4.44
C LEU D 732 26.52 -48.59 5.42
N LEU D 733 25.60 -49.15 6.22
CA LEU D 733 24.83 -48.31 7.14
C LEU D 733 25.69 -47.73 8.24
N THR D 734 26.76 -48.45 8.64
CA THR D 734 27.72 -47.89 9.57
C THR D 734 28.44 -46.69 8.97
N LEU D 735 28.85 -46.81 7.71
CA LEU D 735 29.45 -45.67 7.02
C LEU D 735 28.48 -44.50 6.94
N MET D 736 27.20 -44.77 6.64
CA MET D 736 26.24 -43.68 6.55
C MET D 736 26.05 -42.99 7.89
N ALA D 737 26.12 -43.74 9.00
CA ALA D 737 26.01 -43.12 10.32
C ALA D 737 27.12 -42.12 10.58
N ALA D 738 28.29 -42.31 9.96
CA ALA D 738 29.40 -41.38 10.07
C ALA D 738 29.34 -40.25 9.04
N HIS D 739 28.29 -40.24 8.21
CA HIS D 739 27.98 -39.17 7.27
C HIS D 739 28.86 -39.17 6.01
N ARG D 740 30.15 -38.90 6.15
CA ARG D 740 31.05 -38.89 5.01
C ARG D 740 32.35 -39.61 5.36
N VAL D 741 33.08 -40.01 4.31
CA VAL D 741 34.31 -40.79 4.44
C VAL D 741 35.50 -39.83 4.41
N TRP D 742 35.79 -39.21 5.57
CA TRP D 742 36.79 -38.15 5.60
C TRP D 742 38.17 -38.67 5.25
N SER D 743 38.44 -39.95 5.52
CA SER D 743 39.74 -40.54 5.22
C SER D 743 40.03 -40.61 3.72
N ARG D 744 39.03 -40.40 2.87
CA ARG D 744 39.20 -40.42 1.43
C ARG D 744 39.73 -39.10 0.90
N ILE D 745 39.71 -38.02 1.70
CA ILE D 745 40.12 -36.71 1.20
C ILE D 745 41.45 -36.70 0.46
N PRO D 746 42.51 -37.35 0.94
CA PRO D 746 43.78 -37.35 0.19
C PRO D 746 43.68 -37.96 -1.20
N LYS D 747 42.61 -38.69 -1.51
CA LYS D 747 42.48 -39.37 -2.79
C LYS D 747 41.68 -38.59 -3.83
N ILE D 748 40.96 -37.53 -3.44
CA ILE D 748 40.00 -36.92 -4.36
C ILE D 748 40.62 -35.89 -5.30
N ASP D 749 41.78 -35.32 -4.97
CA ASP D 749 42.34 -34.25 -5.80
C ASP D 749 42.71 -34.73 -7.19
N LYS D 750 43.12 -35.99 -7.34
CA LYS D 750 43.47 -36.51 -8.65
C LYS D 750 42.26 -36.85 -9.50
N ILE D 751 41.10 -37.06 -8.89
CA ILE D 751 39.89 -37.47 -9.60
C ILE D 751 39.40 -36.32 -10.46
N PRO D 752 39.31 -36.50 -11.78
CA PRO D 752 38.70 -35.46 -12.62
C PRO D 752 37.18 -35.56 -12.56
N ALA D 753 36.58 -34.84 -11.62
CA ALA D 753 35.14 -34.88 -11.45
C ALA D 753 34.68 -33.58 -10.83
C1 GOL E . 3.13 -32.88 -7.26
O1 GOL E . 2.45 -32.25 -8.37
C2 GOL E . 4.61 -32.51 -7.45
O2 GOL E . 4.84 -32.09 -8.76
C3 GOL E . 5.44 -33.79 -7.12
O3 GOL E . 5.57 -33.95 -5.75
C1 EDO F . -5.35 32.18 -18.17
O1 EDO F . -5.36 31.45 -16.94
C2 EDO F . -5.91 31.31 -19.28
O2 EDO F . -6.13 32.09 -20.47
C1 EDO G . -5.49 -41.99 -18.85
O1 EDO G . -4.63 -41.02 -19.45
C2 EDO G . -6.94 -41.51 -18.87
O2 EDO G . -7.80 -42.54 -18.38
FE HDD H . 3.25 -9.96 -20.10
CHA HDD H . 5.32 -8.61 -17.83
CHB HDD H . 5.80 -10.10 -22.38
CHC HDD H . 1.26 -11.90 -22.18
CHD HDD H . 0.66 -9.60 -18.02
NA HDD H . 5.25 -9.51 -20.07
C1A HDD H . 5.93 -8.90 -19.07
C2A HDD H . 7.34 -8.65 -19.44
C3A HDD H . 7.43 -9.09 -20.73
C4A HDD H . 6.11 -9.59 -21.10
CMA HDD H . 8.65 -9.08 -21.61
CAA HDD H . 8.40 -8.05 -18.57
CBA HDD H . 8.48 -6.56 -18.79
CGA HDD H . 9.57 -6.01 -17.91
O1A HDD H . 9.25 -5.33 -16.90
O2A HDD H . 10.75 -6.33 -18.20
NB HDD H . 3.50 -10.86 -21.96
C1B HDD H . 4.57 -10.77 -22.78
C2B HDD H . 4.43 -11.42 -24.03
C3B HDD H . 3.15 -11.94 -23.98
C4B HDD H . 2.61 -11.57 -22.66
CMB HDD H . 5.44 -11.48 -25.13
CAB HDD H . 2.42 -12.72 -25.01
CBB HDD H . 2.35 -12.30 -26.26
NC HDD H . 1.32 -10.69 -20.07
C1C HDD H . 0.66 -11.41 -21.01
C2C HDD H . -0.76 -11.65 -20.67
C3C HDD H . -0.91 -10.96 -19.48
C4C HDD H . 0.39 -10.36 -19.17
CMC HDD H . -1.73 -12.45 -21.49
CAC HDD H . -2.14 -10.83 -18.66
CBC HDD H . -3.31 -10.58 -19.22
ND HDD H . 3.03 -9.23 -18.31
C1D HDD H . 1.85 -9.11 -17.61
C2D HDD H . 1.94 -8.30 -16.32
C3D HDD H . 3.44 -7.99 -16.27
C4D HDD H . 4.01 -8.65 -17.52
CMD HDD H . 1.40 -9.06 -15.11
CAD HDD H . 4.12 -8.42 -14.97
CBD HDD H . 4.60 -7.15 -14.27
CGD HDD H . 4.31 -6.09 -15.28
O1D HDD H . 3.65 -6.56 -16.35
O2D HDD H . 4.65 -4.91 -15.15
OND HDD H . 1.20 -7.07 -16.48
C1 GOL I . -12.18 30.78 -7.94
O1 GOL I . -12.42 29.75 -8.90
C2 GOL I . -13.02 30.45 -6.69
O2 GOL I . -14.14 29.70 -7.00
C3 GOL I . -13.43 31.79 -6.03
O3 GOL I . -12.30 32.50 -5.64
C1 EDO J . -14.59 -12.43 21.61
O1 EDO J . -13.72 -13.33 20.90
C2 EDO J . -15.97 -13.05 21.72
O2 EDO J . -16.14 -13.60 23.03
C1 EDO K . -18.60 35.89 -22.87
O1 EDO K . -19.35 34.94 -22.10
C2 EDO K . -17.95 35.19 -24.05
O2 EDO K . -17.14 36.15 -24.77
FE HDD L . -20.15 5.75 -8.82
CHA HDD L . -19.08 5.19 -5.69
CHB HDD L . -23.40 5.73 -7.74
CHC HDD L . -21.16 6.90 -11.92
CHD HDD L . -17.00 5.56 -9.96
NA HDD L . -21.09 5.56 -7.01
C1A HDD L . -20.49 5.29 -5.84
C2A HDD L . -21.48 5.14 -4.74
C3A HDD L . -22.68 5.31 -5.35
C4A HDD L . -22.41 5.55 -6.78
CMA HDD L . -24.05 5.26 -4.73
CAA HDD L . -21.21 4.87 -3.30
CBA HDD L . -21.21 3.38 -2.99
CGA HDD L . -20.96 3.20 -1.53
O1A HDD L . -19.86 2.74 -1.16
O2A HDD L . -21.85 3.61 -0.75
NB HDD L . -21.99 6.24 -9.68
C1B HDD L . -23.21 6.14 -9.14
C2B HDD L . -24.28 6.48 -10.00
C3B HDD L . -23.64 6.82 -11.19
C4B HDD L . -22.21 6.67 -10.93
CMB HDD L . -25.75 6.47 -9.71
CAB HDD L . -24.23 7.27 -12.47
CBB HDD L . -25.18 6.56 -13.05
NC HDD L . -19.24 6.22 -10.62
C1C HDD L . -19.79 6.62 -11.77
C2C HDD L . -18.84 6.75 -12.88
C3C HDD L . -17.64 6.34 -12.32
C4C HDD L . -17.94 6.00 -10.91
CMC HDD L . -19.16 7.21 -14.27
CAC HDD L . -16.31 6.28 -12.96
CBC HDD L . -16.15 5.70 -14.15
ND HDD L . -18.41 5.40 -8.01
C1D HDD L . -17.23 5.29 -8.67
C2D HDD L . -16.07 4.78 -7.81
C3D HDD L . -16.73 4.68 -6.44
C4D HDD L . -18.17 5.12 -6.68
CMD HDD L . -14.83 5.68 -7.84
CAD HDD L . -16.02 5.50 -5.35
CBD HDD L . -15.43 4.51 -4.36
CGD HDD L . -16.03 3.21 -4.79
O1D HDD L . -16.70 3.31 -5.95
O2D HDD L . -15.91 2.16 -4.16
OND HDD L . -15.69 3.46 -8.25
C1 GOL M . -25.12 8.87 21.96
O1 GOL M . -26.29 8.22 22.38
C2 GOL M . -24.00 8.63 23.02
O2 GOL M . -22.88 9.41 22.74
C3 GOL M . -23.67 7.12 22.94
O3 GOL M . -22.49 6.96 23.72
C1 EDO N . -22.14 7.28 40.20
O1 EDO N . -21.46 8.32 39.49
C2 EDO N . -21.16 6.22 40.68
O2 EDO N . -21.85 5.25 41.48
FE HDD O . 0.54 14.91 17.22
CHA HDD O . -0.24 15.16 13.96
CHB HDD O . 0.58 18.32 17.50
CHC HDD O . 0.72 14.60 20.67
CHD HDD O . 0.81 11.59 16.95
NA HDD O . 0.17 16.49 15.96
C1A HDD O . -0.10 16.40 14.64
C2A HDD O . -0.23 17.75 14.03
C3A HDD O . 0.00 18.61 15.04
C4A HDD O . 0.27 17.79 16.24
CMA HDD O . -0.02 20.12 14.98
CAA HDD O . -0.56 18.05 12.61
CBA HDD O . 0.70 18.24 11.78
CGA HDD O . 0.29 18.56 10.37
O1A HDD O . 0.44 17.70 9.47
O2A HDD O . -0.25 19.67 10.18
NB HDD O . 0.63 16.24 18.81
C1B HDD O . 0.69 17.58 18.76
C2B HDD O . 0.82 18.24 20.01
C3B HDD O . 0.86 17.20 20.91
C4B HDD O . 0.73 15.96 20.13
CMB HDD O . 0.91 19.72 20.26
CAB HDD O . 0.97 17.25 22.39
CBB HDD O . 2.01 17.85 22.96
NC HDD O . 0.68 13.36 18.60
C1C HDD O . 0.79 13.41 19.93
C2C HDD O . 0.98 12.08 20.56
C3C HDD O . 1.02 11.24 19.45
C4C HDD O . 0.85 12.09 18.26
CMC HDD O . 1.11 11.78 22.01
CAC HDD O . 1.18 9.78 19.44
CBC HDD O . 2.11 9.20 20.18
ND HDD O . 0.38 13.63 15.77
C1D HDD O . 0.58 12.28 15.82
C2D HDD O . 0.56 11.57 14.47
C3D HDD O . 0.23 12.72 13.52
C4D HDD O . 0.10 13.93 14.43
CMD HDD O . -0.44 10.41 14.41
CAD HDD O . -1.01 12.46 12.65
CBD HDD O . -0.54 12.38 11.20
CGD HDD O . 0.89 12.79 11.30
O1D HDD O . 1.31 12.90 12.57
O2D HDD O . 1.61 13.01 10.32
OND HDD O . 1.87 11.08 14.16
C1 EDO P . 46.12 0.27 2.43
O1 EDO P . 46.95 1.32 1.89
C2 EDO P . 46.22 -0.96 1.52
O2 EDO P . 45.56 -2.08 2.13
C1 GOL Q . 32.27 -4.79 -7.78
O1 GOL Q . 32.42 -4.37 -6.42
C2 GOL Q . 32.69 -6.26 -7.79
O2 GOL Q . 32.02 -6.97 -6.80
C3 GOL Q . 32.32 -6.82 -9.19
O3 GOL Q . 33.13 -6.25 -10.16
C1 EDO R . -15.22 -25.18 0.98
O1 EDO R . -15.32 -23.83 1.43
C2 EDO R . -15.18 -26.12 2.17
O2 EDO R . -15.32 -27.47 1.71
FE HDD S . 16.23 -10.54 11.86
CHA HDD S . 13.87 -11.59 9.71
CHB HDD S . 16.87 -13.78 12.76
CHC HDD S . 19.05 -9.47 13.55
CHD HDD S . 15.43 -7.34 11.22
NA HDD S . 15.54 -12.39 11.27
C1A HDD S . 14.54 -12.62 10.41
C2A HDD S . 14.25 -14.07 10.29
C3A HDD S . 15.11 -14.66 11.15
C4A HDD S . 15.89 -13.59 11.77
CMA HDD S . 15.28 -16.12 11.44
CAA HDD S . 13.24 -14.73 9.42
CBA HDD S . 11.94 -14.93 10.17
CGA HDD S . 10.98 -15.62 9.24
O1A HDD S . 10.02 -14.97 8.75
O2A HDD S . 11.22 -16.80 8.92
NB HDD S . 17.72 -11.48 12.96
C1B HDD S . 17.80 -12.78 13.27
C2B HDD S . 18.87 -13.13 14.12
C3B HDD S . 19.51 -11.91 14.35
C4B HDD S . 18.74 -10.91 13.60
CMB HDD S . 19.21 -14.49 14.64
CAB HDD S . 20.71 -11.63 15.16
CBB HDD S . 20.84 -12.10 16.39
NC HDD S . 17.13 -8.73 12.24
C1C HDD S . 18.22 -8.48 13.00
C2C HDD S . 18.50 -7.05 13.16
C3C HDD S . 17.45 -6.46 12.50
C4C HDD S . 16.61 -7.54 11.97
CMC HDD S . 19.67 -6.45 13.88
CAC HDD S . 17.20 -5.00 12.32
CBC HDD S . 17.37 -4.14 13.32
ND HDD S . 14.91 -9.64 10.73
C1D HDD S . 14.69 -8.31 10.64
C2D HDD S . 13.45 -7.91 9.85
C3D HDD S . 12.96 -9.27 9.35
C4D HDD S . 13.97 -10.27 9.94
CMD HDD S . 13.76 -6.90 8.74
CAD HDD S . 12.80 -9.35 7.82
CBD HDD S . 11.31 -9.50 7.54
CGD HDD S . 10.73 -9.71 8.90
O1D HDD S . 11.63 -9.52 9.87
O2D HDD S . 9.56 -10.03 9.09
OND HDD S . 12.46 -7.36 10.73
#